data_8RFE
#
_entry.id   8RFE
#
_cell.length_a   1.00
_cell.length_b   1.00
_cell.length_c   1.00
_cell.angle_alpha   90.00
_cell.angle_beta   90.00
_cell.angle_gamma   90.00
#
_symmetry.space_group_name_H-M   'P 1'
#
loop_
_entity.id
_entity.type
_entity.pdbx_description
1 polymer 'Cyclic beta 1-2 glucan synthetase'
2 branched beta-D-glucopyranose-(1-2)-beta-D-glucopyranose-(1-2)-beta-D-glucopyranose-(1-2)-beta-D-glucopyranose-(1-2)-beta-D-glucopyranose-(1-2)-beta-D-glucopyranose-(1-2)-beta-D-glucopyranose-(1-2)-beta-D-glucopyranose-(1-2)-beta-D-glucopyranose
3 non-polymer "URIDINE-5'-DIPHOSPHATE-GLUCOSE"
#
_entity_poly.entity_id   1
_entity_poly.type   'polypeptide(L)'
_entity_poly.pdbx_seq_one_letter_code
;DHNDSIRASYMTIEELHDAGAALSRDGADSLPGFMEFDFFERHRENEKEILRVYRTTAVDAENGATITPAAEWLLDNHYV
IEEAIQEVRRDFPRKFYRQLPTMTVGGVTIPRVMALGWLYVAHTHSTVSRENMTALVDGYQTSQTLQIGELWALPSIIRF
VLIENLRRISIRVERSRRMRQKANEVVDEIIRLNDAEASAALLKQVDSLVDDPTFATQFLYRLRNGSQTSGFAVAWLEER
LHAAGTDAENVMMSEHNRLASGNVTMGNIVKSLREIDDTEWSVWFEEVSHIDKVLREETDYEILDFGSRNTYRNTIELLA
RRSPRTEVEVARAAVEMARSDLPAGADENHRVNVGSVLVGQRRFELEKALGYRPLASQHIVRSMRKFNWLAIAAPVLLIT
AVAMLAVGWFLAKAGMPWYVVTAFLLMFALPASEGATGLFNTLVTFFVKPFRLVGYEFKNGIPEDARTLVAVPCMLTSRD
SVDEMMRNIEVHYLANPHGEIYFSLVSDWRDAPYEQSDEDLEILDYAKRELAALNSRYAFDGKTRFYLLHRRRIYNSAEE
CWMGWERKRGKLHELNMLLRGDKDTTFLGGSNIVPADVKYVMTLDADTRLMRDAVTKLVGKMHHPINRPKIDPVSGRVVE
GYGLLQPRVTPSLTTGKDASVFQRVFSINRGIDPYVFTVSDVYQDLTSEGTFTGKGLYDVDAFEAALKGRIEENSILSHD
LLEGSFARCALVTDVELVEDFPTRYEVEVSRQHRWARGDWQLLPFIIDRARGVTAIGRWKMVDNLRRSLTPIAWFFASIL
GWYFMDPLGALIWQILLIFSLFVAPTLSLLSGLVPRSTDIVPQAHFFTIWSEIRATNAQVALRIVFIADAACMMTDAIVR
SLYRLLVSHKLMLEWRTAASMQSSAQGSIVDYYRQMWHAPVVAMLGLLFAALPGDNAFLIGIPFTLLWVLSPAVAWYVSQ
SAETEDRLFVSEHVSFELRKIARRTWRYYEAFVTPQENHLPPDNFQETPEPIVASRTSPTNIGVYLLSVISARQFGWISF
ADTLERIENTIQTVEKMEKHRGHLYNWYHTDTLQTLGPRYVSAVDSGNLAGHLIAVSSACRDWAEAPSAHLQGNLDGIGD
VAGILRETLKALPDNRKTLRPLHRRLEERIIGFSNALASVKREHEFASIRVINLAVLARDIQKLATNVDHEVKSAQSAEV
TRWAQLLVESCEAHISDSAIDLTNMEPLRQRLASLRDRSRNLAFSMDFTFLYRKDRRLLSIGYRVESKELDEACYDLLAS
ECRLTSLFAIAKGDLPTEHWYRLGRQVVPIGAQGALVSWSGSMFEYLMPPLVMQERQGGILNQTNNLIVKEQMNHGRRLG
TPWGISEAAFNARDHNMNYQYTNFGVPTLGLKRGLGQNAVIAPYASILASQYDPDGALENLDKLRKLGALGQYGFHDAVD
FTPTRVPDGKVCAVVYNYYAHHHGMSIAAVANVAFDGVLRELFHSDPVIEAAELLLQEKAPREVPVMSAKYEPETPGKEQ
ADLLRAEVRSIADPAVRDREVVFLSNGHYSTMLTSTGAGYSKWNGQAISRWKADPTDDRWGTFIFLRDTTNGQWWSATAE
PRVIEGEKTKTIFTDDKAEFHKTIGDLQSVVECIVATEHDAEGRRITLLNVGSEDRYIEVTSYMEPVIASEDDDNAHPLF
SRMFVQTEIGRRGDVIRAWRNRRSQNEPGTVIAHLAADNAGPSRPTEFETDRAKFIGRGRSLREAAAFDAGATLSSSDGF
TLDPILSLRRTVRVPAGKKVSVIFWTIAAPSREEVDKAIDRYRHPDAFAHELVHAWTRTQVQMRHVGVTSQQAAAFQHLG
RYLTYPDMHLRADSETLKTGLASQRALWPLAISGDFPIFSLRINDDMDMDIAREALSAHEYLRSRGVIFDLVIVNERAAS
YAQDMQHALDHISETQRRINPADGGRPHVFSVRRDLMDEETWSALLAASRVVLHVRNGKIVDQINRAVSLFAANRGPDGS
SDAAQARLPVPAFPVAEPVEDAGDLDFWNGFGGFAKNGQEYVVRLNGGQSTPHPWINVISNENFGFHISAEGAGFSWSRN
SRDYQLTPWTNDPVINRPGEAFYVADVETGKLYTPCAALSRDPEAMFETRHGLGYSILTGVADTLEVELTQTVDREKPVK
FSQVIVRNKGSKSRRLKVYAYVEWVLGNNGQKSAPFILSRHDAGSNAIFASNPYSIDYSARTSFLTLDSEASGFTTSRRE
FIGRFGSAQAPQGIVAGAALSGTTEVDGDPCAALMQEIHLKPGEERHMTFILGDADNAEEAEALVKDVRQADFLSVLEES
KKFWTGFTGQLQVSTPDAGFNHMVNNWLPYQALACRILARTAFYQSSGAFGFRDQLQDTLAFLLYQPDLARTQILRAAGR
QFPEGDVQHWWLPLTGAGVRTTISDDVVWLAYAINQYVSATGDAAILDESIPFLKGPALMPGQHDAFFQPETSERSATLY
EHAALALDLAIHRTGENGLPLILGGDWNDGMNRVGVGGKGTSVWLGWFLAGALRDFIEIAEKRGDTDRVGKWASHREKLR
HVLETAGWDGSYYRRGYFDDGTPLGSASSEECQIDSLGQSWSVLSGEGEEGRSRQAMDAVMEHLVDEKTGIIRLFTPPFS
RASHDPGYIKGYPPGVRENGGQYTHAATWVVLALAKQGRAQEAWNCFKLLNPVNHALDAASSETYRVEPYVVTADVYGEG
AYAGRGGWSWYTGSAGWLYRAAVEGILGITRTDGKLHVSPSLPEDWSGFSIRITLDGKARDIAVSRKAGTADVSVSVDG
;
_entity_poly.pdbx_strand_id   A
#
loop_
_chem_comp.id
_chem_comp.type
_chem_comp.name
_chem_comp.formula
BGC D-saccharide, beta linking beta-D-glucopyranose 'C6 H12 O6'
UPG non-polymer URIDINE-5'-DIPHOSPHATE-GLUCOSE 'C15 H24 N2 O17 P2'
#
# COMPACT_ATOMS: atom_id res chain seq x y z
N ASP A 1 13.37 28.54 16.47
CA ASP A 1 12.15 28.41 17.25
C ASP A 1 11.39 29.73 17.28
N HIS A 2 11.65 30.59 16.30
CA HIS A 2 11.01 31.90 16.24
C HIS A 2 10.09 32.05 15.04
N ASN A 3 10.60 31.84 13.83
CA ASN A 3 9.84 32.08 12.61
C ASN A 3 9.17 33.44 12.64
N ASP A 4 7.90 33.51 12.23
CA ASP A 4 7.07 34.68 12.42
C ASP A 4 6.02 34.47 13.49
N SER A 5 6.17 33.43 14.32
CA SER A 5 5.17 33.07 15.31
C SER A 5 5.26 34.01 16.51
N ILE A 6 4.38 33.75 17.48
CA ILE A 6 4.32 34.52 18.72
C ILE A 6 4.91 33.67 19.84
N ARG A 7 6.20 33.84 20.11
CA ARG A 7 6.91 33.04 21.10
C ARG A 7 7.43 33.94 22.21
N ALA A 8 7.19 33.53 23.45
CA ALA A 8 7.67 34.26 24.62
C ALA A 8 8.24 33.29 25.65
N SER A 9 9.06 32.35 25.19
CA SER A 9 9.70 31.33 26.02
C SER A 9 8.61 30.45 26.62
N TYR A 10 8.77 29.96 27.84
CA TYR A 10 7.79 29.08 28.46
C TYR A 10 7.79 29.31 29.97
N MET A 11 6.62 29.55 30.53
CA MET A 11 6.50 29.89 31.95
C MET A 11 6.15 28.70 32.83
N THR A 12 5.91 27.53 32.24
CA THR A 12 5.53 26.31 32.99
C THR A 12 4.29 26.64 33.83
N ILE A 13 4.22 26.15 35.06
CA ILE A 13 3.07 26.40 35.93
C ILE A 13 3.54 27.18 37.15
N GLU A 14 2.59 27.85 37.81
CA GLU A 14 2.79 28.61 39.03
C GLU A 14 3.56 29.90 38.75
N GLU A 15 4.06 30.05 37.53
CA GLU A 15 4.60 31.33 37.09
C GLU A 15 3.57 32.15 36.34
N LEU A 16 2.56 31.50 35.76
CA LEU A 16 1.47 32.22 35.12
C LEU A 16 0.70 33.05 36.14
N HIS A 17 0.51 32.52 37.35
CA HIS A 17 -0.28 33.22 38.36
C HIS A 17 0.33 34.56 38.71
N ASP A 18 1.58 34.55 39.23
CA ASP A 18 2.23 35.80 39.57
C ASP A 18 2.59 36.63 38.35
N ALA A 19 2.74 36.01 37.17
CA ALA A 19 2.93 36.78 35.95
C ALA A 19 1.70 37.66 35.68
N GLY A 20 0.52 37.06 35.74
CA GLY A 20 -0.70 37.83 35.57
C GLY A 20 -0.90 38.84 36.69
N ALA A 21 -0.50 38.47 37.91
CA ALA A 21 -0.60 39.40 39.04
C ALA A 21 0.24 40.64 38.79
N ALA A 22 1.47 40.46 38.30
CA ALA A 22 2.30 41.61 37.94
C ALA A 22 1.70 42.38 36.78
N LEU A 23 1.13 41.67 35.81
CA LEU A 23 0.47 42.34 34.68
C LEU A 23 -0.69 43.20 35.15
N SER A 24 -1.34 42.82 36.25
CA SER A 24 -2.48 43.58 36.73
C SER A 24 -2.09 45.01 37.12
N ARG A 25 -1.03 45.15 37.92
CA ARG A 25 -0.59 46.46 38.37
C ARG A 25 0.43 47.10 37.44
N ASP A 26 1.24 46.29 36.77
CA ASP A 26 2.29 46.79 35.86
C ASP A 26 2.29 45.92 34.62
N GLY A 27 1.54 46.34 33.61
CA GLY A 27 1.44 45.58 32.38
C GLY A 27 1.95 46.35 31.16
N ALA A 28 1.27 46.17 30.03
CA ALA A 28 1.62 46.83 28.78
C ALA A 28 3.05 46.53 28.37
N ASP A 29 3.94 47.53 28.52
CA ASP A 29 5.35 47.39 28.18
C ASP A 29 5.53 46.97 26.73
N SER A 30 5.66 45.67 26.50
CA SER A 30 5.92 45.15 25.16
C SER A 30 5.35 43.74 25.05
N LEU A 31 5.15 43.31 23.81
CA LEU A 31 4.62 42.00 23.49
C LEU A 31 5.51 41.32 22.46
N PRO A 32 5.50 39.97 22.41
CA PRO A 32 6.35 39.27 21.43
C PRO A 32 6.09 39.73 20.00
N GLY A 33 4.85 39.61 19.53
CA GLY A 33 4.49 40.12 18.22
C GLY A 33 3.82 41.47 18.34
N PHE A 34 2.54 41.53 17.95
CA PHE A 34 1.66 42.66 18.25
C PHE A 34 1.97 43.90 17.41
N MET A 35 0.92 44.55 16.93
CA MET A 35 1.02 45.82 16.21
C MET A 35 -0.36 46.44 16.16
N GLU A 36 -0.46 47.60 15.52
CA GLU A 36 -1.75 48.26 15.36
C GLU A 36 -2.49 47.68 14.15
N PHE A 37 -3.74 47.29 14.37
CA PHE A 37 -4.55 46.71 13.30
C PHE A 37 -6.01 46.83 13.69
N ASP A 38 -6.88 46.65 12.69
CA ASP A 38 -8.31 46.60 12.89
C ASP A 38 -8.76 45.15 12.98
N PHE A 39 -9.61 44.84 13.96
CA PHE A 39 -10.00 43.46 14.21
C PHE A 39 -10.72 42.86 13.01
N PHE A 40 -11.70 43.59 12.46
CA PHE A 40 -12.46 43.07 11.33
C PHE A 40 -11.58 42.90 10.10
N GLU A 41 -10.76 43.91 9.81
CA GLU A 41 -9.86 43.83 8.66
C GLU A 41 -8.85 42.71 8.83
N ARG A 42 -8.31 42.55 10.05
CA ARG A 42 -7.34 41.48 10.28
C ARG A 42 -7.99 40.12 10.11
N HIS A 43 -9.23 39.96 10.61
CA HIS A 43 -9.92 38.69 10.44
C HIS A 43 -10.21 38.39 8.98
N ARG A 44 -10.61 39.41 8.22
CA ARG A 44 -10.85 39.22 6.79
C ARG A 44 -9.56 38.82 6.07
N GLU A 45 -8.45 39.48 6.41
CA GLU A 45 -7.17 39.13 5.81
C GLU A 45 -6.78 37.70 6.17
N ASN A 46 -7.01 37.29 7.42
CA ASN A 46 -6.69 35.93 7.84
C ASN A 46 -7.51 34.92 7.05
N GLU A 47 -8.81 35.18 6.89
CA GLU A 47 -9.65 34.26 6.13
C GLU A 47 -9.21 34.19 4.68
N LYS A 48 -8.88 35.34 4.08
CA LYS A 48 -8.43 35.35 2.69
C LYS A 48 -7.13 34.56 2.54
N GLU A 49 -6.21 34.71 3.49
CA GLU A 49 -4.95 33.97 3.44
C GLU A 49 -5.19 32.48 3.59
N ILE A 50 -6.11 32.09 4.47
CA ILE A 50 -6.40 30.66 4.66
C ILE A 50 -6.98 30.07 3.38
N LEU A 51 -7.94 30.77 2.76
CA LEU A 51 -8.45 30.27 1.49
C LEU A 51 -7.36 30.22 0.42
N ARG A 52 -6.52 31.25 0.36
CA ARG A 52 -5.46 31.29 -0.65
C ARG A 52 -4.50 30.12 -0.49
N VAL A 53 -3.77 30.07 0.63
CA VAL A 53 -2.98 28.87 0.88
C VAL A 53 -3.83 27.93 1.71
N TYR A 54 -4.90 27.47 1.13
CA TYR A 54 -5.51 26.14 1.16
C TYR A 54 -5.80 25.68 -0.26
N ARG A 55 -6.23 26.60 -1.13
CA ARG A 55 -6.38 26.28 -2.53
C ARG A 55 -5.02 25.97 -3.16
N THR A 56 -3.98 26.70 -2.74
CA THR A 56 -2.64 26.40 -3.22
C THR A 56 -2.20 25.01 -2.80
N THR A 57 -2.44 24.66 -1.53
CA THR A 57 -2.08 23.33 -1.06
C THR A 57 -2.90 22.25 -1.74
N ALA A 58 -4.15 22.55 -2.11
CA ALA A 58 -4.97 21.58 -2.81
C ALA A 58 -4.47 21.35 -4.23
N VAL A 59 -4.20 22.44 -4.96
CA VAL A 59 -3.70 22.32 -6.33
C VAL A 59 -2.31 21.73 -6.38
N ASP A 60 -1.52 21.89 -5.31
CA ASP A 60 -0.23 21.22 -5.18
C ASP A 60 -0.42 19.95 -4.34
N ALA A 61 0.70 19.27 -4.05
CA ALA A 61 0.72 18.10 -3.19
C ALA A 61 -0.01 16.92 -3.82
N GLU A 62 -0.62 17.14 -4.99
CA GLU A 62 -1.26 16.04 -5.71
C GLU A 62 -0.60 15.82 -7.05
N ASN A 63 0.01 16.87 -7.62
CA ASN A 63 0.81 16.70 -8.83
C ASN A 63 2.12 15.98 -8.54
N GLY A 64 2.49 15.86 -7.27
CA GLY A 64 3.73 15.20 -6.89
C GLY A 64 4.75 16.17 -6.35
N ALA A 65 4.85 16.27 -5.02
CA ALA A 65 5.80 17.18 -4.37
C ALA A 65 5.94 16.77 -2.92
N THR A 66 7.06 17.19 -2.33
CA THR A 66 7.29 16.93 -0.91
C THR A 66 6.43 17.87 -0.07
N ILE A 67 5.93 17.36 1.06
CA ILE A 67 5.06 18.12 1.95
C ILE A 67 5.69 18.13 3.33
N THR A 68 5.87 19.33 3.88
CA THR A 68 6.42 19.48 5.22
C THR A 68 5.42 18.97 6.26
N PRO A 69 5.91 18.48 7.40
CA PRO A 69 4.98 17.97 8.43
C PRO A 69 4.03 19.01 8.98
N ALA A 70 4.32 20.31 8.82
CA ALA A 70 3.42 21.35 9.26
C ALA A 70 2.32 21.66 8.25
N ALA A 71 2.32 20.99 7.10
CA ALA A 71 1.35 21.31 6.05
C ALA A 71 0.12 20.40 6.09
N GLU A 72 0.31 19.09 6.33
CA GLU A 72 -0.83 18.19 6.33
C GLU A 72 -1.79 18.44 7.48
N TRP A 73 -1.34 19.13 8.53
CA TRP A 73 -2.28 19.55 9.57
C TRP A 73 -3.32 20.50 9.02
N LEU A 74 -2.91 21.43 8.15
CA LEU A 74 -3.85 22.34 7.53
C LEU A 74 -4.71 21.64 6.47
N LEU A 75 -4.19 20.57 5.88
CA LEU A 75 -4.92 19.86 4.83
C LEU A 75 -6.00 18.95 5.42
N ASP A 76 -5.60 17.99 6.24
CA ASP A 76 -6.53 17.00 6.76
C ASP A 76 -7.49 17.58 7.81
N ASN A 77 -7.14 18.70 8.43
CA ASN A 77 -7.95 19.30 9.47
C ASN A 77 -8.44 20.68 9.06
N HIS A 78 -8.86 20.81 7.79
CA HIS A 78 -9.36 22.10 7.33
C HIS A 78 -10.75 22.40 7.87
N TYR A 79 -11.53 21.37 8.20
CA TYR A 79 -12.85 21.63 8.76
C TYR A 79 -12.76 22.29 10.13
N VAL A 80 -11.77 21.88 10.92
CA VAL A 80 -11.57 22.50 12.24
C VAL A 80 -11.28 23.98 12.09
N ILE A 81 -10.36 24.33 11.19
CA ILE A 81 -9.99 25.74 11.05
C ILE A 81 -11.11 26.54 10.40
N GLU A 82 -11.84 25.94 9.45
CA GLU A 82 -12.93 26.64 8.80
C GLU A 82 -14.13 26.82 9.72
N GLU A 83 -14.24 26.01 10.77
CA GLU A 83 -15.23 26.29 11.81
C GLU A 83 -14.70 27.27 12.84
N ALA A 84 -13.39 27.24 13.10
CA ALA A 84 -12.81 28.16 14.08
C ALA A 84 -12.82 29.60 13.58
N ILE A 85 -12.64 29.80 12.27
CA ILE A 85 -12.72 31.16 11.73
C ILE A 85 -14.13 31.71 11.87
N GLN A 86 -15.12 30.85 12.06
CA GLN A 86 -16.47 31.28 12.40
C GLN A 86 -16.50 31.61 13.89
N GLU A 87 -17.71 31.79 14.44
CA GLU A 87 -17.90 32.23 15.83
C GLU A 87 -17.28 33.61 16.01
N VAL A 88 -15.96 33.70 15.85
CA VAL A 88 -15.31 35.00 15.72
C VAL A 88 -15.90 35.71 14.51
N ARG A 89 -16.11 37.02 14.65
CA ARG A 89 -16.73 37.88 13.64
C ARG A 89 -18.23 37.59 13.56
N ARG A 90 -18.67 36.55 14.27
CA ARG A 90 -20.09 36.27 14.44
C ARG A 90 -20.58 36.56 15.84
N ASP A 91 -19.70 36.55 16.83
CA ASP A 91 -20.02 36.93 18.19
C ASP A 91 -19.52 38.32 18.54
N PHE A 92 -18.99 39.05 17.57
CA PHE A 92 -18.40 40.39 17.79
C PHE A 92 -18.98 41.37 16.80
N PRO A 93 -20.16 41.92 17.08
CA PRO A 93 -20.67 43.02 16.25
C PRO A 93 -19.93 44.32 16.55
N ARG A 94 -20.36 45.42 15.94
CA ARG A 94 -19.73 46.71 16.17
C ARG A 94 -20.12 47.33 17.52
N LYS A 95 -20.91 46.63 18.32
CA LYS A 95 -21.30 47.10 19.64
C LYS A 95 -20.65 46.32 20.77
N PHE A 96 -20.59 45.00 20.67
CA PHE A 96 -19.96 44.21 21.72
C PHE A 96 -18.47 44.45 21.80
N TYR A 97 -17.85 44.84 20.68
CA TYR A 97 -16.41 45.07 20.63
C TYR A 97 -16.01 46.46 21.09
N ARG A 98 -16.97 47.29 21.48
CA ARG A 98 -16.67 48.67 21.88
C ARG A 98 -16.98 48.99 23.33
N GLN A 99 -17.95 48.30 23.94
CA GLN A 99 -18.36 48.64 25.30
C GLN A 99 -17.34 48.22 26.34
N LEU A 100 -16.47 47.27 26.03
CA LEU A 100 -15.48 46.82 27.01
C LEU A 100 -14.35 47.84 27.14
N PRO A 101 -13.74 47.95 28.31
CA PRO A 101 -12.65 48.90 28.50
C PRO A 101 -11.38 48.44 27.81
N THR A 102 -10.43 49.36 27.69
CA THR A 102 -9.17 49.13 27.01
C THR A 102 -8.01 49.52 27.92
N MET A 103 -6.86 48.88 27.69
CA MET A 103 -5.67 49.12 28.50
C MET A 103 -4.65 50.04 27.83
N THR A 104 -4.77 50.28 26.53
CA THR A 104 -3.86 51.15 25.78
C THR A 104 -2.41 50.69 25.94
N VAL A 105 -2.14 49.49 25.45
CA VAL A 105 -0.81 48.90 25.54
C VAL A 105 0.06 49.43 24.42
N GLY A 106 1.21 50.00 24.77
CA GLY A 106 2.15 50.48 23.79
C GLY A 106 1.77 51.76 23.09
N GLY A 107 0.74 52.45 23.56
CA GLY A 107 0.30 53.68 22.90
C GLY A 107 -0.98 53.50 22.13
N VAL A 108 -1.16 52.35 21.52
CA VAL A 108 -2.37 52.05 20.76
C VAL A 108 -3.45 51.53 21.70
N THR A 109 -4.69 51.88 21.39
CA THR A 109 -5.82 51.46 22.22
C THR A 109 -6.04 49.96 22.06
N ILE A 110 -5.94 49.23 23.17
CA ILE A 110 -6.00 47.77 23.17
C ILE A 110 -6.92 47.30 24.28
N PRO A 111 -7.97 46.53 23.98
CA PRO A 111 -8.83 46.03 25.04
C PRO A 111 -8.12 45.02 25.93
N ARG A 112 -8.62 44.92 27.17
CA ARG A 112 -7.91 44.17 28.21
C ARG A 112 -7.91 42.67 27.93
N VAL A 113 -9.05 42.12 27.51
CA VAL A 113 -9.22 40.67 27.50
C VAL A 113 -8.29 40.03 26.47
N MET A 114 -8.27 40.56 25.25
CA MET A 114 -7.40 39.97 24.23
C MET A 114 -5.94 40.30 24.47
N ALA A 115 -5.66 41.41 25.16
CA ALA A 115 -4.30 41.68 25.60
C ALA A 115 -3.81 40.60 26.56
N LEU A 116 -4.67 40.21 27.51
CA LEU A 116 -4.31 39.12 28.42
C LEU A 116 -4.18 37.80 27.66
N GLY A 117 -5.12 37.52 26.75
CA GLY A 117 -5.06 36.29 25.97
C GLY A 117 -3.88 36.23 25.03
N TRP A 118 -3.30 37.37 24.70
CA TRP A 118 -2.14 37.40 23.80
C TRP A 118 -0.97 36.64 24.42
N LEU A 119 -0.73 36.85 25.71
CA LEU A 119 0.38 36.19 26.38
C LEU A 119 0.09 34.76 26.76
N TYR A 120 -1.18 34.33 26.75
CA TYR A 120 -1.49 32.95 27.08
C TYR A 120 -0.87 31.99 26.08
N VAL A 121 -0.96 32.31 24.79
CA VAL A 121 -0.32 31.47 23.79
C VAL A 121 1.16 31.80 23.70
N ALA A 122 1.54 33.04 23.99
CA ALA A 122 2.94 33.46 23.85
C ALA A 122 3.81 32.82 24.92
N HIS A 123 3.37 32.87 26.18
CA HIS A 123 4.17 32.37 27.29
C HIS A 123 4.04 30.86 27.49
N THR A 124 3.16 30.21 26.75
CA THR A 124 3.00 28.77 26.81
C THR A 124 3.54 28.13 25.53
N HIS A 125 3.35 26.82 25.40
CA HIS A 125 3.77 26.07 24.23
C HIS A 125 2.73 26.13 23.11
N SER A 126 1.91 27.19 23.08
CA SER A 126 0.85 27.36 22.09
C SER A 126 -0.21 26.27 22.20
N THR A 127 -0.36 25.70 23.40
CA THR A 127 -1.38 24.70 23.68
C THR A 127 -2.23 25.21 24.82
N VAL A 128 -3.54 25.29 24.60
CA VAL A 128 -4.45 25.77 25.63
C VAL A 128 -4.80 24.63 26.57
N SER A 129 -5.08 24.99 27.82
CA SER A 129 -5.49 24.02 28.83
C SER A 129 -6.28 24.75 29.90
N ARG A 130 -7.22 24.03 30.51
CA ARG A 130 -8.13 24.67 31.45
C ARG A 130 -7.39 25.18 32.67
N GLU A 131 -6.53 24.35 33.26
CA GLU A 131 -5.90 24.70 34.53
C GLU A 131 -4.96 25.90 34.39
N ASN A 132 -4.17 25.94 33.31
CA ASN A 132 -3.23 27.03 33.14
C ASN A 132 -3.95 28.36 32.96
N MET A 133 -4.99 28.38 32.13
CA MET A 133 -5.69 29.62 31.87
C MET A 133 -6.52 30.05 33.08
N THR A 134 -7.08 29.10 33.83
CA THR A 134 -7.73 29.45 35.09
C THR A 134 -6.74 30.06 36.07
N ALA A 135 -5.52 29.50 36.13
CA ALA A 135 -4.49 30.07 37.00
C ALA A 135 -4.14 31.49 36.57
N LEU A 136 -4.02 31.72 35.26
CA LEU A 136 -3.76 33.06 34.76
C LEU A 136 -4.88 34.03 35.15
N VAL A 137 -6.14 33.59 35.00
CA VAL A 137 -7.26 34.46 35.35
C VAL A 137 -7.25 34.78 36.83
N ASP A 138 -6.99 33.78 37.67
CA ASP A 138 -6.93 34.01 39.11
C ASP A 138 -5.81 34.96 39.47
N GLY A 139 -4.63 34.77 38.88
CA GLY A 139 -3.52 35.67 39.14
C GLY A 139 -3.82 37.10 38.73
N TYR A 140 -4.47 37.27 37.57
CA TYR A 140 -4.83 38.61 37.14
C TYR A 140 -5.89 39.22 38.05
N GLN A 141 -6.80 38.40 38.56
CA GLN A 141 -7.87 38.88 39.43
C GLN A 141 -7.44 39.00 40.88
N THR A 142 -6.19 38.66 41.20
CA THR A 142 -5.70 38.84 42.57
C THR A 142 -5.83 40.29 43.02
N SER A 143 -5.75 41.25 42.10
CA SER A 143 -5.90 42.65 42.44
C SER A 143 -7.15 43.27 41.82
N GLN A 144 -7.32 43.19 40.51
CA GLN A 144 -8.47 43.75 39.82
C GLN A 144 -9.29 42.61 39.21
N THR A 145 -10.58 42.58 39.54
CA THR A 145 -11.46 41.55 39.03
C THR A 145 -11.94 41.92 37.63
N LEU A 146 -12.53 40.94 36.95
CA LEU A 146 -13.10 41.12 35.63
C LEU A 146 -14.60 41.38 35.75
N GLN A 147 -15.24 41.64 34.62
CA GLN A 147 -16.66 41.93 34.56
C GLN A 147 -17.39 40.85 33.78
N ILE A 148 -18.71 40.82 33.96
CA ILE A 148 -19.55 39.87 33.22
C ILE A 148 -19.48 40.18 31.74
N GLY A 149 -19.24 39.15 30.94
CA GLY A 149 -19.07 39.34 29.50
C GLY A 149 -17.61 39.42 29.12
N GLU A 150 -16.83 40.14 29.92
CA GLU A 150 -15.38 40.16 29.71
C GLU A 150 -14.81 38.76 29.89
N LEU A 151 -15.23 38.07 30.94
CA LEU A 151 -14.76 36.70 31.16
C LEU A 151 -15.38 35.73 30.17
N TRP A 152 -16.53 36.08 29.59
CA TRP A 152 -17.19 35.16 28.68
C TRP A 152 -16.39 34.98 27.40
N ALA A 153 -15.89 36.06 26.82
CA ALA A 153 -15.25 36.00 25.51
C ALA A 153 -13.75 35.78 25.61
N LEU A 154 -13.34 34.78 26.39
CA LEU A 154 -11.94 34.32 26.38
C LEU A 154 -11.70 33.31 25.26
N PRO A 155 -12.54 32.27 25.10
CA PRO A 155 -12.28 31.31 24.01
C PRO A 155 -12.28 31.96 22.63
N SER A 156 -13.13 32.97 22.42
CA SER A 156 -13.20 33.62 21.12
C SER A 156 -11.89 34.34 20.78
N ILE A 157 -11.39 35.16 21.71
CA ILE A 157 -10.14 35.87 21.46
C ILE A 157 -8.97 34.91 21.38
N ILE A 158 -8.99 33.84 22.18
CA ILE A 158 -7.95 32.82 22.09
C ILE A 158 -7.94 32.19 20.70
N ARG A 159 -9.12 31.86 20.18
CA ARG A 159 -9.21 31.30 18.84
C ARG A 159 -8.73 32.28 17.79
N PHE A 160 -9.05 33.57 17.98
CA PHE A 160 -8.60 34.59 17.03
C PHE A 160 -7.09 34.66 16.99
N VAL A 161 -6.45 34.70 18.16
CA VAL A 161 -4.99 34.75 18.22
C VAL A 161 -4.40 33.49 17.63
N LEU A 162 -5.00 32.34 17.93
CA LEU A 162 -4.49 31.07 17.42
C LEU A 162 -4.55 31.01 15.90
N ILE A 163 -5.66 31.46 15.31
CA ILE A 163 -5.76 31.43 13.85
C ILE A 163 -4.84 32.46 13.22
N GLU A 164 -4.61 33.59 13.89
CA GLU A 164 -3.62 34.55 13.38
C GLU A 164 -2.23 33.92 13.34
N ASN A 165 -1.85 33.23 14.42
CA ASN A 165 -0.56 32.55 14.44
C ASN A 165 -0.50 31.46 13.37
N LEU A 166 -1.62 30.75 13.17
CA LEU A 166 -1.66 29.71 12.14
C LEU A 166 -1.45 30.31 10.77
N ARG A 167 -2.08 31.46 10.48
CA ARG A 167 -1.88 32.11 9.20
C ARG A 167 -0.42 32.52 9.02
N ARG A 168 0.19 33.07 10.06
CA ARG A 168 1.59 33.44 9.99
C ARG A 168 2.45 32.23 9.63
N ILE A 169 2.25 31.12 10.36
CA ILE A 169 3.07 29.93 10.11
C ILE A 169 2.80 29.37 8.72
N SER A 170 1.54 29.42 8.28
CA SER A 170 1.21 28.87 6.96
C SER A 170 1.86 29.66 5.85
N ILE A 171 1.80 30.98 5.91
CA ILE A 171 2.44 31.78 4.87
C ILE A 171 3.95 31.62 4.91
N ARG A 172 4.52 31.51 6.12
CA ARG A 172 5.96 31.31 6.23
C ARG A 172 6.39 29.99 5.60
N VAL A 173 5.65 28.91 5.88
CA VAL A 173 6.04 27.62 5.32
C VAL A 173 5.78 27.57 3.82
N GLU A 174 4.74 28.25 3.33
CA GLU A 174 4.55 28.35 1.89
C GLU A 174 5.73 29.04 1.23
N ARG A 175 6.18 30.15 1.82
N ARG A 175 6.18 30.15 1.82
CA ARG A 175 7.33 30.86 1.27
CA ARG A 175 7.33 30.87 1.28
C ARG A 175 8.58 30.00 1.32
C ARG A 175 8.58 30.00 1.32
N SER A 176 8.78 29.26 2.41
CA SER A 176 9.94 28.38 2.51
C SER A 176 9.91 27.30 1.45
N ARG A 177 8.74 26.69 1.22
CA ARG A 177 8.63 25.66 0.20
C ARG A 177 8.89 26.23 -1.19
N ARG A 178 8.35 27.41 -1.47
CA ARG A 178 8.59 28.04 -2.77
C ARG A 178 10.07 28.34 -2.97
N MET A 179 10.73 28.85 -1.93
CA MET A 179 12.16 29.13 -2.03
C MET A 179 12.95 27.84 -2.23
N ARG A 180 12.54 26.77 -1.55
CA ARG A 180 13.24 25.49 -1.71
C ARG A 180 13.12 24.97 -3.13
N GLN A 181 11.91 25.02 -3.70
CA GLN A 181 11.74 24.54 -5.07
C GLN A 181 12.48 25.43 -6.06
N LYS A 182 12.50 26.74 -5.81
CA LYS A 182 13.24 27.65 -6.69
C LYS A 182 14.74 27.37 -6.63
N ALA A 183 15.26 27.12 -5.42
CA ALA A 183 16.68 26.78 -5.29
C ALA A 183 17.00 25.47 -5.99
N ASN A 184 16.12 24.48 -5.86
CA ASN A 184 16.33 23.22 -6.57
C ASN A 184 16.37 23.44 -8.08
N GLU A 185 15.43 24.24 -8.60
CA GLU A 185 15.42 24.52 -10.03
C GLU A 185 16.70 25.24 -10.46
N VAL A 186 17.14 26.22 -9.67
CA VAL A 186 18.32 26.99 -10.03
C VAL A 186 19.56 26.11 -10.03
N VAL A 187 19.72 25.26 -9.01
CA VAL A 187 20.91 24.40 -8.94
C VAL A 187 20.87 23.36 -10.04
N ASP A 188 19.68 22.87 -10.39
CA ASP A 188 19.57 21.93 -11.51
C ASP A 188 19.96 22.60 -12.81
N GLU A 189 19.53 23.85 -13.02
CA GLU A 189 19.93 24.59 -14.21
C GLU A 189 21.44 24.81 -14.25
N ILE A 190 22.03 25.13 -13.10
CA ILE A 190 23.48 25.35 -13.05
C ILE A 190 24.22 24.07 -13.40
N ILE A 191 23.81 22.95 -12.80
CA ILE A 191 24.51 21.69 -13.03
C ILE A 191 24.22 21.13 -14.42
N ARG A 192 23.14 21.57 -15.06
CA ARG A 192 22.85 21.09 -16.41
C ARG A 192 23.83 21.64 -17.44
N LEU A 193 24.27 22.89 -17.25
CA LEU A 193 25.20 23.54 -18.17
C LEU A 193 26.58 23.56 -17.54
N ASN A 194 27.55 22.92 -18.21
CA ASN A 194 28.89 22.83 -17.66
C ASN A 194 29.66 24.13 -17.73
N ASP A 195 29.15 25.14 -18.42
CA ASP A 195 29.86 26.40 -18.56
C ASP A 195 29.91 27.14 -17.22
N ALA A 196 30.84 28.10 -17.12
CA ALA A 196 31.02 28.88 -15.92
C ALA A 196 30.58 30.33 -16.04
N GLU A 197 30.60 30.90 -17.25
CA GLU A 197 30.19 32.29 -17.41
C GLU A 197 28.71 32.47 -17.12
N ALA A 198 27.87 31.55 -17.61
CA ALA A 198 26.43 31.63 -17.35
C ALA A 198 26.11 31.44 -15.87
N SER A 199 26.98 30.72 -15.13
CA SER A 199 26.76 30.55 -13.70
C SER A 199 26.79 31.89 -12.98
N ALA A 200 27.74 32.76 -13.35
CA ALA A 200 27.81 34.08 -12.74
C ALA A 200 26.56 34.90 -13.05
N ALA A 201 26.08 34.82 -14.29
CA ALA A 201 24.86 35.54 -14.65
C ALA A 201 23.66 35.04 -13.85
N LEU A 202 23.53 33.71 -13.71
CA LEU A 202 22.43 33.17 -12.94
C LEU A 202 22.53 33.57 -11.47
N LEU A 203 23.75 33.56 -10.92
CA LEU A 203 23.93 33.95 -9.52
C LEU A 203 23.58 35.41 -9.31
N LYS A 204 24.01 36.30 -10.22
CA LYS A 204 23.67 37.71 -10.08
C LYS A 204 22.20 37.97 -10.35
N GLN A 205 21.53 37.09 -11.09
CA GLN A 205 20.08 37.22 -11.25
C GLN A 205 19.34 36.79 -9.99
N VAL A 206 19.80 35.71 -9.34
CA VAL A 206 19.11 35.19 -8.17
C VAL A 206 19.63 35.77 -6.86
N ASP A 207 20.58 36.71 -6.91
CA ASP A 207 21.10 37.31 -5.69
C ASP A 207 20.00 37.97 -4.86
N SER A 208 18.90 38.37 -5.49
CA SER A 208 17.80 38.99 -4.75
C SER A 208 17.08 38.01 -3.82
N LEU A 209 17.34 36.72 -3.96
CA LEU A 209 16.67 35.69 -3.15
C LEU A 209 17.69 34.77 -2.49
N VAL A 210 18.74 35.36 -1.94
CA VAL A 210 19.73 34.60 -1.18
C VAL A 210 19.79 35.00 0.29
N ASP A 211 19.41 36.22 0.64
CA ASP A 211 19.46 36.65 2.04
C ASP A 211 18.54 35.82 2.92
N ASP A 212 17.46 35.27 2.35
CA ASP A 212 16.56 34.45 3.12
C ASP A 212 17.26 33.18 3.60
N PRO A 213 17.09 32.80 4.87
CA PRO A 213 17.77 31.60 5.38
C PRO A 213 17.36 30.33 4.65
N THR A 214 16.11 30.23 4.21
CA THR A 214 15.62 29.00 3.58
C THR A 214 15.84 29.01 2.06
N PHE A 215 17.06 29.32 1.65
CA PHE A 215 17.43 29.19 0.25
C PHE A 215 18.73 28.42 0.06
N ALA A 216 19.70 28.60 0.95
CA ALA A 216 20.97 27.92 0.84
C ALA A 216 21.00 26.58 1.56
N THR A 217 19.95 26.25 2.32
CA THR A 217 19.91 24.97 3.02
C THR A 217 19.92 23.81 2.04
N GLN A 218 19.01 23.84 1.06
CA GLN A 218 19.03 22.83 0.00
C GLN A 218 20.14 23.10 -0.99
N PHE A 219 20.43 24.38 -1.25
CA PHE A 219 21.42 24.74 -2.26
C PHE A 219 22.81 24.25 -1.86
N LEU A 220 23.26 24.62 -0.65
CA LEU A 220 24.61 24.24 -0.23
C LEU A 220 24.74 22.73 -0.06
N TYR A 221 23.70 22.08 0.46
CA TYR A 221 23.74 20.63 0.59
C TYR A 221 23.83 19.95 -0.77
N ARG A 222 23.11 20.47 -1.76
CA ARG A 222 23.16 19.88 -3.09
C ARG A 222 24.52 20.11 -3.75
N LEU A 223 25.12 21.28 -3.55
CA LEU A 223 26.45 21.52 -4.10
C LEU A 223 27.49 20.62 -3.44
N ARG A 224 27.52 20.60 -2.11
CA ARG A 224 28.57 19.87 -1.40
C ARG A 224 28.40 18.36 -1.53
N ASN A 225 27.17 17.88 -1.37
CA ASN A 225 26.89 16.45 -1.40
C ASN A 225 26.01 16.16 -2.62
N GLY A 226 26.66 15.88 -3.75
CA GLY A 226 25.94 15.56 -4.97
C GLY A 226 26.68 14.54 -5.82
N SER A 227 26.57 14.68 -7.14
CA SER A 227 27.24 13.79 -8.08
C SER A 227 28.32 14.49 -8.88
N GLN A 228 27.98 15.60 -9.53
CA GLN A 228 28.95 16.37 -10.31
C GLN A 228 29.54 17.54 -9.55
N THR A 229 28.79 18.10 -8.60
CA THR A 229 29.24 19.21 -7.76
C THR A 229 29.69 20.41 -8.60
N SER A 230 30.43 21.32 -7.97
CA SER A 230 30.92 22.52 -8.64
C SER A 230 32.05 23.10 -7.81
N GLY A 231 32.72 24.11 -8.37
CA GLY A 231 33.80 24.78 -7.68
C GLY A 231 33.72 26.28 -7.78
N PHE A 232 32.71 26.79 -8.48
CA PHE A 232 32.51 28.22 -8.64
C PHE A 232 31.29 28.74 -7.90
N ALA A 233 30.20 27.97 -7.83
CA ALA A 233 29.05 28.40 -7.05
C ALA A 233 29.35 28.45 -5.57
N VAL A 234 30.10 27.45 -5.07
CA VAL A 234 30.47 27.44 -3.67
C VAL A 234 31.41 28.60 -3.36
N ALA A 235 32.35 28.89 -4.27
CA ALA A 235 33.32 29.96 -4.05
C ALA A 235 32.64 31.32 -3.89
N TRP A 236 31.44 31.49 -4.46
CA TRP A 236 30.66 32.71 -4.31
C TRP A 236 29.73 32.66 -3.10
N LEU A 237 29.02 31.53 -2.91
CA LEU A 237 28.07 31.43 -1.83
C LEU A 237 28.76 31.49 -0.46
N GLU A 238 29.87 30.76 -0.31
CA GLU A 238 30.59 30.77 0.95
C GLU A 238 31.12 32.16 1.27
N GLU A 239 31.65 32.86 0.27
CA GLU A 239 32.13 34.22 0.48
C GLU A 239 31.00 35.15 0.87
N ARG A 240 29.85 35.04 0.21
CA ARG A 240 28.72 35.91 0.52
C ARG A 240 28.21 35.66 1.93
N LEU A 241 28.11 34.40 2.34
CA LEU A 241 27.62 34.09 3.68
C LEU A 241 28.66 34.45 4.75
N HIS A 242 29.96 34.35 4.44
CA HIS A 242 30.97 34.82 5.37
C HIS A 242 30.92 36.34 5.51
N ALA A 243 30.55 37.03 4.43
CA ALA A 243 30.31 38.46 4.51
C ALA A 243 29.04 38.74 5.31
N ALA A 244 28.93 39.98 5.79
CA ALA A 244 27.79 40.45 6.59
C ALA A 244 27.65 39.68 7.91
N GLY A 245 28.73 39.05 8.36
CA GLY A 245 28.74 38.38 9.66
C GLY A 245 27.72 37.28 9.82
N THR A 246 27.61 36.40 8.84
CA THR A 246 26.66 35.30 8.88
C THR A 246 27.30 33.93 8.89
N ASP A 247 28.43 33.74 8.20
CA ASP A 247 29.15 32.47 8.15
C ASP A 247 28.27 31.36 7.57
N ALA A 248 28.60 30.11 7.89
CA ALA A 248 27.88 28.98 7.33
C ALA A 248 27.27 28.08 8.39
N GLU A 249 27.96 27.88 9.52
CA GLU A 249 27.41 27.01 10.56
C GLU A 249 26.12 27.58 11.15
N ASN A 250 26.01 28.91 11.24
CA ASN A 250 24.75 29.52 11.67
C ASN A 250 23.64 29.20 10.70
N VAL A 251 23.92 29.27 9.40
CA VAL A 251 22.92 28.90 8.40
C VAL A 251 22.59 27.42 8.50
N MET A 252 23.61 26.57 8.67
CA MET A 252 23.39 25.14 8.75
C MET A 252 22.67 24.73 10.03
N MET A 253 22.64 25.59 11.04
CA MET A 253 21.84 25.35 12.23
C MET A 253 20.49 26.05 12.19
N SER A 254 20.31 27.01 11.27
CA SER A 254 19.03 27.70 11.18
C SER A 254 17.91 26.76 10.76
N GLU A 255 18.17 25.88 9.79
CA GLU A 255 17.14 24.95 9.35
C GLU A 255 16.87 23.86 10.38
N HIS A 256 17.79 23.62 11.30
CA HIS A 256 17.51 22.70 12.39
C HIS A 256 16.35 23.18 13.25
N ASN A 257 16.16 24.49 13.34
CA ASN A 257 14.98 25.11 13.91
C ASN A 257 14.12 25.67 12.77
N ARG A 258 13.03 26.35 13.15
CA ARG A 258 12.09 26.99 12.24
C ARG A 258 11.32 26.01 11.39
N LEU A 259 11.61 24.70 11.49
CA LEU A 259 10.83 23.66 10.84
C LEU A 259 10.19 22.72 11.85
N ALA A 260 11.00 22.13 12.73
CA ALA A 260 10.43 21.34 13.83
C ALA A 260 9.58 22.23 14.73
N SER A 261 10.04 23.46 14.98
CA SER A 261 9.23 24.41 15.74
C SER A 261 7.93 24.70 15.03
N GLY A 262 7.97 24.84 13.70
CA GLY A 262 6.74 25.06 12.95
C GLY A 262 5.78 23.90 13.08
N ASN A 263 6.28 22.67 12.95
CA ASN A 263 5.43 21.50 13.11
C ASN A 263 4.81 21.44 14.50
N VAL A 264 5.63 21.67 15.52
CA VAL A 264 5.16 21.62 16.90
C VAL A 264 4.09 22.68 17.14
N THR A 265 4.33 23.90 16.65
CA THR A 265 3.36 24.98 16.83
C THR A 265 2.06 24.67 16.12
N MET A 266 2.13 24.13 14.89
CA MET A 266 0.92 23.82 14.15
C MET A 266 0.11 22.73 14.85
N GLY A 267 0.79 21.67 15.30
CA GLY A 267 0.10 20.63 16.04
C GLY A 267 -0.52 21.16 17.33
N ASN A 268 0.20 22.02 18.04
CA ASN A 268 -0.33 22.63 19.25
C ASN A 268 -1.55 23.48 18.95
N ILE A 269 -1.53 24.20 17.82
CA ILE A 269 -2.69 25.00 17.44
C ILE A 269 -3.89 24.11 17.19
N VAL A 270 -3.69 23.00 16.47
CA VAL A 270 -4.79 22.10 16.17
C VAL A 270 -5.36 21.51 17.46
N LYS A 271 -4.48 21.04 18.35
CA LYS A 271 -4.94 20.48 19.62
C LYS A 271 -5.66 21.52 20.46
N SER A 272 -5.15 22.76 20.47
CA SER A 272 -5.80 23.83 21.22
C SER A 272 -7.18 24.13 20.67
N LEU A 273 -7.32 24.16 19.34
CA LEU A 273 -8.63 24.38 18.75
C LEU A 273 -9.61 23.28 19.13
N ARG A 274 -9.15 22.03 19.08
CA ARG A 274 -10.03 20.92 19.48
C ARG A 274 -10.42 21.04 20.95
N GLU A 275 -9.46 21.40 21.81
CA GLU A 275 -9.74 21.52 23.24
C GLU A 275 -10.71 22.66 23.52
N ILE A 276 -10.58 23.76 22.79
CA ILE A 276 -11.54 24.87 22.94
C ILE A 276 -12.92 24.42 22.49
N ASP A 277 -13.00 23.70 21.37
CA ASP A 277 -14.30 23.30 20.84
C ASP A 277 -15.01 22.31 21.77
N ASP A 278 -14.33 21.25 22.18
CA ASP A 278 -15.03 20.18 22.90
C ASP A 278 -15.32 20.56 24.36
N THR A 279 -14.39 21.24 25.03
CA THR A 279 -14.56 21.51 26.44
C THR A 279 -15.68 22.52 26.67
N GLU A 280 -16.42 22.33 27.75
CA GLU A 280 -17.49 23.24 28.12
C GLU A 280 -16.92 24.53 28.71
N TRP A 281 -17.80 25.51 28.90
CA TRP A 281 -17.40 26.78 29.49
C TRP A 281 -18.35 27.28 30.55
N SER A 282 -19.56 26.73 30.65
CA SER A 282 -20.50 27.17 31.68
C SER A 282 -19.98 26.81 33.08
N VAL A 283 -19.52 25.57 33.26
CA VAL A 283 -18.97 25.17 34.54
C VAL A 283 -17.68 25.95 34.84
N TRP A 284 -16.87 26.20 33.80
CA TRP A 284 -15.69 27.03 33.97
C TRP A 284 -16.06 28.44 34.41
N PHE A 285 -17.07 29.02 33.77
CA PHE A 285 -17.49 30.37 34.13
C PHE A 285 -18.02 30.41 35.56
N GLU A 286 -18.75 29.38 35.97
CA GLU A 286 -19.24 29.31 37.34
C GLU A 286 -18.10 29.20 38.33
N GLU A 287 -17.09 28.39 38.02
CA GLU A 287 -16.00 28.12 38.95
C GLU A 287 -14.93 29.21 38.96
N VAL A 288 -14.93 30.11 37.98
CA VAL A 288 -13.87 31.11 37.84
C VAL A 288 -14.36 32.50 38.23
N SER A 289 -15.53 32.90 37.76
CA SER A 289 -16.01 34.26 37.97
C SER A 289 -16.16 34.55 39.46
N HIS A 290 -15.67 35.72 39.87
CA HIS A 290 -15.78 36.12 41.27
C HIS A 290 -17.19 36.53 41.65
N ILE A 291 -18.03 36.87 40.67
CA ILE A 291 -19.43 37.18 40.97
C ILE A 291 -20.13 35.95 41.54
N ASP A 292 -19.89 34.79 40.94
CA ASP A 292 -20.51 33.56 41.44
C ASP A 292 -20.03 33.19 42.83
N LYS A 293 -18.85 33.66 43.25
CA LYS A 293 -18.40 33.40 44.61
C LYS A 293 -19.34 34.03 45.62
N VAL A 294 -19.80 35.25 45.35
CA VAL A 294 -20.71 35.93 46.27
C VAL A 294 -22.08 35.25 46.26
N LEU A 295 -22.57 34.85 45.08
CA LEU A 295 -23.91 34.31 44.95
C LEU A 295 -23.98 32.81 45.19
N ARG A 296 -22.86 32.14 45.46
CA ARG A 296 -22.87 30.73 45.79
C ARG A 296 -22.95 30.48 47.28
N GLU A 297 -23.18 31.52 48.07
CA GLU A 297 -23.30 31.40 49.51
C GLU A 297 -24.55 32.14 49.99
N GLU A 298 -25.18 31.59 51.02
CA GLU A 298 -26.33 32.20 51.70
C GLU A 298 -27.54 32.32 50.78
N THR A 299 -27.47 31.71 49.60
CA THR A 299 -28.61 31.71 48.68
C THR A 299 -28.52 30.48 47.79
N ASP A 300 -29.66 30.13 47.19
CA ASP A 300 -29.79 28.93 46.39
C ASP A 300 -29.41 29.14 44.92
N TYR A 301 -28.67 30.22 44.63
CA TYR A 301 -28.32 30.52 43.23
C TYR A 301 -27.54 29.38 42.59
N GLU A 302 -26.81 28.59 43.39
CA GLU A 302 -26.04 27.49 42.83
C GLU A 302 -26.92 26.40 42.24
N ILE A 303 -28.19 26.31 42.65
CA ILE A 303 -29.16 25.42 42.02
C ILE A 303 -30.39 26.27 41.69
N LEU A 304 -30.39 26.87 40.51
CA LEU A 304 -31.55 27.63 40.05
C LEU A 304 -31.75 27.49 38.54
N ASP A 305 -31.28 26.38 37.96
CA ASP A 305 -31.31 26.14 36.52
C ASP A 305 -30.34 27.06 35.78
N PHE A 306 -29.74 26.56 34.71
CA PHE A 306 -28.70 27.30 34.02
C PHE A 306 -29.26 28.55 33.33
N GLY A 307 -30.44 28.44 32.72
CA GLY A 307 -31.01 29.59 32.03
C GLY A 307 -31.34 30.72 32.98
N SER A 308 -31.90 30.40 34.14
CA SER A 308 -32.19 31.44 35.13
C SER A 308 -30.92 32.06 35.67
N ARG A 309 -29.85 31.27 35.83
CA ARG A 309 -28.57 31.83 36.22
C ARG A 309 -28.06 32.81 35.16
N ASN A 310 -28.22 32.46 33.88
CA ASN A 310 -27.82 33.37 32.81
C ASN A 310 -28.63 34.65 32.85
N THR A 311 -29.93 34.54 33.09
CA THR A 311 -30.76 35.74 33.19
C THR A 311 -30.34 36.61 34.36
N TYR A 312 -30.02 35.99 35.51
CA TYR A 312 -29.54 36.74 36.66
C TYR A 312 -28.25 37.48 36.33
N ARG A 313 -27.32 36.79 35.67
CA ARG A 313 -26.05 37.42 35.32
C ARG A 313 -26.26 38.56 34.34
N ASN A 314 -27.15 38.38 33.37
CA ASN A 314 -27.42 39.43 32.40
C ASN A 314 -28.04 40.64 33.06
N THR A 315 -28.99 40.43 33.97
CA THR A 315 -29.60 41.55 34.69
C THR A 315 -28.56 42.28 35.53
N ILE A 316 -27.68 41.52 36.21
CA ILE A 316 -26.65 42.14 37.02
C ILE A 316 -25.72 42.98 36.16
N GLU A 317 -25.32 42.45 35.00
CA GLU A 317 -24.45 43.19 34.10
C GLU A 317 -25.13 44.44 33.57
N LEU A 318 -26.41 44.35 33.20
CA LEU A 318 -27.13 45.52 32.71
C LEU A 318 -27.23 46.59 33.78
N LEU A 319 -27.52 46.20 35.02
CA LEU A 319 -27.59 47.17 36.10
C LEU A 319 -26.22 47.80 36.37
N ALA A 320 -25.16 47.00 36.33
CA ALA A 320 -23.83 47.52 36.63
C ALA A 320 -23.32 48.43 35.52
N ARG A 321 -23.75 48.20 34.28
CA ARG A 321 -23.25 48.99 33.17
C ARG A 321 -23.81 50.41 33.18
N ARG A 322 -25.13 50.53 33.07
CA ARG A 322 -25.75 51.85 32.98
C ARG A 322 -25.58 52.62 34.29
N SER A 323 -25.91 52.00 35.41
CA SER A 323 -25.75 52.66 36.69
C SER A 323 -24.27 52.72 37.06
N PRO A 324 -23.76 53.87 37.46
CA PRO A 324 -22.32 53.98 37.76
C PRO A 324 -21.94 53.23 39.03
N ARG A 325 -21.88 51.91 38.96
CA ARG A 325 -21.50 51.10 40.11
C ARG A 325 -20.94 49.78 39.61
N THR A 326 -19.94 49.25 40.33
CA THR A 326 -19.33 48.00 39.94
C THR A 326 -20.27 46.84 40.20
N GLU A 327 -20.00 45.73 39.50
CA GLU A 327 -20.90 44.58 39.55
C GLU A 327 -20.87 43.89 40.91
N VAL A 328 -19.70 43.85 41.55
CA VAL A 328 -19.58 43.15 42.83
C VAL A 328 -20.43 43.86 43.89
N GLU A 329 -20.33 45.19 43.96
CA GLU A 329 -21.13 45.93 44.92
C GLU A 329 -22.61 45.89 44.57
N VAL A 330 -22.94 45.85 43.28
CA VAL A 330 -24.34 45.71 42.88
C VAL A 330 -24.90 44.39 43.38
N ALA A 331 -24.13 43.30 43.21
CA ALA A 331 -24.57 42.00 43.71
C ALA A 331 -24.70 42.00 45.22
N ARG A 332 -23.74 42.63 45.91
CA ARG A 332 -23.81 42.69 47.37
C ARG A 332 -25.05 43.45 47.84
N ALA A 333 -25.35 44.58 47.19
CA ALA A 333 -26.52 45.36 47.55
C ALA A 333 -27.80 44.57 47.26
N ALA A 334 -27.83 43.84 46.14
CA ALA A 334 -29.00 43.02 45.83
C ALA A 334 -29.18 41.93 46.88
N VAL A 335 -28.09 41.30 47.31
CA VAL A 335 -28.18 40.27 48.34
C VAL A 335 -28.70 40.85 49.65
N GLU A 336 -28.19 42.03 50.03
CA GLU A 336 -28.66 42.67 51.25
C GLU A 336 -30.14 43.04 51.15
N MET A 337 -30.56 43.54 49.98
CA MET A 337 -31.97 43.89 49.77
C MET A 337 -32.85 42.65 49.88
N ALA A 338 -32.41 41.54 49.30
CA ALA A 338 -33.17 40.30 49.40
C ALA A 338 -33.24 39.81 50.85
N ARG A 339 -32.13 39.94 51.58
CA ARG A 339 -32.12 39.55 52.99
C ARG A 339 -33.09 40.41 53.81
N SER A 340 -33.16 41.70 53.52
CA SER A 340 -34.02 42.62 54.25
C SER A 340 -35.48 42.52 53.84
N ASP A 341 -35.87 41.47 53.12
CA ASP A 341 -37.25 41.30 52.67
C ASP A 341 -37.97 40.17 53.39
N LEU A 342 -37.42 39.69 54.52
CA LEU A 342 -37.96 38.61 55.34
C LEU A 342 -37.91 37.27 54.61
N PRO A 343 -37.70 36.16 55.33
CA PRO A 343 -37.70 34.85 54.67
C PRO A 343 -39.01 34.55 53.98
N ALA A 344 -40.10 34.55 54.75
CA ALA A 344 -41.46 34.35 54.25
C ALA A 344 -41.56 33.12 53.35
N GLY A 345 -41.10 32.00 53.89
CA GLY A 345 -41.13 30.76 53.14
C GLY A 345 -40.99 29.51 54.00
N ALA A 346 -41.75 28.47 53.66
CA ALA A 346 -41.67 27.22 54.39
C ALA A 346 -40.35 26.50 54.10
N ASP A 347 -40.11 26.17 52.83
CA ASP A 347 -38.85 25.57 52.45
C ASP A 347 -37.69 26.55 52.52
N GLU A 348 -37.97 27.86 52.45
CA GLU A 348 -36.93 28.87 52.48
C GLU A 348 -36.65 29.32 53.92
N ASN A 349 -36.41 28.35 54.80
CA ASN A 349 -35.92 28.66 56.14
C ASN A 349 -34.45 29.01 56.12
N HIS A 350 -33.69 28.38 55.24
CA HIS A 350 -32.28 28.69 55.00
C HIS A 350 -32.15 29.41 53.66
N ARG A 351 -30.91 29.81 53.34
CA ARG A 351 -30.60 30.54 52.12
C ARG A 351 -31.39 31.84 52.02
N VAL A 352 -31.29 32.53 50.89
CA VAL A 352 -31.99 33.79 50.67
C VAL A 352 -32.56 33.78 49.25
N ASN A 353 -33.82 34.19 49.12
CA ASN A 353 -34.45 34.31 47.81
C ASN A 353 -34.00 35.63 47.19
N VAL A 354 -33.22 35.55 46.11
CA VAL A 354 -32.66 36.74 45.48
C VAL A 354 -33.43 37.18 44.24
N GLY A 355 -34.28 36.34 43.67
CA GLY A 355 -34.98 36.70 42.45
C GLY A 355 -36.07 37.71 42.65
N SER A 356 -36.57 37.87 43.87
CA SER A 356 -37.65 38.83 44.12
C SER A 356 -37.21 40.27 43.86
N VAL A 357 -35.92 40.55 43.92
CA VAL A 357 -35.42 41.89 43.65
C VAL A 357 -34.74 42.00 42.28
N LEU A 358 -34.35 40.88 41.68
CA LEU A 358 -33.73 40.90 40.35
C LEU A 358 -34.79 40.76 39.26
N VAL A 359 -35.57 39.68 39.30
CA VAL A 359 -36.62 39.43 38.33
C VAL A 359 -38.00 39.41 38.96
N GLY A 360 -38.11 39.65 40.27
CA GLY A 360 -39.38 39.62 40.96
C GLY A 360 -40.19 40.88 40.74
N GLN A 361 -40.95 41.26 41.76
CA GLN A 361 -41.81 42.43 41.69
C GLN A 361 -41.19 43.65 42.38
N ARG A 362 -39.90 43.58 42.71
CA ARG A 362 -39.20 44.69 43.35
C ARG A 362 -38.03 45.18 42.52
N ARG A 363 -38.08 44.93 41.20
CA ARG A 363 -37.04 45.42 40.30
C ARG A 363 -36.98 46.94 40.30
N PHE A 364 -38.14 47.59 40.26
CA PHE A 364 -38.18 49.05 40.24
C PHE A 364 -37.62 49.63 41.54
N GLU A 365 -37.91 49.00 42.67
CA GLU A 365 -37.38 49.49 43.94
C GLU A 365 -35.87 49.42 43.97
N LEU A 366 -35.29 48.32 43.48
CA LEU A 366 -33.84 48.21 43.42
C LEU A 366 -33.24 49.22 42.45
N GLU A 367 -33.87 49.40 41.28
CA GLU A 367 -33.33 50.33 40.29
C GLU A 367 -33.41 51.77 40.78
N LYS A 368 -34.40 52.09 41.62
CA LYS A 368 -34.49 53.44 42.18
C LYS A 368 -33.61 53.62 43.40
N ALA A 369 -33.29 52.54 44.11
CA ALA A 369 -32.37 52.62 45.25
C ALA A 369 -30.91 52.54 44.83
N LEU A 370 -30.62 52.12 43.60
CA LEU A 370 -29.25 52.03 43.12
C LEU A 370 -28.86 53.17 42.19
N GLY A 371 -29.83 53.86 41.60
CA GLY A 371 -29.53 54.93 40.67
C GLY A 371 -29.34 54.43 39.25
N TYR A 372 -30.32 53.70 38.75
CA TYR A 372 -30.26 53.13 37.41
C TYR A 372 -31.05 53.98 36.43
N ARG A 373 -30.53 54.14 35.22
CA ARG A 373 -31.20 54.89 34.18
C ARG A 373 -31.84 53.91 33.21
N PRO A 374 -33.17 53.78 33.19
CA PRO A 374 -33.80 52.82 32.27
C PRO A 374 -33.64 53.25 30.82
N LEU A 375 -33.58 52.25 29.95
CA LEU A 375 -33.51 52.50 28.53
C LEU A 375 -34.85 53.02 28.01
N ALA A 376 -34.80 53.75 26.89
CA ALA A 376 -36.02 54.28 26.31
C ALA A 376 -36.97 53.16 25.91
N SER A 377 -36.42 52.05 25.37
CA SER A 377 -37.26 50.90 25.07
C SER A 377 -37.87 50.33 26.34
N GLN A 378 -37.11 50.28 27.43
CA GLN A 378 -37.65 49.82 28.70
C GLN A 378 -38.76 50.74 29.19
N HIS A 379 -38.57 52.06 29.03
CA HIS A 379 -39.61 53.01 29.41
C HIS A 379 -40.89 52.77 28.60
N ILE A 380 -40.74 52.56 27.29
CA ILE A 380 -41.91 52.33 26.44
C ILE A 380 -42.61 51.04 26.85
N VAL A 381 -41.84 49.98 27.12
CA VAL A 381 -42.43 48.70 27.50
C VAL A 381 -43.19 48.84 28.81
N ARG A 382 -42.59 49.52 29.80
CA ARG A 382 -43.26 49.70 31.07
C ARG A 382 -44.52 50.53 30.92
N SER A 383 -44.46 51.59 30.11
CA SER A 383 -45.63 52.44 29.92
C SER A 383 -46.77 51.67 29.25
N MET A 384 -46.46 50.87 28.24
CA MET A 384 -47.52 50.14 27.55
C MET A 384 -48.04 49.00 28.42
N ARG A 385 -47.19 48.42 29.27
CA ARG A 385 -47.69 47.47 30.25
C ARG A 385 -48.65 48.13 31.22
N LYS A 386 -48.31 49.34 31.68
CA LYS A 386 -49.22 50.09 32.54
C LYS A 386 -50.50 50.48 31.81
N PHE A 387 -50.47 50.59 30.49
CA PHE A 387 -51.65 50.89 29.69
C PHE A 387 -52.47 49.64 29.37
N ASN A 388 -52.25 48.54 30.12
CA ASN A 388 -52.97 47.28 30.01
C ASN A 388 -53.26 46.86 28.57
N TRP A 389 -54.46 46.34 28.33
CA TRP A 389 -54.84 45.82 27.03
C TRP A 389 -55.15 46.92 26.02
N LEU A 390 -55.29 48.17 26.45
CA LEU A 390 -55.54 49.26 25.51
C LEU A 390 -54.38 49.42 24.54
N ALA A 391 -53.15 49.33 25.04
CA ALA A 391 -51.98 49.42 24.16
C ALA A 391 -51.87 48.24 23.21
N ILE A 392 -52.46 47.09 23.56
CA ILE A 392 -52.45 45.96 22.64
C ILE A 392 -53.36 46.22 21.45
N ALA A 393 -54.55 46.76 21.70
CA ALA A 393 -55.53 46.99 20.64
C ALA A 393 -55.34 48.30 19.90
N ALA A 394 -54.56 49.23 20.45
CA ALA A 394 -54.39 50.53 19.78
C ALA A 394 -53.78 50.42 18.39
N PRO A 395 -52.64 49.73 18.18
CA PRO A 395 -52.12 49.62 16.81
C PRO A 395 -53.08 48.91 15.87
N VAL A 396 -53.78 47.89 16.36
CA VAL A 396 -54.72 47.15 15.52
C VAL A 396 -55.84 48.06 15.05
N LEU A 397 -56.44 48.81 15.99
CA LEU A 397 -57.53 49.69 15.62
C LEU A 397 -57.05 50.81 14.70
N LEU A 398 -55.85 51.34 14.95
CA LEU A 398 -55.33 52.39 14.08
C LEU A 398 -55.11 51.88 12.66
N ILE A 399 -54.52 50.69 12.53
CA ILE A 399 -54.27 50.14 11.20
C ILE A 399 -55.59 49.83 10.49
N THR A 400 -56.56 49.29 11.21
CA THR A 400 -57.85 49.02 10.60
C THR A 400 -58.53 50.31 10.15
N ALA A 401 -58.45 51.36 10.96
CA ALA A 401 -59.04 52.64 10.58
C ALA A 401 -58.38 53.19 9.32
N VAL A 402 -57.06 53.10 9.25
CA VAL A 402 -56.36 53.49 8.02
C VAL A 402 -56.85 52.66 6.84
N ALA A 403 -57.05 51.36 7.06
CA ALA A 403 -57.50 50.49 5.97
C ALA A 403 -58.88 50.89 5.47
N MET A 404 -59.83 51.10 6.38
CA MET A 404 -61.16 51.48 5.93
C MET A 404 -61.16 52.86 5.28
N LEU A 405 -60.38 53.81 5.81
CA LEU A 405 -60.32 55.12 5.17
C LEU A 405 -59.76 55.03 3.77
N ALA A 406 -58.69 54.24 3.59
CA ALA A 406 -58.08 54.10 2.26
C ALA A 406 -59.04 53.44 1.29
N VAL A 407 -59.69 52.35 1.70
CA VAL A 407 -60.58 51.65 0.77
C VAL A 407 -61.82 52.51 0.47
N GLY A 408 -62.30 53.27 1.45
CA GLY A 408 -63.44 54.14 1.19
C GLY A 408 -63.11 55.27 0.24
N TRP A 409 -61.93 55.88 0.39
CA TRP A 409 -61.53 56.93 -0.54
C TRP A 409 -61.27 56.36 -1.93
N PHE A 410 -60.69 55.17 -2.00
CA PHE A 410 -60.46 54.54 -3.30
C PHE A 410 -61.77 54.11 -3.95
N LEU A 411 -62.71 53.61 -3.15
CA LEU A 411 -64.03 53.20 -3.64
C LEU A 411 -65.06 54.32 -3.49
N ALA A 412 -64.62 55.57 -3.55
CA ALA A 412 -65.51 56.72 -3.43
C ALA A 412 -66.23 57.05 -4.73
N LYS A 413 -65.90 56.37 -5.83
CA LYS A 413 -66.55 56.57 -7.12
C LYS A 413 -67.36 55.31 -7.42
N ALA A 414 -68.56 55.24 -6.85
CA ALA A 414 -69.44 54.09 -7.07
C ALA A 414 -70.90 54.46 -7.31
N GLY A 415 -71.34 55.65 -6.94
CA GLY A 415 -72.76 55.96 -6.95
C GLY A 415 -73.39 55.56 -5.63
N MET A 416 -74.71 55.33 -5.64
CA MET A 416 -75.47 54.84 -4.49
C MET A 416 -75.56 55.94 -3.43
N PRO A 417 -76.67 56.04 -2.68
CA PRO A 417 -76.85 57.19 -1.79
C PRO A 417 -75.99 57.17 -0.53
N TRP A 418 -74.97 56.33 -0.50
CA TRP A 418 -74.00 56.28 0.59
C TRP A 418 -74.67 55.84 1.89
N TYR A 419 -75.47 54.78 1.80
CA TYR A 419 -76.09 54.16 2.96
C TYR A 419 -75.59 52.74 3.21
N VAL A 420 -74.61 52.27 2.43
CA VAL A 420 -74.17 50.89 2.49
C VAL A 420 -72.66 50.82 2.72
N VAL A 421 -71.97 51.92 2.39
CA VAL A 421 -70.50 51.91 2.42
C VAL A 421 -69.98 51.68 3.83
N THR A 422 -70.60 52.32 4.83
CA THR A 422 -70.11 52.20 6.20
C THR A 422 -70.25 50.78 6.72
N ALA A 423 -71.44 50.19 6.55
CA ALA A 423 -71.66 48.82 6.99
C ALA A 423 -70.77 47.85 6.21
N PHE A 424 -70.59 48.11 4.91
CA PHE A 424 -69.72 47.29 4.09
C PHE A 424 -68.30 47.28 4.63
N LEU A 425 -67.77 48.46 4.95
CA LEU A 425 -66.42 48.54 5.50
C LEU A 425 -66.33 47.86 6.87
N LEU A 426 -67.36 48.06 7.71
CA LEU A 426 -67.34 47.46 9.04
C LEU A 426 -67.33 45.94 8.97
N MET A 427 -68.14 45.36 8.07
CA MET A 427 -68.14 43.92 7.93
C MET A 427 -66.97 43.40 7.09
N PHE A 428 -66.30 44.27 6.34
CA PHE A 428 -65.19 43.85 5.49
C PHE A 428 -63.86 43.84 6.21
N ALA A 429 -63.63 44.77 7.13
CA ALA A 429 -62.26 44.92 7.65
C ALA A 429 -61.94 43.89 8.73
N LEU A 430 -62.24 42.61 8.49
CA LEU A 430 -61.70 41.54 9.32
C LEU A 430 -60.31 41.09 8.86
N PRO A 431 -60.11 40.80 7.56
CA PRO A 431 -58.74 40.47 7.12
C PRO A 431 -57.76 41.60 7.33
N ALA A 432 -58.20 42.85 7.24
CA ALA A 432 -57.33 43.97 7.58
C ALA A 432 -56.90 43.89 9.04
N SER A 433 -57.83 43.54 9.93
CA SER A 433 -57.49 43.36 11.33
C SER A 433 -56.51 42.20 11.52
N GLU A 434 -56.70 41.11 10.76
CA GLU A 434 -55.76 39.99 10.86
C GLU A 434 -54.37 40.40 10.41
N GLY A 435 -54.28 41.16 9.32
CA GLY A 435 -52.98 41.64 8.87
C GLY A 435 -52.34 42.59 9.86
N ALA A 436 -53.15 43.45 10.48
CA ALA A 436 -52.64 44.35 11.51
C ALA A 436 -52.09 43.56 12.70
N THR A 437 -52.81 42.53 13.13
CA THR A 437 -52.33 41.70 14.23
C THR A 437 -51.04 40.98 13.86
N GLY A 438 -50.96 40.46 12.63
CA GLY A 438 -49.73 39.82 12.19
C GLY A 438 -48.55 40.77 12.16
N LEU A 439 -48.77 41.99 11.66
CA LEU A 439 -47.71 42.99 11.65
C LEU A 439 -47.28 43.35 13.07
N PHE A 440 -48.24 43.48 13.98
CA PHE A 440 -47.91 43.76 15.38
C PHE A 440 -47.08 42.63 15.97
N ASN A 441 -47.46 41.39 15.69
CA ASN A 441 -46.69 40.24 16.17
C ASN A 441 -45.28 40.27 15.62
N THR A 442 -45.13 40.56 14.32
CA THR A 442 -43.80 40.62 13.73
C THR A 442 -42.96 41.72 14.39
N LEU A 443 -43.56 42.88 14.62
CA LEU A 443 -42.82 43.99 15.22
C LEU A 443 -42.37 43.65 16.64
N VAL A 444 -43.27 43.07 17.44
CA VAL A 444 -42.90 42.77 18.82
C VAL A 444 -41.87 41.65 18.87
N THR A 445 -41.97 40.67 17.96
CA THR A 445 -40.94 39.64 17.91
C THR A 445 -39.59 40.23 17.51
N PHE A 446 -39.59 41.18 16.57
CA PHE A 446 -38.34 41.77 16.12
C PHE A 446 -37.72 42.67 17.18
N PHE A 447 -38.53 43.31 18.01
CA PHE A 447 -38.02 44.28 18.98
C PHE A 447 -38.12 43.81 20.43
N VAL A 448 -39.32 43.41 20.88
CA VAL A 448 -39.51 43.08 22.29
C VAL A 448 -38.81 41.76 22.60
N LYS A 449 -38.03 41.74 23.67
CA LYS A 449 -37.33 40.53 24.08
C LYS A 449 -38.34 39.51 24.59
N PRO A 450 -38.24 38.25 24.18
CA PRO A 450 -39.16 37.23 24.71
C PRO A 450 -38.97 37.03 26.21
N PHE A 451 -40.06 36.67 26.87
CA PHE A 451 -40.08 36.49 28.31
C PHE A 451 -39.87 35.03 28.67
N ARG A 452 -39.02 34.79 29.67
CA ARG A 452 -38.72 33.44 30.14
C ARG A 452 -38.97 33.37 31.65
N LEU A 453 -39.47 32.22 32.10
CA LEU A 453 -39.74 32.02 33.52
C LEU A 453 -38.48 31.58 34.24
N VAL A 454 -38.60 31.49 35.57
CA VAL A 454 -37.50 31.09 36.44
C VAL A 454 -37.94 29.84 37.22
N GLY A 455 -37.02 28.90 37.40
CA GLY A 455 -37.36 27.67 38.10
C GLY A 455 -36.14 26.96 38.60
N TYR A 456 -36.39 25.90 39.37
CA TYR A 456 -35.33 25.09 39.95
C TYR A 456 -34.73 24.16 38.90
N GLU A 457 -33.76 23.36 39.33
CA GLU A 457 -33.11 22.36 38.49
C GLU A 457 -33.04 21.06 39.29
N PHE A 458 -34.08 20.23 39.19
CA PHE A 458 -34.16 19.00 39.94
C PHE A 458 -33.25 17.95 39.29
N LYS A 459 -31.97 18.00 39.65
CA LYS A 459 -31.02 17.02 39.15
C LYS A 459 -31.25 15.64 39.76
N ASN A 460 -31.88 15.57 40.93
CA ASN A 460 -32.18 14.32 41.59
C ASN A 460 -33.63 13.90 41.44
N GLY A 461 -34.38 14.54 40.54
CA GLY A 461 -35.79 14.25 40.37
C GLY A 461 -36.66 15.09 41.28
N ILE A 462 -37.96 14.85 41.18
CA ILE A 462 -38.95 15.59 41.96
C ILE A 462 -38.80 15.19 43.43
N PRO A 463 -38.57 16.15 44.33
CA PRO A 463 -38.35 15.81 45.73
C PRO A 463 -39.64 15.67 46.52
N GLU A 464 -39.51 15.47 47.83
CA GLU A 464 -40.67 15.41 48.70
C GLU A 464 -41.35 16.78 48.76
N ASP A 465 -42.60 16.79 49.23
CA ASP A 465 -43.47 17.97 49.25
C ASP A 465 -43.77 18.47 47.85
N ALA A 466 -43.58 17.60 46.85
CA ALA A 466 -43.91 17.93 45.46
C ALA A 466 -44.23 16.61 44.77
N ARG A 467 -45.53 16.30 44.66
CA ARG A 467 -45.99 15.09 44.02
C ARG A 467 -46.97 15.46 42.93
N THR A 468 -46.76 14.91 41.73
CA THR A 468 -47.56 15.27 40.56
C THR A 468 -48.27 14.04 40.02
N LEU A 469 -49.57 14.18 39.78
CA LEU A 469 -50.39 13.14 39.18
C LEU A 469 -50.64 13.48 37.72
N VAL A 470 -50.18 12.62 36.82
CA VAL A 470 -50.45 12.78 35.39
C VAL A 470 -51.72 12.00 35.07
N ALA A 471 -52.79 12.70 34.73
CA ALA A 471 -54.09 12.08 34.52
C ALA A 471 -54.57 12.39 33.10
N VAL A 472 -54.84 11.34 32.33
CA VAL A 472 -55.26 11.48 30.93
C VAL A 472 -56.77 11.28 30.88
N PRO A 473 -57.56 12.30 30.56
CA PRO A 473 -59.02 12.15 30.51
C PRO A 473 -59.48 11.56 29.19
N CYS A 474 -59.95 10.31 29.23
CA CYS A 474 -60.49 9.63 28.06
C CYS A 474 -61.58 8.67 28.52
N MET A 475 -61.92 7.70 27.66
CA MET A 475 -62.98 6.75 27.92
C MET A 475 -62.47 5.33 27.73
N LEU A 476 -63.10 4.39 28.44
CA LEU A 476 -62.75 2.97 28.36
C LEU A 476 -63.71 2.18 27.49
N THR A 477 -64.21 2.78 26.40
CA THR A 477 -64.99 2.02 25.43
C THR A 477 -64.05 1.36 24.43
N SER A 478 -63.09 0.59 24.96
CA SER A 478 -62.01 0.02 24.16
C SER A 478 -61.91 -1.47 24.44
N ARG A 479 -62.45 -2.28 23.54
CA ARG A 479 -62.29 -3.72 23.65
C ARG A 479 -60.84 -4.12 23.48
N ASP A 480 -60.13 -3.48 22.55
CA ASP A 480 -58.75 -3.83 22.24
C ASP A 480 -57.77 -2.70 22.46
N SER A 481 -58.16 -1.44 22.25
CA SER A 481 -57.24 -0.33 22.36
C SER A 481 -56.97 0.10 23.81
N VAL A 482 -57.51 -0.65 24.78
CA VAL A 482 -57.07 -0.47 26.16
C VAL A 482 -55.58 -0.83 26.29
N ASP A 483 -55.12 -1.78 25.46
CA ASP A 483 -53.69 -2.04 25.38
C ASP A 483 -52.94 -0.81 24.89
N GLU A 484 -53.49 -0.12 23.89
CA GLU A 484 -52.89 1.13 23.43
C GLU A 484 -52.88 2.17 24.54
N MET A 485 -53.95 2.25 25.32
CA MET A 485 -54.01 3.24 26.39
C MET A 485 -52.96 2.96 27.47
N MET A 486 -52.84 1.71 27.88
CA MET A 486 -51.82 1.38 28.88
C MET A 486 -50.42 1.54 28.32
N ARG A 487 -50.24 1.29 27.01
CA ARG A 487 -48.95 1.55 26.38
C ARG A 487 -48.62 3.05 26.41
N ASN A 488 -49.61 3.90 26.16
CA ASN A 488 -49.40 5.33 26.25
C ASN A 488 -49.03 5.75 27.67
N ILE A 489 -49.70 5.16 28.66
CA ILE A 489 -49.36 5.45 30.05
C ILE A 489 -47.93 5.03 30.36
N GLU A 490 -47.53 3.85 29.87
CA GLU A 490 -46.17 3.37 30.08
C GLU A 490 -45.16 4.29 29.42
N VAL A 491 -45.46 4.77 28.21
CA VAL A 491 -44.56 5.70 27.53
C VAL A 491 -44.42 6.99 28.32
N HIS A 492 -45.55 7.52 28.81
CA HIS A 492 -45.51 8.74 29.60
C HIS A 492 -44.68 8.55 30.86
N TYR A 493 -44.81 7.40 31.52
CA TYR A 493 -43.99 7.13 32.68
C TYR A 493 -42.51 7.05 32.31
N LEU A 494 -42.20 6.38 31.18
CA LEU A 494 -40.81 6.27 30.74
C LEU A 494 -40.22 7.60 30.34
N ALA A 495 -41.05 8.59 30.01
CA ALA A 495 -40.53 9.90 29.65
C ALA A 495 -39.76 10.53 30.80
N ASN A 496 -40.37 10.60 31.99
CA ASN A 496 -39.76 11.19 33.18
C ASN A 496 -39.87 10.20 34.32
N PRO A 497 -38.96 9.21 34.39
CA PRO A 497 -39.09 8.16 35.40
C PRO A 497 -38.68 8.62 36.80
N HIS A 498 -37.65 9.45 36.90
CA HIS A 498 -37.13 9.86 38.20
C HIS A 498 -38.03 10.91 38.85
N GLY A 499 -38.25 10.76 40.14
CA GLY A 499 -39.02 11.70 40.91
C GLY A 499 -40.29 11.07 41.49
N GLU A 500 -40.88 11.82 42.42
CA GLU A 500 -42.13 11.41 43.07
C GLU A 500 -43.31 11.82 42.19
N ILE A 501 -43.51 11.06 41.12
CA ILE A 501 -44.57 11.30 40.15
C ILE A 501 -45.41 10.03 40.04
N TYR A 502 -46.72 10.21 39.92
CA TYR A 502 -47.64 9.09 39.75
C TYR A 502 -48.53 9.34 38.54
N PHE A 503 -49.05 8.24 37.99
CA PHE A 503 -49.82 8.29 36.75
C PHE A 503 -51.16 7.61 36.96
N SER A 504 -52.23 8.27 36.51
CA SER A 504 -53.58 7.74 36.66
C SER A 504 -54.36 7.99 35.38
N LEU A 505 -55.35 7.15 35.16
CA LEU A 505 -56.23 7.24 34.00
C LEU A 505 -57.67 7.34 34.47
N VAL A 506 -58.37 8.38 34.04
CA VAL A 506 -59.76 8.62 34.43
C VAL A 506 -60.65 8.35 33.23
N SER A 507 -61.78 7.68 33.48
CA SER A 507 -62.65 7.24 32.39
C SER A 507 -64.11 7.45 32.73
N ASP A 508 -64.91 7.58 31.68
CA ASP A 508 -66.36 7.66 31.78
C ASP A 508 -66.90 7.14 30.45
N TRP A 509 -67.42 5.92 30.44
CA TRP A 509 -67.64 5.20 29.20
C TRP A 509 -68.77 5.83 28.38
N ARG A 510 -68.44 6.16 27.13
CA ARG A 510 -69.36 6.68 26.10
C ARG A 510 -70.46 7.57 26.64
N ASP A 511 -71.67 7.40 26.10
CA ASP A 511 -72.84 8.16 26.54
C ASP A 511 -74.07 7.31 26.26
N ALA A 512 -74.59 6.65 27.29
CA ALA A 512 -75.75 5.79 27.13
C ALA A 512 -76.97 6.39 27.83
N PRO A 513 -78.15 6.27 27.25
CA PRO A 513 -79.35 6.85 27.90
C PRO A 513 -79.65 6.25 29.26
N TYR A 514 -79.27 5.00 29.50
CA TYR A 514 -79.54 4.35 30.78
C TYR A 514 -78.43 4.68 31.77
N GLU A 515 -78.44 4.01 32.91
CA GLU A 515 -77.43 4.24 33.95
C GLU A 515 -76.22 3.34 33.74
N GLN A 516 -76.43 2.02 33.75
CA GLN A 516 -75.35 1.06 33.58
C GLN A 516 -75.86 -0.13 32.79
N SER A 517 -75.01 -0.63 31.89
CA SER A 517 -75.36 -1.79 31.08
C SER A 517 -75.12 -3.10 31.82
N ASP A 518 -74.57 -3.05 33.03
CA ASP A 518 -74.31 -4.22 33.87
C ASP A 518 -73.35 -5.21 33.21
N GLU A 519 -72.58 -4.76 32.22
CA GLU A 519 -71.58 -5.60 31.59
C GLU A 519 -70.23 -4.87 31.55
N ASP A 520 -70.27 -3.54 31.49
CA ASP A 520 -69.04 -2.76 31.38
C ASP A 520 -68.06 -3.09 32.49
N LEU A 521 -68.57 -3.47 33.66
CA LEU A 521 -67.70 -3.80 34.78
C LEU A 521 -66.72 -4.90 34.41
N GLU A 522 -67.20 -5.98 33.78
CA GLU A 522 -66.26 -7.01 33.36
C GLU A 522 -65.37 -6.51 32.23
N ILE A 523 -65.92 -5.65 31.36
CA ILE A 523 -65.08 -4.93 30.40
C ILE A 523 -64.03 -4.13 31.14
N LEU A 524 -64.41 -3.51 32.25
CA LEU A 524 -63.43 -2.82 33.09
C LEU A 524 -62.53 -3.81 33.81
N ASP A 525 -63.04 -5.00 34.13
CA ASP A 525 -62.27 -5.96 34.92
C ASP A 525 -60.96 -6.31 34.21
N TYR A 526 -61.03 -6.64 32.92
CA TYR A 526 -59.82 -6.86 32.15
C TYR A 526 -58.86 -5.70 32.32
N ALA A 527 -59.38 -4.48 32.19
CA ALA A 527 -58.55 -3.30 32.41
C ALA A 527 -57.92 -3.34 33.79
N LYS A 528 -58.74 -3.52 34.83
CA LYS A 528 -58.19 -3.54 36.18
C LYS A 528 -57.26 -4.72 36.38
N ARG A 529 -57.35 -5.74 35.53
CA ARG A 529 -56.35 -6.80 35.55
C ARG A 529 -55.10 -6.37 34.79
N GLU A 530 -55.29 -5.80 33.59
CA GLU A 530 -54.16 -5.44 32.75
C GLU A 530 -53.23 -4.46 33.48
N LEU A 531 -53.80 -3.40 34.04
CA LEU A 531 -53.01 -2.45 34.81
C LEU A 531 -52.30 -3.16 35.95
N ALA A 532 -52.97 -4.11 36.60
CA ALA A 532 -52.32 -4.89 37.65
C ALA A 532 -51.07 -5.57 37.12
N ALA A 533 -51.17 -6.17 35.93
CA ALA A 533 -49.99 -6.77 35.31
C ALA A 533 -48.91 -5.72 35.12
N LEU A 534 -49.28 -4.52 34.66
CA LEU A 534 -48.30 -3.45 34.54
C LEU A 534 -47.65 -3.16 35.88
N ASN A 535 -48.43 -3.19 36.96
CA ASN A 535 -47.85 -2.99 38.28
C ASN A 535 -46.81 -4.05 38.60
N SER A 536 -47.08 -5.29 38.21
CA SER A 536 -46.07 -6.34 38.41
C SER A 536 -44.80 -6.04 37.64
N ARG A 537 -44.92 -5.39 36.49
CA ARG A 537 -43.74 -4.99 35.75
C ARG A 537 -43.09 -3.75 36.32
N TYR A 538 -43.81 -2.97 37.13
CA TYR A 538 -43.27 -1.75 37.73
C TYR A 538 -43.83 -1.62 39.14
N ALA A 539 -43.09 -2.15 40.12
CA ALA A 539 -43.42 -2.03 41.53
C ALA A 539 -42.10 -1.89 42.28
N PHE A 540 -41.69 -0.64 42.51
CA PHE A 540 -40.40 -0.32 43.09
C PHE A 540 -40.60 0.41 44.42
N ASP A 541 -39.87 -0.04 45.44
CA ASP A 541 -39.95 0.53 46.79
C ASP A 541 -41.37 0.45 47.34
N GLY A 542 -42.13 -0.56 46.92
CA GLY A 542 -43.52 -0.69 47.36
C GLY A 542 -44.38 0.48 46.96
N LYS A 543 -44.12 1.07 45.79
CA LYS A 543 -44.83 2.24 45.32
C LYS A 543 -45.56 1.90 44.03
N THR A 544 -46.85 2.20 43.99
CA THR A 544 -47.67 1.97 42.81
C THR A 544 -47.81 3.28 42.05
N ARG A 545 -47.33 3.31 40.81
CA ARG A 545 -47.31 4.51 39.99
C ARG A 545 -48.43 4.53 38.96
N PHE A 546 -49.39 3.61 39.06
CA PHE A 546 -50.47 3.51 38.09
C PHE A 546 -51.80 3.39 38.83
N TYR A 547 -52.75 4.23 38.44
CA TYR A 547 -54.07 4.25 39.08
C TYR A 547 -55.15 4.39 38.01
N LEU A 548 -56.36 3.95 38.37
CA LEU A 548 -57.51 4.04 37.48
C LEU A 548 -58.70 4.60 38.24
N LEU A 549 -59.42 5.51 37.61
CA LEU A 549 -60.63 6.11 38.15
C LEU A 549 -61.74 6.00 37.11
N HIS A 550 -62.97 5.75 37.58
CA HIS A 550 -64.09 5.51 36.67
C HIS A 550 -65.32 6.23 37.21
N ARG A 551 -66.05 6.90 36.32
CA ARG A 551 -67.24 7.64 36.71
C ARG A 551 -68.48 6.77 36.55
N ARG A 552 -69.57 7.18 37.22
CA ARG A 552 -70.76 6.35 37.38
C ARG A 552 -71.93 6.82 36.51
N ARG A 553 -71.76 7.88 35.72
CA ARG A 553 -72.73 8.31 34.73
C ARG A 553 -74.09 8.65 35.36
N ILE A 554 -74.08 9.73 36.14
CA ILE A 554 -75.31 10.26 36.72
C ILE A 554 -76.07 11.08 35.68
N TYR A 555 -77.39 10.88 35.63
CA TYR A 555 -78.25 11.60 34.70
C TYR A 555 -78.31 13.09 35.06
N ASN A 556 -78.22 13.95 34.04
CA ASN A 556 -78.44 15.38 34.27
C ASN A 556 -79.65 15.92 33.53
N SER A 557 -79.61 16.03 32.20
CA SER A 557 -80.81 16.45 31.49
C SER A 557 -81.18 15.57 30.30
N ALA A 558 -80.28 15.49 29.31
CA ALA A 558 -80.58 14.88 28.02
C ALA A 558 -79.35 14.88 27.12
N GLU A 559 -79.52 14.47 25.86
CA GLU A 559 -78.54 14.70 24.80
C GLU A 559 -77.23 13.96 25.06
N GLU A 560 -76.38 14.52 25.92
CA GLU A 560 -75.10 13.92 26.26
C GLU A 560 -75.25 12.70 27.16
N CYS A 561 -76.48 12.23 27.33
CA CYS A 561 -76.81 11.07 28.15
C CYS A 561 -76.39 11.39 29.59
N TRP A 562 -75.79 10.45 30.31
CA TRP A 562 -75.50 10.61 31.73
C TRP A 562 -74.00 10.77 31.91
N MET A 563 -73.55 12.00 32.15
CA MET A 563 -72.13 12.32 32.31
C MET A 563 -71.77 12.61 33.76
N GLY A 564 -72.58 12.14 34.71
CA GLY A 564 -72.31 12.44 36.10
C GLY A 564 -72.81 13.81 36.49
N TRP A 565 -71.88 14.74 36.75
CA TRP A 565 -72.23 16.12 37.03
C TRP A 565 -72.10 16.99 35.78
N GLU A 566 -71.00 16.84 35.05
CA GLU A 566 -70.75 17.59 33.83
C GLU A 566 -69.83 16.76 32.94
N ARG A 567 -69.26 17.40 31.93
CA ARG A 567 -68.28 16.74 31.06
C ARG A 567 -66.94 16.68 31.76
N LYS A 568 -65.87 16.44 31.00
CA LYS A 568 -64.51 16.31 31.53
C LYS A 568 -64.17 17.38 32.56
N ARG A 569 -64.79 18.56 32.46
CA ARG A 569 -64.67 19.56 33.51
C ARG A 569 -65.13 18.99 34.85
N GLY A 570 -66.31 18.34 34.85
CA GLY A 570 -66.80 17.73 36.07
C GLY A 570 -65.90 16.61 36.55
N LYS A 571 -65.33 15.84 35.62
CA LYS A 571 -64.41 14.77 36.00
C LYS A 571 -63.18 15.33 36.69
N LEU A 572 -62.60 16.40 36.14
CA LEU A 572 -61.44 17.01 36.78
C LEU A 572 -61.77 17.60 38.14
N HIS A 573 -62.95 18.24 38.26
CA HIS A 573 -63.34 18.76 39.57
C HIS A 573 -63.54 17.63 40.57
N GLU A 574 -64.16 16.54 40.16
CA GLU A 574 -64.34 15.40 41.05
C GLU A 574 -63.00 14.83 41.50
N LEU A 575 -62.04 14.76 40.57
CA LEU A 575 -60.70 14.36 40.93
C LEU A 575 -60.09 15.33 41.94
N ASN A 576 -60.35 16.63 41.75
CA ASN A 576 -59.83 17.63 42.69
C ASN A 576 -60.35 17.40 44.10
N MET A 577 -61.67 17.20 44.24
CA MET A 577 -62.21 16.92 45.57
C MET A 577 -61.69 15.58 46.11
N LEU A 578 -61.53 14.59 45.23
CA LEU A 578 -61.06 13.29 45.68
C LEU A 578 -59.65 13.36 46.23
N LEU A 579 -58.79 14.16 45.59
CA LEU A 579 -57.38 14.20 45.99
C LEU A 579 -57.20 14.73 47.41
N ARG A 580 -58.00 15.70 47.81
CA ARG A 580 -57.91 16.26 49.15
C ARG A 580 -58.75 15.48 50.15
N GLY A 581 -59.39 14.40 49.74
CA GLY A 581 -60.19 13.59 50.63
C GLY A 581 -61.68 13.84 50.48
N ASP A 582 -62.38 12.91 49.83
CA ASP A 582 -63.83 13.04 49.65
C ASP A 582 -64.39 11.63 49.52
N LYS A 583 -65.01 11.14 50.59
CA LYS A 583 -65.44 9.74 50.63
C LYS A 583 -66.68 9.49 49.79
N ASP A 584 -67.53 10.50 49.60
CA ASP A 584 -68.80 10.33 48.88
C ASP A 584 -68.73 10.87 47.46
N THR A 585 -67.59 10.69 46.80
CA THR A 585 -67.46 11.12 45.41
C THR A 585 -68.26 10.20 44.50
N THR A 586 -68.52 10.69 43.28
CA THR A 586 -69.27 9.92 42.28
C THR A 586 -68.31 9.06 41.46
N PHE A 587 -67.64 8.15 42.18
CA PHE A 587 -66.69 7.23 41.59
C PHE A 587 -67.08 5.80 41.98
N LEU A 588 -66.20 4.85 41.66
CA LEU A 588 -66.46 3.43 41.90
C LEU A 588 -65.47 2.89 42.91
N GLY A 589 -65.95 1.95 43.73
CA GLY A 589 -65.10 1.35 44.74
C GLY A 589 -64.00 0.50 44.14
N GLY A 590 -62.94 0.32 44.92
CA GLY A 590 -61.78 -0.44 44.47
C GLY A 590 -60.82 0.42 43.67
N SER A 591 -61.30 0.97 42.55
CA SER A 591 -60.48 1.84 41.71
C SER A 591 -60.69 3.30 42.11
N ASN A 592 -60.50 3.57 43.39
CA ASN A 592 -60.61 4.92 43.93
C ASN A 592 -59.51 5.18 44.94
N ILE A 593 -58.28 4.77 44.62
CA ILE A 593 -57.14 4.93 45.50
C ILE A 593 -56.31 6.11 45.01
N VAL A 594 -56.01 7.03 45.93
CA VAL A 594 -55.22 8.21 45.59
C VAL A 594 -53.91 8.17 46.37
N PRO A 595 -52.79 8.60 45.77
CA PRO A 595 -51.49 8.54 46.46
C PRO A 595 -51.24 9.76 47.36
N ALA A 596 -52.09 9.91 48.37
CA ALA A 596 -51.89 10.87 49.45
C ALA A 596 -51.82 12.32 48.98
N ASP A 597 -50.66 12.95 49.16
CA ASP A 597 -50.53 14.40 49.05
C ASP A 597 -50.84 14.92 47.64
N VAL A 598 -49.99 14.57 46.68
CA VAL A 598 -50.11 14.94 45.26
C VAL A 598 -50.77 16.30 45.05
N LYS A 599 -50.10 17.37 45.49
CA LYS A 599 -50.70 18.69 45.40
C LYS A 599 -50.79 19.23 43.97
N TYR A 600 -50.29 18.50 42.97
CA TYR A 600 -50.19 19.06 41.63
C TYR A 600 -50.63 18.04 40.58
N VAL A 601 -51.34 18.53 39.57
CA VAL A 601 -51.98 17.67 38.58
C VAL A 601 -51.55 18.14 37.19
N MET A 602 -51.11 17.18 36.38
CA MET A 602 -50.83 17.37 34.96
C MET A 602 -51.91 16.70 34.14
N THR A 603 -52.38 17.38 33.09
CA THR A 603 -53.47 16.86 32.28
C THR A 603 -52.96 16.08 31.07
N LEU A 604 -52.06 16.68 30.29
CA LEU A 604 -51.53 16.05 29.07
C LEU A 604 -52.72 15.76 28.15
N ASP A 605 -52.62 14.73 27.31
CA ASP A 605 -53.71 14.35 26.43
C ASP A 605 -53.44 12.93 25.93
N ALA A 606 -54.37 12.41 25.13
CA ALA A 606 -54.24 11.04 24.65
C ALA A 606 -53.12 10.92 23.60
N ASP A 607 -53.25 11.66 22.50
CA ASP A 607 -52.29 11.53 21.41
C ASP A 607 -51.01 12.33 21.63
N THR A 608 -51.01 13.26 22.58
CA THR A 608 -49.82 14.06 22.83
C THR A 608 -48.74 13.21 23.49
N ARG A 609 -47.49 13.45 23.09
CA ARG A 609 -46.35 12.72 23.61
C ARG A 609 -45.51 13.65 24.47
N LEU A 610 -45.14 13.19 25.66
CA LEU A 610 -44.43 14.03 26.62
C LEU A 610 -42.94 14.02 26.34
N MET A 611 -42.37 15.20 26.16
CA MET A 611 -40.94 15.32 25.91
C MET A 611 -40.14 14.87 27.13
N ARG A 612 -38.92 14.40 26.88
CA ARG A 612 -38.06 13.92 27.95
C ARG A 612 -37.73 15.05 28.92
N ASP A 613 -37.84 14.75 30.21
CA ASP A 613 -37.50 15.69 31.28
C ASP A 613 -38.24 17.02 31.11
N ALA A 614 -39.52 16.92 30.73
CA ALA A 614 -40.32 18.12 30.48
C ALA A 614 -41.05 18.58 31.73
N VAL A 615 -41.92 17.72 32.29
CA VAL A 615 -42.68 18.12 33.47
C VAL A 615 -41.77 18.40 34.65
N THR A 616 -40.60 17.74 34.69
CA THR A 616 -39.63 18.02 35.75
C THR A 616 -39.20 19.47 35.71
N LYS A 617 -38.95 20.02 34.51
CA LYS A 617 -38.65 21.43 34.38
C LYS A 617 -39.86 22.29 34.75
N LEU A 618 -41.06 21.85 34.41
CA LEU A 618 -42.27 22.57 34.79
C LEU A 618 -42.46 22.56 36.30
N VAL A 619 -42.15 21.45 36.96
CA VAL A 619 -42.35 21.35 38.40
C VAL A 619 -41.48 22.36 39.13
N GLY A 620 -40.22 22.50 38.72
CA GLY A 620 -39.35 23.47 39.37
C GLY A 620 -39.81 24.91 39.17
N LYS A 621 -40.22 25.24 37.94
CA LYS A 621 -40.70 26.59 37.66
C LYS A 621 -41.95 26.90 38.48
N MET A 622 -42.86 25.93 38.57
CA MET A 622 -44.05 26.09 39.41
C MET A 622 -43.68 26.25 40.88
N HIS A 623 -42.75 25.44 41.36
CA HIS A 623 -42.42 25.44 42.79
C HIS A 623 -41.58 26.63 43.19
N HIS A 624 -40.97 27.33 42.25
CA HIS A 624 -40.20 28.52 42.60
C HIS A 624 -41.10 29.54 43.29
N PRO A 625 -40.61 30.18 44.36
CA PRO A 625 -41.47 31.10 45.11
C PRO A 625 -41.99 32.27 44.29
N ILE A 626 -41.25 32.73 43.29
CA ILE A 626 -41.70 33.86 42.47
C ILE A 626 -42.95 33.47 41.69
N ASN A 627 -43.02 32.22 41.23
CA ASN A 627 -44.12 31.75 40.41
C ASN A 627 -45.17 30.97 41.21
N ARG A 628 -45.38 31.35 42.47
CA ARG A 628 -46.35 30.69 43.33
C ARG A 628 -47.54 31.59 43.55
N PRO A 629 -48.76 31.16 43.23
CA PRO A 629 -49.93 32.01 43.45
C PRO A 629 -50.16 32.27 44.93
N LYS A 630 -50.71 33.44 45.23
CA LYS A 630 -50.93 33.85 46.61
C LYS A 630 -52.40 33.95 47.00
N ILE A 631 -53.32 33.82 46.04
CA ILE A 631 -54.76 33.84 46.29
C ILE A 631 -55.18 35.19 46.85
N ASP A 632 -55.73 36.05 45.99
CA ASP A 632 -56.22 37.34 46.45
C ASP A 632 -57.43 37.13 47.36
N PRO A 633 -57.42 37.69 48.58
CA PRO A 633 -58.55 37.44 49.49
C PRO A 633 -59.85 38.06 49.04
N VAL A 634 -59.81 39.22 48.38
CA VAL A 634 -61.04 39.90 47.99
C VAL A 634 -61.77 39.12 46.90
N SER A 635 -61.02 38.52 45.97
CA SER A 635 -61.62 37.76 44.88
C SER A 635 -60.63 36.72 44.40
N GLY A 636 -61.15 35.56 44.00
CA GLY A 636 -60.30 34.48 43.53
C GLY A 636 -59.71 34.75 42.15
N ARG A 637 -58.82 35.73 42.07
CA ARG A 637 -58.20 36.12 40.81
C ARG A 637 -56.69 35.96 40.80
N VAL A 638 -56.03 36.08 41.96
CA VAL A 638 -54.57 35.98 42.08
C VAL A 638 -53.92 37.07 41.25
N VAL A 639 -53.62 38.20 41.88
CA VAL A 639 -53.07 39.35 41.15
C VAL A 639 -51.70 39.00 40.58
N GLU A 640 -50.82 38.42 41.40
CA GLU A 640 -49.49 38.04 40.96
C GLU A 640 -49.22 36.58 41.30
N GLY A 641 -48.40 35.94 40.48
CA GLY A 641 -48.18 34.52 40.53
C GLY A 641 -48.79 33.83 39.33
N TYR A 642 -48.65 32.51 39.30
CA TYR A 642 -49.15 31.70 38.19
C TYR A 642 -49.70 30.39 38.74
N GLY A 643 -50.99 30.14 38.49
CA GLY A 643 -51.61 28.90 38.91
C GLY A 643 -51.81 27.93 37.77
N LEU A 644 -51.65 28.41 36.54
CA LEU A 644 -51.79 27.60 35.34
C LEU A 644 -50.58 27.81 34.45
N LEU A 645 -49.97 26.72 34.00
CA LEU A 645 -48.85 26.75 33.09
C LEU A 645 -49.22 26.02 31.80
N GLN A 646 -48.84 26.59 30.67
CA GLN A 646 -49.18 26.00 29.39
C GLN A 646 -47.95 26.01 28.46
N PRO A 647 -47.33 24.87 28.23
CA PRO A 647 -46.19 24.82 27.32
C PRO A 647 -46.65 24.87 25.87
N ARG A 648 -45.79 25.42 25.02
CA ARG A 648 -46.13 25.56 23.61
C ARG A 648 -46.18 24.18 22.94
N VAL A 649 -47.07 24.05 21.97
CA VAL A 649 -47.31 22.80 21.27
C VAL A 649 -47.05 23.02 19.79
N THR A 650 -46.18 22.19 19.21
CA THR A 650 -45.90 22.23 17.79
C THR A 650 -46.23 20.88 17.15
N PRO A 651 -46.87 20.88 15.98
CA PRO A 651 -47.25 19.61 15.36
C PRO A 651 -46.04 18.80 14.92
N SER A 652 -46.18 17.48 14.99
CA SER A 652 -45.14 16.61 14.50
C SER A 652 -45.11 16.62 12.98
N LEU A 653 -44.02 16.10 12.42
CA LEU A 653 -43.84 16.10 10.97
C LEU A 653 -44.94 15.28 10.30
N THR A 654 -45.00 13.99 10.60
CA THR A 654 -46.01 13.10 10.05
C THR A 654 -46.71 12.37 11.18
N THR A 655 -47.66 11.51 10.82
CA THR A 655 -48.41 10.70 11.77
C THR A 655 -48.21 9.21 11.49
N GLY A 656 -46.97 8.82 11.21
CA GLY A 656 -46.66 7.45 10.89
C GLY A 656 -46.89 7.15 9.41
N LYS A 657 -47.76 6.19 9.12
CA LYS A 657 -48.09 5.86 7.75
C LYS A 657 -49.10 6.83 7.13
N ASP A 658 -49.77 7.63 7.95
CA ASP A 658 -50.75 8.59 7.46
C ASP A 658 -50.07 9.94 7.30
N ALA A 659 -49.60 10.22 6.08
CA ALA A 659 -48.92 11.48 5.77
C ALA A 659 -49.38 11.91 4.38
N SER A 660 -50.41 12.75 4.34
CA SER A 660 -50.97 13.26 3.10
C SER A 660 -50.45 14.66 2.82
N VAL A 661 -50.70 15.14 1.60
CA VAL A 661 -50.32 16.49 1.23
C VAL A 661 -51.11 17.52 2.04
N PHE A 662 -52.27 17.15 2.56
CA PHE A 662 -53.01 18.05 3.45
C PHE A 662 -52.22 18.39 4.70
N GLN A 663 -51.37 17.46 5.16
CA GLN A 663 -50.53 17.73 6.31
C GLN A 663 -49.52 18.83 6.02
N ARG A 664 -48.97 18.85 4.81
CA ARG A 664 -47.93 19.79 4.43
C ARG A 664 -48.48 21.09 3.86
N VAL A 665 -49.72 21.46 4.21
CA VAL A 665 -50.35 22.66 3.71
C VAL A 665 -50.75 23.59 4.84
N PHE A 666 -51.46 23.07 5.85
CA PHE A 666 -51.97 23.89 6.95
C PHE A 666 -51.03 23.91 8.15
N SER A 667 -49.81 23.38 8.01
CA SER A 667 -48.85 23.41 9.12
C SER A 667 -47.46 23.32 8.51
N ILE A 668 -46.72 24.43 8.58
CA ILE A 668 -45.37 24.48 8.02
C ILE A 668 -44.32 24.20 9.09
N ASN A 669 -44.37 24.93 10.20
CA ASN A 669 -43.41 24.76 11.29
C ASN A 669 -43.75 23.46 12.02
N ARG A 670 -43.03 22.39 11.68
CA ARG A 670 -43.30 21.07 12.23
C ARG A 670 -42.02 20.51 12.83
N GLY A 671 -42.10 20.03 14.07
CA GLY A 671 -40.95 19.47 14.76
C GLY A 671 -40.41 20.42 15.81
N ILE A 672 -39.24 20.06 16.32
CA ILE A 672 -38.56 20.80 17.37
C ILE A 672 -37.27 21.39 16.82
N ASP A 673 -37.01 22.65 17.18
CA ASP A 673 -35.79 23.33 16.74
C ASP A 673 -34.88 23.54 17.94
N PRO A 674 -33.77 22.81 18.04
CA PRO A 674 -32.88 22.97 19.22
C PRO A 674 -32.27 24.35 19.32
N TYR A 675 -32.08 25.06 18.20
CA TYR A 675 -31.43 26.37 18.25
C TYR A 675 -32.28 27.38 19.02
N VAL A 676 -33.59 27.37 18.79
CA VAL A 676 -34.48 28.30 19.47
C VAL A 676 -34.84 27.74 20.84
N PHE A 677 -34.96 28.64 21.83
CA PHE A 677 -35.35 28.26 23.17
C PHE A 677 -36.64 28.95 23.61
N THR A 678 -36.76 30.26 23.38
CA THR A 678 -37.94 31.03 23.75
C THR A 678 -38.56 31.63 22.50
N VAL A 679 -39.87 31.46 22.35
CA VAL A 679 -40.62 32.04 21.25
C VAL A 679 -41.36 33.26 21.77
N SER A 680 -41.18 34.39 21.10
CA SER A 680 -41.77 35.65 21.54
C SER A 680 -43.29 35.58 21.40
N ASP A 681 -43.99 35.71 22.53
CA ASP A 681 -45.45 35.69 22.56
C ASP A 681 -45.95 37.10 22.84
N VAL A 682 -46.88 37.57 22.00
CA VAL A 682 -47.44 38.91 22.17
C VAL A 682 -48.21 39.01 23.48
N TYR A 683 -48.99 37.99 23.81
CA TYR A 683 -49.85 38.05 24.99
C TYR A 683 -49.07 37.92 26.28
N GLN A 684 -47.85 37.37 26.25
CA GLN A 684 -47.04 37.23 27.45
C GLN A 684 -45.96 38.29 27.57
N ASP A 685 -45.28 38.61 26.48
CA ASP A 685 -44.22 39.62 26.53
C ASP A 685 -44.76 41.02 26.78
N LEU A 686 -46.07 41.23 26.61
CA LEU A 686 -46.67 42.55 26.78
C LEU A 686 -47.73 42.60 27.87
N THR A 687 -48.40 41.50 28.18
CA THR A 687 -49.41 41.47 29.23
C THR A 687 -49.17 40.40 30.29
N SER A 688 -48.31 39.42 30.04
CA SER A 688 -47.97 38.38 31.01
C SER A 688 -49.17 37.50 31.36
N GLU A 689 -50.03 37.26 30.38
CA GLU A 689 -51.10 36.27 30.52
C GLU A 689 -51.17 35.44 29.25
N GLY A 690 -51.66 34.22 29.39
CA GLY A 690 -51.78 33.29 28.28
C GLY A 690 -53.16 32.64 28.24
N THR A 691 -53.34 31.83 27.19
CA THR A 691 -54.59 31.10 26.97
C THR A 691 -54.35 29.63 27.29
N PHE A 692 -55.20 29.06 28.13
CA PHE A 692 -55.08 27.66 28.54
C PHE A 692 -55.93 26.80 27.61
N THR A 693 -55.29 25.87 26.91
CA THR A 693 -55.97 24.96 26.01
C THR A 693 -56.32 23.63 26.66
N GLY A 694 -56.04 23.46 27.95
CA GLY A 694 -56.34 22.23 28.64
C GLY A 694 -55.19 21.26 28.76
N LYS A 695 -53.97 21.66 28.42
CA LYS A 695 -52.78 20.81 28.52
C LYS A 695 -51.73 21.53 29.35
N GLY A 696 -51.77 21.34 30.65
CA GLY A 696 -50.81 21.96 31.54
C GLY A 696 -51.00 21.50 32.97
N LEU A 697 -49.96 21.71 33.76
CA LEU A 697 -49.98 21.36 35.16
C LEU A 697 -50.54 22.51 35.99
N TYR A 698 -51.09 22.17 37.16
CA TYR A 698 -51.68 23.17 38.03
C TYR A 698 -51.71 22.64 39.45
N ASP A 699 -51.97 23.55 40.39
CA ASP A 699 -52.03 23.21 41.80
C ASP A 699 -53.41 22.66 42.13
N VAL A 700 -53.70 22.48 43.42
CA VAL A 700 -54.99 21.97 43.89
C VAL A 700 -55.76 23.03 44.66
N ASP A 701 -55.12 23.69 45.62
CA ASP A 701 -55.83 24.58 46.53
C ASP A 701 -56.36 25.81 45.80
N ALA A 702 -55.45 26.62 45.25
CA ALA A 702 -55.86 27.86 44.59
C ALA A 702 -56.73 27.58 43.36
N PHE A 703 -56.34 26.58 42.56
CA PHE A 703 -57.11 26.24 41.38
C PHE A 703 -58.52 25.80 41.76
N GLU A 704 -58.64 24.92 42.77
CA GLU A 704 -59.94 24.45 43.20
C GLU A 704 -60.80 25.59 43.73
N ALA A 705 -60.21 26.48 44.52
CA ALA A 705 -60.97 27.61 45.06
C ALA A 705 -61.48 28.50 43.94
N ALA A 706 -60.58 28.92 43.04
CA ALA A 706 -60.96 29.82 41.96
C ALA A 706 -61.91 29.18 40.96
N LEU A 707 -61.90 27.85 40.84
CA LEU A 707 -62.78 27.17 39.90
C LEU A 707 -64.13 26.83 40.51
N LYS A 708 -64.19 26.62 41.83
CA LYS A 708 -65.44 26.30 42.51
C LYS A 708 -66.23 27.56 42.88
N GLY A 709 -65.54 28.65 43.21
CA GLY A 709 -66.25 29.81 43.69
C GLY A 709 -66.93 30.66 42.64
N ARG A 710 -66.79 30.33 41.35
CA ARG A 710 -67.29 31.23 40.32
C ARG A 710 -68.15 30.53 39.26
N ILE A 711 -67.92 29.23 39.05
CA ILE A 711 -68.62 28.48 38.01
C ILE A 711 -69.85 27.82 38.62
N GLU A 712 -71.02 28.11 38.07
CA GLU A 712 -72.27 27.50 38.52
C GLU A 712 -72.65 26.28 37.70
N GLU A 713 -72.95 26.47 36.43
CA GLU A 713 -73.27 25.37 35.50
C GLU A 713 -72.87 25.79 34.09
N ASN A 714 -73.30 25.01 33.11
CA ASN A 714 -73.19 25.35 31.69
C ASN A 714 -71.74 25.61 31.28
N SER A 715 -70.94 24.55 31.38
CA SER A 715 -69.55 24.58 30.95
C SER A 715 -69.33 23.56 29.84
N ILE A 716 -68.68 24.00 28.76
CA ILE A 716 -68.37 23.14 27.62
C ILE A 716 -66.90 23.30 27.27
N LEU A 717 -66.49 22.69 26.15
CA LEU A 717 -65.07 22.58 25.81
C LEU A 717 -64.31 23.91 25.92
N SER A 718 -65.01 25.04 25.75
CA SER A 718 -64.36 26.34 25.89
C SER A 718 -64.01 26.68 27.34
N HIS A 719 -64.53 25.92 28.31
CA HIS A 719 -64.32 26.26 29.71
C HIS A 719 -62.84 26.34 30.07
N ASP A 720 -61.99 25.61 29.35
CA ASP A 720 -60.55 25.69 29.59
C ASP A 720 -60.06 27.13 29.48
N LEU A 721 -60.46 27.82 28.41
CA LEU A 721 -60.11 29.24 28.31
C LEU A 721 -60.75 30.03 29.45
N LEU A 722 -61.99 29.69 29.81
CA LEU A 722 -62.62 30.31 30.97
C LEU A 722 -61.81 30.08 32.23
N GLU A 723 -61.13 28.92 32.32
CA GLU A 723 -60.25 28.67 33.45
C GLU A 723 -59.13 29.71 33.50
N GLY A 724 -58.58 30.05 32.33
CA GLY A 724 -57.58 31.11 32.29
C GLY A 724 -58.14 32.45 32.72
N SER A 725 -59.46 32.63 32.59
CA SER A 725 -60.08 33.85 33.09
C SER A 725 -60.19 33.88 34.60
N PHE A 726 -60.06 32.74 35.28
CA PHE A 726 -60.14 32.68 36.72
C PHE A 726 -58.81 32.33 37.36
N ALA A 727 -57.72 32.37 36.60
CA ALA A 727 -56.38 32.17 37.11
C ALA A 727 -55.43 33.00 36.26
N ARG A 728 -54.13 32.73 36.39
CA ARG A 728 -53.10 33.40 35.60
C ARG A 728 -52.37 32.34 34.81
N CYS A 729 -52.85 32.07 33.60
CA CYS A 729 -52.21 31.10 32.72
C CYS A 729 -50.98 31.72 32.07
N ALA A 730 -49.84 31.07 32.23
CA ALA A 730 -48.57 31.53 31.68
C ALA A 730 -48.09 30.57 30.60
N LEU A 731 -47.80 31.11 29.43
CA LEU A 731 -47.26 30.31 28.33
C LEU A 731 -45.76 30.16 28.52
N VAL A 732 -45.32 28.92 28.77
CA VAL A 732 -43.90 28.69 29.03
C VAL A 732 -43.06 29.02 27.81
N THR A 733 -43.49 28.56 26.64
CA THR A 733 -42.77 28.77 25.37
C THR A 733 -41.33 28.27 25.47
N ASP A 734 -41.10 27.28 26.32
CA ASP A 734 -39.77 26.69 26.51
C ASP A 734 -39.77 25.17 26.50
N VAL A 735 -40.92 24.52 26.67
CA VAL A 735 -41.02 23.07 26.68
C VAL A 735 -41.96 22.64 25.57
N GLU A 736 -41.51 21.72 24.73
CA GLU A 736 -42.27 21.28 23.57
C GLU A 736 -43.15 20.09 23.93
N LEU A 737 -44.39 20.14 23.44
CA LEU A 737 -45.32 19.01 23.55
C LEU A 737 -45.81 18.71 22.13
N VAL A 738 -45.24 17.67 21.52
CA VAL A 738 -45.61 17.32 20.16
C VAL A 738 -47.04 16.77 20.14
N GLU A 739 -47.74 17.04 19.05
CA GLU A 739 -49.11 16.58 18.89
C GLU A 739 -49.36 16.28 17.42
N ASP A 740 -49.95 15.11 17.15
CA ASP A 740 -50.22 14.70 15.78
C ASP A 740 -51.33 15.55 15.17
N PHE A 741 -51.27 15.71 13.85
CA PHE A 741 -52.25 16.49 13.10
C PHE A 741 -53.10 15.56 12.25
N PRO A 742 -54.42 15.60 12.41
CA PRO A 742 -55.27 14.69 11.61
C PRO A 742 -55.14 14.96 10.12
N THR A 743 -55.17 13.89 9.34
CA THR A 743 -54.97 13.99 7.90
C THR A 743 -56.28 14.19 7.13
N ARG A 744 -57.34 13.50 7.55
CA ARG A 744 -58.61 13.60 6.84
C ARG A 744 -59.22 15.00 7.00
N TYR A 745 -59.74 15.53 5.91
CA TYR A 745 -60.36 16.85 5.93
C TYR A 745 -61.59 16.88 6.82
N GLU A 746 -62.31 15.77 6.91
CA GLU A 746 -63.51 15.72 7.75
C GLU A 746 -63.16 15.92 9.22
N VAL A 747 -62.05 15.33 9.67
CA VAL A 747 -61.65 15.48 11.06
C VAL A 747 -61.34 16.93 11.38
N GLU A 748 -60.66 17.62 10.46
CA GLU A 748 -60.36 19.03 10.66
C GLU A 748 -61.64 19.86 10.74
N VAL A 749 -62.62 19.55 9.89
CA VAL A 749 -63.89 20.26 9.91
C VAL A 749 -64.59 20.03 11.25
N SER A 750 -64.58 18.78 11.72
CA SER A 750 -65.22 18.47 13.00
C SER A 750 -64.53 19.21 14.15
N ARG A 751 -63.19 19.25 14.15
CA ARG A 751 -62.47 19.94 15.20
C ARG A 751 -62.75 21.44 15.16
N GLN A 752 -62.79 22.02 13.96
CA GLN A 752 -63.11 23.44 13.84
C GLN A 752 -64.52 23.72 14.33
N HIS A 753 -65.48 22.84 14.01
CA HIS A 753 -66.84 23.01 14.48
C HIS A 753 -66.90 22.93 16.01
N ARG A 754 -66.18 21.98 16.60
CA ARG A 754 -66.17 21.86 18.05
C ARG A 754 -65.57 23.10 18.71
N TRP A 755 -64.48 23.62 18.14
CA TRP A 755 -63.85 24.81 18.68
C TRP A 755 -64.77 26.02 18.56
N ALA A 756 -65.45 26.17 17.41
CA ALA A 756 -66.32 27.32 17.21
C ALA A 756 -67.60 27.22 18.02
N ARG A 757 -68.04 26.00 18.37
CA ARG A 757 -69.28 25.85 19.13
C ARG A 757 -69.17 26.52 20.49
N GLY A 758 -68.04 26.33 21.17
CA GLY A 758 -67.88 26.83 22.52
C GLY A 758 -67.60 28.31 22.65
N ASP A 759 -67.31 28.99 21.53
CA ASP A 759 -66.88 30.38 21.57
C ASP A 759 -68.04 31.37 21.55
N TRP A 760 -69.28 30.89 21.45
CA TRP A 760 -70.42 31.77 21.29
C TRP A 760 -71.37 31.77 22.48
N GLN A 761 -71.17 30.89 23.46
CA GLN A 761 -71.95 30.92 24.68
C GLN A 761 -71.38 31.86 25.72
N LEU A 762 -70.24 32.48 25.44
CA LEU A 762 -69.59 33.40 26.36
C LEU A 762 -70.05 34.84 26.17
N LEU A 763 -71.00 35.08 25.27
CA LEU A 763 -71.53 36.43 25.09
C LEU A 763 -72.11 37.02 26.38
N PRO A 764 -72.86 36.28 27.21
CA PRO A 764 -73.22 36.83 28.52
C PRO A 764 -72.00 37.13 29.38
N PHE A 765 -70.92 36.36 29.24
CA PHE A 765 -69.70 36.62 30.01
C PHE A 765 -68.98 37.87 29.55
N ILE A 766 -69.35 38.43 28.40
CA ILE A 766 -68.70 39.61 27.85
C ILE A 766 -69.59 40.85 28.00
N ILE A 767 -70.84 40.76 27.53
CA ILE A 767 -71.72 41.92 27.55
C ILE A 767 -72.13 42.31 28.96
N ASP A 768 -71.98 41.41 29.93
CA ASP A 768 -72.34 41.69 31.33
C ASP A 768 -71.06 41.96 32.12
N ARG A 769 -71.03 43.12 32.78
CA ARG A 769 -69.90 43.46 33.63
C ARG A 769 -69.89 42.69 34.95
N ALA A 770 -70.95 41.93 35.24
CA ALA A 770 -71.04 41.16 36.47
C ALA A 770 -70.19 39.89 36.34
N ARG A 771 -70.38 38.97 37.28
CA ARG A 771 -69.60 37.73 37.36
C ARG A 771 -68.13 38.13 37.57
N GLY A 772 -67.19 37.49 36.87
CA GLY A 772 -65.78 37.84 37.01
C GLY A 772 -65.03 37.38 35.77
N VAL A 773 -64.27 38.28 35.17
CA VAL A 773 -63.46 37.94 34.01
C VAL A 773 -62.31 38.94 33.90
N THR A 774 -61.19 38.47 33.36
CA THR A 774 -60.05 39.33 33.16
C THR A 774 -60.33 40.37 32.08
N ALA A 775 -59.67 41.52 32.18
CA ALA A 775 -59.84 42.56 31.18
C ALA A 775 -59.37 42.10 29.81
N ILE A 776 -58.23 41.40 29.76
CA ILE A 776 -57.74 40.88 28.49
C ILE A 776 -58.54 39.66 28.03
N GLY A 777 -59.25 38.98 28.94
CA GLY A 777 -60.03 37.81 28.54
C GLY A 777 -61.13 38.19 27.57
N ARG A 778 -61.78 39.32 27.80
CA ARG A 778 -62.80 39.79 26.87
C ARG A 778 -62.20 40.01 25.48
N TRP A 779 -60.98 40.54 25.43
CA TRP A 779 -60.29 40.68 24.15
C TRP A 779 -59.99 39.30 23.54
N LYS A 780 -59.70 38.31 24.38
CA LYS A 780 -59.47 36.96 23.86
C LYS A 780 -60.72 36.41 23.20
N MET A 781 -61.87 36.54 23.87
CA MET A 781 -63.12 36.10 23.24
C MET A 781 -63.44 36.90 21.99
N VAL A 782 -63.15 38.21 21.99
CA VAL A 782 -63.39 39.01 20.79
C VAL A 782 -62.53 38.51 19.63
N ASP A 783 -61.26 38.19 19.90
CA ASP A 783 -60.38 37.66 18.87
C ASP A 783 -60.88 36.33 18.36
N ASN A 784 -61.34 35.45 19.26
CA ASN A 784 -61.90 34.18 18.82
C ASN A 784 -63.13 34.40 17.94
N LEU A 785 -64.00 35.35 18.32
CA LEU A 785 -65.19 35.61 17.55
C LEU A 785 -64.86 36.10 16.14
N ARG A 786 -63.91 37.04 16.03
CA ARG A 786 -63.56 37.53 14.70
C ARG A 786 -62.87 36.46 13.87
N ARG A 787 -62.01 35.65 14.50
CA ARG A 787 -61.36 34.56 13.77
C ARG A 787 -62.38 33.54 13.28
N SER A 788 -63.48 33.36 14.02
CA SER A 788 -64.53 32.47 13.54
C SER A 788 -65.39 33.12 12.46
N LEU A 789 -65.60 34.43 12.54
CA LEU A 789 -66.50 35.13 11.63
C LEU A 789 -65.85 35.58 10.34
N THR A 790 -64.52 35.50 10.23
CA THR A 790 -63.85 35.93 9.00
C THR A 790 -64.38 35.27 7.73
N PRO A 791 -64.61 33.94 7.65
CA PRO A 791 -65.08 33.39 6.38
C PRO A 791 -66.46 33.89 5.97
N ILE A 792 -67.38 34.02 6.92
CA ILE A 792 -68.72 34.50 6.60
C ILE A 792 -68.66 35.94 6.09
N ALA A 793 -67.86 36.78 6.77
CA ALA A 793 -67.71 38.16 6.33
C ALA A 793 -67.10 38.23 4.93
N TRP A 794 -66.09 37.41 4.67
CA TRP A 794 -65.48 37.37 3.34
C TRP A 794 -66.51 36.99 2.28
N PHE A 795 -67.28 35.94 2.55
CA PHE A 795 -68.28 35.48 1.58
C PHE A 795 -69.32 36.56 1.31
N PHE A 796 -69.87 37.16 2.38
CA PHE A 796 -70.89 38.19 2.21
C PHE A 796 -70.34 39.39 1.47
N ALA A 797 -69.14 39.85 1.85
CA ALA A 797 -68.55 41.00 1.19
C ALA A 797 -68.35 40.75 -0.29
N SER A 798 -67.82 39.58 -0.64
CA SER A 798 -67.57 39.26 -2.04
C SER A 798 -68.87 39.19 -2.83
N ILE A 799 -69.87 38.46 -2.32
CA ILE A 799 -71.10 38.29 -3.08
C ILE A 799 -71.82 39.63 -3.23
N LEU A 800 -71.86 40.45 -2.18
CA LEU A 800 -72.50 41.75 -2.34
C LEU A 800 -71.69 42.66 -3.26
N GLY A 801 -70.37 42.50 -3.27
CA GLY A 801 -69.53 43.31 -4.14
C GLY A 801 -69.79 43.04 -5.61
N TRP A 802 -69.92 41.77 -6.01
CA TRP A 802 -70.33 41.52 -7.38
C TRP A 802 -71.85 41.50 -7.55
N TYR A 803 -72.61 41.80 -6.51
CA TYR A 803 -74.04 41.91 -6.76
C TYR A 803 -74.49 43.34 -6.99
N PHE A 804 -73.95 44.33 -6.29
CA PHE A 804 -74.42 45.69 -6.47
C PHE A 804 -74.11 46.24 -7.86
N MET A 805 -72.83 46.51 -8.14
CA MET A 805 -72.49 47.12 -9.42
C MET A 805 -71.57 46.26 -10.27
N ASP A 806 -70.40 45.87 -9.76
CA ASP A 806 -69.40 45.04 -10.43
C ASP A 806 -69.27 45.31 -11.92
N PRO A 807 -69.28 46.58 -12.38
CA PRO A 807 -69.30 46.80 -13.84
C PRO A 807 -67.99 46.41 -14.51
N LEU A 808 -66.93 47.16 -14.23
CA LEU A 808 -65.57 46.78 -14.60
C LEU A 808 -64.64 46.85 -13.40
N GLY A 809 -64.66 48.00 -12.71
CA GLY A 809 -63.66 48.32 -11.71
C GLY A 809 -63.65 47.39 -10.52
N ALA A 810 -64.80 46.84 -10.14
CA ALA A 810 -64.84 45.90 -9.03
C ALA A 810 -63.99 44.68 -9.30
N LEU A 811 -63.64 44.41 -10.57
CA LEU A 811 -62.67 43.38 -10.87
C LEU A 811 -61.38 43.59 -10.09
N ILE A 812 -60.85 44.82 -10.15
CA ILE A 812 -59.66 45.16 -9.37
C ILE A 812 -59.92 44.88 -7.88
N TRP A 813 -61.15 45.13 -7.45
CA TRP A 813 -61.53 44.81 -6.08
C TRP A 813 -61.30 43.34 -5.75
N GLN A 814 -61.75 42.43 -6.62
CA GLN A 814 -61.54 41.01 -6.32
C GLN A 814 -60.07 40.61 -6.39
N ILE A 815 -59.17 41.56 -6.66
CA ILE A 815 -57.74 41.28 -6.69
C ILE A 815 -57.13 41.75 -5.37
N LEU A 816 -57.77 42.71 -4.71
CA LEU A 816 -57.14 43.32 -3.54
C LEU A 816 -57.36 42.50 -2.28
N LEU A 817 -58.61 42.06 -2.04
CA LEU A 817 -58.88 41.35 -0.79
C LEU A 817 -58.20 39.99 -0.75
N ILE A 818 -58.10 39.33 -1.90
CA ILE A 818 -57.33 38.09 -1.98
C ILE A 818 -55.86 38.34 -1.68
N PHE A 819 -55.38 39.57 -1.92
CA PHE A 819 -54.03 39.92 -1.51
C PHE A 819 -53.92 40.02 0.01
N SER A 820 -55.00 40.45 0.68
CA SER A 820 -54.96 40.61 2.13
C SER A 820 -54.65 39.29 2.83
N LEU A 821 -55.27 38.20 2.38
CA LEU A 821 -54.93 36.89 2.93
C LEU A 821 -53.45 36.57 2.71
N PHE A 822 -52.93 36.94 1.54
CA PHE A 822 -51.51 36.73 1.27
C PHE A 822 -50.63 37.44 2.30
N VAL A 823 -51.14 38.51 2.88
CA VAL A 823 -50.37 39.24 3.89
C VAL A 823 -50.19 38.39 5.14
N ALA A 824 -51.20 37.60 5.49
CA ALA A 824 -51.22 36.97 6.83
C ALA A 824 -50.04 36.05 7.09
N PRO A 825 -49.71 35.06 6.23
CA PRO A 825 -48.58 34.19 6.57
C PRO A 825 -47.23 34.74 6.14
N THR A 826 -47.20 35.48 5.03
CA THR A 826 -45.92 35.92 4.46
C THR A 826 -45.19 36.87 5.39
N LEU A 827 -45.93 37.65 6.18
CA LEU A 827 -45.27 38.53 7.14
C LEU A 827 -44.40 37.75 8.11
N SER A 828 -44.77 36.50 8.43
CA SER A 828 -43.92 35.68 9.27
C SER A 828 -42.57 35.44 8.61
N LEU A 829 -42.58 35.20 7.29
CA LEU A 829 -41.32 35.04 6.56
C LEU A 829 -40.50 36.32 6.57
N LEU A 830 -41.12 37.47 6.87
CA LEU A 830 -40.36 38.70 7.03
C LEU A 830 -39.37 38.60 8.17
N SER A 831 -39.61 37.72 9.15
CA SER A 831 -38.65 37.51 10.22
C SER A 831 -37.43 36.73 9.76
N GLY A 832 -37.51 36.07 8.61
CA GLY A 832 -36.43 35.25 8.12
C GLY A 832 -35.55 35.88 7.07
N LEU A 833 -35.84 37.10 6.64
CA LEU A 833 -35.05 37.76 5.60
C LEU A 833 -34.21 38.93 6.10
N VAL A 834 -34.61 39.57 7.19
CA VAL A 834 -33.85 40.68 7.75
C VAL A 834 -32.61 40.14 8.47
N PRO A 835 -31.40 40.54 8.05
CA PRO A 835 -30.18 40.08 8.72
C PRO A 835 -29.80 40.94 9.93
N ARG A 836 -30.77 41.23 10.78
CA ARG A 836 -30.58 42.06 11.96
C ARG A 836 -29.96 43.42 11.60
N SER A 837 -30.50 44.03 10.54
CA SER A 837 -30.01 45.31 10.02
C SER A 837 -28.54 45.23 9.62
N THR A 838 -28.22 44.18 8.86
CA THR A 838 -26.88 43.92 8.30
C THR A 838 -25.75 44.30 9.26
N ASP A 839 -25.84 43.76 10.48
CA ASP A 839 -24.79 44.00 11.47
C ASP A 839 -23.46 43.43 11.01
N ILE A 840 -23.47 42.22 10.45
CA ILE A 840 -22.26 41.53 10.02
C ILE A 840 -22.47 41.03 8.59
N VAL A 841 -21.47 40.34 8.07
CA VAL A 841 -21.50 39.78 6.71
C VAL A 841 -21.83 38.30 6.83
N PRO A 842 -23.01 37.86 6.39
CA PRO A 842 -23.34 36.44 6.49
C PRO A 842 -22.59 35.61 5.47
N GLN A 843 -22.50 34.31 5.77
CA GLN A 843 -21.88 33.34 4.88
C GLN A 843 -22.91 32.82 3.89
N ALA A 844 -22.60 31.72 3.21
CA ALA A 844 -23.52 31.13 2.24
C ALA A 844 -24.67 30.45 2.96
N HIS A 845 -25.71 31.21 3.29
CA HIS A 845 -26.85 30.71 4.05
C HIS A 845 -28.01 30.26 3.16
N PHE A 846 -27.85 30.32 1.84
CA PHE A 846 -28.88 29.93 0.88
C PHE A 846 -30.12 30.80 1.00
N PHE A 847 -31.10 30.57 0.12
CA PHE A 847 -32.40 31.24 0.22
C PHE A 847 -33.53 30.27 0.45
N THR A 848 -33.68 29.27 -0.42
CA THR A 848 -34.75 28.27 -0.32
C THR A 848 -36.12 28.93 -0.21
N ILE A 849 -36.27 30.09 -0.85
CA ILE A 849 -37.50 30.85 -0.73
C ILE A 849 -38.65 30.19 -1.47
N TRP A 850 -38.36 29.45 -2.53
CA TRP A 850 -39.41 28.85 -3.35
C TRP A 850 -40.23 27.83 -2.56
N SER A 851 -39.61 27.12 -1.62
CA SER A 851 -40.33 26.10 -0.86
C SER A 851 -41.48 26.71 -0.06
N GLU A 852 -41.18 27.75 0.74
CA GLU A 852 -42.24 28.39 1.51
C GLU A 852 -43.14 29.25 0.64
N ILE A 853 -42.64 29.76 -0.49
CA ILE A 853 -43.51 30.48 -1.42
C ILE A 853 -44.59 29.54 -1.95
N ARG A 854 -44.19 28.34 -2.38
CA ARG A 854 -45.16 27.35 -2.87
C ARG A 854 -46.06 26.86 -1.75
N ALA A 855 -45.53 26.70 -0.54
CA ALA A 855 -46.37 26.31 0.59
C ALA A 855 -47.44 27.36 0.87
N THR A 856 -47.06 28.64 0.86
CA THR A 856 -48.02 29.72 1.06
C THR A 856 -49.05 29.76 -0.05
N ASN A 857 -48.62 29.58 -1.30
CA ASN A 857 -49.55 29.57 -2.41
C ASN A 857 -50.56 28.43 -2.28
N ALA A 858 -50.09 27.25 -1.92
CA ALA A 858 -50.99 26.11 -1.73
C ALA A 858 -51.95 26.36 -0.58
N GLN A 859 -51.45 26.93 0.51
CA GLN A 859 -52.33 27.23 1.65
C GLN A 859 -53.41 28.23 1.26
N VAL A 860 -53.03 29.27 0.52
CA VAL A 860 -54.01 30.28 0.10
C VAL A 860 -55.03 29.66 -0.85
N ALA A 861 -54.57 28.80 -1.76
CA ALA A 861 -55.50 28.16 -2.68
C ALA A 861 -56.49 27.27 -1.94
N LEU A 862 -56.01 26.49 -0.96
CA LEU A 862 -56.90 25.64 -0.19
C LEU A 862 -57.89 26.47 0.61
N ARG A 863 -57.42 27.58 1.20
CA ARG A 863 -58.32 28.45 1.95
C ARG A 863 -59.39 29.03 1.05
N ILE A 864 -59.00 29.50 -0.15
CA ILE A 864 -59.98 30.15 -1.01
C ILE A 864 -60.97 29.13 -1.58
N VAL A 865 -60.53 27.89 -1.81
CA VAL A 865 -61.49 26.90 -2.29
C VAL A 865 -62.36 26.35 -1.17
N PHE A 866 -61.93 26.47 0.09
CA PHE A 866 -62.75 26.05 1.22
C PHE A 866 -63.45 27.21 1.91
N ILE A 867 -63.40 28.41 1.33
CA ILE A 867 -64.12 29.55 1.90
C ILE A 867 -65.59 29.23 2.07
N ALA A 868 -66.22 28.68 1.04
CA ALA A 868 -67.66 28.39 1.11
C ALA A 868 -67.96 27.34 2.17
N ASP A 869 -67.17 26.26 2.22
CA ASP A 869 -67.40 25.23 3.22
C ASP A 869 -67.21 25.77 4.63
N ALA A 870 -66.15 26.54 4.85
CA ALA A 870 -65.92 27.11 6.17
C ALA A 870 -67.03 28.07 6.56
N ALA A 871 -67.51 28.89 5.61
CA ALA A 871 -68.59 29.81 5.90
C ALA A 871 -69.86 29.06 6.29
N CYS A 872 -70.18 28.00 5.54
CA CYS A 872 -71.37 27.21 5.87
C CYS A 872 -71.23 26.57 7.25
N MET A 873 -70.07 26.00 7.54
CA MET A 873 -69.86 25.36 8.84
C MET A 873 -69.97 26.37 9.97
N MET A 874 -69.35 27.54 9.82
CA MET A 874 -69.44 28.56 10.85
C MET A 874 -70.86 29.07 11.03
N THR A 875 -71.59 29.24 9.93
CA THR A 875 -72.97 29.71 10.03
C THR A 875 -73.84 28.71 10.79
N ASP A 876 -73.76 27.44 10.41
CA ASP A 876 -74.57 26.45 11.12
C ASP A 876 -74.13 26.31 12.57
N ALA A 877 -72.82 26.42 12.82
CA ALA A 877 -72.32 26.32 14.20
C ALA A 877 -72.84 27.47 15.05
N ILE A 878 -72.81 28.69 14.54
CA ILE A 878 -73.27 29.83 15.33
C ILE A 878 -74.79 29.78 15.50
N VAL A 879 -75.51 29.31 14.47
CA VAL A 879 -76.95 29.17 14.60
C VAL A 879 -77.28 28.16 15.70
N ARG A 880 -76.59 27.02 15.71
CA ARG A 880 -76.81 26.04 16.76
C ARG A 880 -76.44 26.60 18.13
N SER A 881 -75.31 27.32 18.21
CA SER A 881 -74.84 27.84 19.49
C SER A 881 -75.73 28.95 20.03
N LEU A 882 -76.46 29.65 19.17
CA LEU A 882 -77.43 30.62 19.68
C LEU A 882 -78.77 29.96 20.00
N TYR A 883 -79.26 29.07 19.13
CA TYR A 883 -80.50 28.37 19.37
C TYR A 883 -80.43 27.50 20.62
N ARG A 884 -79.22 27.11 21.04
CA ARG A 884 -79.00 26.50 22.34
C ARG A 884 -78.53 27.58 23.30
N LEU A 885 -79.25 27.75 24.41
CA LEU A 885 -78.90 28.71 25.47
C LEU A 885 -78.97 30.16 25.01
N LEU A 886 -79.74 30.45 23.96
CA LEU A 886 -80.06 31.85 23.66
C LEU A 886 -81.53 32.08 23.35
N VAL A 887 -82.30 31.04 23.07
CA VAL A 887 -83.75 31.14 22.89
C VAL A 887 -84.50 30.35 23.96
N SER A 888 -83.81 29.98 25.04
CA SER A 888 -84.37 29.16 26.12
C SER A 888 -84.88 27.82 25.59
N HIS A 889 -83.98 27.11 24.91
CA HIS A 889 -84.28 25.80 24.37
C HIS A 889 -83.38 24.70 24.91
N LYS A 890 -82.08 24.98 25.04
CA LYS A 890 -81.11 24.01 25.55
C LYS A 890 -81.15 22.70 24.76
N GLN A 906 -63.95 8.71 6.52
CA GLN A 906 -63.73 7.69 5.49
C GLN A 906 -64.92 7.62 4.54
N GLY A 907 -64.63 7.40 3.27
CA GLY A 907 -65.67 7.30 2.25
C GLY A 907 -65.15 7.76 0.92
N SER A 908 -66.05 7.74 -0.07
CA SER A 908 -65.73 8.16 -1.42
C SER A 908 -66.12 9.62 -1.62
N ILE A 909 -65.98 10.09 -2.86
CA ILE A 909 -66.36 11.47 -3.17
C ILE A 909 -67.87 11.66 -3.01
N VAL A 910 -68.64 10.59 -3.22
CA VAL A 910 -70.09 10.67 -3.01
C VAL A 910 -70.39 10.93 -1.54
N ASP A 911 -69.60 10.34 -0.64
CA ASP A 911 -69.78 10.58 0.78
C ASP A 911 -69.59 12.05 1.11
N TYR A 912 -68.52 12.66 0.60
CA TYR A 912 -68.29 14.08 0.83
C TYR A 912 -69.40 14.92 0.23
N TYR A 913 -69.82 14.58 -1.00
CA TYR A 913 -70.91 15.32 -1.64
C TYR A 913 -72.15 15.32 -0.77
N ARG A 914 -72.59 14.13 -0.34
CA ARG A 914 -73.81 14.04 0.46
C ARG A 914 -73.63 14.68 1.83
N GLN A 915 -72.42 14.63 2.37
CA GLN A 915 -72.19 15.22 3.69
C GLN A 915 -72.26 16.74 3.65
N MET A 916 -71.73 17.36 2.59
CA MET A 916 -71.71 18.82 2.57
C MET A 916 -72.94 19.39 1.85
N TRP A 917 -73.12 19.08 0.56
CA TRP A 917 -74.31 19.46 -0.21
C TRP A 917 -74.69 20.93 -0.06
N HIS A 918 -73.76 21.77 0.37
CA HIS A 918 -74.06 23.16 0.70
C HIS A 918 -73.36 24.17 -0.19
N ALA A 919 -72.04 24.06 -0.34
CA ALA A 919 -71.30 25.07 -1.11
C ALA A 919 -71.75 25.17 -2.56
N PRO A 920 -71.94 24.08 -3.32
CA PRO A 920 -72.35 24.26 -4.72
C PRO A 920 -73.70 24.93 -4.88
N VAL A 921 -74.71 24.50 -4.12
CA VAL A 921 -76.04 25.06 -4.28
C VAL A 921 -76.07 26.53 -3.86
N VAL A 922 -75.41 26.86 -2.74
CA VAL A 922 -75.38 28.25 -2.28
C VAL A 922 -74.63 29.12 -3.27
N ALA A 923 -73.49 28.63 -3.79
CA ALA A 923 -72.73 29.40 -4.76
C ALA A 923 -73.53 29.63 -6.03
N MET A 924 -74.23 28.60 -6.51
CA MET A 924 -75.05 28.77 -7.71
C MET A 924 -76.18 29.76 -7.46
N LEU A 925 -76.83 29.68 -6.29
CA LEU A 925 -77.90 30.62 -5.98
C LEU A 925 -77.39 32.05 -5.95
N GLY A 926 -76.25 32.27 -5.28
CA GLY A 926 -75.68 33.61 -5.23
C GLY A 926 -75.28 34.12 -6.60
N LEU A 927 -74.67 33.26 -7.42
CA LEU A 927 -74.26 33.67 -8.75
C LEU A 927 -75.46 34.04 -9.61
N LEU A 928 -76.52 33.22 -9.56
CA LEU A 928 -77.72 33.53 -10.34
C LEU A 928 -78.39 34.81 -9.85
N PHE A 929 -78.41 35.02 -8.52
CA PHE A 929 -79.04 36.22 -7.98
C PHE A 929 -78.25 37.47 -8.33
N ALA A 930 -76.92 37.36 -8.41
CA ALA A 930 -76.09 38.53 -8.65
C ALA A 930 -75.93 38.83 -10.14
N ALA A 931 -75.98 37.81 -11.01
CA ALA A 931 -75.73 38.03 -12.43
C ALA A 931 -76.92 38.60 -13.17
N LEU A 932 -78.11 38.61 -12.56
CA LEU A 932 -79.29 39.12 -13.25
C LEU A 932 -79.27 40.65 -13.32
N PRO A 933 -79.07 41.38 -12.22
CA PRO A 933 -79.01 42.84 -12.32
C PRO A 933 -77.71 43.30 -12.97
N GLY A 934 -77.83 44.18 -13.95
CA GLY A 934 -76.69 44.73 -14.67
C GLY A 934 -76.19 43.89 -15.82
N ASP A 935 -76.24 42.56 -15.68
CA ASP A 935 -75.81 41.62 -16.72
C ASP A 935 -74.36 41.84 -17.12
N ASN A 936 -73.51 42.19 -16.15
CA ASN A 936 -72.07 42.32 -16.42
C ASN A 936 -71.22 41.79 -15.27
N ALA A 937 -71.81 41.10 -14.30
CA ALA A 937 -71.09 40.60 -13.15
C ALA A 937 -70.74 39.12 -13.25
N PHE A 938 -71.04 38.48 -14.39
CA PHE A 938 -70.73 37.07 -14.55
C PHE A 938 -69.27 36.82 -14.91
N LEU A 939 -68.63 37.75 -15.61
CA LEU A 939 -67.26 37.55 -16.08
C LEU A 939 -66.31 37.29 -14.92
N ILE A 940 -66.60 37.86 -13.75
CA ILE A 940 -65.77 37.60 -12.57
C ILE A 940 -66.38 36.53 -11.68
N GLY A 941 -67.71 36.38 -11.70
CA GLY A 941 -68.36 35.43 -10.81
C GLY A 941 -68.18 33.99 -11.23
N ILE A 942 -68.13 33.72 -12.54
CA ILE A 942 -68.05 32.33 -13.01
C ILE A 942 -66.80 31.61 -12.51
N PRO A 943 -65.59 32.18 -12.60
CA PRO A 943 -64.42 31.43 -12.11
C PRO A 943 -64.50 31.06 -10.63
N PHE A 944 -64.90 32.00 -9.79
CA PHE A 944 -65.01 31.70 -8.35
C PHE A 944 -66.04 30.62 -8.09
N THR A 945 -67.20 30.72 -8.74
CA THR A 945 -68.25 29.72 -8.53
C THR A 945 -67.81 28.34 -9.01
N LEU A 946 -67.17 28.26 -10.18
CA LEU A 946 -66.74 26.95 -10.67
C LEU A 946 -65.64 26.37 -9.81
N LEU A 947 -64.77 27.21 -9.24
CA LEU A 947 -63.77 26.71 -8.32
C LEU A 947 -64.39 26.24 -7.01
N TRP A 948 -65.44 26.93 -6.55
CA TRP A 948 -66.05 26.60 -5.28
C TRP A 948 -66.92 25.34 -5.35
N VAL A 949 -67.62 25.15 -6.47
CA VAL A 949 -68.47 23.97 -6.59
C VAL A 949 -67.65 22.69 -6.71
N LEU A 950 -66.38 22.78 -7.06
CA LEU A 950 -65.50 21.64 -7.19
C LEU A 950 -64.74 21.35 -5.89
N SER A 951 -65.01 22.09 -4.83
CA SER A 951 -64.28 21.94 -3.58
C SER A 951 -64.26 20.52 -3.01
N PRO A 952 -65.36 19.75 -3.00
CA PRO A 952 -65.24 18.38 -2.46
C PRO A 952 -64.29 17.50 -3.25
N ALA A 953 -64.13 17.75 -4.55
CA ALA A 953 -63.20 16.95 -5.35
C ALA A 953 -61.76 17.14 -4.88
N VAL A 954 -61.33 18.40 -4.75
CA VAL A 954 -59.98 18.65 -4.27
C VAL A 954 -59.84 18.25 -2.80
N ALA A 955 -60.94 18.34 -2.04
CA ALA A 955 -60.90 17.90 -0.65
C ALA A 955 -60.62 16.41 -0.56
N TRP A 956 -61.30 15.61 -1.38
CA TRP A 956 -61.04 14.16 -1.40
C TRP A 956 -59.65 13.88 -1.93
N TYR A 957 -59.20 14.63 -2.96
CA TYR A 957 -57.88 14.40 -3.51
C TYR A 957 -56.79 14.68 -2.49
N VAL A 958 -56.95 15.75 -1.70
CA VAL A 958 -55.95 16.09 -0.70
C VAL A 958 -56.07 15.24 0.55
N SER A 959 -57.25 14.66 0.80
CA SER A 959 -57.41 13.80 1.97
C SER A 959 -56.77 12.44 1.79
N GLN A 960 -56.50 12.03 0.55
CA GLN A 960 -55.86 10.74 0.32
C GLN A 960 -54.39 10.80 0.72
N SER A 961 -53.92 9.72 1.35
CA SER A 961 -52.53 9.66 1.78
C SER A 961 -51.60 9.57 0.57
N ALA A 962 -50.56 10.40 0.57
CA ALA A 962 -49.61 10.43 -0.52
C ALA A 962 -48.46 9.45 -0.25
N GLU A 963 -47.52 9.39 -1.18
CA GLU A 963 -46.36 8.51 -1.02
C GLU A 963 -45.49 9.01 0.13
N THR A 964 -45.06 8.09 0.98
CA THR A 964 -44.27 8.40 2.16
C THR A 964 -42.96 7.62 2.12
N GLU A 965 -42.22 7.69 3.23
CA GLU A 965 -40.96 6.96 3.36
C GLU A 965 -41.14 5.44 3.39
N ASP A 966 -42.36 4.97 3.59
CA ASP A 966 -42.65 3.54 3.67
C ASP A 966 -43.45 3.03 2.48
N ARG A 967 -44.52 3.72 2.10
CA ARG A 967 -45.34 3.32 0.98
C ARG A 967 -44.82 4.00 -0.29
N LEU A 968 -44.47 3.20 -1.29
CA LEU A 968 -43.92 3.70 -2.54
C LEU A 968 -44.68 3.09 -3.71
N PHE A 969 -44.71 3.84 -4.82
CA PHE A 969 -45.36 3.37 -6.05
C PHE A 969 -44.39 2.47 -6.81
N VAL A 970 -44.24 1.24 -6.30
CA VAL A 970 -43.27 0.29 -6.84
C VAL A 970 -43.88 -0.66 -7.86
N SER A 971 -45.15 -0.49 -8.19
CA SER A 971 -45.87 -1.36 -9.15
C SER A 971 -45.79 -2.79 -8.61
N GLU A 972 -45.63 -3.80 -9.47
CA GLU A 972 -45.55 -5.19 -9.02
C GLU A 972 -44.32 -5.87 -9.61
N HIS A 973 -43.93 -5.47 -10.82
CA HIS A 973 -42.76 -6.09 -11.44
C HIS A 973 -41.49 -5.78 -10.67
N VAL A 974 -41.34 -4.53 -10.21
CA VAL A 974 -40.18 -4.16 -9.40
C VAL A 974 -40.18 -4.95 -8.10
N SER A 975 -41.34 -5.05 -7.45
CA SER A 975 -41.43 -5.81 -6.20
C SER A 975 -41.10 -7.28 -6.44
N PHE A 976 -41.60 -7.85 -7.55
CA PHE A 976 -41.30 -9.24 -7.86
C PHE A 976 -39.80 -9.45 -8.08
N GLU A 977 -39.17 -8.53 -8.81
CA GLU A 977 -37.73 -8.65 -9.04
C GLU A 977 -36.95 -8.55 -7.74
N LEU A 978 -37.32 -7.61 -6.87
CA LEU A 978 -36.64 -7.47 -5.59
C LEU A 978 -36.83 -8.70 -4.73
N ARG A 979 -38.04 -9.26 -4.72
CA ARG A 979 -38.31 -10.46 -3.93
C ARG A 979 -37.50 -11.64 -4.43
N LYS A 980 -37.41 -11.83 -5.74
CA LYS A 980 -36.63 -12.94 -6.26
C LYS A 980 -35.13 -12.72 -6.02
N ILE A 981 -34.67 -11.48 -6.10
CA ILE A 981 -33.27 -11.19 -5.77
C ILE A 981 -32.99 -11.53 -4.31
N ALA A 982 -33.90 -11.17 -3.41
CA ALA A 982 -33.73 -11.49 -2.00
C ALA A 982 -33.73 -12.99 -1.77
N ARG A 983 -34.61 -13.72 -2.45
CA ARG A 983 -34.66 -15.17 -2.29
C ARG A 983 -33.36 -15.81 -2.79
N ARG A 984 -32.81 -15.31 -3.89
CA ARG A 984 -31.52 -15.80 -4.35
C ARG A 984 -30.42 -15.46 -3.34
N THR A 985 -30.48 -14.27 -2.75
CA THR A 985 -29.45 -13.85 -1.80
C THR A 985 -29.48 -14.70 -0.54
N TRP A 986 -30.66 -15.12 -0.10
CA TRP A 986 -30.82 -15.83 1.16
C TRP A 986 -30.15 -17.20 1.15
N ARG A 987 -29.62 -17.60 -0.01
CA ARG A 987 -28.90 -18.87 -0.10
C ARG A 987 -27.70 -18.89 0.84
N TYR A 988 -27.08 -17.73 1.08
CA TYR A 988 -25.96 -17.67 2.02
C TYR A 988 -26.37 -18.15 3.41
N TYR A 989 -27.45 -17.58 3.94
CA TYR A 989 -27.92 -18.02 5.26
C TYR A 989 -28.47 -19.43 5.22
N GLU A 990 -29.02 -19.84 4.08
CA GLU A 990 -29.55 -21.20 3.97
C GLU A 990 -28.44 -22.24 4.03
N ALA A 991 -27.30 -21.97 3.41
CA ALA A 991 -26.24 -22.97 3.27
C ALA A 991 -25.04 -22.73 4.17
N PHE A 992 -25.04 -21.66 4.97
CA PHE A 992 -23.90 -21.40 5.85
C PHE A 992 -24.32 -21.27 7.31
N VAL A 993 -25.50 -21.76 7.67
CA VAL A 993 -25.93 -21.85 9.05
C VAL A 993 -26.19 -23.32 9.35
N THR A 994 -25.39 -23.89 10.24
CA THR A 994 -25.42 -25.33 10.47
C THR A 994 -25.46 -25.62 11.96
N PRO A 995 -26.10 -26.74 12.35
CA PRO A 995 -26.08 -27.19 13.75
C PRO A 995 -24.80 -27.91 14.13
N GLN A 996 -23.66 -27.26 13.85
CA GLN A 996 -22.34 -27.77 14.21
C GLN A 996 -21.75 -26.95 15.36
N GLU A 997 -22.59 -26.60 16.32
CA GLU A 997 -22.23 -25.72 17.43
C GLU A 997 -21.75 -24.36 16.93
N ASN A 998 -22.27 -23.92 15.77
CA ASN A 998 -21.92 -22.63 15.22
C ASN A 998 -23.12 -21.68 15.23
N HIS A 999 -24.21 -22.05 14.54
CA HIS A 999 -25.44 -21.27 14.49
C HIS A 999 -25.20 -19.79 14.26
N LEU A 1000 -24.12 -19.45 13.56
CA LEU A 1000 -23.72 -18.07 13.31
C LEU A 1000 -23.15 -18.00 11.90
N PRO A 1001 -23.58 -17.04 11.09
CA PRO A 1001 -23.09 -16.95 9.72
C PRO A 1001 -21.64 -16.48 9.70
N PRO A 1002 -20.79 -17.14 8.92
CA PRO A 1002 -19.41 -16.68 8.77
C PRO A 1002 -19.36 -15.30 8.12
N ASP A 1003 -18.39 -14.49 8.54
CA ASP A 1003 -18.27 -13.14 8.02
C ASP A 1003 -17.90 -13.13 6.55
N ASN A 1004 -17.00 -14.02 6.14
CA ASN A 1004 -16.46 -14.04 4.79
C ASN A 1004 -16.66 -15.40 4.15
N PHE A 1005 -16.82 -15.39 2.83
CA PHE A 1005 -16.83 -16.64 2.07
C PHE A 1005 -16.18 -16.38 0.72
N GLN A 1006 -15.05 -17.06 0.47
CA GLN A 1006 -14.41 -17.10 -0.83
C GLN A 1006 -15.08 -18.16 -1.70
N GLU A 1007 -14.98 -17.97 -3.01
CA GLU A 1007 -15.43 -19.03 -3.91
C GLU A 1007 -14.48 -19.38 -5.05
N THR A 1008 -13.67 -18.45 -5.56
CA THR A 1008 -12.66 -18.84 -6.55
C THR A 1008 -11.39 -19.43 -5.94
N PRO A 1009 -10.74 -18.77 -4.95
CA PRO A 1009 -9.40 -19.25 -4.56
C PRO A 1009 -9.45 -20.35 -3.50
N GLU A 1010 -9.73 -21.58 -3.97
CA GLU A 1010 -9.96 -22.78 -3.15
C GLU A 1010 -10.85 -22.41 -1.96
N PRO A 1011 -12.16 -22.32 -2.19
CA PRO A 1011 -13.04 -21.65 -1.21
C PRO A 1011 -12.91 -22.22 0.19
N ILE A 1012 -12.87 -21.31 1.17
CA ILE A 1012 -12.76 -21.67 2.57
C ILE A 1012 -13.83 -20.90 3.34
N VAL A 1013 -14.37 -21.53 4.38
CA VAL A 1013 -15.40 -20.91 5.20
C VAL A 1013 -14.73 -20.18 6.36
N ALA A 1014 -15.06 -18.91 6.53
CA ALA A 1014 -14.50 -18.13 7.62
C ALA A 1014 -15.04 -18.62 8.97
N SER A 1015 -14.26 -18.37 10.02
CA SER A 1015 -14.61 -18.81 11.37
C SER A 1015 -14.67 -17.65 12.35
N ARG A 1016 -14.95 -16.44 11.86
CA ARG A 1016 -15.06 -15.26 12.69
C ARG A 1016 -16.45 -14.67 12.57
N THR A 1017 -17.02 -14.27 13.70
CA THR A 1017 -18.36 -13.71 13.75
C THR A 1017 -18.37 -12.49 14.66
N SER A 1018 -19.13 -11.48 14.27
CA SER A 1018 -19.29 -10.25 15.02
C SER A 1018 -20.73 -10.08 15.47
N PRO A 1019 -20.97 -9.33 16.55
CA PRO A 1019 -22.36 -9.12 17.00
C PRO A 1019 -23.24 -8.49 15.95
N THR A 1020 -22.69 -7.61 15.11
CA THR A 1020 -23.47 -7.05 14.01
C THR A 1020 -23.93 -8.15 13.05
N ASN A 1021 -23.05 -9.12 12.78
CA ASN A 1021 -23.43 -10.25 11.93
C ASN A 1021 -24.58 -11.03 12.55
N ILE A 1022 -24.51 -11.28 13.86
CA ILE A 1022 -25.57 -12.03 14.54
C ILE A 1022 -26.89 -11.28 14.45
N GLY A 1023 -26.86 -9.96 14.70
CA GLY A 1023 -28.08 -9.18 14.66
C GLY A 1023 -28.70 -9.13 13.27
N VAL A 1024 -27.87 -8.91 12.24
CA VAL A 1024 -28.40 -8.85 10.89
C VAL A 1024 -28.92 -10.21 10.46
N TYR A 1025 -28.26 -11.30 10.89
CA TYR A 1025 -28.77 -12.64 10.61
C TYR A 1025 -30.13 -12.85 11.26
N LEU A 1026 -30.28 -12.41 12.50
CA LEU A 1026 -31.54 -12.61 13.21
C LEU A 1026 -32.67 -11.85 12.55
N LEU A 1027 -32.43 -10.58 12.22
CA LEU A 1027 -33.48 -9.81 11.55
C LEU A 1027 -33.74 -10.33 10.14
N SER A 1028 -32.73 -10.87 9.47
CA SER A 1028 -32.94 -11.48 8.17
C SER A 1028 -33.80 -12.74 8.28
N VAL A 1029 -33.60 -13.52 9.35
CA VAL A 1029 -34.46 -14.68 9.59
C VAL A 1029 -35.90 -14.23 9.80
N ILE A 1030 -36.09 -13.16 10.58
CA ILE A 1030 -37.45 -12.64 10.79
C ILE A 1030 -38.07 -12.21 9.46
N SER A 1031 -37.30 -11.49 8.65
CA SER A 1031 -37.80 -11.03 7.36
C SER A 1031 -38.13 -12.19 6.44
N ALA A 1032 -37.29 -13.22 6.42
CA ALA A 1032 -37.53 -14.38 5.57
C ALA A 1032 -38.79 -15.11 6.01
N ARG A 1033 -39.00 -15.24 7.32
CA ARG A 1033 -40.23 -15.86 7.79
C ARG A 1033 -41.44 -15.03 7.39
N GLN A 1034 -41.32 -13.70 7.47
CA GLN A 1034 -42.42 -12.85 7.02
C GLN A 1034 -42.67 -13.00 5.52
N PHE A 1035 -41.61 -13.27 4.75
CA PHE A 1035 -41.78 -13.47 3.31
C PHE A 1035 -42.51 -14.76 2.98
N GLY A 1036 -42.51 -15.73 3.89
CA GLY A 1036 -43.14 -17.00 3.64
C GLY A 1036 -42.22 -17.98 2.93
N TRP A 1037 -40.95 -18.01 3.35
CA TRP A 1037 -39.96 -18.88 2.72
C TRP A 1037 -39.69 -20.15 3.51
N ILE A 1038 -39.94 -20.16 4.82
CA ILE A 1038 -39.70 -21.33 5.67
C ILE A 1038 -40.88 -21.51 6.60
N SER A 1039 -40.87 -22.65 7.29
CA SER A 1039 -41.95 -23.00 8.19
C SER A 1039 -41.84 -22.24 9.51
N PHE A 1040 -42.95 -22.18 10.23
CA PHE A 1040 -42.95 -21.56 11.55
C PHE A 1040 -42.04 -22.31 12.51
N ALA A 1041 -42.09 -23.64 12.48
CA ALA A 1041 -41.26 -24.44 13.40
C ALA A 1041 -39.78 -24.22 13.13
N ASP A 1042 -39.40 -24.13 11.85
CA ASP A 1042 -38.00 -23.89 11.51
C ASP A 1042 -37.53 -22.54 12.04
N THR A 1043 -38.38 -21.51 11.91
CA THR A 1043 -38.00 -20.19 12.41
C THR A 1043 -37.77 -20.22 13.92
N LEU A 1044 -38.68 -20.86 14.65
CA LEU A 1044 -38.52 -20.97 16.10
C LEU A 1044 -37.28 -21.76 16.47
N GLU A 1045 -36.99 -22.83 15.71
CA GLU A 1045 -35.77 -23.61 15.98
C GLU A 1045 -34.52 -22.76 15.76
N ARG A 1046 -34.49 -21.97 14.70
CA ARG A 1046 -33.35 -21.11 14.44
C ARG A 1046 -33.21 -20.04 15.53
N ILE A 1047 -34.33 -19.49 16.00
CA ILE A 1047 -34.29 -18.53 17.09
C ILE A 1047 -33.74 -19.19 18.35
N GLU A 1048 -34.21 -20.41 18.64
CA GLU A 1048 -33.68 -21.17 19.78
C GLU A 1048 -32.17 -21.32 19.68
N ASN A 1049 -31.70 -21.74 18.52
CA ASN A 1049 -30.27 -21.98 18.34
C ASN A 1049 -29.47 -20.69 18.53
N THR A 1050 -29.95 -19.60 17.93
CA THR A 1050 -29.23 -18.33 18.03
C THR A 1050 -29.19 -17.84 19.46
N ILE A 1051 -30.33 -17.90 20.16
CA ILE A 1051 -30.38 -17.41 21.54
C ILE A 1051 -29.51 -18.28 22.45
N GLN A 1052 -29.55 -19.60 22.27
CA GLN A 1052 -28.72 -20.48 23.08
C GLN A 1052 -27.25 -20.22 22.84
N THR A 1053 -26.85 -20.02 21.58
CA THR A 1053 -25.45 -19.71 21.29
C THR A 1053 -25.05 -18.37 21.91
N VAL A 1054 -25.94 -17.37 21.85
CA VAL A 1054 -25.62 -16.06 22.40
C VAL A 1054 -25.45 -16.14 23.91
N GLU A 1055 -26.34 -16.86 24.60
CA GLU A 1055 -26.24 -16.92 26.05
C GLU A 1055 -25.10 -17.82 26.50
N LYS A 1056 -24.75 -18.83 25.72
CA LYS A 1056 -23.56 -19.66 25.98
C LYS A 1056 -22.32 -19.03 25.36
N MET A 1057 -22.06 -17.77 25.69
CA MET A 1057 -21.01 -17.01 25.04
C MET A 1057 -20.37 -16.07 26.05
N GLU A 1058 -19.07 -15.83 25.88
CA GLU A 1058 -18.32 -15.00 26.81
C GLU A 1058 -18.75 -13.54 26.67
N LYS A 1059 -19.00 -12.88 27.79
CA LYS A 1059 -19.42 -11.49 27.82
C LYS A 1059 -18.65 -10.73 28.89
N HIS A 1060 -18.50 -9.42 28.68
CA HIS A 1060 -17.83 -8.53 29.62
C HIS A 1060 -18.84 -7.47 30.04
N ARG A 1061 -19.43 -7.65 31.22
CA ARG A 1061 -20.47 -6.75 31.73
C ARG A 1061 -21.60 -6.60 30.70
N GLY A 1062 -21.97 -7.72 30.09
CA GLY A 1062 -22.98 -7.76 29.07
C GLY A 1062 -22.46 -7.55 27.66
N HIS A 1063 -21.39 -6.78 27.51
CA HIS A 1063 -20.85 -6.47 26.19
C HIS A 1063 -20.22 -7.71 25.55
N LEU A 1064 -19.77 -7.53 24.31
CA LEU A 1064 -19.12 -8.60 23.55
C LEU A 1064 -17.75 -8.14 23.12
N TYR A 1065 -16.88 -9.11 22.80
CA TYR A 1065 -15.51 -8.84 22.38
C TYR A 1065 -15.38 -8.74 20.87
N ASN A 1066 -16.43 -8.28 20.18
CA ASN A 1066 -16.44 -8.11 18.74
C ASN A 1066 -16.21 -9.44 18.02
N TRP A 1067 -14.96 -9.71 17.64
CA TRP A 1067 -14.66 -10.93 16.90
C TRP A 1067 -14.71 -12.15 17.81
N TYR A 1068 -15.25 -13.25 17.29
CA TYR A 1068 -15.33 -14.50 18.02
C TYR A 1068 -15.15 -15.67 17.06
N HIS A 1069 -14.75 -16.81 17.62
CA HIS A 1069 -14.65 -18.02 16.84
C HIS A 1069 -16.03 -18.66 16.66
N THR A 1070 -16.15 -19.52 15.66
CA THR A 1070 -17.40 -20.23 15.39
C THR A 1070 -17.41 -21.63 15.97
N ASP A 1071 -16.43 -22.47 15.61
CA ASP A 1071 -16.40 -23.84 16.12
C ASP A 1071 -16.09 -23.86 17.61
N THR A 1072 -15.11 -23.08 18.05
CA THR A 1072 -14.70 -23.09 19.45
C THR A 1072 -15.34 -21.99 20.27
N LEU A 1073 -15.95 -20.99 19.64
CA LEU A 1073 -16.60 -19.88 20.34
C LEU A 1073 -15.64 -19.17 21.28
N GLN A 1074 -14.41 -18.98 20.82
CA GLN A 1074 -13.39 -18.26 21.57
C GLN A 1074 -13.08 -16.94 20.87
N THR A 1075 -12.16 -16.18 21.46
CA THR A 1075 -11.75 -14.88 20.92
C THR A 1075 -10.48 -15.05 20.09
N LEU A 1076 -10.50 -14.51 18.88
CA LEU A 1076 -9.35 -14.65 17.99
C LEU A 1076 -8.13 -13.95 18.57
N GLY A 1077 -8.20 -12.63 18.73
CA GLY A 1077 -7.10 -11.86 19.25
C GLY A 1077 -7.40 -11.27 20.61
N PRO A 1078 -6.94 -10.05 20.85
CA PRO A 1078 -7.25 -9.38 22.12
C PRO A 1078 -8.74 -9.16 22.27
N ARG A 1079 -9.21 -9.28 23.51
CA ARG A 1079 -10.63 -9.14 23.83
C ARG A 1079 -10.99 -7.66 23.81
N TYR A 1080 -11.10 -7.10 22.61
CA TYR A 1080 -11.42 -5.69 22.43
C TYR A 1080 -12.92 -5.54 22.26
N VAL A 1081 -13.55 -4.84 23.18
CA VAL A 1081 -15.00 -4.61 23.12
C VAL A 1081 -15.29 -3.49 22.14
N SER A 1082 -16.24 -3.72 21.23
CA SER A 1082 -16.66 -2.73 20.26
C SER A 1082 -17.97 -2.11 20.73
N ALA A 1083 -17.97 -0.79 20.89
CA ALA A 1083 -19.15 -0.10 21.39
C ALA A 1083 -20.28 -0.12 20.36
N VAL A 1084 -19.96 0.14 19.10
CA VAL A 1084 -20.99 0.23 18.06
C VAL A 1084 -21.67 -1.12 17.85
N ASP A 1085 -20.87 -2.19 17.79
CA ASP A 1085 -21.43 -3.51 17.53
C ASP A 1085 -22.39 -3.94 18.63
N SER A 1086 -22.03 -3.67 19.89
CA SER A 1086 -22.91 -4.04 21.00
C SER A 1086 -24.24 -3.30 20.91
N GLY A 1087 -24.21 -2.00 20.59
CA GLY A 1087 -25.45 -1.26 20.45
C GLY A 1087 -26.30 -1.75 19.29
N ASN A 1088 -25.65 -2.06 18.16
CA ASN A 1088 -26.38 -2.57 17.01
C ASN A 1088 -27.04 -3.91 17.34
N LEU A 1089 -26.31 -4.79 18.01
CA LEU A 1089 -26.87 -6.08 18.41
C LEU A 1089 -28.03 -5.89 19.38
N ALA A 1090 -27.89 -4.95 20.32
CA ALA A 1090 -28.97 -4.69 21.26
C ALA A 1090 -30.22 -4.19 20.56
N GLY A 1091 -30.06 -3.27 19.60
CA GLY A 1091 -31.21 -2.80 18.84
C GLY A 1091 -31.88 -3.90 18.05
N HIS A 1092 -31.08 -4.74 17.38
CA HIS A 1092 -31.65 -5.85 16.62
C HIS A 1092 -32.38 -6.82 17.54
N LEU A 1093 -31.81 -7.10 18.71
CA LEU A 1093 -32.48 -8.00 19.66
C LEU A 1093 -33.78 -7.38 20.16
N ILE A 1094 -33.79 -6.08 20.40
CA ILE A 1094 -35.02 -5.41 20.83
C ILE A 1094 -36.09 -5.54 19.77
N ALA A 1095 -35.72 -5.30 18.50
CA ALA A 1095 -36.70 -5.43 17.42
C ALA A 1095 -37.20 -6.86 17.30
N VAL A 1096 -36.31 -7.84 17.42
CA VAL A 1096 -36.71 -9.24 17.29
C VAL A 1096 -37.65 -9.63 18.42
N SER A 1097 -37.34 -9.22 19.65
CA SER A 1097 -38.22 -9.53 20.78
C SER A 1097 -39.57 -8.87 20.62
N SER A 1098 -39.60 -7.63 20.14
CA SER A 1098 -40.87 -6.95 19.91
C SER A 1098 -41.70 -7.68 18.86
N ALA A 1099 -41.08 -8.13 17.78
CA ALA A 1099 -41.82 -8.88 16.76
C ALA A 1099 -42.30 -10.22 17.30
N CYS A 1100 -41.48 -10.88 18.13
CA CYS A 1100 -41.89 -12.13 18.74
C CYS A 1100 -43.12 -11.93 19.61
N ARG A 1101 -43.13 -10.85 20.40
CA ARG A 1101 -44.33 -10.50 21.15
C ARG A 1101 -45.50 -10.22 20.22
N ASP A 1102 -45.24 -9.56 19.09
CA ASP A 1102 -46.30 -9.18 18.17
C ASP A 1102 -47.04 -10.40 17.64
N TRP A 1103 -46.30 -11.43 17.21
CA TRP A 1103 -47.00 -12.63 16.78
C TRP A 1103 -47.24 -13.63 17.91
N ALA A 1104 -46.83 -13.32 19.14
CA ALA A 1104 -47.16 -14.19 20.26
C ALA A 1104 -48.44 -13.80 20.97
N GLU A 1105 -48.80 -12.52 20.94
CA GLU A 1105 -50.04 -12.09 21.59
C GLU A 1105 -51.27 -12.70 20.93
N ALA A 1106 -51.18 -13.02 19.63
CA ALA A 1106 -52.28 -13.64 18.89
C ALA A 1106 -51.70 -14.61 17.87
N PRO A 1107 -51.28 -15.80 18.31
CA PRO A 1107 -50.69 -16.78 17.39
C PRO A 1107 -51.75 -17.62 16.68
N SER A 1108 -52.68 -16.95 16.03
CA SER A 1108 -53.76 -17.60 15.31
C SER A 1108 -53.74 -17.34 13.81
N ALA A 1109 -53.64 -16.07 13.40
CA ALA A 1109 -53.57 -15.73 11.98
C ALA A 1109 -52.15 -15.72 11.44
N HIS A 1110 -51.14 -15.69 12.32
CA HIS A 1110 -49.75 -15.70 11.88
C HIS A 1110 -49.29 -17.06 11.39
N LEU A 1111 -50.10 -18.10 11.58
CA LEU A 1111 -49.72 -19.46 11.23
C LEU A 1111 -50.07 -19.83 9.79
N GLN A 1112 -50.75 -18.95 9.06
CA GLN A 1112 -51.16 -19.28 7.69
C GLN A 1112 -49.99 -19.20 6.72
N GLY A 1113 -49.36 -18.04 6.65
CA GLY A 1113 -48.24 -17.86 5.75
C GLY A 1113 -48.55 -16.84 4.66
N ASN A 1114 -47.50 -16.16 4.19
CA ASN A 1114 -47.69 -15.14 3.16
C ASN A 1114 -48.10 -15.74 1.82
N LEU A 1115 -47.66 -16.96 1.53
CA LEU A 1115 -47.97 -17.65 0.28
C LEU A 1115 -47.53 -16.82 -0.92
N ASP A 1116 -46.31 -16.28 -0.84
CA ASP A 1116 -45.78 -15.46 -1.92
C ASP A 1116 -44.37 -15.91 -2.31
N GLY A 1117 -43.66 -16.53 -1.36
CA GLY A 1117 -42.30 -16.95 -1.63
C GLY A 1117 -42.21 -18.03 -2.69
N ILE A 1118 -43.19 -18.93 -2.73
CA ILE A 1118 -43.17 -19.98 -3.75
C ILE A 1118 -43.35 -19.39 -5.14
N GLY A 1119 -44.15 -18.33 -5.26
CA GLY A 1119 -44.22 -17.62 -6.53
C GLY A 1119 -42.90 -17.01 -6.91
N ASP A 1120 -42.18 -16.45 -5.94
CA ASP A 1120 -40.87 -15.86 -6.21
C ASP A 1120 -39.88 -16.90 -6.69
N VAL A 1121 -39.84 -18.07 -6.04
CA VAL A 1121 -38.90 -19.09 -6.47
C VAL A 1121 -39.33 -19.69 -7.81
N ALA A 1122 -40.64 -19.75 -8.08
CA ALA A 1122 -41.09 -20.18 -9.40
C ALA A 1122 -40.61 -19.22 -10.48
N GLY A 1123 -40.71 -17.92 -10.21
CA GLY A 1123 -40.15 -16.95 -11.14
C GLY A 1123 -38.66 -17.09 -11.30
N ILE A 1124 -37.95 -17.42 -10.21
CA ILE A 1124 -36.52 -17.65 -10.29
C ILE A 1124 -36.22 -18.83 -11.21
N LEU A 1125 -36.98 -19.91 -11.08
CA LEU A 1125 -36.81 -21.05 -12.00
C LEU A 1125 -37.11 -20.65 -13.43
N ARG A 1126 -38.15 -19.84 -13.64
CA ARG A 1126 -38.48 -19.38 -14.99
C ARG A 1126 -37.32 -18.60 -15.60
N GLU A 1127 -36.74 -17.69 -14.83
CA GLU A 1127 -35.62 -16.91 -15.35
C GLU A 1127 -34.39 -17.78 -15.60
N THR A 1128 -34.10 -18.72 -14.69
CA THR A 1128 -32.93 -19.57 -14.85
C THR A 1128 -33.08 -20.52 -16.02
N LEU A 1129 -34.31 -20.91 -16.35
CA LEU A 1129 -34.52 -21.82 -17.47
C LEU A 1129 -34.09 -21.18 -18.79
N LYS A 1130 -34.21 -19.85 -18.90
CA LYS A 1130 -33.77 -19.15 -20.11
C LYS A 1130 -32.27 -19.20 -20.30
N ALA A 1131 -31.51 -19.57 -19.27
CA ALA A 1131 -30.06 -19.66 -19.36
C ALA A 1131 -29.58 -21.05 -19.76
N LEU A 1132 -30.50 -21.97 -20.06
CA LEU A 1132 -30.13 -23.32 -20.43
C LEU A 1132 -29.70 -23.35 -21.89
N PRO A 1133 -28.47 -23.75 -22.19
CA PRO A 1133 -28.06 -23.85 -23.61
C PRO A 1133 -28.63 -25.11 -24.26
N ASP A 1134 -29.91 -25.06 -24.63
CA ASP A 1134 -30.59 -26.22 -25.22
C ASP A 1134 -30.35 -26.21 -26.72
N ASN A 1135 -29.25 -26.83 -27.14
CA ASN A 1135 -28.90 -26.96 -28.56
C ASN A 1135 -28.37 -28.36 -28.83
N ARG A 1136 -29.03 -29.37 -28.28
CA ARG A 1136 -28.57 -30.75 -28.41
C ARG A 1136 -29.03 -31.35 -29.74
N LYS A 1137 -28.71 -32.62 -29.94
CA LYS A 1137 -29.03 -33.29 -31.20
C LYS A 1137 -30.52 -33.61 -31.30
N THR A 1138 -31.18 -33.85 -30.16
CA THR A 1138 -32.58 -34.22 -30.13
C THR A 1138 -33.51 -33.00 -30.03
N LEU A 1139 -33.07 -31.85 -30.52
CA LEU A 1139 -33.81 -30.59 -30.41
C LEU A 1139 -34.02 -30.30 -28.92
N ARG A 1140 -35.15 -29.69 -28.57
CA ARG A 1140 -35.43 -29.30 -27.19
C ARG A 1140 -36.84 -29.74 -26.78
N PRO A 1141 -37.08 -31.06 -26.71
CA PRO A 1141 -38.40 -31.52 -26.26
C PRO A 1141 -38.59 -31.36 -24.76
N LEU A 1142 -37.55 -31.72 -24.00
CA LEU A 1142 -37.60 -31.53 -22.56
C LEU A 1142 -37.73 -30.06 -22.19
N HIS A 1143 -37.19 -29.18 -23.03
CA HIS A 1143 -37.27 -27.74 -22.75
C HIS A 1143 -38.71 -27.26 -22.72
N ARG A 1144 -39.48 -27.55 -23.77
CA ARG A 1144 -40.86 -27.09 -23.76
C ARG A 1144 -41.78 -27.95 -22.89
N ARG A 1145 -41.44 -29.22 -22.63
CA ARG A 1145 -42.09 -29.93 -21.53
C ARG A 1145 -41.95 -29.16 -20.22
N LEU A 1146 -40.72 -28.78 -19.88
CA LEU A 1146 -40.46 -28.09 -18.62
C LEU A 1146 -41.14 -26.74 -18.58
N GLU A 1147 -41.12 -26.00 -19.68
CA GLU A 1147 -41.73 -24.67 -19.64
C GLU A 1147 -43.25 -24.75 -19.56
N GLU A 1148 -43.87 -25.73 -20.24
CA GLU A 1148 -45.32 -25.86 -20.09
C GLU A 1148 -45.66 -26.26 -18.67
N ARG A 1149 -44.85 -27.15 -18.06
CA ARG A 1149 -45.11 -27.54 -16.68
C ARG A 1149 -44.99 -26.35 -15.73
N ILE A 1150 -43.96 -25.52 -15.93
CA ILE A 1150 -43.74 -24.41 -15.00
C ILE A 1150 -44.80 -23.33 -15.19
N ILE A 1151 -45.23 -23.07 -16.42
CA ILE A 1151 -46.29 -22.08 -16.60
C ILE A 1151 -47.62 -22.61 -16.07
N GLY A 1152 -47.87 -23.92 -16.20
CA GLY A 1152 -49.04 -24.50 -15.59
C GLY A 1152 -49.02 -24.39 -14.07
N PHE A 1153 -47.85 -24.63 -13.48
CA PHE A 1153 -47.71 -24.47 -12.03
C PHE A 1153 -47.94 -23.02 -11.61
N SER A 1154 -47.42 -22.07 -12.39
CA SER A 1154 -47.65 -20.66 -12.09
C SER A 1154 -49.12 -20.32 -12.18
N ASN A 1155 -49.81 -20.82 -13.20
CA ASN A 1155 -51.25 -20.57 -13.32
C ASN A 1155 -52.00 -21.19 -12.16
N ALA A 1156 -51.61 -22.41 -11.75
CA ALA A 1156 -52.28 -23.08 -10.64
C ALA A 1156 -52.11 -22.30 -9.36
N LEU A 1157 -50.89 -21.83 -9.07
CA LEU A 1157 -50.70 -21.06 -7.85
C LEU A 1157 -51.39 -19.70 -7.92
N ALA A 1158 -51.44 -19.09 -9.10
CA ALA A 1158 -52.18 -17.84 -9.24
C ALA A 1158 -53.66 -18.05 -8.96
N SER A 1159 -54.23 -19.16 -9.45
CA SER A 1159 -55.62 -19.47 -9.16
C SER A 1159 -55.82 -19.76 -7.67
N VAL A 1160 -54.87 -20.45 -7.05
CA VAL A 1160 -54.98 -20.77 -5.62
C VAL A 1160 -55.00 -19.49 -4.80
N LYS A 1161 -54.06 -18.57 -5.09
CA LYS A 1161 -54.02 -17.31 -4.36
C LYS A 1161 -55.18 -16.40 -4.71
N ARG A 1162 -55.78 -16.59 -5.89
CA ARG A 1162 -57.03 -15.91 -6.19
C ARG A 1162 -58.13 -16.36 -5.24
N GLU A 1163 -58.18 -17.66 -4.94
CA GLU A 1163 -59.09 -18.16 -3.93
C GLU A 1163 -58.69 -17.66 -2.55
N HIS A 1164 -59.69 -17.24 -1.78
CA HIS A 1164 -59.46 -16.72 -0.43
C HIS A 1164 -59.77 -17.73 0.66
N GLU A 1165 -60.22 -18.92 0.31
CA GLU A 1165 -60.52 -19.95 1.31
C GLU A 1165 -59.33 -20.83 1.62
N PHE A 1166 -58.30 -20.83 0.76
CA PHE A 1166 -57.06 -21.58 0.97
C PHE A 1166 -57.34 -23.07 1.18
N ALA A 1167 -57.87 -23.70 0.14
CA ALA A 1167 -58.18 -25.12 0.20
C ALA A 1167 -56.91 -25.95 0.32
N SER A 1168 -56.95 -26.96 1.19
CA SER A 1168 -55.78 -27.79 1.42
C SER A 1168 -55.48 -28.68 0.21
N ILE A 1169 -56.52 -29.18 -0.46
CA ILE A 1169 -56.29 -30.00 -1.64
C ILE A 1169 -55.57 -29.21 -2.71
N ARG A 1170 -55.78 -27.89 -2.76
CA ARG A 1170 -55.08 -27.06 -3.73
C ARG A 1170 -53.57 -27.06 -3.48
N VAL A 1171 -53.16 -26.89 -2.22
CA VAL A 1171 -51.74 -26.87 -1.94
C VAL A 1171 -51.14 -28.27 -2.06
N ILE A 1172 -51.93 -29.32 -1.79
CA ILE A 1172 -51.45 -30.67 -2.04
C ILE A 1172 -51.19 -30.89 -3.52
N ASN A 1173 -52.11 -30.45 -4.38
CA ASN A 1173 -51.88 -30.56 -5.82
C ASN A 1173 -50.71 -29.70 -6.26
N LEU A 1174 -50.51 -28.55 -5.62
CA LEU A 1174 -49.35 -27.72 -5.92
C LEU A 1174 -48.06 -28.46 -5.57
N ALA A 1175 -48.04 -29.16 -4.43
CA ALA A 1175 -46.88 -29.96 -4.07
C ALA A 1175 -46.65 -31.09 -5.07
N VAL A 1176 -47.74 -31.72 -5.54
CA VAL A 1176 -47.61 -32.77 -6.55
C VAL A 1176 -46.98 -32.21 -7.82
N LEU A 1177 -47.46 -31.04 -8.26
CA LEU A 1177 -46.90 -30.42 -9.45
C LEU A 1177 -45.43 -30.06 -9.23
N ALA A 1178 -45.09 -29.54 -8.05
CA ALA A 1178 -43.72 -29.17 -7.76
C ALA A 1178 -42.79 -30.38 -7.79
N ARG A 1179 -43.21 -31.49 -7.19
CA ARG A 1179 -42.37 -32.68 -7.20
C ARG A 1179 -42.28 -33.29 -8.60
N ASP A 1180 -43.34 -33.19 -9.39
CA ASP A 1180 -43.25 -33.63 -10.78
C ASP A 1180 -42.26 -32.79 -11.57
N ILE A 1181 -42.28 -31.47 -11.36
CA ILE A 1181 -41.33 -30.59 -12.02
C ILE A 1181 -39.91 -30.92 -11.57
N GLN A 1182 -39.72 -31.21 -10.29
CA GLN A 1182 -38.41 -31.60 -9.79
C GLN A 1182 -37.94 -32.89 -10.45
N LYS A 1183 -38.84 -33.86 -10.60
CA LYS A 1183 -38.48 -35.11 -11.26
C LYS A 1183 -38.08 -34.86 -12.72
N LEU A 1184 -38.83 -34.01 -13.41
CA LEU A 1184 -38.49 -33.70 -14.80
C LEU A 1184 -37.15 -32.98 -14.89
N ALA A 1185 -36.88 -32.07 -13.95
CA ALA A 1185 -35.60 -31.38 -13.93
C ALA A 1185 -34.46 -32.34 -13.69
N THR A 1186 -34.64 -33.30 -12.77
CA THR A 1186 -33.61 -34.31 -12.56
C THR A 1186 -33.41 -35.15 -13.81
N ASN A 1187 -34.51 -35.51 -14.48
CA ASN A 1187 -34.41 -36.30 -15.71
C ASN A 1187 -33.62 -35.57 -16.78
N VAL A 1188 -33.88 -34.28 -16.97
CA VAL A 1188 -33.17 -33.52 -17.99
C VAL A 1188 -31.75 -33.21 -17.55
N ASP A 1189 -31.48 -33.18 -16.25
CA ASP A 1189 -30.14 -32.89 -15.77
C ASP A 1189 -29.21 -34.09 -15.90
N HIS A 1190 -29.66 -35.28 -15.49
CA HIS A 1190 -28.78 -36.43 -15.56
C HIS A 1190 -28.47 -36.83 -17.00
N GLU A 1191 -29.25 -36.34 -17.97
CA GLU A 1191 -28.95 -36.56 -19.37
C GLU A 1191 -28.03 -35.49 -19.95
N VAL A 1192 -28.09 -34.27 -19.44
CA VAL A 1192 -27.28 -33.16 -19.92
C VAL A 1192 -26.24 -32.86 -18.84
N LYS A 1193 -25.01 -33.34 -19.04
CA LYS A 1193 -23.93 -33.13 -18.08
C LYS A 1193 -23.44 -31.69 -18.23
N SER A 1194 -24.13 -30.79 -17.54
CA SER A 1194 -23.80 -29.38 -17.56
C SER A 1194 -23.66 -28.86 -16.12
N ALA A 1195 -22.83 -27.84 -15.96
CA ALA A 1195 -22.58 -27.26 -14.65
C ALA A 1195 -23.62 -26.22 -14.25
N GLN A 1196 -24.59 -25.95 -15.12
CA GLN A 1196 -25.64 -24.97 -14.84
C GLN A 1196 -26.98 -25.59 -14.52
N SER A 1197 -27.28 -26.78 -15.06
CA SER A 1197 -28.54 -27.44 -14.76
C SER A 1197 -28.63 -27.89 -13.31
N ALA A 1198 -27.49 -28.07 -12.63
CA ALA A 1198 -27.52 -28.38 -11.21
C ALA A 1198 -28.16 -27.25 -10.42
N GLU A 1199 -27.92 -26.00 -10.83
CA GLU A 1199 -28.57 -24.87 -10.19
C GLU A 1199 -30.07 -24.95 -10.32
N VAL A 1200 -30.56 -25.28 -11.53
CA VAL A 1200 -32.01 -25.38 -11.74
C VAL A 1200 -32.59 -26.51 -10.89
N THR A 1201 -31.90 -27.65 -10.85
CA THR A 1201 -32.41 -28.78 -10.08
C THR A 1201 -32.48 -28.47 -8.60
N ARG A 1202 -31.42 -27.86 -8.05
CA ARG A 1202 -31.44 -27.52 -6.63
C ARG A 1202 -32.46 -26.43 -6.34
N TRP A 1203 -32.68 -25.51 -7.29
CA TRP A 1203 -33.71 -24.50 -7.11
C TRP A 1203 -35.09 -25.13 -7.05
N ALA A 1204 -35.37 -26.10 -7.93
CA ALA A 1204 -36.65 -26.80 -7.88
C ALA A 1204 -36.79 -27.58 -6.58
N GLN A 1205 -35.70 -28.20 -6.13
CA GLN A 1205 -35.73 -28.93 -4.87
C GLN A 1205 -36.07 -28.00 -3.71
N LEU A 1206 -35.42 -26.83 -3.66
CA LEU A 1206 -35.74 -25.85 -2.63
C LEU A 1206 -37.18 -25.36 -2.76
N LEU A 1207 -37.68 -25.25 -3.99
CA LEU A 1207 -39.09 -24.88 -4.19
C LEU A 1207 -40.01 -25.90 -3.55
N VAL A 1208 -39.71 -27.19 -3.72
CA VAL A 1208 -40.61 -28.19 -3.16
C VAL A 1208 -40.41 -28.39 -1.66
N GLU A 1209 -39.23 -28.06 -1.07
CA GLU A 1209 -39.19 -27.87 0.40
C GLU A 1209 -39.99 -26.66 0.85
N SER A 1210 -40.00 -25.57 0.07
CA SER A 1210 -40.80 -24.42 0.44
C SER A 1210 -42.29 -24.78 0.46
N CYS A 1211 -42.74 -25.52 -0.55
CA CYS A 1211 -44.13 -25.94 -0.59
C CYS A 1211 -44.44 -26.89 0.57
N GLU A 1212 -43.50 -27.79 0.90
CA GLU A 1212 -43.70 -28.68 2.03
C GLU A 1212 -43.80 -27.91 3.35
N ALA A 1213 -42.96 -26.87 3.50
CA ALA A 1213 -43.01 -26.05 4.70
C ALA A 1213 -44.33 -25.30 4.80
N HIS A 1214 -44.83 -24.79 3.67
CA HIS A 1214 -46.13 -24.13 3.68
C HIS A 1214 -47.23 -25.12 4.06
N ILE A 1215 -47.15 -26.35 3.55
CA ILE A 1215 -48.12 -27.38 3.92
C ILE A 1215 -48.07 -27.66 5.42
N SER A 1216 -46.86 -27.78 5.96
CA SER A 1216 -46.70 -28.05 7.38
C SER A 1216 -47.27 -26.92 8.23
N ASP A 1217 -47.02 -25.67 7.83
CA ASP A 1217 -47.64 -24.53 8.50
C ASP A 1217 -49.15 -24.52 8.34
N SER A 1218 -49.66 -25.14 7.28
CA SER A 1218 -51.09 -25.22 7.06
C SER A 1218 -51.74 -26.39 7.78
N ALA A 1219 -50.95 -27.22 8.47
CA ALA A 1219 -51.46 -28.41 9.14
C ALA A 1219 -51.35 -28.30 10.66
N ILE A 1220 -51.26 -27.09 11.20
CA ILE A 1220 -51.19 -26.90 12.64
C ILE A 1220 -52.55 -27.15 13.26
N ASP A 1221 -52.55 -27.73 14.46
CA ASP A 1221 -53.79 -28.09 15.12
C ASP A 1221 -54.62 -26.87 15.50
N LEU A 1222 -53.97 -25.76 15.85
CA LEU A 1222 -54.62 -24.53 16.30
C LEU A 1222 -55.44 -24.73 17.57
N THR A 1223 -55.21 -25.83 18.28
CA THR A 1223 -55.92 -26.11 19.52
C THR A 1223 -54.99 -26.18 20.72
N ASN A 1224 -53.94 -26.99 20.64
CA ASN A 1224 -52.97 -27.10 21.73
C ASN A 1224 -51.78 -26.18 21.46
N MET A 1225 -52.07 -24.88 21.58
CA MET A 1225 -51.09 -23.84 21.26
C MET A 1225 -50.43 -23.22 22.48
N GLU A 1226 -50.88 -23.58 23.69
CA GLU A 1226 -50.29 -22.98 24.89
C GLU A 1226 -48.79 -23.24 25.04
N PRO A 1227 -48.24 -24.43 24.76
CA PRO A 1227 -46.77 -24.55 24.83
C PRO A 1227 -46.06 -23.62 23.87
N LEU A 1228 -46.61 -23.45 22.66
CA LEU A 1228 -46.04 -22.52 21.70
C LEU A 1228 -46.09 -21.09 22.24
N ARG A 1229 -47.22 -20.69 22.79
CA ARG A 1229 -47.37 -19.33 23.30
C ARG A 1229 -46.41 -19.06 24.45
N GLN A 1230 -46.29 -20.01 25.38
CA GLN A 1230 -45.38 -19.81 26.51
C GLN A 1230 -43.92 -19.82 26.04
N ARG A 1231 -43.60 -20.63 25.03
CA ARG A 1231 -42.25 -20.60 24.49
C ARG A 1231 -41.94 -19.25 23.86
N LEU A 1232 -42.87 -18.71 23.08
CA LEU A 1232 -42.65 -17.38 22.49
C LEU A 1232 -42.51 -16.31 23.58
N ALA A 1233 -43.33 -16.40 24.64
CA ALA A 1233 -43.21 -15.43 25.73
C ALA A 1233 -41.85 -15.53 26.41
N SER A 1234 -41.38 -16.75 26.66
CA SER A 1234 -40.07 -16.93 27.30
C SER A 1234 -38.96 -16.38 26.43
N LEU A 1235 -39.00 -16.66 25.12
CA LEU A 1235 -37.98 -16.12 24.22
C LEU A 1235 -38.03 -14.60 24.16
N ARG A 1236 -39.23 -14.03 24.14
CA ARG A 1236 -39.35 -12.57 24.16
C ARG A 1236 -38.71 -12.00 25.42
N ASP A 1237 -39.02 -12.58 26.58
CA ASP A 1237 -38.48 -12.08 27.83
C ASP A 1237 -36.96 -12.21 27.88
N ARG A 1238 -36.44 -13.35 27.44
CA ARG A 1238 -34.99 -13.55 27.46
C ARG A 1238 -34.28 -12.61 26.51
N SER A 1239 -34.84 -12.40 25.31
CA SER A 1239 -34.24 -11.47 24.37
C SER A 1239 -34.24 -10.05 24.91
N ARG A 1240 -35.36 -9.61 25.50
CA ARG A 1240 -35.41 -8.27 26.05
C ARG A 1240 -34.46 -8.10 27.22
N ASN A 1241 -34.35 -9.12 28.07
CA ASN A 1241 -33.42 -9.05 29.19
C ASN A 1241 -31.98 -8.99 28.71
N LEU A 1242 -31.64 -9.78 27.68
CA LEU A 1242 -30.29 -9.73 27.12
C LEU A 1242 -30.00 -8.37 26.51
N ALA A 1243 -30.97 -7.79 25.82
CA ALA A 1243 -30.77 -6.47 25.21
C ALA A 1243 -30.58 -5.40 26.27
N PHE A 1244 -31.42 -5.42 27.31
CA PHE A 1244 -31.36 -4.40 28.35
C PHE A 1244 -30.26 -4.66 29.38
N SER A 1245 -29.60 -5.81 29.32
CA SER A 1245 -28.47 -6.10 30.19
C SER A 1245 -27.21 -5.35 29.76
N MET A 1246 -27.28 -4.59 28.68
CA MET A 1246 -26.13 -3.81 28.24
C MET A 1246 -25.78 -2.76 29.29
N ASP A 1247 -24.51 -2.38 29.32
CA ASP A 1247 -24.02 -1.38 30.28
C ASP A 1247 -23.03 -0.48 29.57
N PHE A 1248 -23.51 0.64 29.06
CA PHE A 1248 -22.66 1.62 28.37
C PHE A 1248 -22.07 2.66 29.31
N THR A 1249 -22.46 2.65 30.58
CA THR A 1249 -22.04 3.70 31.50
C THR A 1249 -20.52 3.74 31.64
N PHE A 1250 -19.88 2.57 31.76
CA PHE A 1250 -18.43 2.54 31.88
C PHE A 1250 -17.72 2.93 30.58
N LEU A 1251 -18.44 2.98 29.46
CA LEU A 1251 -17.87 3.41 28.19
C LEU A 1251 -18.01 4.91 27.97
N TYR A 1252 -18.53 5.63 28.94
CA TYR A 1252 -18.77 7.06 28.83
C TYR A 1252 -17.56 7.84 29.32
N ARG A 1253 -17.02 8.70 28.47
CA ARG A 1253 -15.90 9.57 28.82
C ARG A 1253 -16.47 10.89 29.31
N LYS A 1254 -16.41 11.10 30.62
CA LYS A 1254 -16.93 12.34 31.21
C LYS A 1254 -15.88 13.44 31.20
N ASP A 1255 -15.26 13.63 30.05
CA ASP A 1255 -14.34 14.74 29.78
C ASP A 1255 -14.67 15.45 28.49
N ARG A 1256 -15.10 14.72 27.46
CA ARG A 1256 -15.52 15.29 26.19
C ARG A 1256 -16.89 14.78 25.77
N ARG A 1257 -17.62 14.13 26.67
CA ARG A 1257 -18.92 13.50 26.38
C ARG A 1257 -18.67 12.44 25.31
N LEU A 1258 -19.59 12.27 24.35
CA LEU A 1258 -19.45 11.29 23.28
C LEU A 1258 -19.25 9.89 23.84
N LEU A 1259 -18.78 8.98 23.00
CA LEU A 1259 -18.51 7.61 23.41
C LEU A 1259 -17.10 7.22 22.97
N SER A 1260 -16.40 6.49 23.83
CA SER A 1260 -15.13 5.89 23.44
C SER A 1260 -15.38 4.84 22.36
N ILE A 1261 -14.39 4.68 21.47
CA ILE A 1261 -14.55 3.73 20.38
C ILE A 1261 -14.68 2.32 20.91
N GLY A 1262 -13.96 2.00 21.96
CA GLY A 1262 -14.05 0.66 22.53
C GLY A 1262 -13.36 0.57 23.87
N TYR A 1263 -13.42 -0.61 24.45
CA TYR A 1263 -12.83 -0.90 25.75
C TYR A 1263 -11.78 -1.99 25.59
N ARG A 1264 -10.73 -1.90 26.40
CA ARG A 1264 -9.63 -2.86 26.38
C ARG A 1264 -9.60 -3.63 27.70
N VAL A 1265 -9.60 -4.95 27.60
CA VAL A 1265 -9.49 -5.79 28.79
C VAL A 1265 -8.10 -5.77 29.39
N GLU A 1266 -7.12 -5.19 28.69
CA GLU A 1266 -5.77 -5.06 29.20
C GLU A 1266 -5.63 -3.70 29.89
N SER A 1267 -5.24 -3.74 31.16
CA SER A 1267 -5.08 -2.56 32.01
C SER A 1267 -6.39 -1.83 32.29
N LYS A 1268 -7.51 -2.37 31.82
CA LYS A 1268 -8.84 -1.80 32.04
C LYS A 1268 -8.88 -0.34 31.56
N GLU A 1269 -8.50 -0.14 30.31
CA GLU A 1269 -8.35 1.19 29.74
C GLU A 1269 -9.35 1.41 28.61
N LEU A 1270 -9.80 2.65 28.47
CA LEU A 1270 -10.70 3.04 27.39
C LEU A 1270 -9.89 3.31 26.13
N ASP A 1271 -10.59 3.51 25.01
CA ASP A 1271 -9.94 3.87 23.77
C ASP A 1271 -9.71 5.38 23.74
N GLU A 1272 -8.86 5.83 22.81
CA GLU A 1272 -8.46 7.23 22.74
C GLU A 1272 -9.43 8.09 21.94
N ALA A 1273 -9.95 7.57 20.84
CA ALA A 1273 -10.79 8.37 19.97
C ALA A 1273 -12.24 8.33 20.45
N CYS A 1274 -13.08 9.14 19.80
CA CYS A 1274 -14.50 9.23 20.12
C CYS A 1274 -15.27 9.46 18.83
N TYR A 1275 -16.59 9.34 18.92
CA TYR A 1275 -17.49 9.56 17.79
C TYR A 1275 -18.17 10.91 17.95
N ASP A 1276 -18.03 11.77 16.94
CA ASP A 1276 -18.55 13.13 17.00
C ASP A 1276 -19.24 13.48 15.68
N LEU A 1277 -20.10 12.60 15.19
CA LEU A 1277 -20.76 12.83 13.91
C LEU A 1277 -22.16 12.24 13.93
N LEU A 1278 -23.13 13.01 13.43
CA LEU A 1278 -24.52 12.57 13.31
C LEU A 1278 -24.80 11.90 11.98
N ALA A 1279 -23.78 11.41 11.30
CA ALA A 1279 -23.92 10.77 9.99
C ALA A 1279 -23.18 9.43 9.98
N SER A 1280 -23.41 8.63 11.02
CA SER A 1280 -22.79 7.33 11.15
C SER A 1280 -23.77 6.37 11.80
N GLU A 1281 -23.47 5.08 11.68
CA GLU A 1281 -24.29 4.05 12.32
C GLU A 1281 -24.28 4.19 13.83
N CYS A 1282 -23.27 4.87 14.40
CA CYS A 1282 -23.21 5.08 15.83
C CYS A 1282 -24.47 5.76 16.35
N ARG A 1283 -25.11 6.57 15.49
CA ARG A 1283 -26.37 7.20 15.86
C ARG A 1283 -27.36 6.18 16.40
N LEU A 1284 -27.51 5.05 15.70
CA LEU A 1284 -28.39 3.99 16.19
C LEU A 1284 -28.01 3.58 17.60
N THR A 1285 -26.72 3.30 17.83
CA THR A 1285 -26.26 2.97 19.17
C THR A 1285 -26.59 4.10 20.13
N SER A 1286 -26.38 5.35 19.71
CA SER A 1286 -26.71 6.48 20.56
C SER A 1286 -28.16 6.43 21.03
N LEU A 1287 -29.07 6.01 20.14
CA LEU A 1287 -30.46 5.88 20.53
C LEU A 1287 -30.60 4.94 21.72
N PHE A 1288 -29.96 3.76 21.63
CA PHE A 1288 -29.98 2.87 22.79
C PHE A 1288 -29.32 3.53 23.99
N ALA A 1289 -28.21 4.25 23.74
CA ALA A 1289 -27.55 4.95 24.83
C ALA A 1289 -28.49 5.95 25.51
N ILE A 1290 -29.47 6.45 24.77
CA ILE A 1290 -30.51 7.26 25.39
C ILE A 1290 -31.71 6.42 25.79
N ALA A 1291 -32.01 5.37 25.03
CA ALA A 1291 -33.14 4.51 25.37
C ALA A 1291 -32.94 3.85 26.73
N LYS A 1292 -31.74 3.33 26.96
CA LYS A 1292 -31.43 2.74 28.25
C LYS A 1292 -31.41 3.79 29.36
N GLY A 1293 -31.19 5.05 29.00
CA GLY A 1293 -31.15 6.12 29.98
C GLY A 1293 -29.82 6.30 30.66
N ASP A 1294 -28.75 5.71 30.14
CA ASP A 1294 -27.43 5.81 30.75
C ASP A 1294 -26.68 7.07 30.33
N LEU A 1295 -27.22 7.85 29.41
CA LEU A 1295 -26.56 9.07 28.96
C LEU A 1295 -27.51 10.25 28.99
N PRO A 1296 -27.00 11.45 29.22
CA PRO A 1296 -27.85 12.64 29.18
C PRO A 1296 -28.19 13.03 27.75
N THR A 1297 -29.15 13.96 27.63
CA THR A 1297 -29.65 14.37 26.33
C THR A 1297 -28.68 15.26 25.56
N GLU A 1298 -27.80 16.00 26.24
CA GLU A 1298 -26.89 16.90 25.55
C GLU A 1298 -25.84 16.16 24.74
N HIS A 1299 -25.60 14.89 25.03
CA HIS A 1299 -24.65 14.11 24.25
C HIS A 1299 -25.08 14.01 22.81
N TRP A 1300 -26.37 13.83 22.57
CA TRP A 1300 -26.89 13.79 21.21
C TRP A 1300 -26.64 15.11 20.48
N TYR A 1301 -26.92 16.22 21.14
CA TYR A 1301 -26.82 17.52 20.50
C TYR A 1301 -25.38 18.01 20.37
N ARG A 1302 -24.44 17.41 21.10
CA ARG A 1302 -23.05 17.88 21.11
C ARG A 1302 -22.16 17.06 20.18
N LEU A 1303 -22.69 16.64 19.03
CA LEU A 1303 -21.87 15.96 18.03
C LEU A 1303 -22.50 16.11 16.66
N GLY A 1304 -21.66 16.07 15.64
CA GLY A 1304 -22.16 16.06 14.26
C GLY A 1304 -22.87 17.34 13.89
N ARG A 1305 -23.97 17.18 13.16
CA ARG A 1305 -24.82 18.30 12.72
C ARG A 1305 -24.03 19.30 11.89
N GLN A 1306 -23.36 18.79 10.85
CA GLN A 1306 -22.63 19.61 9.90
C GLN A 1306 -23.29 19.51 8.53
N VAL A 1307 -23.33 20.63 7.82
CA VAL A 1307 -24.00 20.72 6.53
C VAL A 1307 -23.00 21.20 5.48
N VAL A 1308 -23.05 20.58 4.32
CA VAL A 1308 -22.18 20.90 3.19
C VAL A 1308 -23.07 21.25 1.99
N PRO A 1309 -22.77 22.32 1.26
CA PRO A 1309 -23.57 22.66 0.07
C PRO A 1309 -23.35 21.65 -1.04
N ILE A 1310 -24.44 21.20 -1.65
CA ILE A 1310 -24.37 20.47 -2.91
C ILE A 1310 -25.75 20.53 -3.57
N GLY A 1311 -25.78 20.82 -4.86
CA GLY A 1311 -27.06 21.05 -5.52
C GLY A 1311 -27.73 22.30 -5.00
N ALA A 1312 -29.06 22.28 -4.95
CA ALA A 1312 -29.81 23.42 -4.46
C ALA A 1312 -29.98 23.42 -2.94
N GLN A 1313 -29.60 22.33 -2.27
CA GLN A 1313 -29.77 22.22 -0.82
C GLN A 1313 -28.45 21.88 -0.13
N GLY A 1314 -28.53 21.56 1.15
CA GLY A 1314 -27.35 21.16 1.92
C GLY A 1314 -27.53 19.75 2.46
N ALA A 1315 -26.43 18.99 2.46
CA ALA A 1315 -26.46 17.61 2.92
C ALA A 1315 -25.60 17.43 4.17
N LEU A 1316 -25.94 16.42 4.95
CA LEU A 1316 -25.18 16.12 6.15
C LEU A 1316 -23.77 15.65 5.79
N VAL A 1317 -22.78 16.21 6.46
CA VAL A 1317 -21.39 15.86 6.21
C VAL A 1317 -21.05 14.58 6.95
N SER A 1318 -20.45 13.63 6.24
CA SER A 1318 -20.10 12.33 6.82
C SER A 1318 -18.65 12.00 6.50
N TRP A 1319 -17.95 11.49 7.51
CA TRP A 1319 -16.58 11.02 7.33
C TRP A 1319 -16.58 9.77 6.45
N SER A 1320 -15.86 9.83 5.33
CA SER A 1320 -15.84 8.75 4.34
C SER A 1320 -17.27 8.45 3.87
N GLY A 1321 -17.83 9.44 3.18
CA GLY A 1321 -19.26 9.50 2.94
C GLY A 1321 -19.81 8.48 1.97
N SER A 1322 -19.83 7.22 2.39
CA SER A 1322 -20.54 6.18 1.66
C SER A 1322 -22.04 6.27 1.95
N MET A 1323 -22.79 5.28 1.45
CA MET A 1323 -24.23 5.25 1.69
C MET A 1323 -24.61 4.55 2.98
N PHE A 1324 -23.83 3.57 3.43
CA PHE A 1324 -24.22 2.81 4.62
C PHE A 1324 -24.26 3.68 5.87
N GLU A 1325 -23.49 4.78 5.90
CA GLU A 1325 -23.62 5.72 7.00
C GLU A 1325 -25.01 6.32 7.04
N TYR A 1326 -25.61 6.55 5.88
CA TYR A 1326 -26.93 7.15 5.77
C TYR A 1326 -28.04 6.14 5.68
N LEU A 1327 -27.75 4.84 5.76
CA LEU A 1327 -28.79 3.84 5.51
C LEU A 1327 -28.90 2.80 6.62
N MET A 1328 -27.79 2.51 7.31
CA MET A 1328 -27.87 1.58 8.44
C MET A 1328 -28.83 2.05 9.53
N PRO A 1329 -28.80 3.29 10.00
CA PRO A 1329 -29.79 3.72 11.00
C PRO A 1329 -31.22 3.60 10.45
N PRO A 1330 -31.56 4.25 9.33
CA PRO A 1330 -32.97 4.17 8.89
C PRO A 1330 -33.41 2.76 8.54
N LEU A 1331 -32.48 1.84 8.32
CA LEU A 1331 -32.85 0.44 8.15
C LEU A 1331 -33.54 -0.11 9.38
N VAL A 1332 -33.27 0.45 10.56
CA VAL A 1332 -33.78 -0.10 11.81
C VAL A 1332 -35.00 0.68 12.29
N MET A 1333 -34.81 1.97 12.59
CA MET A 1333 -35.91 2.75 13.12
C MET A 1333 -36.58 3.56 12.01
N GLN A 1334 -37.67 4.24 12.35
CA GLN A 1334 -38.51 4.92 11.37
C GLN A 1334 -38.14 6.39 11.30
N GLU A 1335 -38.02 6.90 10.08
CA GLU A 1335 -37.82 8.32 9.82
C GLU A 1335 -39.10 8.91 9.22
N ARG A 1336 -39.09 10.23 9.06
N ARG A 1336 -39.09 10.23 9.07
CA ARG A 1336 -40.24 10.95 8.54
CA ARG A 1336 -40.24 10.96 8.55
C ARG A 1336 -39.80 11.84 7.38
C ARG A 1336 -39.80 11.83 7.38
N GLN A 1337 -40.77 12.16 6.51
CA GLN A 1337 -40.45 12.93 5.32
C GLN A 1337 -39.92 14.32 5.65
N GLY A 1338 -40.53 14.99 6.64
CA GLY A 1338 -40.13 16.35 6.95
C GLY A 1338 -38.79 16.47 7.66
N GLY A 1339 -38.24 15.36 8.14
CA GLY A 1339 -37.01 15.41 8.88
C GLY A 1339 -35.80 15.69 8.00
N ILE A 1340 -34.75 16.23 8.64
CA ILE A 1340 -33.51 16.48 7.91
C ILE A 1340 -32.87 15.16 7.50
N LEU A 1341 -33.15 14.08 8.23
CA LEU A 1341 -32.51 12.80 7.93
C LEU A 1341 -32.97 12.26 6.59
N ASN A 1342 -34.29 12.25 6.35
CA ASN A 1342 -34.81 11.74 5.07
C ASN A 1342 -34.36 12.63 3.92
N GLN A 1343 -34.38 13.95 4.11
CA GLN A 1343 -33.91 14.86 3.07
C GLN A 1343 -32.45 14.61 2.73
N THR A 1344 -31.62 14.44 3.76
CA THR A 1344 -30.21 14.16 3.53
C THR A 1344 -30.01 12.83 2.82
N ASN A 1345 -30.80 11.82 3.18
CA ASN A 1345 -30.69 10.52 2.52
C ASN A 1345 -31.05 10.63 1.05
N ASN A 1346 -32.15 11.34 0.74
CA ASN A 1346 -32.53 11.54 -0.65
C ASN A 1346 -31.45 12.29 -1.41
N LEU A 1347 -30.88 13.33 -0.81
CA LEU A 1347 -29.76 14.02 -1.43
C LEU A 1347 -28.62 13.05 -1.71
N ILE A 1348 -28.17 12.33 -0.67
CA ILE A 1348 -27.07 11.38 -0.82
C ILE A 1348 -27.30 10.44 -1.99
N VAL A 1349 -28.54 9.95 -2.13
CA VAL A 1349 -28.86 9.09 -3.26
C VAL A 1349 -28.70 9.83 -4.58
N LYS A 1350 -29.22 11.06 -4.64
CA LYS A 1350 -29.17 11.82 -5.89
C LYS A 1350 -27.73 12.13 -6.30
N GLU A 1351 -26.91 12.59 -5.36
CA GLU A 1351 -25.51 12.87 -5.65
C GLU A 1351 -24.70 11.62 -5.92
N GLN A 1352 -25.05 10.48 -5.31
CA GLN A 1352 -24.37 9.23 -5.64
C GLN A 1352 -24.66 8.85 -7.09
N MET A 1353 -25.91 8.98 -7.52
CA MET A 1353 -26.24 8.70 -8.92
C MET A 1353 -25.52 9.70 -9.84
N ASN A 1354 -25.46 10.97 -9.44
CA ASN A 1354 -24.77 11.96 -10.26
C ASN A 1354 -23.29 11.64 -10.40
N HIS A 1355 -22.65 11.24 -9.30
CA HIS A 1355 -21.23 10.88 -9.36
C HIS A 1355 -21.02 9.64 -10.23
N GLY A 1356 -21.91 8.66 -10.12
CA GLY A 1356 -21.82 7.49 -10.99
C GLY A 1356 -21.95 7.86 -12.46
N ARG A 1357 -22.90 8.74 -12.77
CA ARG A 1357 -23.06 9.21 -14.15
C ARG A 1357 -21.82 9.94 -14.64
N ARG A 1358 -21.25 10.80 -13.79
CA ARG A 1358 -20.05 11.54 -14.18
C ARG A 1358 -18.89 10.60 -14.42
N LEU A 1359 -18.73 9.59 -13.57
CA LEU A 1359 -17.67 8.61 -13.76
C LEU A 1359 -18.02 7.55 -14.79
N GLY A 1360 -19.27 7.52 -15.26
CA GLY A 1360 -19.68 6.52 -16.24
C GLY A 1360 -20.07 5.20 -15.62
N THR A 1361 -19.24 4.72 -14.69
CA THR A 1361 -19.53 3.46 -14.01
C THR A 1361 -20.75 3.61 -13.11
N PRO A 1362 -21.54 2.55 -12.96
CA PRO A 1362 -22.69 2.61 -12.05
C PRO A 1362 -22.26 2.88 -10.62
N TRP A 1363 -23.13 3.57 -9.88
CA TRP A 1363 -22.82 3.94 -8.50
C TRP A 1363 -22.88 2.72 -7.59
N GLY A 1364 -22.60 2.95 -6.30
CA GLY A 1364 -22.54 1.87 -5.35
C GLY A 1364 -21.28 1.84 -4.50
N ILE A 1365 -20.59 2.98 -4.40
CA ILE A 1365 -19.36 3.07 -3.63
C ILE A 1365 -19.70 2.90 -2.15
N SER A 1366 -19.28 1.80 -1.56
CA SER A 1366 -19.56 1.52 -0.16
C SER A 1366 -18.49 0.58 0.39
N GLU A 1367 -18.71 0.09 1.61
CA GLU A 1367 -17.81 -0.90 2.20
C GLU A 1367 -17.72 -2.11 1.29
N ALA A 1368 -16.49 -2.51 0.98
CA ALA A 1368 -16.27 -3.59 0.02
C ALA A 1368 -14.84 -4.10 0.17
N ALA A 1369 -14.46 -5.02 -0.70
CA ALA A 1369 -13.11 -5.57 -0.75
C ALA A 1369 -12.50 -5.19 -2.10
N PHE A 1370 -11.49 -4.32 -2.07
CA PHE A 1370 -10.81 -3.94 -3.30
C PHE A 1370 -10.08 -5.14 -3.89
N ASN A 1371 -10.00 -5.17 -5.22
CA ASN A 1371 -9.40 -6.30 -5.93
C ASN A 1371 -7.89 -6.24 -5.74
N ALA A 1372 -7.44 -6.75 -4.60
CA ALA A 1372 -6.02 -6.88 -4.32
C ALA A 1372 -5.85 -8.02 -3.32
N ARG A 1373 -4.83 -8.83 -3.53
CA ARG A 1373 -4.63 -10.07 -2.80
C ARG A 1373 -3.52 -9.89 -1.77
N ASP A 1374 -3.29 -10.95 -0.99
CA ASP A 1374 -2.16 -11.04 -0.08
C ASP A 1374 -1.99 -12.51 0.27
N HIS A 1375 -0.91 -12.82 0.99
CA HIS A 1375 -0.69 -14.19 1.44
C HIS A 1375 -1.87 -14.67 2.26
N ASN A 1376 -2.25 -15.94 2.06
CA ASN A 1376 -3.47 -16.50 2.63
C ASN A 1376 -4.69 -15.70 2.18
N MET A 1377 -4.95 -15.80 0.88
CA MET A 1377 -5.86 -14.92 0.14
C MET A 1377 -7.10 -14.58 0.95
N ASN A 1378 -7.36 -13.28 1.13
CA ASN A 1378 -8.58 -12.82 1.77
C ASN A 1378 -9.22 -11.62 1.10
N TYR A 1379 -8.60 -11.06 0.05
CA TYR A 1379 -9.13 -9.93 -0.70
C TYR A 1379 -9.18 -8.65 0.13
N GLN A 1380 -8.81 -8.75 1.40
CA GLN A 1380 -8.83 -7.62 2.34
C GLN A 1380 -10.19 -6.96 2.45
N TYR A 1381 -10.25 -5.82 3.13
CA TYR A 1381 -11.50 -5.12 3.40
C TYR A 1381 -11.21 -3.73 3.94
N THR A 1382 -11.85 -2.70 3.36
CA THR A 1382 -11.61 -1.33 3.78
C THR A 1382 -12.86 -0.50 3.48
N ASN A 1383 -12.77 0.78 3.83
CA ASN A 1383 -13.87 1.71 3.65
C ASN A 1383 -13.68 2.53 2.38
N PHE A 1384 -14.79 2.91 1.75
CA PHE A 1384 -14.76 3.68 0.53
C PHE A 1384 -15.81 4.79 0.62
N GLY A 1385 -15.62 5.82 -0.19
CA GLY A 1385 -16.55 6.93 -0.19
C GLY A 1385 -16.33 7.83 -1.38
N VAL A 1386 -16.94 9.01 -1.32
CA VAL A 1386 -16.82 10.00 -2.39
C VAL A 1386 -16.08 11.22 -1.84
N PRO A 1387 -15.14 11.79 -2.60
CA PRO A 1387 -14.42 12.97 -2.10
C PRO A 1387 -15.32 14.18 -1.86
N THR A 1388 -16.46 14.26 -2.56
CA THR A 1388 -17.34 15.41 -2.38
C THR A 1388 -17.92 15.46 -0.98
N LEU A 1389 -18.28 14.30 -0.42
CA LEU A 1389 -18.99 14.24 0.84
C LEU A 1389 -18.29 13.34 1.84
N GLY A 1390 -16.96 13.34 1.85
CA GLY A 1390 -16.22 12.40 2.67
C GLY A 1390 -15.38 13.02 3.77
N LEU A 1391 -14.87 14.23 3.55
CA LEU A 1391 -13.95 14.89 4.48
C LEU A 1391 -12.75 13.98 4.81
N LYS A 1392 -12.22 13.34 3.79
CA LYS A 1392 -11.09 12.42 3.96
C LYS A 1392 -10.34 12.33 2.65
N ARG A 1393 -9.07 12.72 2.65
CA ARG A 1393 -8.27 12.67 1.44
C ARG A 1393 -7.95 11.23 1.07
N GLY A 1394 -8.18 10.89 -0.19
CA GLY A 1394 -7.88 9.56 -0.68
C GLY A 1394 -9.10 8.71 -0.97
N LEU A 1395 -10.16 9.34 -1.46
CA LEU A 1395 -11.39 8.63 -1.80
C LEU A 1395 -11.62 8.51 -3.30
N GLY A 1396 -11.15 9.46 -4.09
CA GLY A 1396 -11.34 9.43 -5.52
C GLY A 1396 -10.34 8.61 -6.30
N GLN A 1397 -9.39 7.96 -5.62
CA GLN A 1397 -8.35 7.18 -6.27
C GLN A 1397 -8.69 5.70 -6.38
N ASN A 1398 -9.87 5.28 -5.90
CA ASN A 1398 -10.23 3.87 -5.89
C ASN A 1398 -11.40 3.56 -6.82
N ALA A 1399 -12.54 4.22 -6.64
CA ALA A 1399 -13.74 4.02 -7.46
C ALA A 1399 -14.14 2.55 -7.48
N VAL A 1400 -14.49 2.04 -6.30
CA VAL A 1400 -14.93 0.66 -6.14
C VAL A 1400 -16.46 0.66 -6.03
N ILE A 1401 -17.11 -0.22 -6.79
CA ILE A 1401 -18.56 -0.26 -6.87
C ILE A 1401 -19.05 -1.54 -6.20
N ALA A 1402 -19.93 -1.38 -5.21
CA ALA A 1402 -20.52 -2.51 -4.50
C ALA A 1402 -21.99 -2.62 -4.84
N PRO A 1403 -22.45 -3.74 -5.43
CA PRO A 1403 -23.86 -3.84 -5.81
C PRO A 1403 -24.83 -3.71 -4.65
N TYR A 1404 -24.47 -4.21 -3.47
CA TYR A 1404 -25.41 -4.22 -2.34
C TYR A 1404 -25.78 -2.81 -1.90
N ALA A 1405 -24.94 -1.82 -2.22
CA ALA A 1405 -25.30 -0.44 -1.91
C ALA A 1405 -26.55 -0.01 -2.67
N SER A 1406 -26.71 -0.48 -3.91
CA SER A 1406 -27.92 -0.18 -4.67
C SER A 1406 -29.15 -0.77 -4.00
N ILE A 1407 -29.08 -2.02 -3.54
CA ILE A 1407 -30.21 -2.64 -2.85
C ILE A 1407 -30.52 -1.88 -1.57
N LEU A 1408 -29.47 -1.53 -0.81
CA LEU A 1408 -29.66 -0.83 0.45
C LEU A 1408 -30.27 0.55 0.24
N ALA A 1409 -29.91 1.22 -0.85
CA ALA A 1409 -30.48 2.52 -1.20
C ALA A 1409 -31.69 2.38 -2.12
N SER A 1410 -32.65 1.55 -1.72
CA SER A 1410 -33.86 1.35 -2.48
C SER A 1410 -35.10 1.91 -1.81
N GLN A 1411 -34.99 2.36 -0.56
CA GLN A 1411 -36.14 2.90 0.17
C GLN A 1411 -36.56 4.27 -0.35
N TYR A 1412 -35.78 4.89 -1.22
CA TYR A 1412 -36.09 6.22 -1.72
C TYR A 1412 -36.17 6.31 -3.23
N ASP A 1413 -35.67 5.31 -3.97
CA ASP A 1413 -35.73 5.33 -5.43
C ASP A 1413 -35.65 3.92 -5.96
N PRO A 1414 -36.76 3.17 -5.98
CA PRO A 1414 -36.68 1.77 -6.40
C PRO A 1414 -36.39 1.58 -7.88
N ASP A 1415 -36.93 2.45 -8.73
CA ASP A 1415 -36.74 2.28 -10.17
C ASP A 1415 -35.28 2.45 -10.57
N GLY A 1416 -34.63 3.50 -10.08
CA GLY A 1416 -33.22 3.70 -10.38
C GLY A 1416 -32.33 2.62 -9.79
N ALA A 1417 -32.67 2.16 -8.59
CA ALA A 1417 -31.92 1.08 -7.99
C ALA A 1417 -32.03 -0.19 -8.82
N LEU A 1418 -33.24 -0.49 -9.31
CA LEU A 1418 -33.42 -1.67 -10.16
C LEU A 1418 -32.68 -1.52 -11.48
N GLU A 1419 -32.69 -0.31 -12.06
CA GLU A 1419 -31.96 -0.09 -13.31
C GLU A 1419 -30.46 -0.28 -13.11
N ASN A 1420 -29.92 0.25 -12.00
CA ASN A 1420 -28.50 0.04 -11.71
C ASN A 1420 -28.20 -1.44 -11.47
N LEU A 1421 -29.11 -2.14 -10.80
CA LEU A 1421 -28.92 -3.57 -10.56
C LEU A 1421 -28.93 -4.34 -11.88
N ASP A 1422 -29.80 -3.96 -12.80
CA ASP A 1422 -29.81 -4.59 -14.12
C ASP A 1422 -28.52 -4.30 -14.88
N LYS A 1423 -28.03 -3.07 -14.79
CA LYS A 1423 -26.75 -2.75 -15.41
C LYS A 1423 -25.63 -3.61 -14.86
N LEU A 1424 -25.61 -3.81 -13.54
CA LEU A 1424 -24.64 -4.73 -12.95
C LEU A 1424 -24.86 -6.16 -13.43
N ARG A 1425 -26.12 -6.56 -13.58
CA ARG A 1425 -26.43 -7.90 -14.04
C ARG A 1425 -25.92 -8.13 -15.46
N LYS A 1426 -25.86 -7.07 -16.28
CA LYS A 1426 -25.30 -7.20 -17.62
C LYS A 1426 -23.85 -7.67 -17.57
N LEU A 1427 -23.15 -7.47 -16.47
CA LEU A 1427 -21.81 -8.00 -16.27
C LEU A 1427 -21.87 -9.21 -15.34
N GLY A 1428 -20.72 -9.87 -15.19
CA GLY A 1428 -20.65 -11.06 -14.37
C GLY A 1428 -20.58 -10.77 -12.89
N ALA A 1429 -21.61 -10.12 -12.35
CA ALA A 1429 -21.67 -9.76 -10.95
C ALA A 1429 -22.54 -10.71 -10.13
N LEU A 1430 -23.01 -11.80 -10.72
CA LEU A 1430 -23.89 -12.75 -10.06
C LEU A 1430 -23.16 -14.06 -9.80
N GLY A 1431 -23.43 -14.67 -8.66
CA GLY A 1431 -22.84 -15.96 -8.34
C GLY A 1431 -23.86 -16.94 -7.80
N GLN A 1432 -23.38 -18.07 -7.28
CA GLN A 1432 -24.29 -19.08 -6.73
C GLN A 1432 -25.04 -18.53 -5.52
N TYR A 1433 -24.35 -17.82 -4.64
CA TYR A 1433 -24.97 -17.24 -3.45
C TYR A 1433 -25.37 -15.79 -3.69
N GLY A 1434 -26.23 -15.61 -4.70
CA GLY A 1434 -26.70 -14.29 -5.02
C GLY A 1434 -25.59 -13.40 -5.56
N PHE A 1435 -25.71 -12.10 -5.26
CA PHE A 1435 -24.75 -11.12 -5.75
C PHE A 1435 -23.40 -11.28 -5.05
N HIS A 1436 -22.34 -10.93 -5.78
CA HIS A 1436 -20.99 -10.97 -5.23
C HIS A 1436 -20.76 -9.76 -4.34
N ASP A 1437 -19.53 -9.57 -3.91
CA ASP A 1437 -19.23 -8.48 -2.97
C ASP A 1437 -19.26 -7.13 -3.68
N ALA A 1438 -18.39 -6.95 -4.68
CA ALA A 1438 -18.26 -5.65 -5.33
C ALA A 1438 -17.59 -5.84 -6.69
N VAL A 1439 -17.45 -4.73 -7.41
CA VAL A 1439 -16.72 -4.70 -8.68
C VAL A 1439 -15.81 -3.49 -8.67
N ASP A 1440 -14.58 -3.68 -9.14
CA ASP A 1440 -13.55 -2.65 -9.13
C ASP A 1440 -13.30 -2.15 -10.55
N PHE A 1441 -13.26 -0.82 -10.68
CA PHE A 1441 -12.99 -0.16 -11.94
C PHE A 1441 -11.65 0.56 -11.95
N THR A 1442 -10.84 0.37 -10.93
CA THR A 1442 -9.57 1.09 -10.81
C THR A 1442 -8.57 0.56 -11.83
N PRO A 1443 -7.98 1.42 -12.67
CA PRO A 1443 -7.01 0.92 -13.65
C PRO A 1443 -5.80 0.24 -13.03
N THR A 1444 -5.40 0.67 -11.83
CA THR A 1444 -4.23 0.06 -11.19
C THR A 1444 -4.49 -1.35 -10.70
N ARG A 1445 -5.76 -1.78 -10.64
CA ARG A 1445 -6.11 -3.12 -10.18
C ARG A 1445 -7.01 -3.81 -11.19
N VAL A 1446 -6.76 -3.59 -12.48
CA VAL A 1446 -7.53 -4.25 -13.53
C VAL A 1446 -6.55 -4.84 -14.55
N PRO A 1447 -6.67 -6.12 -14.89
CA PRO A 1447 -5.74 -6.74 -15.83
C PRO A 1447 -6.14 -6.41 -17.27
N ASP A 1448 -5.31 -6.89 -18.21
CA ASP A 1448 -5.39 -6.69 -19.66
C ASP A 1448 -6.29 -5.55 -20.11
N GLY A 1449 -7.18 -5.82 -21.05
CA GLY A 1449 -8.11 -4.83 -21.57
C GLY A 1449 -9.50 -4.87 -20.97
N LYS A 1450 -9.71 -5.60 -19.89
CA LYS A 1450 -11.01 -5.67 -19.26
C LYS A 1450 -11.39 -4.30 -18.68
N VAL A 1451 -12.70 -4.02 -18.66
CA VAL A 1451 -13.18 -2.73 -18.16
C VAL A 1451 -13.27 -2.72 -16.64
N CYS A 1452 -13.65 -3.83 -16.01
CA CYS A 1452 -13.76 -3.89 -14.56
C CYS A 1452 -13.68 -5.34 -14.13
N ALA A 1453 -13.29 -5.53 -12.87
CA ALA A 1453 -13.09 -6.89 -12.33
C ALA A 1453 -14.00 -7.10 -11.14
N VAL A 1454 -14.71 -8.22 -11.13
CA VAL A 1454 -15.68 -8.52 -10.07
C VAL A 1454 -14.98 -9.27 -8.95
N VAL A 1455 -15.01 -8.69 -7.75
CA VAL A 1455 -14.41 -9.31 -6.58
C VAL A 1455 -15.33 -10.44 -6.10
N TYR A 1456 -14.75 -11.62 -5.92
CA TYR A 1456 -15.52 -12.83 -5.61
C TYR A 1456 -15.50 -13.09 -4.11
N ASN A 1457 -16.31 -12.32 -3.39
CA ASN A 1457 -16.49 -12.50 -1.96
C ASN A 1457 -17.99 -12.53 -1.64
N TYR A 1458 -18.31 -13.20 -0.53
CA TYR A 1458 -19.66 -13.17 0.01
C TYR A 1458 -19.60 -12.78 1.48
N TYR A 1459 -20.41 -11.81 1.86
CA TYR A 1459 -20.43 -11.27 3.22
C TYR A 1459 -21.79 -11.54 3.86
N ALA A 1460 -21.79 -11.65 5.18
CA ALA A 1460 -23.02 -11.92 5.92
C ALA A 1460 -23.80 -10.64 6.19
N HIS A 1461 -23.13 -9.60 6.68
CA HIS A 1461 -23.83 -8.36 7.01
C HIS A 1461 -24.35 -7.67 5.74
N HIS A 1462 -23.64 -7.78 4.63
CA HIS A 1462 -24.13 -7.21 3.38
C HIS A 1462 -25.45 -7.87 2.97
N HIS A 1463 -25.50 -9.19 3.03
CA HIS A 1463 -26.72 -9.91 2.67
C HIS A 1463 -27.84 -9.59 3.64
N GLY A 1464 -27.53 -9.48 4.94
CA GLY A 1464 -28.54 -9.09 5.90
C GLY A 1464 -29.10 -7.72 5.63
N MET A 1465 -28.23 -6.77 5.30
CA MET A 1465 -28.69 -5.42 4.95
C MET A 1465 -29.58 -5.45 3.73
N SER A 1466 -29.19 -6.21 2.71
CA SER A 1466 -30.00 -6.31 1.50
C SER A 1466 -31.38 -6.90 1.81
N ILE A 1467 -31.41 -7.96 2.62
CA ILE A 1467 -32.67 -8.59 2.97
C ILE A 1467 -33.56 -7.63 3.75
N ALA A 1468 -32.97 -6.90 4.70
CA ALA A 1468 -33.75 -5.93 5.46
C ALA A 1468 -34.30 -4.84 4.56
N ALA A 1469 -33.48 -4.34 3.64
CA ALA A 1469 -33.93 -3.26 2.76
C ALA A 1469 -35.06 -3.72 1.86
N VAL A 1470 -34.94 -4.91 1.27
CA VAL A 1470 -36.00 -5.39 0.39
C VAL A 1470 -37.27 -5.71 1.18
N ALA A 1471 -37.13 -6.21 2.41
CA ALA A 1471 -38.30 -6.46 3.24
C ALA A 1471 -39.01 -5.16 3.58
N ASN A 1472 -38.25 -4.12 3.90
CA ASN A 1472 -38.85 -2.82 4.20
C ASN A 1472 -39.54 -2.24 2.98
N VAL A 1473 -38.91 -2.38 1.80
CA VAL A 1473 -39.51 -1.83 0.59
C VAL A 1473 -40.80 -2.58 0.24
N ALA A 1474 -40.76 -3.91 0.27
CA ALA A 1474 -41.93 -4.70 -0.10
C ALA A 1474 -43.04 -4.57 0.93
N PHE A 1475 -42.69 -4.65 2.21
CA PHE A 1475 -43.68 -4.63 3.29
C PHE A 1475 -43.77 -3.27 3.96
N ASP A 1476 -43.59 -2.19 3.19
CA ASP A 1476 -43.71 -0.80 3.65
C ASP A 1476 -43.07 -0.59 5.02
N GLY A 1477 -41.80 -0.99 5.13
CA GLY A 1477 -41.03 -0.75 6.33
C GLY A 1477 -41.57 -1.44 7.57
N VAL A 1478 -41.83 -2.75 7.46
CA VAL A 1478 -42.36 -3.49 8.60
C VAL A 1478 -41.36 -3.52 9.74
N LEU A 1479 -40.07 -3.58 9.43
CA LEU A 1479 -39.05 -3.59 10.48
C LEU A 1479 -39.07 -2.30 11.27
N ARG A 1480 -39.25 -1.16 10.60
CA ARG A 1480 -39.31 0.12 11.29
C ARG A 1480 -40.50 0.20 12.25
N GLU A 1481 -41.56 -0.56 11.98
CA GLU A 1481 -42.73 -0.58 12.86
C GLU A 1481 -42.52 -1.51 14.05
N LEU A 1482 -42.04 -2.73 13.80
CA LEU A 1482 -41.85 -3.68 14.88
C LEU A 1482 -40.73 -3.25 15.83
N PHE A 1483 -39.69 -2.61 15.28
CA PHE A 1483 -38.64 -2.07 16.15
C PHE A 1483 -39.19 -0.94 17.02
N HIS A 1484 -40.10 -0.13 16.47
CA HIS A 1484 -40.70 0.97 17.19
C HIS A 1484 -41.84 0.54 18.09
N SER A 1485 -42.17 -0.76 18.13
CA SER A 1485 -43.28 -1.26 18.94
C SER A 1485 -42.88 -1.51 20.39
N ASP A 1486 -41.80 -0.90 20.86
CA ASP A 1486 -41.40 -0.96 22.25
C ASP A 1486 -41.58 0.41 22.89
N PRO A 1487 -42.17 0.49 24.08
CA PRO A 1487 -42.46 1.81 24.68
C PRO A 1487 -41.22 2.67 24.87
N VAL A 1488 -40.07 2.06 25.14
CA VAL A 1488 -38.83 2.83 25.27
C VAL A 1488 -38.49 3.51 23.95
N ILE A 1489 -38.77 2.85 22.83
CA ILE A 1489 -38.48 3.45 21.53
C ILE A 1489 -39.34 4.69 21.32
N GLU A 1490 -40.63 4.63 21.66
CA GLU A 1490 -41.45 5.84 21.59
C GLU A 1490 -40.96 6.92 22.56
N ALA A 1491 -40.49 6.50 23.75
CA ALA A 1491 -39.98 7.47 24.70
C ALA A 1491 -38.78 8.22 24.14
N ALA A 1492 -37.89 7.52 23.45
CA ALA A 1492 -36.70 8.13 22.87
C ALA A 1492 -36.94 8.73 21.48
N GLU A 1493 -38.11 8.47 20.87
CA GLU A 1493 -38.35 8.94 19.52
C GLU A 1493 -38.52 10.46 19.45
N LEU A 1494 -39.01 11.08 20.52
CA LEU A 1494 -39.14 12.54 20.51
C LEU A 1494 -37.78 13.23 20.45
N LEU A 1495 -36.71 12.53 20.84
CA LEU A 1495 -35.37 13.03 20.58
C LEU A 1495 -35.10 13.13 19.09
N LEU A 1496 -35.69 12.24 18.30
CA LEU A 1496 -35.74 12.35 16.85
C LEU A 1496 -36.82 13.34 16.46
N GLN A 1497 -37.26 13.29 15.19
CA GLN A 1497 -38.31 14.13 14.62
C GLN A 1497 -37.70 15.45 14.18
N GLU A 1498 -37.25 16.26 15.15
CA GLU A 1498 -36.47 17.48 14.93
C GLU A 1498 -37.09 18.39 13.88
N LYS A 1499 -36.31 19.31 13.31
CA LYS A 1499 -36.83 20.29 12.35
C LYS A 1499 -35.74 20.65 11.36
N ALA A 1500 -36.02 20.45 10.07
CA ALA A 1500 -35.08 20.84 9.03
C ALA A 1500 -34.97 22.36 8.94
N PRO A 1501 -33.78 22.85 8.60
CA PRO A 1501 -33.37 24.24 8.95
C PRO A 1501 -33.39 25.20 7.77
N ARG A 1502 -32.74 24.85 6.66
CA ARG A 1502 -32.71 25.64 5.43
C ARG A 1502 -32.13 27.03 5.64
N GLU A 1503 -31.46 27.26 6.77
CA GLU A 1503 -30.83 28.55 7.03
C GLU A 1503 -29.48 28.42 7.72
N VAL A 1504 -28.90 27.23 7.77
CA VAL A 1504 -27.63 27.04 8.45
C VAL A 1504 -26.50 27.67 7.67
N PRO A 1505 -25.42 28.01 8.38
CA PRO A 1505 -24.24 28.61 7.78
C PRO A 1505 -23.48 27.53 7.03
N VAL A 1506 -23.86 27.31 5.77
CA VAL A 1506 -23.23 26.29 4.95
C VAL A 1506 -21.78 26.66 4.66
N MET A 1507 -20.91 25.64 4.71
CA MET A 1507 -19.48 25.85 4.57
C MET A 1507 -19.11 26.02 3.10
N SER A 1508 -17.81 26.02 2.80
CA SER A 1508 -17.30 26.17 1.45
C SER A 1508 -16.39 25.00 1.10
N ALA A 1509 -16.44 24.61 -0.17
CA ALA A 1509 -15.64 23.49 -0.65
C ALA A 1509 -14.16 23.85 -0.70
N GLY A 1517 -13.80 17.19 -16.48
CA GLY A 1517 -13.67 15.75 -16.32
C GLY A 1517 -12.56 15.41 -15.33
N LYS A 1518 -12.45 16.21 -14.27
CA LYS A 1518 -11.41 15.97 -13.27
C LYS A 1518 -11.67 14.68 -12.50
N GLU A 1519 -12.94 14.28 -12.37
CA GLU A 1519 -13.27 13.06 -11.64
C GLU A 1519 -12.68 11.83 -12.33
N GLN A 1520 -12.73 11.81 -13.66
CA GLN A 1520 -12.18 10.67 -14.40
C GLN A 1520 -10.68 10.54 -14.21
N ALA A 1521 -9.95 11.66 -14.20
CA ALA A 1521 -8.52 11.64 -14.03
C ALA A 1521 -8.08 11.53 -12.58
N ASP A 1522 -9.01 11.66 -11.62
CA ASP A 1522 -8.66 11.56 -10.22
C ASP A 1522 -8.30 10.14 -9.79
N LEU A 1523 -8.80 9.14 -10.52
CA LEU A 1523 -8.51 7.75 -10.16
C LEU A 1523 -7.04 7.45 -10.37
N LEU A 1524 -6.52 6.54 -9.54
CA LEU A 1524 -5.13 6.15 -9.64
C LEU A 1524 -4.87 5.43 -10.96
N ARG A 1525 -3.76 5.76 -11.61
CA ARG A 1525 -3.38 5.19 -12.89
C ARG A 1525 -2.01 4.55 -12.78
N ALA A 1526 -1.87 3.36 -13.35
CA ALA A 1526 -0.60 2.65 -13.32
C ALA A 1526 0.43 3.34 -14.21
N GLU A 1527 1.69 3.23 -13.81
CA GLU A 1527 2.78 3.85 -14.56
C GLU A 1527 3.23 2.90 -15.67
N VAL A 1528 3.21 3.40 -16.91
CA VAL A 1528 3.62 2.63 -18.08
C VAL A 1528 4.94 3.21 -18.58
N ARG A 1529 6.04 2.56 -18.25
CA ARG A 1529 7.37 3.00 -18.66
C ARG A 1529 7.61 2.54 -20.09
N SER A 1530 7.53 3.48 -21.03
CA SER A 1530 7.71 3.21 -22.45
C SER A 1530 8.95 3.94 -22.96
N ILE A 1531 9.79 3.22 -23.69
CA ILE A 1531 11.01 3.78 -24.27
C ILE A 1531 10.81 3.92 -25.76
N ALA A 1532 10.99 5.14 -26.27
CA ALA A 1532 10.78 5.42 -27.68
C ALA A 1532 11.72 4.62 -28.58
N ASP A 1533 13.02 4.89 -28.47
CA ASP A 1533 14.03 4.22 -29.28
C ASP A 1533 15.12 3.67 -28.38
N PRO A 1534 15.08 2.39 -28.03
CA PRO A 1534 16.09 1.82 -27.13
C PRO A 1534 17.40 1.53 -27.82
N ALA A 1535 17.89 2.48 -28.60
CA ALA A 1535 19.20 2.35 -29.25
C ALA A 1535 20.08 3.57 -29.03
N VAL A 1536 19.50 4.77 -29.04
CA VAL A 1536 20.27 5.99 -28.82
C VAL A 1536 20.01 6.61 -27.46
N ARG A 1537 18.99 6.17 -26.74
CA ARG A 1537 18.71 6.68 -25.41
C ARG A 1537 19.48 5.87 -24.36
N ASP A 1538 19.40 6.30 -23.11
CA ASP A 1538 20.05 5.58 -22.03
C ASP A 1538 19.37 4.22 -21.83
N ARG A 1539 20.17 3.25 -21.40
CA ARG A 1539 19.64 1.90 -21.21
C ARG A 1539 18.63 1.86 -20.09
N GLU A 1540 17.65 0.97 -20.23
CA GLU A 1540 16.62 0.76 -19.23
C GLU A 1540 16.52 -0.73 -18.92
N VAL A 1541 16.35 -1.05 -17.63
CA VAL A 1541 16.33 -2.42 -17.16
C VAL A 1541 15.08 -2.63 -16.32
N VAL A 1542 14.70 -3.90 -16.18
CA VAL A 1542 13.53 -4.29 -15.38
C VAL A 1542 13.79 -5.66 -14.77
N PHE A 1543 13.39 -5.80 -13.51
CA PHE A 1543 13.53 -7.03 -12.75
C PHE A 1543 12.23 -7.82 -12.80
N LEU A 1544 12.34 -9.15 -12.75
CA LEU A 1544 11.17 -10.00 -12.62
C LEU A 1544 11.47 -11.10 -11.62
N SER A 1545 10.53 -11.36 -10.72
CA SER A 1545 10.75 -12.32 -9.64
C SER A 1545 9.55 -13.24 -9.50
N ASN A 1546 9.81 -14.46 -9.03
CA ASN A 1546 8.78 -15.43 -8.70
C ASN A 1546 8.87 -15.89 -7.25
N GLY A 1547 9.61 -15.17 -6.42
CA GLY A 1547 9.88 -15.58 -5.06
C GLY A 1547 11.09 -16.48 -4.92
N HIS A 1548 11.36 -17.31 -5.93
CA HIS A 1548 12.53 -18.16 -5.92
C HIS A 1548 13.23 -18.19 -7.27
N TYR A 1549 12.84 -17.33 -8.21
CA TYR A 1549 13.44 -17.31 -9.55
C TYR A 1549 13.35 -15.89 -10.08
N SER A 1550 14.50 -15.30 -10.37
CA SER A 1550 14.57 -13.90 -10.78
C SER A 1550 15.31 -13.78 -12.11
N THR A 1551 14.93 -12.76 -12.87
CA THR A 1551 15.52 -12.51 -14.18
C THR A 1551 15.60 -11.02 -14.47
N MET A 1552 16.53 -10.68 -15.34
CA MET A 1552 16.82 -9.31 -15.76
C MET A 1552 16.42 -9.14 -17.22
N LEU A 1553 15.73 -8.06 -17.54
CA LEU A 1553 15.40 -7.73 -18.92
C LEU A 1553 15.79 -6.29 -19.20
N THR A 1554 16.70 -6.08 -20.13
CA THR A 1554 17.12 -4.74 -20.50
C THR A 1554 16.29 -4.23 -21.68
N SER A 1555 16.37 -2.91 -21.88
CA SER A 1555 15.66 -2.30 -23.00
C SER A 1555 16.15 -2.82 -24.35
N THR A 1556 17.40 -3.23 -24.43
CA THR A 1556 17.95 -3.81 -25.65
C THR A 1556 17.74 -5.31 -25.74
N GLY A 1557 17.17 -5.93 -24.71
CA GLY A 1557 16.92 -7.36 -24.72
C GLY A 1557 17.90 -8.20 -23.95
N ALA A 1558 18.87 -7.60 -23.28
CA ALA A 1558 19.85 -8.36 -22.52
C ALA A 1558 19.30 -8.69 -21.13
N GLY A 1559 20.12 -9.33 -20.31
CA GLY A 1559 19.76 -9.68 -18.95
C GLY A 1559 20.28 -11.05 -18.61
N TYR A 1560 19.81 -11.57 -17.48
CA TYR A 1560 20.23 -12.87 -16.98
C TYR A 1560 19.02 -13.58 -16.39
N SER A 1561 19.29 -14.68 -15.69
CA SER A 1561 18.23 -15.47 -15.04
C SER A 1561 18.84 -16.14 -13.82
N LYS A 1562 18.38 -15.73 -12.64
CA LYS A 1562 18.88 -16.25 -11.37
C LYS A 1562 17.79 -17.04 -10.66
N TRP A 1563 18.16 -18.22 -10.16
CA TRP A 1563 17.22 -19.09 -9.45
C TRP A 1563 17.84 -19.50 -8.13
N ASN A 1564 17.35 -18.92 -7.05
CA ASN A 1564 17.78 -19.25 -5.69
C ASN A 1564 19.30 -19.08 -5.53
N GLY A 1565 19.74 -17.84 -5.69
CA GLY A 1565 21.15 -17.52 -5.56
C GLY A 1565 21.94 -17.82 -6.81
N GLN A 1566 21.99 -19.09 -7.20
CA GLN A 1566 22.70 -19.48 -8.40
C GLN A 1566 21.94 -19.04 -9.64
N ALA A 1567 22.69 -18.67 -10.68
CA ALA A 1567 22.13 -18.15 -11.91
C ALA A 1567 21.94 -19.27 -12.93
N ILE A 1568 21.43 -18.90 -14.11
CA ILE A 1568 21.16 -19.86 -15.16
C ILE A 1568 21.86 -19.43 -16.44
N SER A 1569 21.63 -18.18 -16.86
CA SER A 1569 22.21 -17.65 -18.08
C SER A 1569 23.34 -16.69 -17.73
N ARG A 1570 24.49 -16.88 -18.38
CA ARG A 1570 25.66 -16.07 -18.09
C ARG A 1570 25.43 -14.62 -18.54
N TRP A 1571 25.89 -13.68 -17.71
CA TRP A 1571 25.74 -12.26 -18.01
C TRP A 1571 26.81 -11.49 -17.26
N LYS A 1572 27.45 -10.56 -17.95
CA LYS A 1572 28.47 -9.71 -17.36
C LYS A 1572 28.09 -8.24 -17.54
N ALA A 1573 28.39 -7.44 -16.52
CA ALA A 1573 28.03 -6.02 -16.52
C ALA A 1573 29.06 -5.25 -17.33
N ASP A 1574 28.88 -5.25 -18.65
CA ASP A 1574 29.73 -4.49 -19.54
C ASP A 1574 28.98 -3.27 -20.02
N PRO A 1575 29.31 -2.06 -19.55
CA PRO A 1575 28.57 -0.87 -19.99
C PRO A 1575 28.64 -0.62 -21.48
N THR A 1576 29.75 -0.98 -22.14
CA THR A 1576 29.93 -0.70 -23.55
C THR A 1576 29.47 -1.82 -24.47
N ASP A 1577 29.35 -3.05 -23.95
CA ASP A 1577 28.99 -4.19 -24.78
C ASP A 1577 27.51 -4.53 -24.66
N ASP A 1578 27.05 -4.88 -23.46
CA ASP A 1578 25.65 -5.17 -23.17
C ASP A 1578 25.05 -6.14 -24.19
N ARG A 1579 25.70 -7.30 -24.31
CA ARG A 1579 25.30 -8.30 -25.30
C ARG A 1579 25.27 -9.69 -24.65
N TRP A 1580 24.65 -9.80 -23.49
CA TRP A 1580 24.54 -11.05 -22.77
C TRP A 1580 23.09 -11.32 -22.42
N GLY A 1581 22.60 -12.50 -22.78
CA GLY A 1581 21.25 -12.90 -22.41
C GLY A 1581 20.61 -13.73 -23.50
N THR A 1582 19.35 -14.09 -23.26
CA THR A 1582 18.57 -14.84 -24.23
C THR A 1582 18.14 -13.92 -25.35
N PHE A 1583 18.34 -14.37 -26.59
CA PHE A 1583 18.08 -13.54 -27.76
C PHE A 1583 17.24 -14.32 -28.76
N ILE A 1584 16.41 -13.59 -29.51
CA ILE A 1584 15.55 -14.16 -30.54
C ILE A 1584 15.93 -13.54 -31.87
N PHE A 1585 16.19 -14.39 -32.86
CA PHE A 1585 16.63 -13.96 -34.18
C PHE A 1585 15.62 -14.40 -35.22
N LEU A 1586 15.36 -13.52 -36.19
CA LEU A 1586 14.44 -13.77 -37.29
C LEU A 1586 15.24 -13.72 -38.59
N ARG A 1587 15.18 -14.79 -39.38
CA ARG A 1587 15.91 -14.86 -40.63
C ARG A 1587 14.93 -15.08 -41.78
N ASP A 1588 15.04 -14.26 -42.82
CA ASP A 1588 14.28 -14.46 -44.04
C ASP A 1588 14.93 -15.54 -44.89
N THR A 1589 14.08 -16.28 -45.61
CA THR A 1589 14.56 -17.39 -46.42
C THR A 1589 14.93 -16.94 -47.83
N THR A 1590 14.00 -16.31 -48.55
CA THR A 1590 14.28 -15.87 -49.90
C THR A 1590 15.33 -14.77 -49.93
N ASN A 1591 15.15 -13.72 -49.13
CA ASN A 1591 16.11 -12.64 -49.10
C ASN A 1591 17.43 -13.06 -48.46
N GLY A 1592 17.38 -13.95 -47.47
CA GLY A 1592 18.56 -14.38 -46.78
C GLY A 1592 19.03 -13.47 -45.67
N GLN A 1593 18.36 -12.33 -45.47
CA GLN A 1593 18.72 -11.43 -44.39
C GLN A 1593 18.27 -11.98 -43.05
N TRP A 1594 18.99 -11.59 -42.00
CA TRP A 1594 18.66 -11.97 -40.64
C TRP A 1594 18.81 -10.76 -39.74
N TRP A 1595 18.05 -10.76 -38.65
CA TRP A 1595 18.09 -9.68 -37.67
C TRP A 1595 17.59 -10.25 -36.34
N SER A 1596 17.42 -9.37 -35.36
CA SER A 1596 17.01 -9.78 -34.03
C SER A 1596 15.62 -9.25 -33.71
N ALA A 1597 14.89 -10.02 -32.89
CA ALA A 1597 13.59 -9.56 -32.42
C ALA A 1597 13.73 -8.29 -31.58
N THR A 1598 14.74 -8.22 -30.74
CA THR A 1598 15.06 -7.00 -30.00
C THR A 1598 15.93 -6.12 -30.89
N ALA A 1599 16.48 -5.05 -30.32
CA ALA A 1599 17.29 -4.08 -31.06
C ALA A 1599 18.65 -3.97 -30.40
N GLU A 1600 19.59 -4.81 -30.83
CA GLU A 1600 20.97 -4.70 -30.34
C GLU A 1600 21.97 -5.35 -31.29
N PRO A 1601 21.94 -6.67 -31.53
CA PRO A 1601 23.05 -7.30 -32.25
C PRO A 1601 23.11 -6.92 -33.72
N ARG A 1602 22.00 -7.09 -34.45
CA ARG A 1602 21.97 -6.84 -35.89
C ARG A 1602 21.48 -5.44 -36.22
N VAL A 1603 20.23 -5.13 -35.87
CA VAL A 1603 19.60 -3.83 -36.10
C VAL A 1603 19.73 -3.44 -37.57
N ILE A 1604 18.86 -3.98 -38.41
CA ILE A 1604 18.87 -3.66 -39.84
C ILE A 1604 18.23 -2.29 -40.04
N GLU A 1605 18.37 -1.75 -41.25
CA GLU A 1605 17.86 -0.42 -41.54
C GLU A 1605 16.34 -0.36 -41.36
N GLY A 1606 15.86 0.81 -40.97
CA GLY A 1606 14.45 0.98 -40.61
C GLY A 1606 14.20 0.64 -39.13
N GLU A 1607 13.47 -0.45 -38.89
CA GLU A 1607 13.28 -1.01 -37.56
C GLU A 1607 12.70 0.03 -36.59
N LYS A 1608 11.49 0.47 -36.89
CA LYS A 1608 10.74 1.31 -35.96
C LYS A 1608 10.39 0.46 -34.75
N THR A 1609 11.12 0.65 -33.66
CA THR A 1609 11.01 -0.21 -32.49
C THR A 1609 10.59 0.60 -31.26
N LYS A 1610 10.01 -0.10 -30.29
CA LYS A 1610 9.62 0.49 -29.03
C LYS A 1610 9.65 -0.59 -27.96
N THR A 1611 9.76 -0.14 -26.70
CA THR A 1611 9.87 -1.04 -25.56
C THR A 1611 8.98 -0.54 -24.44
N ILE A 1612 8.21 -1.45 -23.85
CA ILE A 1612 7.30 -1.13 -22.75
C ILE A 1612 7.68 -1.97 -21.56
N PHE A 1613 8.05 -1.31 -20.46
CA PHE A 1613 8.36 -1.94 -19.18
C PHE A 1613 7.25 -1.59 -18.20
N THR A 1614 6.19 -2.38 -18.20
CA THR A 1614 5.17 -2.31 -17.17
C THR A 1614 5.41 -3.41 -16.15
N ASP A 1615 4.51 -3.51 -15.17
CA ASP A 1615 4.64 -4.55 -14.17
C ASP A 1615 4.43 -5.93 -14.79
N ASP A 1616 5.11 -6.92 -14.21
CA ASP A 1616 4.94 -8.33 -14.58
C ASP A 1616 5.42 -8.59 -16.00
N LYS A 1617 4.68 -8.12 -17.00
CA LYS A 1617 5.03 -8.40 -18.38
C LYS A 1617 5.99 -7.34 -18.92
N ALA A 1618 6.71 -7.70 -19.98
CA ALA A 1618 7.56 -6.77 -20.72
C ALA A 1618 7.30 -6.93 -22.20
N GLU A 1619 7.29 -5.81 -22.93
CA GLU A 1619 6.94 -5.83 -24.35
C GLU A 1619 8.05 -5.20 -25.18
N PHE A 1620 8.42 -5.86 -26.27
CA PHE A 1620 9.37 -5.34 -27.25
C PHE A 1620 8.69 -5.39 -28.62
N HIS A 1621 8.28 -4.25 -29.15
CA HIS A 1621 7.60 -4.19 -30.43
C HIS A 1621 8.55 -3.64 -31.49
N LYS A 1622 8.45 -4.18 -32.71
CA LYS A 1622 9.33 -3.74 -33.78
C LYS A 1622 8.65 -3.95 -35.13
N THR A 1623 8.58 -2.88 -35.92
CA THR A 1623 8.07 -2.94 -37.28
C THR A 1623 9.21 -2.65 -38.24
N ILE A 1624 9.43 -3.55 -39.19
CA ILE A 1624 10.48 -3.40 -40.18
C ILE A 1624 9.92 -3.05 -41.55
N GLY A 1625 8.63 -2.74 -41.62
CA GLY A 1625 7.98 -2.51 -42.89
C GLY A 1625 7.34 -3.79 -43.41
N ASP A 1626 6.01 -3.81 -43.48
CA ASP A 1626 5.19 -4.92 -43.92
C ASP A 1626 5.16 -6.05 -42.89
N LEU A 1627 5.99 -6.00 -41.85
CA LEU A 1627 6.04 -7.02 -40.82
C LEU A 1627 6.08 -6.37 -39.45
N GLN A 1628 5.34 -6.95 -38.51
CA GLN A 1628 5.37 -6.48 -37.12
C GLN A 1628 5.66 -7.67 -36.21
N SER A 1629 6.73 -7.55 -35.42
CA SER A 1629 7.13 -8.59 -34.49
C SER A 1629 7.10 -8.03 -33.07
N VAL A 1630 6.40 -8.73 -32.18
CA VAL A 1630 6.28 -8.33 -30.79
C VAL A 1630 6.76 -9.47 -29.91
N VAL A 1631 7.50 -9.12 -28.86
CA VAL A 1631 8.03 -10.07 -27.89
C VAL A 1631 7.41 -9.75 -26.54
N GLU A 1632 6.78 -10.75 -25.94
CA GLU A 1632 6.19 -10.63 -24.61
C GLU A 1632 7.00 -11.50 -23.67
N CYS A 1633 7.69 -10.88 -22.73
CA CYS A 1633 8.49 -11.57 -21.73
C CYS A 1633 7.71 -11.64 -20.42
N ILE A 1634 7.56 -12.86 -19.89
CA ILE A 1634 6.76 -13.11 -18.70
C ILE A 1634 7.47 -14.14 -17.84
N VAL A 1635 7.13 -14.18 -16.56
CA VAL A 1635 7.65 -15.17 -15.63
C VAL A 1635 6.48 -16.03 -15.15
N ALA A 1636 6.73 -17.34 -15.06
CA ALA A 1636 5.67 -18.29 -14.73
C ALA A 1636 5.38 -18.27 -13.23
N THR A 1637 4.23 -18.86 -12.88
CA THR A 1637 3.76 -18.93 -11.50
C THR A 1637 3.87 -20.35 -10.99
N GLU A 1638 4.31 -20.48 -9.73
CA GLU A 1638 4.44 -21.75 -9.00
C GLU A 1638 5.08 -22.86 -9.83
N HIS A 1639 5.94 -22.49 -10.77
CA HIS A 1639 6.68 -23.46 -11.55
C HIS A 1639 8.14 -23.11 -11.76
N ASP A 1640 8.58 -21.88 -11.45
CA ASP A 1640 9.96 -21.44 -11.66
C ASP A 1640 10.34 -21.55 -13.14
N ALA A 1641 9.61 -20.82 -13.97
CA ALA A 1641 9.81 -20.82 -15.41
C ALA A 1641 9.70 -19.41 -15.96
N GLU A 1642 10.22 -19.24 -17.17
CA GLU A 1642 10.13 -17.97 -17.88
C GLU A 1642 9.64 -18.24 -19.29
N GLY A 1643 8.85 -17.31 -19.82
CA GLY A 1643 8.25 -17.49 -21.13
C GLY A 1643 8.42 -16.27 -22.01
N ARG A 1644 8.59 -16.51 -23.30
CA ARG A 1644 8.75 -15.46 -24.29
C ARG A 1644 7.83 -15.77 -25.46
N ARG A 1645 6.83 -14.92 -25.68
CA ARG A 1645 5.90 -15.05 -26.79
C ARG A 1645 6.38 -14.16 -27.92
N ILE A 1646 6.77 -14.77 -29.04
CA ILE A 1646 7.13 -14.05 -30.25
C ILE A 1646 5.94 -14.13 -31.20
N THR A 1647 5.42 -12.97 -31.59
CA THR A 1647 4.26 -12.89 -32.47
C THR A 1647 4.64 -12.07 -33.69
N LEU A 1648 4.51 -12.67 -34.87
CA LEU A 1648 4.81 -12.02 -36.14
C LEU A 1648 3.53 -11.91 -36.93
N LEU A 1649 3.19 -10.69 -37.36
CA LEU A 1649 2.01 -10.44 -38.16
C LEU A 1649 2.40 -9.69 -39.43
N ASN A 1650 1.79 -10.08 -40.54
CA ASN A 1650 2.04 -9.50 -41.84
C ASN A 1650 0.98 -8.44 -42.16
N VAL A 1651 1.33 -7.55 -43.09
CA VAL A 1651 0.46 -6.48 -43.53
C VAL A 1651 0.10 -6.62 -45.01
N GLY A 1652 1.12 -6.75 -45.86
CA GLY A 1652 0.88 -6.91 -47.28
C GLY A 1652 0.30 -8.27 -47.61
N SER A 1653 -0.36 -8.33 -48.78
CA SER A 1653 -1.00 -9.56 -49.24
C SER A 1653 0.01 -10.37 -50.04
N GLU A 1654 0.95 -10.98 -49.31
CA GLU A 1654 1.97 -11.83 -49.92
C GLU A 1654 2.49 -12.80 -48.88
N ASP A 1655 2.53 -14.09 -49.25
CA ASP A 1655 3.08 -15.10 -48.36
C ASP A 1655 4.59 -14.89 -48.20
N ARG A 1656 5.07 -15.05 -46.97
CA ARG A 1656 6.47 -14.84 -46.66
C ARG A 1656 6.97 -15.95 -45.77
N TYR A 1657 8.22 -16.37 -46.01
CA TYR A 1657 8.87 -17.40 -45.22
C TYR A 1657 9.82 -16.76 -44.22
N ILE A 1658 9.75 -17.19 -42.97
CA ILE A 1658 10.60 -16.69 -41.90
C ILE A 1658 11.04 -17.85 -41.03
N GLU A 1659 12.17 -17.67 -40.35
CA GLU A 1659 12.69 -18.67 -39.43
C GLU A 1659 13.07 -18.01 -38.11
N VAL A 1660 12.72 -18.67 -37.01
CA VAL A 1660 13.00 -18.18 -35.66
C VAL A 1660 14.17 -18.93 -35.09
N THR A 1661 14.94 -18.25 -34.24
CA THR A 1661 16.07 -18.85 -33.55
C THR A 1661 16.14 -18.31 -32.13
N SER A 1662 16.39 -19.19 -31.17
CA SER A 1662 16.55 -18.81 -29.77
C SER A 1662 17.97 -19.11 -29.32
N TYR A 1663 18.59 -18.17 -28.61
CA TYR A 1663 19.97 -18.32 -28.16
C TYR A 1663 20.06 -18.00 -26.68
N MET A 1664 20.68 -18.89 -25.92
CA MET A 1664 20.93 -18.67 -24.50
C MET A 1664 21.99 -19.66 -24.04
N GLU A 1665 22.86 -19.20 -23.15
CA GLU A 1665 23.98 -20.00 -22.67
C GLU A 1665 23.71 -20.48 -21.25
N PRO A 1666 23.56 -21.79 -21.02
CA PRO A 1666 23.22 -22.27 -19.68
C PRO A 1666 24.45 -22.32 -18.78
N VAL A 1667 24.36 -21.64 -17.64
CA VAL A 1667 25.41 -21.67 -16.63
C VAL A 1667 24.75 -21.83 -15.26
N ILE A 1668 24.81 -23.04 -14.71
CA ILE A 1668 24.20 -23.35 -13.42
C ILE A 1668 25.28 -23.19 -12.36
N ALA A 1669 25.43 -21.96 -11.86
CA ALA A 1669 26.45 -21.67 -10.86
C ALA A 1669 26.05 -20.42 -10.10
N SER A 1670 26.71 -20.20 -8.97
CA SER A 1670 26.44 -19.04 -8.12
C SER A 1670 27.26 -17.83 -8.56
N GLU A 1671 27.19 -17.50 -9.85
CA GLU A 1671 27.79 -16.31 -10.41
C GLU A 1671 29.31 -16.29 -10.24
N ASP A 1672 29.76 -16.21 -8.98
CA ASP A 1672 31.19 -16.09 -8.71
C ASP A 1672 31.95 -17.32 -9.19
N ASP A 1673 31.37 -18.51 -9.00
CA ASP A 1673 32.05 -19.73 -9.41
C ASP A 1673 32.31 -19.76 -10.90
N ASP A 1674 31.33 -19.35 -11.71
CA ASP A 1674 31.53 -19.28 -13.14
C ASP A 1674 32.52 -18.18 -13.52
N ASN A 1675 32.40 -17.02 -12.89
CA ASN A 1675 33.26 -15.90 -13.23
C ASN A 1675 34.71 -16.10 -12.78
N ALA A 1676 34.93 -16.99 -11.79
CA ALA A 1676 36.29 -17.22 -11.32
C ALA A 1676 37.08 -18.08 -12.31
N HIS A 1677 36.60 -19.30 -12.55
CA HIS A 1677 37.25 -20.23 -13.49
C HIS A 1677 36.18 -20.72 -14.46
N PRO A 1678 35.95 -19.99 -15.56
CA PRO A 1678 34.86 -20.34 -16.46
C PRO A 1678 34.96 -21.74 -17.04
N LEU A 1679 36.17 -22.26 -17.26
CA LEU A 1679 36.32 -23.55 -17.92
C LEU A 1679 35.71 -24.69 -17.11
N PHE A 1680 35.79 -24.64 -15.78
CA PHE A 1680 35.12 -25.64 -14.96
C PHE A 1680 33.62 -25.63 -15.21
N SER A 1681 33.01 -24.45 -15.22
CA SER A 1681 31.57 -24.36 -15.47
C SER A 1681 31.23 -24.85 -16.87
N ARG A 1682 32.09 -24.55 -17.85
CA ARG A 1682 31.85 -25.04 -19.20
C ARG A 1682 31.90 -26.55 -19.27
N MET A 1683 32.86 -27.17 -18.57
CA MET A 1683 33.03 -28.62 -18.65
C MET A 1683 31.93 -29.35 -17.89
N PHE A 1684 31.55 -28.86 -16.72
CA PHE A 1684 30.59 -29.57 -15.88
C PHE A 1684 29.14 -29.24 -16.27
N VAL A 1685 28.84 -29.50 -17.54
CA VAL A 1685 27.48 -29.37 -18.07
C VAL A 1685 27.20 -30.58 -18.94
N GLN A 1686 26.09 -31.25 -18.68
CA GLN A 1686 25.66 -32.43 -19.44
C GLN A 1686 24.29 -32.13 -20.03
N THR A 1687 24.25 -31.84 -21.32
CA THR A 1687 23.01 -31.53 -22.03
C THR A 1687 22.73 -32.59 -23.08
N GLU A 1688 21.44 -32.83 -23.32
CA GLU A 1688 21.01 -33.84 -24.28
C GLU A 1688 19.59 -33.53 -24.73
N ILE A 1689 19.19 -34.20 -25.81
CA ILE A 1689 17.86 -34.05 -26.39
C ILE A 1689 17.12 -35.38 -26.24
N GLY A 1690 15.86 -35.32 -25.84
CA GLY A 1690 15.05 -36.50 -25.61
C GLY A 1690 14.20 -36.87 -26.82
N ARG A 1691 13.41 -37.92 -26.63
CA ARG A 1691 12.49 -38.37 -27.67
C ARG A 1691 11.43 -37.30 -27.92
N ARG A 1692 10.92 -37.26 -29.16
CA ARG A 1692 10.03 -36.20 -29.61
C ARG A 1692 10.69 -34.84 -29.39
N GLY A 1693 11.72 -34.57 -30.19
CA GLY A 1693 12.65 -33.54 -29.84
C GLY A 1693 12.17 -32.12 -30.04
N ASP A 1694 11.82 -31.48 -28.93
CA ASP A 1694 11.63 -30.04 -28.86
C ASP A 1694 12.04 -29.46 -27.52
N VAL A 1695 12.39 -30.29 -26.54
CA VAL A 1695 12.80 -29.84 -25.21
C VAL A 1695 14.24 -30.30 -25.00
N ILE A 1696 15.14 -29.35 -24.81
CA ILE A 1696 16.54 -29.64 -24.53
C ILE A 1696 16.79 -29.48 -23.04
N ARG A 1697 17.31 -30.53 -22.41
CA ARG A 1697 17.55 -30.54 -20.97
C ARG A 1697 19.05 -30.45 -20.69
N ALA A 1698 19.37 -29.93 -19.51
CA ALA A 1698 20.75 -29.78 -19.09
C ALA A 1698 20.81 -29.80 -17.57
N TRP A 1699 21.94 -30.26 -17.05
CA TRP A 1699 22.18 -30.33 -15.61
C TRP A 1699 23.65 -30.66 -15.38
N ARG A 1700 24.21 -30.10 -14.32
CA ARG A 1700 25.60 -30.38 -13.98
C ARG A 1700 25.77 -31.84 -13.57
N ASN A 1701 26.89 -32.43 -13.96
CA ASN A 1701 27.22 -33.78 -13.53
C ASN A 1701 27.52 -33.79 -12.04
N ARG A 1702 27.13 -34.88 -11.39
CA ARG A 1702 27.30 -34.99 -9.94
C ARG A 1702 28.77 -35.10 -9.58
N ARG A 1703 29.27 -34.16 -8.80
CA ARG A 1703 30.66 -34.16 -8.34
C ARG A 1703 30.77 -34.69 -6.92
N SER A 1704 30.07 -34.08 -5.98
CA SER A 1704 30.07 -34.46 -4.57
C SER A 1704 28.63 -34.69 -4.11
N GLN A 1705 28.48 -34.93 -2.81
CA GLN A 1705 27.18 -35.21 -2.21
C GLN A 1705 26.54 -33.97 -1.61
N ASN A 1706 26.81 -32.79 -2.15
CA ASN A 1706 26.25 -31.56 -1.59
C ASN A 1706 25.76 -30.58 -2.66
N GLU A 1707 25.74 -30.97 -3.94
CA GLU A 1707 25.23 -29.98 -4.88
C GLU A 1707 23.79 -30.33 -5.27
N PRO A 1708 22.95 -29.32 -5.48
CA PRO A 1708 21.54 -29.57 -5.82
C PRO A 1708 21.38 -30.29 -7.16
N GLY A 1709 21.92 -29.69 -8.21
CA GLY A 1709 21.83 -30.24 -9.55
C GLY A 1709 21.05 -29.34 -10.49
N THR A 1710 19.91 -28.83 -10.00
CA THR A 1710 19.13 -27.79 -10.67
C THR A 1710 18.95 -28.08 -12.17
N VAL A 1711 18.18 -29.12 -12.49
CA VAL A 1711 17.96 -29.48 -13.89
C VAL A 1711 17.16 -28.38 -14.58
N ILE A 1712 17.66 -27.92 -15.72
CA ILE A 1712 16.99 -26.89 -16.50
C ILE A 1712 16.65 -27.46 -17.87
N ALA A 1713 15.73 -26.79 -18.55
CA ALA A 1713 15.36 -27.21 -19.89
C ALA A 1713 14.78 -26.02 -20.65
N HIS A 1714 14.78 -26.15 -21.97
CA HIS A 1714 14.28 -25.10 -22.86
C HIS A 1714 13.47 -25.74 -23.97
N LEU A 1715 12.30 -25.16 -24.27
CA LEU A 1715 11.40 -25.71 -25.27
C LEU A 1715 10.85 -24.59 -26.13
N ALA A 1716 10.44 -24.96 -27.35
CA ALA A 1716 9.96 -24.00 -28.34
C ALA A 1716 8.44 -23.82 -28.31
N ALA A 1717 7.70 -24.91 -28.20
CA ALA A 1717 6.23 -24.89 -28.16
C ALA A 1717 5.66 -24.17 -29.38
N ASP A 1718 5.85 -24.78 -30.53
CA ASP A 1718 5.33 -24.22 -31.77
C ASP A 1718 3.81 -24.21 -31.77
N ASN A 1719 3.23 -23.12 -32.26
CA ASN A 1719 1.79 -23.00 -32.40
C ASN A 1719 1.46 -22.35 -33.74
N ALA A 1720 0.22 -22.58 -34.19
CA ALA A 1720 -0.26 -22.04 -35.46
C ALA A 1720 0.61 -22.47 -36.62
N GLY A 1721 1.04 -23.73 -36.61
CA GLY A 1721 1.87 -24.28 -37.66
C GLY A 1721 1.76 -25.79 -37.75
N PRO A 1722 2.26 -26.35 -38.85
CA PRO A 1722 2.20 -27.82 -39.01
C PRO A 1722 3.22 -28.52 -38.13
N SER A 1723 3.28 -29.85 -38.25
CA SER A 1723 4.22 -30.66 -37.46
C SER A 1723 5.51 -30.80 -38.25
N ARG A 1724 6.54 -30.07 -37.84
CA ARG A 1724 7.84 -30.12 -38.49
C ARG A 1724 8.93 -30.38 -37.46
N PRO A 1725 10.03 -31.03 -37.86
CA PRO A 1725 11.12 -31.27 -36.92
C PRO A 1725 11.81 -29.97 -36.53
N THR A 1726 12.35 -29.95 -35.31
CA THR A 1726 13.07 -28.80 -34.81
C THR A 1726 14.52 -28.83 -35.29
N GLU A 1727 15.27 -27.80 -34.92
CA GLU A 1727 16.69 -27.73 -35.21
C GLU A 1727 17.41 -27.20 -33.97
N PHE A 1728 18.35 -27.99 -33.46
CA PHE A 1728 19.05 -27.64 -32.23
C PHE A 1728 20.56 -27.74 -32.44
N GLU A 1729 21.30 -27.03 -31.60
CA GLU A 1729 22.77 -27.09 -31.62
C GLU A 1729 23.27 -26.68 -30.25
N THR A 1730 24.02 -27.56 -29.60
CA THR A 1730 24.54 -27.33 -28.26
C THR A 1730 26.04 -27.06 -28.25
N ASP A 1731 26.58 -26.68 -29.41
CA ASP A 1731 28.02 -26.41 -29.54
C ASP A 1731 28.20 -24.98 -30.01
N ARG A 1732 28.70 -24.12 -29.12
CA ARG A 1732 28.92 -22.72 -29.49
C ARG A 1732 30.06 -22.56 -30.48
N ALA A 1733 30.99 -23.51 -30.54
CA ALA A 1733 32.09 -23.43 -31.51
C ALA A 1733 31.55 -23.49 -32.93
N LYS A 1734 30.57 -24.36 -33.18
CA LYS A 1734 29.92 -24.45 -34.48
C LYS A 1734 28.80 -23.44 -34.65
N PHE A 1735 28.52 -22.64 -33.63
CA PHE A 1735 27.51 -21.59 -33.73
C PHE A 1735 28.12 -20.23 -34.06
N ILE A 1736 29.26 -19.91 -33.46
CA ILE A 1736 29.87 -18.61 -33.67
C ILE A 1736 30.72 -18.59 -34.93
N GLY A 1737 31.75 -19.43 -34.99
CA GLY A 1737 32.58 -19.51 -36.17
C GLY A 1737 34.06 -19.43 -35.91
N ARG A 1738 34.46 -19.35 -34.64
CA ARG A 1738 35.85 -19.31 -34.23
C ARG A 1738 36.59 -18.12 -34.87
N GLY A 1739 36.20 -16.94 -34.43
CA GLY A 1739 36.82 -15.72 -34.91
C GLY A 1739 35.81 -14.62 -35.13
N ARG A 1740 34.55 -14.89 -34.78
CA ARG A 1740 33.48 -13.93 -34.95
C ARG A 1740 32.81 -13.66 -33.61
N SER A 1741 31.74 -12.87 -33.61
CA SER A 1741 31.03 -12.52 -32.38
C SER A 1741 29.54 -12.74 -32.59
N LEU A 1742 28.76 -12.48 -31.53
CA LEU A 1742 27.32 -12.56 -31.66
C LEU A 1742 26.78 -11.53 -32.64
N ARG A 1743 27.48 -10.41 -32.79
CA ARG A 1743 27.06 -9.39 -33.74
C ARG A 1743 27.12 -9.87 -35.18
N GLU A 1744 27.96 -10.86 -35.47
CA GLU A 1744 28.02 -11.48 -36.79
C GLU A 1744 28.39 -12.94 -36.59
N ALA A 1745 27.39 -13.81 -36.55
CA ALA A 1745 27.60 -15.23 -36.33
C ALA A 1745 27.56 -16.00 -37.65
N ALA A 1746 28.23 -17.14 -37.65
CA ALA A 1746 28.27 -17.99 -38.84
C ALA A 1746 27.02 -18.85 -38.99
N ALA A 1747 26.19 -18.95 -37.96
CA ALA A 1747 24.97 -19.75 -38.04
C ALA A 1747 23.93 -19.15 -38.98
N PHE A 1748 24.10 -17.90 -39.40
CA PHE A 1748 23.15 -17.25 -40.30
C PHE A 1748 23.68 -17.15 -41.72
N ASP A 1749 24.66 -17.98 -42.08
CA ASP A 1749 25.21 -18.00 -43.43
C ASP A 1749 24.33 -18.89 -44.31
N ALA A 1750 24.79 -19.15 -45.54
CA ALA A 1750 24.06 -20.00 -46.47
C ALA A 1750 24.60 -21.43 -46.35
N GLY A 1751 24.19 -22.10 -45.29
CA GLY A 1751 24.61 -23.45 -45.00
C GLY A 1751 24.91 -23.62 -43.54
N ALA A 1752 25.43 -24.80 -43.19
CA ALA A 1752 25.76 -25.13 -41.81
C ALA A 1752 24.57 -24.90 -40.88
N THR A 1753 23.44 -25.51 -41.25
CA THR A 1753 22.17 -25.23 -40.59
C THR A 1753 21.91 -26.23 -39.46
N LEU A 1754 22.64 -26.05 -38.36
CA LEU A 1754 22.38 -26.72 -37.09
C LEU A 1754 22.42 -28.25 -37.26
N SER A 1755 23.64 -28.75 -37.48
CA SER A 1755 23.88 -30.17 -37.71
C SER A 1755 23.47 -31.05 -36.53
N SER A 1756 22.98 -30.43 -35.45
CA SER A 1756 22.39 -31.13 -34.32
C SER A 1756 23.41 -32.07 -33.65
N SER A 1757 24.45 -31.45 -33.10
CA SER A 1757 25.45 -32.15 -32.31
C SER A 1757 25.16 -31.95 -30.82
N ASP A 1758 25.13 -33.04 -30.06
CA ASP A 1758 24.82 -32.98 -28.64
C ASP A 1758 25.81 -33.87 -27.88
N GLY A 1759 25.76 -33.76 -26.55
CA GLY A 1759 26.63 -34.51 -25.68
C GLY A 1759 27.35 -33.60 -24.70
N PHE A 1760 28.59 -33.97 -24.38
CA PHE A 1760 29.43 -33.20 -23.47
C PHE A 1760 30.22 -32.15 -24.26
N THR A 1761 29.47 -31.20 -24.81
CA THR A 1761 30.09 -30.09 -25.52
C THR A 1761 30.88 -29.21 -24.57
N LEU A 1762 32.06 -28.77 -25.01
CA LEU A 1762 32.90 -27.95 -24.16
C LEU A 1762 32.31 -26.55 -23.98
N ASP A 1763 31.53 -26.07 -24.94
CA ASP A 1763 30.89 -24.75 -24.88
C ASP A 1763 29.39 -24.93 -25.10
N PRO A 1764 28.67 -25.41 -24.09
CA PRO A 1764 27.26 -25.74 -24.29
C PRO A 1764 26.39 -24.50 -24.38
N ILE A 1765 25.46 -24.52 -25.34
CA ILE A 1765 24.46 -23.48 -25.51
C ILE A 1765 23.13 -24.16 -25.84
N LEU A 1766 22.06 -23.39 -25.75
CA LEU A 1766 20.72 -23.87 -26.09
C LEU A 1766 20.22 -23.09 -27.30
N SER A 1767 19.91 -23.80 -28.38
CA SER A 1767 19.45 -23.21 -29.61
C SER A 1767 18.26 -23.99 -30.14
N LEU A 1768 17.29 -23.28 -30.72
CA LEU A 1768 16.12 -23.91 -31.32
C LEU A 1768 15.72 -23.12 -32.55
N ARG A 1769 15.70 -23.77 -33.71
CA ARG A 1769 15.31 -23.16 -34.96
C ARG A 1769 14.05 -23.81 -35.50
N ARG A 1770 13.15 -22.99 -36.03
CA ARG A 1770 11.94 -23.49 -36.67
C ARG A 1770 11.56 -22.54 -37.79
N THR A 1771 11.29 -23.10 -38.97
CA THR A 1771 10.86 -22.33 -40.12
C THR A 1771 9.34 -22.24 -40.11
N VAL A 1772 8.82 -21.02 -40.08
CA VAL A 1772 7.39 -20.76 -40.00
C VAL A 1772 6.97 -19.96 -41.21
N ARG A 1773 5.91 -20.42 -41.89
CA ARG A 1773 5.36 -19.73 -43.05
C ARG A 1773 4.21 -18.86 -42.57
N VAL A 1774 4.49 -17.57 -42.38
CA VAL A 1774 3.44 -16.63 -41.98
C VAL A 1774 2.62 -16.28 -43.22
N PRO A 1775 1.32 -16.50 -43.20
CA PRO A 1775 0.48 -16.17 -44.35
C PRO A 1775 0.25 -14.66 -44.45
N ALA A 1776 -0.55 -14.26 -45.43
CA ALA A 1776 -0.80 -12.86 -45.71
C ALA A 1776 -2.01 -12.41 -44.90
N GLY A 1777 -1.81 -11.44 -44.00
CA GLY A 1777 -2.87 -10.79 -43.25
C GLY A 1777 -2.99 -11.25 -41.81
N LYS A 1778 -2.65 -12.50 -41.53
CA LYS A 1778 -2.83 -13.06 -40.19
C LYS A 1778 -1.50 -13.09 -39.43
N LYS A 1779 -1.55 -13.65 -38.24
CA LYS A 1779 -0.45 -13.60 -37.28
C LYS A 1779 -0.09 -15.01 -36.80
N VAL A 1780 1.17 -15.21 -36.48
CA VAL A 1780 1.67 -16.48 -35.96
C VAL A 1780 2.49 -16.22 -34.71
N SER A 1781 2.25 -17.03 -33.68
CA SER A 1781 2.91 -16.85 -32.39
C SER A 1781 3.60 -18.14 -31.96
N VAL A 1782 4.79 -18.01 -31.38
CA VAL A 1782 5.54 -19.12 -30.82
C VAL A 1782 5.92 -18.76 -29.39
N ILE A 1783 5.77 -19.72 -28.48
CA ILE A 1783 5.92 -19.46 -27.05
C ILE A 1783 7.13 -20.25 -26.57
N PHE A 1784 8.30 -19.62 -26.58
CA PHE A 1784 9.48 -20.24 -26.01
C PHE A 1784 9.37 -20.28 -24.49
N TRP A 1785 9.81 -21.39 -23.90
CA TRP A 1785 9.75 -21.56 -22.45
C TRP A 1785 11.10 -22.06 -21.95
N THR A 1786 11.46 -21.61 -20.75
CA THR A 1786 12.61 -22.14 -20.02
C THR A 1786 12.18 -22.51 -18.62
N ILE A 1787 12.67 -23.65 -18.14
CA ILE A 1787 12.28 -24.23 -16.86
C ILE A 1787 13.53 -24.56 -16.07
N ALA A 1788 13.46 -24.35 -14.75
CA ALA A 1788 14.52 -24.73 -13.82
C ALA A 1788 13.87 -25.38 -12.61
N ALA A 1789 14.36 -26.57 -12.24
CA ALA A 1789 13.79 -27.32 -11.14
C ALA A 1789 14.91 -27.91 -10.29
N PRO A 1790 14.67 -28.13 -9.00
CA PRO A 1790 15.72 -28.71 -8.15
C PRO A 1790 16.20 -30.08 -8.62
N SER A 1791 15.33 -30.90 -9.19
CA SER A 1791 15.71 -32.25 -9.61
C SER A 1791 15.08 -32.55 -10.97
N ARG A 1792 15.36 -33.74 -11.48
CA ARG A 1792 14.86 -34.17 -12.78
C ARG A 1792 13.49 -34.83 -12.71
N GLU A 1793 13.14 -35.42 -11.56
CA GLU A 1793 11.88 -36.15 -11.45
C GLU A 1793 10.66 -35.25 -11.54
N GLU A 1794 10.83 -33.93 -11.44
CA GLU A 1794 9.70 -33.02 -11.46
C GLU A 1794 9.68 -32.09 -12.67
N VAL A 1795 10.72 -32.10 -13.52
CA VAL A 1795 10.68 -31.27 -14.71
C VAL A 1795 9.63 -31.77 -15.70
N ASP A 1796 9.29 -33.06 -15.65
CA ASP A 1796 8.33 -33.62 -16.60
C ASP A 1796 6.97 -32.96 -16.47
N LYS A 1797 6.50 -32.76 -15.23
CA LYS A 1797 5.19 -32.15 -15.04
C LYS A 1797 5.18 -30.69 -15.46
N ALA A 1798 6.30 -29.98 -15.28
CA ALA A 1798 6.38 -28.60 -15.71
C ALA A 1798 6.39 -28.50 -17.24
N ILE A 1799 7.13 -29.40 -17.90
CA ILE A 1799 7.19 -29.38 -19.36
C ILE A 1799 5.83 -29.74 -19.95
N ASP A 1800 5.21 -30.80 -19.43
CA ASP A 1800 3.89 -31.19 -19.91
C ASP A 1800 2.83 -30.14 -19.60
N ARG A 1801 3.02 -29.36 -18.55
CA ARG A 1801 2.09 -28.28 -18.25
C ARG A 1801 2.13 -27.20 -19.31
N TYR A 1802 3.28 -27.01 -19.97
CA TYR A 1802 3.43 -26.00 -21.00
C TYR A 1802 3.44 -26.57 -22.40
N ARG A 1803 3.69 -27.87 -22.57
CA ARG A 1803 3.56 -28.49 -23.88
C ARG A 1803 2.12 -28.45 -24.39
N HIS A 1804 1.15 -28.33 -23.49
CA HIS A 1804 -0.23 -28.19 -23.89
C HIS A 1804 -0.39 -26.90 -24.69
N PRO A 1805 -1.23 -26.89 -25.73
CA PRO A 1805 -1.39 -25.67 -26.54
C PRO A 1805 -1.91 -24.51 -25.70
N ASP A 1806 -1.77 -23.31 -26.28
CA ASP A 1806 -2.05 -22.06 -25.58
C ASP A 1806 -1.22 -21.99 -24.30
N ALA A 1807 -1.88 -22.11 -23.15
CA ALA A 1807 -1.23 -22.16 -21.84
C ALA A 1807 -0.53 -20.85 -21.50
N PHE A 1808 -0.55 -19.88 -22.41
CA PHE A 1808 -0.01 -18.56 -22.11
C PHE A 1808 -0.95 -17.74 -21.23
N ALA A 1809 -2.25 -17.99 -21.35
CA ALA A 1809 -3.21 -17.44 -20.40
C ALA A 1809 -3.16 -18.30 -19.14
N HIS A 1810 -4.14 -18.10 -18.24
CA HIS A 1810 -4.20 -18.84 -16.98
C HIS A 1810 -2.97 -18.55 -16.12
N GLU A 1811 -1.79 -18.90 -16.64
CA GLU A 1811 -0.55 -18.51 -15.95
C GLU A 1811 -0.33 -17.01 -15.99
N LEU A 1812 -0.86 -16.33 -17.00
CA LEU A 1812 -0.67 -14.88 -17.11
C LEU A 1812 -1.43 -14.14 -16.01
N VAL A 1813 -2.70 -14.49 -15.81
CA VAL A 1813 -3.48 -13.83 -14.75
C VAL A 1813 -2.95 -14.22 -13.37
N HIS A 1814 -2.49 -15.46 -13.21
CA HIS A 1814 -1.87 -15.85 -11.94
C HIS A 1814 -0.61 -15.04 -11.68
N ALA A 1815 0.20 -14.82 -12.73
CA ALA A 1815 1.38 -13.98 -12.59
C ALA A 1815 1.01 -12.55 -12.21
N TRP A 1816 -0.04 -12.01 -12.84
CA TRP A 1816 -0.48 -10.66 -12.49
C TRP A 1816 -0.93 -10.59 -11.03
N THR A 1817 -1.70 -11.58 -10.58
CA THR A 1817 -2.18 -11.59 -9.21
C THR A 1817 -1.03 -11.69 -8.22
N ARG A 1818 -0.06 -12.57 -8.49
CA ARG A 1818 1.06 -12.72 -7.56
C ARG A 1818 1.98 -11.51 -7.58
N THR A 1819 2.12 -10.83 -8.73
CA THR A 1819 2.85 -9.57 -8.76
C THR A 1819 2.14 -8.52 -7.93
N GLN A 1820 0.81 -8.48 -7.99
CA GLN A 1820 0.06 -7.58 -7.12
C GLN A 1820 0.27 -7.94 -5.65
N VAL A 1821 0.32 -9.24 -5.34
CA VAL A 1821 0.58 -9.69 -3.97
C VAL A 1821 1.93 -9.16 -3.50
N GLN A 1822 2.96 -9.34 -4.31
CA GLN A 1822 4.30 -8.89 -3.94
C GLN A 1822 4.34 -7.37 -3.83
N MET A 1823 3.63 -6.67 -4.71
CA MET A 1823 3.59 -5.22 -4.67
C MET A 1823 2.96 -4.71 -3.39
N ARG A 1824 1.84 -5.31 -2.98
CA ARG A 1824 1.12 -4.84 -1.80
C ARG A 1824 1.69 -5.38 -0.49
N HIS A 1825 2.53 -6.42 -0.55
CA HIS A 1825 3.16 -6.92 0.67
C HIS A 1825 4.07 -5.88 1.31
N VAL A 1826 4.54 -4.91 0.53
CA VAL A 1826 5.34 -3.80 1.02
C VAL A 1826 4.64 -2.52 0.61
N GLY A 1827 4.83 -1.45 1.39
CA GLY A 1827 4.20 -0.19 1.08
C GLY A 1827 4.83 0.51 -0.10
N VAL A 1828 4.66 -0.06 -1.29
CA VAL A 1828 5.29 0.42 -2.51
C VAL A 1828 4.21 0.80 -3.51
N THR A 1829 4.39 1.95 -4.17
CA THR A 1829 3.51 2.41 -5.23
C THR A 1829 4.16 2.14 -6.58
N SER A 1830 3.35 2.19 -7.64
CA SER A 1830 3.87 1.95 -8.98
C SER A 1830 4.96 2.95 -9.34
N GLN A 1831 4.73 4.23 -9.02
CA GLN A 1831 5.79 5.23 -9.21
C GLN A 1831 6.99 4.92 -8.34
N GLN A 1832 6.74 4.46 -7.10
CA GLN A 1832 7.84 4.03 -6.24
C GLN A 1832 8.57 2.85 -6.84
N ALA A 1833 7.84 1.91 -7.44
CA ALA A 1833 8.48 0.77 -8.10
C ALA A 1833 9.36 1.23 -9.26
N ALA A 1834 8.87 2.18 -10.06
CA ALA A 1834 9.68 2.69 -11.17
C ALA A 1834 10.93 3.38 -10.64
N ALA A 1835 10.80 4.16 -9.57
CA ALA A 1835 11.96 4.81 -8.99
C ALA A 1835 12.95 3.78 -8.44
N PHE A 1836 12.45 2.71 -7.83
CA PHE A 1836 13.33 1.68 -7.30
C PHE A 1836 14.06 0.95 -8.43
N GLN A 1837 13.38 0.72 -9.55
CA GLN A 1837 14.05 0.09 -10.69
C GLN A 1837 15.09 1.03 -11.29
N HIS A 1838 14.81 2.34 -11.32
CA HIS A 1838 15.81 3.29 -11.76
C HIS A 1838 17.01 3.30 -10.83
N LEU A 1839 16.78 3.16 -9.53
CA LEU A 1839 17.89 3.01 -8.59
C LEU A 1839 18.67 1.73 -8.87
N GLY A 1840 17.97 0.64 -9.15
CA GLY A 1840 18.63 -0.62 -9.42
C GLY A 1840 19.48 -0.60 -10.68
N ARG A 1841 19.05 0.15 -11.69
CA ARG A 1841 19.83 0.24 -12.93
C ARG A 1841 21.22 0.82 -12.67
N TYR A 1842 21.34 1.73 -11.70
CA TYR A 1842 22.64 2.24 -11.29
C TYR A 1842 23.31 1.35 -10.27
N LEU A 1843 22.52 0.65 -9.45
CA LEU A 1843 23.10 -0.21 -8.43
C LEU A 1843 23.77 -1.44 -9.03
N THR A 1844 23.25 -1.95 -10.15
CA THR A 1844 23.81 -3.15 -10.76
C THR A 1844 24.86 -2.82 -11.81
N TYR A 1845 24.48 -2.06 -12.84
CA TYR A 1845 25.43 -1.69 -13.87
C TYR A 1845 26.44 -0.69 -13.33
N PRO A 1846 27.72 -0.80 -13.71
CA PRO A 1846 28.74 0.12 -13.18
C PRO A 1846 28.64 1.51 -13.77
N ASP A 1847 27.59 1.82 -14.55
CA ASP A 1847 27.18 3.22 -14.80
C ASP A 1847 26.94 3.94 -13.47
N MET A 1848 27.76 4.94 -13.19
CA MET A 1848 27.70 5.70 -11.94
C MET A 1848 27.43 7.16 -12.29
N HIS A 1849 26.15 7.51 -12.44
CA HIS A 1849 25.74 8.88 -12.67
C HIS A 1849 25.33 9.59 -11.40
N LEU A 1850 25.39 8.92 -10.25
CA LEU A 1850 25.04 9.51 -8.97
C LEU A 1850 26.02 9.11 -7.87
N ARG A 1851 27.28 8.90 -8.23
CA ARG A 1851 28.29 8.51 -7.26
C ARG A 1851 28.81 9.75 -6.52
N ALA A 1852 29.88 9.59 -5.76
CA ALA A 1852 30.44 10.70 -5.00
C ALA A 1852 31.18 11.65 -5.93
N ASP A 1853 31.70 12.74 -5.34
CA ASP A 1853 32.42 13.73 -6.12
C ASP A 1853 33.77 13.17 -6.58
N SER A 1854 34.27 13.73 -7.68
CA SER A 1854 35.56 13.30 -8.21
C SER A 1854 36.69 13.59 -7.22
N GLU A 1855 36.67 14.79 -6.63
CA GLU A 1855 37.69 15.11 -5.62
C GLU A 1855 37.49 14.29 -4.36
N THR A 1856 36.23 14.06 -3.96
CA THR A 1856 35.97 13.27 -2.76
C THR A 1856 36.42 11.83 -2.93
N LEU A 1857 36.24 11.24 -4.10
CA LEU A 1857 36.62 9.86 -4.35
C LEU A 1857 38.09 9.71 -4.73
N LYS A 1858 38.84 10.80 -4.80
CA LYS A 1858 40.24 10.77 -5.21
C LYS A 1858 41.19 10.60 -4.03
N THR A 1859 40.69 10.55 -2.80
CA THR A 1859 41.56 10.42 -1.64
C THR A 1859 40.96 9.46 -0.60
N GLY A 1860 40.22 8.45 -1.04
CA GLY A 1860 39.55 7.54 -0.14
C GLY A 1860 39.42 6.18 -0.83
N LEU A 1861 38.50 5.35 -0.33
CA LEU A 1861 38.22 4.02 -0.89
C LEU A 1861 39.45 3.11 -0.80
N ALA A 1862 39.87 2.84 0.43
CA ALA A 1862 40.97 1.93 0.71
C ALA A 1862 40.53 0.48 0.83
N SER A 1863 39.23 0.20 0.65
CA SER A 1863 38.68 -1.15 0.63
C SER A 1863 38.85 -1.87 1.96
N GLN A 1864 40.09 -2.18 2.34
CA GLN A 1864 40.33 -2.95 3.56
C GLN A 1864 39.83 -2.22 4.80
N ARG A 1865 39.75 -0.89 4.74
CA ARG A 1865 39.23 -0.12 5.87
C ARG A 1865 37.74 -0.32 6.07
N ALA A 1866 37.01 -0.74 5.04
CA ALA A 1866 35.58 -0.96 5.17
C ALA A 1866 35.26 -2.19 6.03
N LEU A 1867 36.23 -3.08 6.22
CA LEU A 1867 36.01 -4.26 7.04
C LEU A 1867 35.95 -3.94 8.53
N TRP A 1868 36.36 -2.74 8.94
CA TRP A 1868 36.29 -2.36 10.34
C TRP A 1868 34.84 -2.23 10.81
N PRO A 1869 33.94 -1.79 9.94
CA PRO A 1869 32.53 -1.66 10.24
C PRO A 1869 31.77 -2.98 10.07
N LEU A 1870 32.49 -4.11 10.05
CA LEU A 1870 31.89 -5.43 9.91
C LEU A 1870 31.05 -5.54 8.64
N ALA A 1871 31.54 -4.93 7.56
CA ALA A 1871 30.92 -5.01 6.25
C ALA A 1871 31.76 -5.91 5.35
N ILE A 1872 31.12 -6.88 4.70
CA ILE A 1872 31.85 -7.83 3.88
C ILE A 1872 32.57 -7.12 2.73
N SER A 1873 31.86 -6.24 2.02
CA SER A 1873 32.42 -5.47 0.92
C SER A 1873 33.06 -6.37 -0.14
N GLY A 1874 32.48 -7.55 -0.34
CA GLY A 1874 32.94 -8.49 -1.36
C GLY A 1874 31.95 -8.59 -2.50
N ASP A 1875 30.69 -8.91 -2.21
CA ASP A 1875 29.60 -8.80 -3.18
C ASP A 1875 28.55 -7.89 -2.55
N PHE A 1876 28.74 -6.59 -2.70
CA PHE A 1876 27.85 -5.60 -2.11
C PHE A 1876 27.97 -4.27 -2.82
N PRO A 1877 26.93 -3.83 -3.53
CA PRO A 1877 26.96 -2.48 -4.11
C PRO A 1877 27.07 -1.37 -3.08
N ILE A 1878 26.64 -1.61 -1.84
CA ILE A 1878 26.77 -0.68 -0.73
C ILE A 1878 25.99 0.60 -1.03
N PHE A 1879 24.71 0.62 -0.69
CA PHE A 1879 23.90 1.83 -0.81
C PHE A 1879 24.08 2.68 0.44
N SER A 1880 24.64 3.87 0.26
CA SER A 1880 24.90 4.77 1.38
C SER A 1880 23.73 5.70 1.61
N LEU A 1881 23.58 6.14 2.85
CA LEU A 1881 22.52 7.08 3.23
C LEU A 1881 22.97 7.83 4.46
N ARG A 1882 22.87 9.16 4.42
CA ARG A 1882 23.33 10.02 5.50
C ARG A 1882 22.14 10.74 6.11
N ILE A 1883 21.91 10.49 7.40
CA ILE A 1883 20.85 11.14 8.16
C ILE A 1883 21.49 12.12 9.13
N ASN A 1884 21.16 13.41 8.98
CA ASN A 1884 21.76 14.45 9.82
C ASN A 1884 20.74 15.50 10.22
N ASP A 1885 19.45 15.16 10.20
CA ASP A 1885 18.39 16.14 10.45
C ASP A 1885 17.61 15.84 11.73
N ASP A 1886 17.11 14.61 11.87
CA ASP A 1886 16.31 14.14 13.02
C ASP A 1886 14.87 14.64 12.95
N MET A 1887 14.54 15.47 11.96
CA MET A 1887 13.14 15.81 11.72
C MET A 1887 12.48 14.92 10.67
N ASP A 1888 13.26 14.42 9.71
CA ASP A 1888 12.68 13.63 8.63
C ASP A 1888 12.01 12.37 9.17
N MET A 1889 12.81 11.46 9.71
CA MET A 1889 12.35 10.25 10.38
C MET A 1889 11.26 9.53 9.59
N ASP A 1890 11.29 9.66 8.26
CA ASP A 1890 10.34 8.98 7.39
C ASP A 1890 10.97 8.38 6.16
N ILE A 1891 12.11 8.91 5.69
CA ILE A 1891 12.78 8.34 4.53
C ILE A 1891 13.44 7.01 4.87
N ALA A 1892 13.66 6.74 6.17
CA ALA A 1892 14.30 5.49 6.56
C ALA A 1892 13.41 4.29 6.25
N ARG A 1893 12.12 4.38 6.60
CA ARG A 1893 11.20 3.29 6.26
C ARG A 1893 11.08 3.10 4.75
N GLU A 1894 11.04 4.21 4.00
CA GLU A 1894 10.96 4.08 2.55
C GLU A 1894 12.22 3.42 1.99
N ALA A 1895 13.38 3.78 2.52
CA ALA A 1895 14.63 3.18 2.05
C ALA A 1895 14.68 1.69 2.38
N LEU A 1896 14.28 1.31 3.58
CA LEU A 1896 14.31 -0.12 3.93
C LEU A 1896 13.24 -0.89 3.16
N SER A 1897 12.11 -0.25 2.87
CA SER A 1897 11.10 -0.88 2.01
C SER A 1897 11.65 -1.12 0.62
N ALA A 1898 12.37 -0.14 0.07
CA ALA A 1898 13.03 -0.34 -1.21
C ALA A 1898 14.04 -1.47 -1.14
N HIS A 1899 14.80 -1.53 -0.05
CA HIS A 1899 15.80 -2.58 0.11
C HIS A 1899 15.16 -3.97 0.10
N GLU A 1900 14.09 -4.14 0.89
CA GLU A 1900 13.44 -5.44 0.96
C GLU A 1900 12.73 -5.78 -0.34
N TYR A 1901 12.14 -4.78 -1.01
CA TYR A 1901 11.50 -5.03 -2.30
C TYR A 1901 12.52 -5.49 -3.34
N LEU A 1902 13.69 -4.84 -3.37
CA LEU A 1902 14.70 -5.24 -4.34
C LEU A 1902 15.31 -6.60 -3.99
N ARG A 1903 15.46 -6.90 -2.69
CA ARG A 1903 15.96 -8.20 -2.29
C ARG A 1903 14.95 -9.30 -2.60
N SER A 1904 13.66 -8.97 -2.60
CA SER A 1904 12.65 -9.92 -3.05
C SER A 1904 12.64 -10.06 -4.57
N ARG A 1905 12.98 -8.98 -5.29
CA ARG A 1905 12.97 -9.03 -6.74
C ARG A 1905 14.12 -9.85 -7.29
N GLY A 1906 15.19 -10.05 -6.53
CA GLY A 1906 16.28 -10.90 -6.96
C GLY A 1906 17.66 -10.34 -6.73
N VAL A 1907 17.80 -9.02 -6.82
CA VAL A 1907 19.10 -8.40 -6.65
C VAL A 1907 19.44 -8.35 -5.17
N ILE A 1908 20.73 -8.46 -4.86
CA ILE A 1908 21.23 -8.46 -3.49
C ILE A 1908 22.15 -7.26 -3.33
N PHE A 1909 21.86 -6.41 -2.35
CA PHE A 1909 22.68 -5.24 -2.07
C PHE A 1909 22.57 -4.91 -0.59
N ASP A 1910 23.54 -4.15 -0.10
CA ASP A 1910 23.63 -3.81 1.31
C ASP A 1910 23.16 -2.39 1.54
N LEU A 1911 22.27 -2.22 2.52
CA LEU A 1911 21.73 -0.92 2.89
C LEU A 1911 22.47 -0.44 4.14
N VAL A 1912 23.25 0.63 4.00
CA VAL A 1912 24.04 1.19 5.09
C VAL A 1912 23.54 2.58 5.40
N ILE A 1913 23.22 2.82 6.66
CA ILE A 1913 22.78 4.13 7.13
C ILE A 1913 23.88 4.74 7.98
N VAL A 1914 24.13 6.03 7.77
CA VAL A 1914 25.23 6.75 8.41
C VAL A 1914 24.63 7.90 9.21
N ASN A 1915 25.01 7.99 10.48
CA ASN A 1915 24.59 9.08 11.36
C ASN A 1915 25.71 10.12 11.39
N GLU A 1916 25.47 11.24 10.71
CA GLU A 1916 26.45 12.31 10.62
C GLU A 1916 26.39 13.28 11.79
N ARG A 1917 25.38 13.15 12.66
CA ARG A 1917 25.25 14.05 13.79
C ARG A 1917 26.30 13.74 14.86
N ALA A 1918 26.56 14.71 15.70
CA ALA A 1918 27.51 14.57 16.79
C ALA A 1918 26.88 13.76 17.93
N ALA A 1919 27.56 13.70 19.06
CA ALA A 1919 27.12 12.90 20.20
C ALA A 1919 25.94 13.52 20.95
N SER A 1920 25.47 14.69 20.54
CA SER A 1920 24.34 15.33 21.22
C SER A 1920 23.09 14.48 21.12
N TYR A 1921 22.82 13.91 19.93
CA TYR A 1921 21.64 13.07 19.75
C TYR A 1921 21.96 11.82 18.94
N ALA A 1922 23.24 11.41 18.90
CA ALA A 1922 23.61 10.21 18.16
C ALA A 1922 22.94 8.97 18.75
N GLN A 1923 22.91 8.87 20.08
CA GLN A 1923 22.27 7.72 20.71
C GLN A 1923 20.77 7.70 20.45
N ASP A 1924 20.12 8.88 20.48
CA ASP A 1924 18.69 8.94 20.18
C ASP A 1924 18.41 8.53 18.73
N MET A 1925 19.23 9.01 17.79
CA MET A 1925 19.06 8.61 16.40
C MET A 1925 19.29 7.12 16.21
N GLN A 1926 20.30 6.58 16.89
CA GLN A 1926 20.58 5.15 16.81
C GLN A 1926 19.39 4.33 17.33
N HIS A 1927 18.82 4.75 18.47
CA HIS A 1927 17.66 4.04 19.01
C HIS A 1927 16.47 4.15 18.06
N ALA A 1928 16.24 5.33 17.48
CA ALA A 1928 15.12 5.52 16.58
C ALA A 1928 15.25 4.64 15.34
N LEU A 1929 16.45 4.57 14.77
CA LEU A 1929 16.64 3.75 13.58
C LEU A 1929 16.62 2.26 13.92
N ASP A 1930 17.09 1.89 15.12
CA ASP A 1930 17.03 0.49 15.53
C ASP A 1930 15.59 0.04 15.72
N HIS A 1931 14.74 0.91 16.28
CA HIS A 1931 13.35 0.55 16.52
C HIS A 1931 12.61 0.20 15.23
N ILE A 1932 13.09 0.64 14.08
CA ILE A 1932 12.47 0.34 12.81
C ILE A 1932 13.27 -0.70 12.01
N SER A 1933 14.57 -0.81 12.23
CA SER A 1933 15.39 -1.76 11.50
C SER A 1933 15.53 -3.11 12.20
N GLU A 1934 15.02 -3.24 13.42
CA GLU A 1934 15.08 -4.53 14.11
C GLU A 1934 14.17 -5.57 13.46
N THR A 1935 13.11 -5.14 12.78
CA THR A 1935 12.23 -6.07 12.09
C THR A 1935 12.80 -6.54 10.77
N GLN A 1936 13.92 -5.97 10.32
CA GLN A 1936 14.56 -6.39 9.07
C GLN A 1936 15.97 -6.93 9.26
N ARG A 1937 16.64 -6.60 10.36
CA ARG A 1937 17.98 -7.11 10.62
C ARG A 1937 17.97 -8.50 11.24
N ARG A 1938 16.79 -9.07 11.47
CA ARG A 1938 16.70 -10.43 12.01
C ARG A 1938 17.27 -11.43 11.00
N ILE A 1939 17.75 -12.55 11.53
CA ILE A 1939 18.43 -13.55 10.71
C ILE A 1939 17.47 -14.10 9.67
N ASN A 1940 17.94 -14.20 8.43
CA ASN A 1940 17.11 -14.74 7.35
C ASN A 1940 17.14 -16.26 7.41
N PRO A 1941 15.99 -16.93 7.51
CA PRO A 1941 15.99 -18.40 7.49
C PRO A 1941 16.58 -18.93 6.19
N ALA A 1942 17.60 -19.77 6.34
CA ALA A 1942 18.33 -20.37 5.20
C ALA A 1942 18.88 -19.30 4.26
N ASP A 1943 19.29 -18.16 4.82
CA ASP A 1943 19.85 -17.05 4.06
C ASP A 1943 18.91 -16.61 2.92
N GLY A 1945 25.94 -14.13 6.31
CA GLY A 1945 25.66 -14.12 7.73
C GLY A 1945 24.64 -13.08 8.14
N ARG A 1946 25.12 -11.95 8.65
CA ARG A 1946 24.23 -10.88 9.04
C ARG A 1946 23.50 -10.32 7.82
N PRO A 1947 22.21 -10.01 7.94
CA PRO A 1947 21.48 -9.46 6.79
C PRO A 1947 22.08 -8.14 6.32
N HIS A 1948 21.66 -7.73 5.13
CA HIS A 1948 22.23 -6.57 4.45
C HIS A 1948 21.65 -5.26 5.00
N VAL A 1949 21.81 -5.10 6.31
CA VAL A 1949 21.43 -3.87 7.00
C VAL A 1949 22.60 -3.47 7.91
N PHE A 1950 23.09 -2.25 7.73
CA PHE A 1950 24.21 -1.73 8.50
C PHE A 1950 23.88 -0.35 9.02
N SER A 1951 24.31 -0.06 10.24
CA SER A 1951 24.11 1.24 10.87
C SER A 1951 25.43 1.68 11.48
N VAL A 1952 25.89 2.88 11.11
CA VAL A 1952 27.13 3.42 11.64
C VAL A 1952 26.89 4.86 12.07
N ARG A 1953 27.74 5.33 12.98
CA ARG A 1953 27.65 6.68 13.52
C ARG A 1953 28.99 7.37 13.36
N ARG A 1954 28.97 8.59 12.79
CA ARG A 1954 30.21 9.29 12.50
C ARG A 1954 30.97 9.69 13.76
N ASP A 1955 30.25 9.84 14.88
CA ASP A 1955 30.90 10.33 16.10
C ASP A 1955 31.94 9.35 16.62
N LEU A 1956 31.68 8.06 16.52
CA LEU A 1956 32.56 7.03 17.08
C LEU A 1956 33.60 6.55 16.07
N MET A 1957 33.16 6.04 14.92
CA MET A 1957 34.08 5.49 13.94
C MET A 1957 34.86 6.59 13.22
N ASP A 1958 36.04 6.23 12.75
CA ASP A 1958 37.05 7.21 12.36
C ASP A 1958 36.64 7.96 11.08
N GLU A 1959 37.10 9.21 10.99
CA GLU A 1959 36.73 10.06 9.86
C GLU A 1959 37.30 9.53 8.55
N GLU A 1960 38.53 9.02 8.56
CA GLU A 1960 39.12 8.46 7.35
C GLU A 1960 38.32 7.26 6.86
N THR A 1961 37.92 6.38 7.78
CA THR A 1961 37.07 5.26 7.40
C THR A 1961 35.72 5.75 6.87
N TRP A 1962 35.21 6.85 7.42
CA TRP A 1962 33.97 7.43 6.93
C TRP A 1962 34.12 7.90 5.47
N SER A 1963 35.23 8.59 5.18
CA SER A 1963 35.48 9.02 3.81
C SER A 1963 35.64 7.83 2.88
N ALA A 1964 36.33 6.79 3.34
CA ALA A 1964 36.49 5.59 2.52
C ALA A 1964 35.15 4.94 2.24
N LEU A 1965 34.27 4.87 3.23
CA LEU A 1965 32.95 4.28 3.03
C LEU A 1965 32.12 5.10 2.06
N LEU A 1966 32.18 6.43 2.18
CA LEU A 1966 31.44 7.27 1.23
C LEU A 1966 31.97 7.12 -0.18
N ALA A 1967 33.30 7.03 -0.34
CA ALA A 1967 33.87 6.85 -1.68
C ALA A 1967 33.51 5.49 -2.26
N ALA A 1968 33.52 4.44 -1.43
CA ALA A 1968 33.26 3.09 -1.92
C ALA A 1968 31.82 2.89 -2.36
N SER A 1969 30.90 3.73 -1.91
CA SER A 1969 29.51 3.59 -2.29
C SER A 1969 29.30 4.05 -3.72
N ARG A 1970 28.55 3.26 -4.48
CA ARG A 1970 28.26 3.60 -5.88
C ARG A 1970 27.27 4.74 -5.99
N VAL A 1971 26.50 5.02 -4.94
CA VAL A 1971 25.52 6.09 -4.97
C VAL A 1971 25.34 6.61 -3.54
N VAL A 1972 25.23 7.94 -3.42
CA VAL A 1972 25.09 8.61 -2.14
C VAL A 1972 23.85 9.49 -2.18
N LEU A 1973 23.01 9.39 -1.14
CA LEU A 1973 21.79 10.18 -1.05
C LEU A 1973 21.73 10.87 0.30
N HIS A 1974 21.26 12.11 0.30
CA HIS A 1974 21.14 12.92 1.50
C HIS A 1974 19.67 13.08 1.88
N VAL A 1975 19.38 12.95 3.17
CA VAL A 1975 17.99 13.04 3.64
C VAL A 1975 17.47 14.46 3.47
N ARG A 1976 18.29 15.46 3.77
CA ARG A 1976 17.84 16.85 3.67
C ARG A 1976 17.71 17.27 2.21
N ASN A 1977 18.72 16.98 1.36
CA ASN A 1977 18.89 17.68 0.06
C ASN A 1977 18.04 17.09 -1.06
N GLY A 1978 17.37 15.97 -0.83
CA GLY A 1978 16.52 15.35 -1.81
C GLY A 1978 15.50 14.49 -1.08
N LYS A 1979 14.77 13.66 -1.83
CA LYS A 1979 13.79 12.76 -1.24
C LYS A 1979 13.79 11.46 -2.01
N ILE A 1980 13.51 10.36 -1.30
CA ILE A 1980 13.44 9.06 -1.93
C ILE A 1980 12.27 9.03 -2.92
N VAL A 1981 12.45 8.27 -4.00
CA VAL A 1981 11.52 8.16 -5.11
C VAL A 1981 11.31 9.48 -5.84
N ASP A 1982 12.11 10.50 -5.52
CA ASP A 1982 12.05 11.77 -6.23
C ASP A 1982 13.46 12.17 -6.67
N GLN A 1983 14.46 11.77 -5.90
CA GLN A 1983 15.84 12.03 -6.29
C GLN A 1983 16.25 11.18 -7.48
N ILE A 1984 15.81 9.92 -7.52
CA ILE A 1984 16.15 9.05 -8.63
C ILE A 1984 15.57 9.57 -9.94
N ASN A 1985 14.31 10.03 -9.91
CA ASN A 1985 13.71 10.61 -11.10
C ASN A 1985 14.42 11.89 -11.53
N ARG A 1986 14.76 12.74 -10.55
CA ARG A 1986 15.47 13.98 -10.87
C ARG A 1986 16.85 13.70 -11.44
N ALA A 1987 17.56 12.71 -10.88
CA ALA A 1987 18.90 12.40 -11.36
C ALA A 1987 18.86 11.83 -12.78
N VAL A 1988 17.86 11.00 -13.08
CA VAL A 1988 17.76 10.40 -14.40
C VAL A 1988 17.57 11.45 -15.48
N SER A 1989 16.71 12.44 -15.22
CA SER A 1989 16.47 13.50 -16.20
C SER A 1989 17.68 14.41 -16.36
N LEU A 1990 18.45 14.63 -15.30
CA LEU A 1990 19.61 15.50 -15.37
C LEU A 1990 20.83 14.82 -15.98
N PHE A 1991 20.89 13.50 -15.94
CA PHE A 1991 22.02 12.75 -16.49
C PHE A 1991 21.79 12.29 -17.92
N ALA A 1992 20.67 12.64 -18.52
CA ALA A 1992 20.36 12.24 -19.89
C ALA A 1992 20.85 13.30 -20.87
N ALA A 1993 20.90 12.92 -22.14
CA ALA A 1993 21.34 13.80 -23.24
C ALA A 1993 22.72 14.39 -22.97
N SER A 2001 25.52 12.02 -29.60
CA SER A 2001 26.22 12.08 -30.88
C SER A 2001 26.28 10.70 -31.53
N ASP A 2002 26.15 9.66 -30.72
CA ASP A 2002 26.19 8.27 -31.20
C ASP A 2002 24.79 7.88 -31.68
N ALA A 2003 24.42 8.40 -32.84
CA ALA A 2003 23.12 8.13 -33.44
C ALA A 2003 23.22 7.52 -34.83
N ALA A 2004 24.16 7.98 -35.65
CA ALA A 2004 24.31 7.45 -37.01
C ALA A 2004 24.92 6.06 -37.03
N GLN A 2005 25.45 5.58 -35.90
CA GLN A 2005 26.06 4.26 -35.85
C GLN A 2005 25.05 3.14 -35.64
N ALA A 2006 23.76 3.47 -35.48
CA ALA A 2006 22.74 2.46 -35.23
C ALA A 2006 22.22 1.84 -36.53
N ARG A 2007 22.02 2.64 -37.57
CA ARG A 2007 21.44 2.15 -38.81
C ARG A 2007 22.45 1.45 -39.71
N LEU A 2008 23.74 1.49 -39.37
CA LEU A 2008 24.75 0.87 -40.22
C LEU A 2008 24.71 -0.66 -40.15
N PRO A 2009 24.12 -1.22 -39.10
CA PRO A 2009 24.02 -2.68 -38.89
C PRO A 2009 25.45 -3.23 -38.85
N VAL A 2010 25.71 -4.38 -39.45
CA VAL A 2010 27.03 -4.97 -39.51
C VAL A 2010 27.44 -5.19 -40.95
N PRO A 2011 28.72 -4.97 -41.23
CA PRO A 2011 29.25 -5.06 -42.59
C PRO A 2011 29.54 -6.50 -43.00
N ALA A 2012 28.55 -7.37 -42.84
CA ALA A 2012 28.64 -8.77 -43.22
C ALA A 2012 29.87 -9.43 -42.60
N PHE A 2013 30.55 -10.26 -43.39
CA PHE A 2013 31.73 -10.97 -42.91
C PHE A 2013 32.70 -11.15 -44.07
N PRO A 2014 33.96 -11.40 -43.72
CA PRO A 2014 35.03 -11.55 -44.70
C PRO A 2014 35.45 -13.02 -44.80
N VAL A 2015 35.56 -13.50 -46.03
CA VAL A 2015 36.03 -14.85 -46.32
C VAL A 2015 37.22 -14.75 -47.26
N ALA A 2016 38.34 -15.35 -46.88
CA ALA A 2016 39.56 -15.31 -47.66
C ALA A 2016 39.73 -16.58 -48.48
N GLU A 2017 40.60 -16.51 -49.48
CA GLU A 2017 40.86 -17.64 -50.37
C GLU A 2017 42.02 -18.48 -49.84
N PRO A 2018 41.82 -19.01 -48.63
CA PRO A 2018 42.79 -19.87 -47.95
C PRO A 2018 44.11 -19.11 -47.81
N VAL A 2019 45.23 -19.82 -47.83
CA VAL A 2019 46.54 -19.21 -47.73
C VAL A 2019 47.53 -20.03 -48.51
N GLU A 2020 48.48 -19.36 -49.16
CA GLU A 2020 49.48 -20.05 -49.97
C GLU A 2020 50.47 -20.77 -49.07
N ASP A 2021 50.64 -22.06 -49.30
CA ASP A 2021 51.55 -22.89 -48.50
C ASP A 2021 52.94 -22.81 -49.14
N ALA A 2022 53.72 -21.82 -48.72
CA ALA A 2022 55.06 -21.64 -49.25
C ALA A 2022 56.01 -22.68 -48.65
N GLY A 2023 57.26 -22.64 -49.08
CA GLY A 2023 58.29 -23.56 -48.60
C GLY A 2023 58.97 -22.96 -47.37
N ASP A 2024 60.11 -23.54 -46.99
CA ASP A 2024 60.92 -23.06 -45.86
C ASP A 2024 60.13 -23.09 -44.56
N LEU A 2025 59.68 -24.29 -44.19
CA LEU A 2025 58.97 -24.51 -42.94
C LEU A 2025 59.14 -25.97 -42.54
N ASP A 2026 59.56 -26.21 -41.29
CA ASP A 2026 59.75 -27.58 -40.84
C ASP A 2026 58.44 -28.33 -40.77
N PHE A 2027 57.53 -27.89 -39.91
CA PHE A 2027 56.18 -28.43 -39.87
C PHE A 2027 55.24 -27.49 -40.64
N TRP A 2028 55.37 -27.55 -41.95
CA TRP A 2028 54.62 -26.66 -42.83
C TRP A 2028 53.13 -26.99 -42.74
N ASN A 2029 52.38 -26.09 -42.11
CA ASN A 2029 50.95 -26.28 -41.93
C ASN A 2029 50.17 -25.20 -42.67
N GLY A 2030 48.85 -25.34 -42.65
CA GLY A 2030 47.97 -24.34 -43.25
C GLY A 2030 47.94 -23.04 -42.47
N PHE A 2031 48.49 -23.03 -41.26
CA PHE A 2031 48.53 -21.83 -40.43
C PHE A 2031 49.95 -21.37 -40.15
N GLY A 2032 50.83 -22.26 -39.72
CA GLY A 2032 52.20 -21.86 -39.44
C GLY A 2032 53.08 -23.06 -39.18
N GLY A 2033 54.37 -22.79 -39.11
CA GLY A 2033 55.36 -23.81 -38.84
C GLY A 2033 56.57 -23.23 -38.17
N PHE A 2034 57.69 -23.92 -38.32
CA PHE A 2034 58.96 -23.49 -37.72
C PHE A 2034 59.73 -22.62 -38.71
N ALA A 2035 60.76 -21.95 -38.17
CA ALA A 2035 61.66 -21.12 -38.95
C ALA A 2035 63.09 -21.61 -38.80
N LYS A 2036 63.27 -22.93 -38.82
CA LYS A 2036 64.56 -23.61 -38.70
C LYS A 2036 65.17 -23.40 -37.32
N ASN A 2037 66.01 -24.36 -36.91
CA ASN A 2037 66.76 -24.37 -35.66
C ASN A 2037 65.87 -24.53 -34.42
N GLY A 2038 64.55 -24.60 -34.58
CA GLY A 2038 63.67 -24.74 -33.44
C GLY A 2038 63.71 -23.56 -32.49
N GLN A 2039 63.88 -22.35 -33.01
CA GLN A 2039 63.94 -21.15 -32.19
C GLN A 2039 62.91 -20.10 -32.58
N GLU A 2040 62.25 -20.23 -33.73
CA GLU A 2040 61.23 -19.29 -34.15
C GLU A 2040 60.06 -20.06 -34.75
N TYR A 2041 58.84 -19.67 -34.40
CA TYR A 2041 57.65 -20.22 -35.01
C TYR A 2041 56.93 -19.11 -35.76
N VAL A 2042 56.70 -19.33 -37.05
CA VAL A 2042 56.11 -18.33 -37.93
C VAL A 2042 54.75 -18.84 -38.38
N VAL A 2043 53.70 -18.06 -38.11
CA VAL A 2043 52.33 -18.39 -38.46
C VAL A 2043 51.84 -17.34 -39.43
N ARG A 2044 51.36 -17.79 -40.59
CA ARG A 2044 50.89 -16.89 -41.64
C ARG A 2044 49.38 -17.01 -41.80
N LEU A 2045 48.72 -15.87 -41.99
CA LEU A 2045 47.27 -15.83 -42.10
C LEU A 2045 46.86 -14.71 -43.05
N ASN A 2046 45.64 -14.84 -43.58
CA ASN A 2046 45.03 -13.78 -44.36
C ASN A 2046 44.12 -12.94 -43.46
N GLY A 2047 43.34 -12.05 -44.07
CA GLY A 2047 42.45 -11.21 -43.32
C GLY A 2047 41.10 -11.83 -43.06
N GLY A 2048 40.89 -12.38 -41.87
CA GLY A 2048 39.63 -13.00 -41.53
C GLY A 2048 39.79 -14.39 -40.93
N GLN A 2049 40.77 -15.15 -41.42
CA GLN A 2049 40.99 -16.48 -40.89
C GLN A 2049 41.57 -16.42 -39.49
N SER A 2050 41.48 -17.54 -38.78
CA SER A 2050 41.98 -17.63 -37.42
C SER A 2050 42.32 -19.08 -37.10
N THR A 2051 43.16 -19.26 -36.09
CA THR A 2051 43.52 -20.58 -35.62
C THR A 2051 42.36 -21.22 -34.87
N PRO A 2052 42.33 -22.55 -34.78
CA PRO A 2052 41.27 -23.21 -33.99
C PRO A 2052 41.26 -22.79 -32.53
N HIS A 2053 42.41 -22.49 -31.96
CA HIS A 2053 42.54 -22.00 -30.60
C HIS A 2053 43.62 -20.93 -30.58
N PRO A 2054 43.64 -20.08 -29.56
CA PRO A 2054 44.72 -19.08 -29.47
C PRO A 2054 46.09 -19.73 -29.38
N TRP A 2055 46.91 -19.54 -30.41
CA TRP A 2055 48.28 -20.05 -30.45
C TRP A 2055 49.18 -19.04 -29.75
N ILE A 2056 49.17 -19.11 -28.42
CA ILE A 2056 49.83 -18.12 -27.59
C ILE A 2056 51.28 -18.50 -27.36
N ASN A 2057 52.09 -17.49 -27.05
CA ASN A 2057 53.47 -17.67 -26.58
C ASN A 2057 53.63 -16.82 -25.33
N VAL A 2058 54.20 -17.41 -24.28
CA VAL A 2058 54.32 -16.76 -22.98
C VAL A 2058 55.75 -16.26 -22.80
N ILE A 2059 55.88 -14.99 -22.43
CA ILE A 2059 57.17 -14.36 -22.16
C ILE A 2059 57.07 -13.72 -20.79
N SER A 2060 58.01 -14.05 -19.91
CA SER A 2060 57.93 -13.63 -18.52
C SER A 2060 59.32 -13.40 -17.96
N ASN A 2061 59.36 -12.96 -16.71
CA ASN A 2061 60.59 -12.77 -15.95
C ASN A 2061 60.35 -13.25 -14.54
N GLU A 2062 61.25 -12.88 -13.62
CA GLU A 2062 61.09 -13.29 -12.23
C GLU A 2062 59.84 -12.68 -11.61
N ASN A 2063 59.55 -11.42 -11.94
CA ASN A 2063 58.43 -10.71 -11.33
C ASN A 2063 57.63 -9.95 -12.39
N PHE A 2064 57.36 -10.60 -13.51
CA PHE A 2064 56.51 -10.06 -14.56
C PHE A 2064 56.27 -11.14 -15.60
N GLY A 2065 55.24 -10.97 -16.40
CA GLY A 2065 54.93 -11.94 -17.43
C GLY A 2065 53.71 -11.56 -18.22
N PHE A 2066 53.60 -12.15 -19.40
CA PHE A 2066 52.44 -12.00 -20.27
C PHE A 2066 52.49 -13.12 -21.29
N HIS A 2067 51.44 -13.24 -22.09
CA HIS A 2067 51.48 -14.11 -23.25
C HIS A 2067 50.63 -13.54 -24.37
N ILE A 2068 51.11 -13.69 -25.59
CA ILE A 2068 50.51 -13.07 -26.78
C ILE A 2068 50.13 -14.18 -27.76
N SER A 2069 48.90 -14.12 -28.25
CA SER A 2069 48.41 -15.10 -29.20
C SER A 2069 48.97 -14.79 -30.59
N ALA A 2070 48.54 -15.57 -31.58
CA ALA A 2070 48.98 -15.34 -32.96
C ALA A 2070 48.16 -14.29 -33.68
N GLU A 2071 47.08 -13.80 -33.08
CA GLU A 2071 46.26 -12.78 -33.70
C GLU A 2071 45.91 -11.63 -32.78
N GLY A 2072 46.37 -11.63 -31.53
CA GLY A 2072 46.12 -10.54 -30.61
C GLY A 2072 45.68 -11.00 -29.24
N ALA A 2073 46.45 -10.62 -28.23
CA ALA A 2073 46.24 -11.02 -26.84
C ALA A 2073 47.14 -10.16 -25.96
N GLY A 2074 47.24 -10.54 -24.68
CA GLY A 2074 48.13 -9.88 -23.75
C GLY A 2074 47.59 -9.95 -22.34
N PHE A 2075 48.43 -10.33 -21.38
CA PHE A 2075 47.93 -10.58 -20.03
C PHE A 2075 49.04 -10.21 -19.06
N SER A 2076 49.02 -8.98 -18.57
CA SER A 2076 50.09 -8.45 -17.75
C SER A 2076 49.77 -8.65 -16.26
N TRP A 2077 50.80 -8.92 -15.48
CA TRP A 2077 50.67 -9.11 -14.05
C TRP A 2077 51.99 -8.76 -13.39
N SER A 2078 51.92 -8.02 -12.28
CA SER A 2078 53.15 -7.53 -11.66
C SER A 2078 53.77 -8.57 -10.73
N ARG A 2079 53.04 -8.96 -9.68
CA ARG A 2079 53.57 -9.89 -8.69
C ARG A 2079 53.16 -11.33 -8.94
N ASN A 2080 51.85 -11.59 -9.03
CA ASN A 2080 51.35 -12.93 -9.29
C ASN A 2080 50.08 -12.83 -10.12
N SER A 2081 49.80 -13.89 -10.88
CA SER A 2081 48.59 -13.90 -11.69
C SER A 2081 47.38 -14.21 -10.81
N ARG A 2082 46.20 -14.24 -11.44
CA ARG A 2082 44.93 -14.43 -10.76
C ARG A 2082 44.66 -13.31 -9.78
N ASP A 2083 45.41 -13.26 -8.68
CA ASP A 2083 45.19 -12.22 -7.68
C ASP A 2083 45.56 -10.84 -8.22
N TYR A 2084 46.53 -10.77 -9.12
CA TYR A 2084 46.93 -9.52 -9.76
C TYR A 2084 46.96 -9.72 -11.26
N GLN A 2085 46.34 -8.80 -12.00
CA GLN A 2085 46.27 -8.88 -13.44
C GLN A 2085 45.96 -7.50 -14.00
N LEU A 2086 46.35 -7.27 -15.25
CA LEU A 2086 46.17 -5.98 -15.90
C LEU A 2086 45.09 -6.00 -16.97
N THR A 2087 45.12 -6.98 -17.86
CA THR A 2087 44.06 -7.05 -18.85
C THR A 2087 43.06 -8.13 -18.47
N PRO A 2088 41.79 -7.98 -18.85
CA PRO A 2088 40.81 -9.02 -18.54
C PRO A 2088 41.23 -10.37 -19.12
N TRP A 2089 41.08 -11.41 -18.31
CA TRP A 2089 41.52 -12.75 -18.68
C TRP A 2089 40.29 -13.55 -19.12
N THR A 2090 39.88 -13.34 -20.37
CA THR A 2090 38.75 -14.06 -20.96
C THR A 2090 39.30 -15.29 -21.67
N ASN A 2091 39.22 -16.44 -20.99
CA ASN A 2091 39.65 -17.71 -21.59
C ASN A 2091 38.57 -18.28 -22.49
N ASP A 2092 38.18 -17.49 -23.49
CA ASP A 2092 37.14 -17.88 -24.43
C ASP A 2092 37.80 -18.35 -25.71
N PRO A 2093 37.80 -19.65 -26.00
CA PRO A 2093 38.46 -20.13 -27.23
C PRO A 2093 37.79 -19.68 -28.50
N VAL A 2094 36.52 -19.29 -28.47
CA VAL A 2094 35.76 -19.00 -29.68
C VAL A 2094 35.85 -17.53 -30.07
N ILE A 2095 35.81 -16.62 -29.10
CA ILE A 2095 35.83 -15.18 -29.36
C ILE A 2095 37.20 -14.57 -29.07
N ASN A 2096 37.64 -14.64 -27.81
CA ASN A 2096 38.95 -14.14 -27.40
C ASN A 2096 39.14 -12.67 -27.80
N ARG A 2097 38.32 -11.81 -27.21
CA ARG A 2097 38.44 -10.38 -27.47
C ARG A 2097 39.78 -9.87 -26.96
N PRO A 2098 40.59 -9.24 -27.81
CA PRO A 2098 41.90 -8.78 -27.36
C PRO A 2098 41.79 -7.67 -26.35
N GLY A 2099 42.78 -7.60 -25.46
CA GLY A 2099 42.82 -6.57 -24.45
C GLY A 2099 43.69 -5.40 -24.85
N GLU A 2100 44.69 -5.66 -25.69
CA GLU A 2100 45.60 -4.64 -26.19
C GLU A 2100 45.45 -4.53 -27.71
N ALA A 2101 45.34 -3.30 -28.19
CA ALA A 2101 45.14 -3.02 -29.61
C ALA A 2101 46.06 -1.90 -30.05
N PHE A 2102 46.44 -1.92 -31.32
CA PHE A 2102 47.28 -0.89 -31.90
C PHE A 2102 46.79 -0.59 -33.30
N TYR A 2103 46.32 0.64 -33.50
CA TYR A 2103 45.74 1.06 -34.78
C TYR A 2103 46.63 2.10 -35.44
N VAL A 2104 46.82 1.96 -36.75
CA VAL A 2104 47.61 2.88 -37.54
C VAL A 2104 46.73 3.45 -38.65
N ALA A 2105 45.44 3.63 -38.35
CA ALA A 2105 44.43 4.04 -39.32
C ALA A 2105 44.83 5.26 -40.13
N ASP A 2106 44.32 5.36 -41.35
CA ASP A 2106 44.62 6.46 -42.26
C ASP A 2106 43.74 7.67 -41.96
N VAL A 2107 44.27 8.85 -42.25
CA VAL A 2107 43.54 10.09 -42.02
C VAL A 2107 42.74 10.52 -43.23
N GLU A 2108 43.35 10.45 -44.42
CA GLU A 2108 42.67 10.91 -45.63
C GLU A 2108 41.68 9.88 -46.15
N THR A 2109 42.11 8.64 -46.34
CA THR A 2109 41.24 7.63 -46.92
C THR A 2109 40.19 7.17 -45.92
N GLY A 2110 40.63 6.70 -44.76
CA GLY A 2110 39.74 6.19 -43.72
C GLY A 2110 39.86 4.71 -43.45
N LYS A 2111 40.63 3.97 -44.25
CA LYS A 2111 40.80 2.53 -44.03
C LYS A 2111 41.85 2.31 -42.94
N LEU A 2112 41.44 1.62 -41.88
CA LEU A 2112 42.34 1.36 -40.77
C LEU A 2112 43.25 0.17 -41.07
N TYR A 2113 44.30 0.04 -40.26
CA TYR A 2113 45.23 -1.08 -40.38
C TYR A 2113 45.68 -1.49 -38.98
N THR A 2114 46.08 -2.76 -38.87
CA THR A 2114 46.50 -3.29 -37.58
C THR A 2114 47.39 -4.51 -37.78
N PRO A 2115 48.55 -4.56 -37.12
CA PRO A 2115 49.41 -5.76 -37.24
C PRO A 2115 48.73 -7.03 -36.75
N CYS A 2116 47.86 -6.93 -35.75
CA CYS A 2116 47.15 -8.10 -35.26
C CYS A 2116 46.16 -8.61 -36.30
N ALA A 2117 46.06 -9.94 -36.39
CA ALA A 2117 45.19 -10.57 -37.37
C ALA A 2117 43.73 -10.58 -36.94
N ALA A 2118 43.46 -10.53 -35.65
CA ALA A 2118 42.09 -10.60 -35.14
C ALA A 2118 41.37 -9.26 -35.19
N LEU A 2119 42.05 -8.20 -35.58
CA LEU A 2119 41.45 -6.86 -35.61
C LEU A 2119 41.10 -6.39 -37.01
N SER A 2120 41.93 -6.67 -37.99
CA SER A 2120 41.66 -6.24 -39.37
C SER A 2120 40.72 -7.24 -40.03
N ARG A 2121 39.58 -6.75 -40.53
CA ARG A 2121 38.61 -7.59 -41.23
C ARG A 2121 38.77 -7.52 -42.74
N ASP A 2122 39.79 -6.83 -43.24
CA ASP A 2122 40.01 -6.72 -44.67
C ASP A 2122 40.52 -8.06 -45.21
N PRO A 2123 39.83 -8.69 -46.15
CA PRO A 2123 40.33 -9.96 -46.70
C PRO A 2123 41.68 -9.85 -47.38
N GLU A 2124 41.98 -8.70 -47.98
CA GLU A 2124 43.25 -8.52 -48.70
C GLU A 2124 44.31 -7.98 -47.74
N ALA A 2125 44.71 -8.85 -46.81
CA ALA A 2125 45.73 -8.51 -45.83
C ALA A 2125 46.55 -9.75 -45.51
N MET A 2126 47.84 -9.55 -45.27
CA MET A 2126 48.78 -10.63 -44.98
C MET A 2126 49.35 -10.41 -43.59
N PHE A 2127 49.14 -11.37 -42.70
CA PHE A 2127 49.64 -11.29 -41.33
C PHE A 2127 50.64 -12.43 -41.10
N GLU A 2128 51.76 -12.10 -40.46
CA GLU A 2128 52.80 -13.08 -40.18
C GLU A 2128 53.28 -12.85 -38.75
N THR A 2129 53.05 -13.82 -37.88
CA THR A 2129 53.40 -13.71 -36.47
C THR A 2129 54.55 -14.65 -36.17
N ARG A 2130 55.64 -14.10 -35.65
CA ARG A 2130 56.83 -14.86 -35.28
C ARG A 2130 56.95 -14.85 -33.77
N HIS A 2131 56.89 -16.03 -33.17
CA HIS A 2131 57.12 -16.21 -31.74
C HIS A 2131 58.52 -16.78 -31.56
N GLY A 2132 59.36 -16.08 -30.81
CA GLY A 2132 60.70 -16.55 -30.58
C GLY A 2132 60.97 -16.86 -29.13
N LEU A 2133 62.24 -16.82 -28.74
CA LEU A 2133 62.62 -17.08 -27.35
C LEU A 2133 62.52 -15.77 -26.58
N GLY A 2134 61.33 -15.50 -26.05
CA GLY A 2134 61.12 -14.33 -25.23
C GLY A 2134 60.68 -13.08 -25.96
N TYR A 2135 60.18 -13.19 -27.18
CA TYR A 2135 59.72 -12.03 -27.91
C TYR A 2135 58.75 -12.46 -29.00
N SER A 2136 58.03 -11.48 -29.54
CA SER A 2136 57.12 -11.73 -30.65
C SER A 2136 57.18 -10.58 -31.63
N ILE A 2137 56.96 -10.89 -32.91
CA ILE A 2137 56.97 -9.91 -33.98
C ILE A 2137 55.80 -10.20 -34.91
N LEU A 2138 54.85 -9.27 -34.99
CA LEU A 2138 53.69 -9.40 -35.86
C LEU A 2138 53.83 -8.42 -37.01
N THR A 2139 53.83 -8.93 -38.23
CA THR A 2139 53.99 -8.12 -39.43
C THR A 2139 52.72 -8.18 -40.24
N GLY A 2140 52.13 -7.01 -40.53
CA GLY A 2140 50.94 -6.93 -41.34
C GLY A 2140 51.14 -6.08 -42.58
N VAL A 2141 50.78 -6.63 -43.74
CA VAL A 2141 50.88 -5.94 -45.01
C VAL A 2141 49.48 -5.83 -45.59
N ALA A 2142 49.05 -4.60 -45.88
CA ALA A 2142 47.72 -4.37 -46.42
C ALA A 2142 47.77 -3.07 -47.23
N ASP A 2143 47.59 -3.19 -48.54
CA ASP A 2143 47.62 -2.04 -49.46
C ASP A 2143 48.95 -1.30 -49.35
N THR A 2144 50.02 -2.05 -49.59
CA THR A 2144 51.40 -1.58 -49.70
C THR A 2144 51.95 -1.06 -48.36
N LEU A 2145 51.12 -0.97 -47.33
CA LEU A 2145 51.52 -0.46 -46.04
C LEU A 2145 51.94 -1.62 -45.14
N GLU A 2146 53.09 -1.47 -44.48
CA GLU A 2146 53.64 -2.52 -43.63
C GLU A 2146 53.71 -2.02 -42.20
N VAL A 2147 53.21 -2.83 -41.26
CA VAL A 2147 53.23 -2.52 -39.84
C VAL A 2147 53.88 -3.68 -39.11
N GLU A 2148 54.95 -3.39 -38.37
CA GLU A 2148 55.66 -4.41 -37.60
C GLU A 2148 55.57 -4.06 -36.12
N LEU A 2149 54.98 -4.95 -35.34
CA LEU A 2149 54.82 -4.78 -33.90
C LEU A 2149 55.65 -5.82 -33.18
N THR A 2150 56.67 -5.36 -32.45
CA THR A 2150 57.56 -6.24 -31.72
C THR A 2150 57.29 -6.09 -30.23
N GLN A 2151 56.86 -7.17 -29.59
CA GLN A 2151 56.60 -7.21 -28.16
C GLN A 2151 57.72 -7.94 -27.45
N THR A 2152 58.25 -7.33 -26.40
CA THR A 2152 59.30 -7.94 -25.59
C THR A 2152 59.16 -7.46 -24.15
N VAL A 2153 59.94 -8.08 -23.26
CA VAL A 2153 59.91 -7.73 -21.85
C VAL A 2153 61.32 -7.39 -21.41
N ASP A 2154 61.42 -6.59 -20.35
CA ASP A 2154 62.68 -6.18 -19.78
C ASP A 2154 63.02 -7.05 -18.58
N ARG A 2155 64.26 -7.50 -18.50
CA ARG A 2155 64.71 -8.29 -17.36
C ARG A 2155 64.82 -7.41 -16.12
N GLU A 2156 64.70 -8.05 -14.95
CA GLU A 2156 64.84 -7.39 -13.66
C GLU A 2156 63.75 -6.34 -13.47
N LYS A 2157 63.83 -5.25 -14.22
CA LYS A 2157 62.80 -4.21 -14.15
C LYS A 2157 61.50 -4.74 -14.74
N PRO A 2158 60.41 -4.76 -13.99
CA PRO A 2158 59.14 -5.27 -14.55
C PRO A 2158 58.49 -4.25 -15.47
N VAL A 2159 58.60 -4.47 -16.78
CA VAL A 2159 58.04 -3.56 -17.77
C VAL A 2159 58.10 -4.25 -19.12
N LYS A 2160 57.19 -3.87 -20.02
CA LYS A 2160 57.06 -4.50 -21.32
C LYS A 2160 57.10 -3.44 -22.42
N PHE A 2161 57.83 -3.74 -23.48
CA PHE A 2161 58.09 -2.82 -24.57
C PHE A 2161 57.39 -3.30 -25.83
N SER A 2162 56.84 -2.35 -26.59
CA SER A 2162 56.18 -2.64 -27.86
C SER A 2162 56.68 -1.65 -28.91
N GLN A 2163 57.48 -2.13 -29.85
CA GLN A 2163 57.99 -1.30 -30.93
C GLN A 2163 57.07 -1.38 -32.14
N VAL A 2164 56.64 -0.22 -32.62
CA VAL A 2164 55.79 -0.10 -33.80
C VAL A 2164 56.64 0.50 -34.92
N ILE A 2165 56.76 -0.23 -36.02
CA ILE A 2165 57.50 0.21 -37.19
C ILE A 2165 56.53 0.32 -38.35
N VAL A 2166 56.43 1.51 -38.94
CA VAL A 2166 55.55 1.76 -40.07
C VAL A 2166 56.42 1.95 -41.30
N ARG A 2167 56.18 1.14 -42.32
CA ARG A 2167 56.97 1.15 -43.54
C ARG A 2167 56.05 1.36 -44.73
N ASN A 2168 56.37 2.35 -45.56
CA ASN A 2168 55.59 2.69 -46.74
C ASN A 2168 56.42 2.41 -47.99
N LYS A 2169 55.82 1.70 -48.95
CA LYS A 2169 56.50 1.35 -50.18
C LYS A 2169 55.74 1.84 -51.41
N GLY A 2170 54.81 2.78 -51.23
CA GLY A 2170 54.03 3.29 -52.33
C GLY A 2170 54.74 4.38 -53.11
N SER A 2171 54.00 5.42 -53.49
CA SER A 2171 54.57 6.51 -54.27
C SER A 2171 54.16 7.89 -53.78
N LYS A 2172 53.39 7.99 -52.70
CA LYS A 2172 52.96 9.28 -52.18
C LYS A 2172 53.04 9.27 -50.66
N SER A 2173 53.27 10.43 -50.08
CA SER A 2173 53.34 10.55 -48.64
C SER A 2173 51.97 10.32 -48.02
N ARG A 2174 51.94 9.63 -46.88
CA ARG A 2174 50.71 9.26 -46.21
C ARG A 2174 50.73 9.77 -44.79
N ARG A 2175 49.59 10.24 -44.32
CA ARG A 2175 49.42 10.71 -42.95
C ARG A 2175 48.65 9.65 -42.16
N LEU A 2176 49.25 9.18 -41.08
CA LEU A 2176 48.68 8.12 -40.26
C LEU A 2176 48.70 8.53 -38.80
N LYS A 2177 47.80 7.92 -38.02
CA LYS A 2177 47.72 8.15 -36.58
C LYS A 2177 47.85 6.81 -35.88
N VAL A 2178 48.86 6.70 -35.02
CA VAL A 2178 49.13 5.44 -34.32
C VAL A 2178 48.38 5.44 -33.00
N TYR A 2179 47.66 4.36 -32.74
CA TYR A 2179 46.87 4.20 -31.52
C TYR A 2179 47.44 3.10 -30.65
N ALA A 2180 47.17 3.20 -29.35
CA ALA A 2180 47.57 2.18 -28.38
C ALA A 2180 46.46 2.10 -27.33
N TYR A 2181 45.63 1.09 -27.42
CA TYR A 2181 44.46 0.93 -26.57
C TYR A 2181 44.63 -0.27 -25.65
N VAL A 2182 44.31 -0.09 -24.38
CA VAL A 2182 44.27 -1.17 -23.41
C VAL A 2182 43.38 -0.75 -22.26
N GLU A 2183 42.59 -1.69 -21.76
CA GLU A 2183 41.65 -1.43 -20.68
C GLU A 2183 42.27 -1.85 -19.34
N TRP A 2184 42.15 -0.97 -18.36
CA TRP A 2184 42.78 -1.18 -17.05
C TRP A 2184 41.79 -1.90 -16.14
N VAL A 2185 42.06 -3.16 -15.87
CA VAL A 2185 41.37 -3.91 -14.82
C VAL A 2185 42.42 -4.46 -13.88
N LEU A 2186 42.18 -4.34 -12.58
CA LEU A 2186 43.16 -4.73 -11.59
C LEU A 2186 42.49 -5.56 -10.51
N GLY A 2187 43.24 -6.51 -9.97
CA GLY A 2187 42.71 -7.38 -8.94
C GLY A 2187 42.53 -8.81 -9.39
N ASN A 2188 41.44 -9.44 -8.96
CA ASN A 2188 41.19 -10.83 -9.30
C ASN A 2188 40.27 -10.95 -10.52
N ASN A 2189 39.13 -10.28 -10.51
CA ASN A 2189 38.16 -10.37 -11.58
C ASN A 2189 37.66 -8.98 -11.93
N GLY A 2190 37.21 -8.86 -13.18
CA GLY A 2190 36.66 -7.61 -13.66
C GLY A 2190 35.28 -7.34 -13.12
N GLN A 2191 34.69 -6.25 -13.62
CA GLN A 2191 33.34 -5.78 -13.27
C GLN A 2191 33.10 -5.72 -11.76
N LYS A 2192 34.18 -5.67 -10.98
CA LYS A 2192 34.09 -5.46 -9.54
C LYS A 2192 34.86 -4.22 -9.10
N SER A 2193 36.09 -4.05 -9.57
CA SER A 2193 36.88 -2.87 -9.28
C SER A 2193 36.76 -1.80 -10.35
N ALA A 2194 35.94 -2.03 -11.37
CA ALA A 2194 35.79 -1.05 -12.44
C ALA A 2194 35.31 0.32 -11.94
N PRO A 2195 34.31 0.43 -11.07
CA PRO A 2195 33.88 1.77 -10.61
C PRO A 2195 34.86 2.44 -9.67
N PHE A 2196 35.97 1.81 -9.30
CA PHE A 2196 36.90 2.34 -8.32
C PHE A 2196 38.34 2.24 -8.82
N ILE A 2197 38.56 2.69 -10.05
CA ILE A 2197 39.91 2.76 -10.62
C ILE A 2197 40.20 4.23 -10.95
N LEU A 2198 41.30 4.74 -10.43
CA LEU A 2198 41.68 6.14 -10.61
C LEU A 2198 42.68 6.25 -11.74
N SER A 2199 42.40 7.16 -12.69
CA SER A 2199 43.25 7.37 -13.85
C SER A 2199 43.70 8.82 -13.89
N ARG A 2200 45.00 9.04 -14.10
CA ARG A 2200 45.57 10.37 -14.22
C ARG A 2200 46.45 10.44 -15.45
N HIS A 2201 46.61 11.65 -15.97
CA HIS A 2201 47.45 11.90 -17.15
C HIS A 2201 48.57 12.86 -16.76
N ASP A 2202 49.80 12.41 -16.92
CA ASP A 2202 50.95 13.27 -16.67
C ASP A 2202 51.04 14.35 -17.73
N ALA A 2203 51.37 15.57 -17.31
CA ALA A 2203 51.50 16.69 -18.23
C ALA A 2203 52.94 16.83 -18.74
N GLY A 2204 53.91 16.83 -17.83
CA GLY A 2204 55.31 16.93 -18.24
C GLY A 2204 55.84 15.68 -18.88
N SER A 2205 55.20 14.54 -18.65
CA SER A 2205 55.60 13.27 -19.24
C SER A 2205 54.43 12.68 -20.00
N ASN A 2206 54.73 12.00 -21.11
CA ASN A 2206 53.71 11.38 -21.94
C ASN A 2206 53.36 10.02 -21.34
N ALA A 2207 52.63 10.06 -20.23
CA ALA A 2207 52.30 8.84 -19.49
C ALA A 2207 50.89 8.92 -18.97
N ILE A 2208 50.31 7.74 -18.76
CA ILE A 2208 48.97 7.58 -18.18
C ILE A 2208 49.09 6.60 -17.02
N PHE A 2209 48.58 7.01 -15.85
CA PHE A 2209 48.72 6.26 -14.62
C PHE A 2209 47.36 5.74 -14.18
N ALA A 2210 47.31 4.47 -13.77
CA ALA A 2210 46.09 3.83 -13.28
C ALA A 2210 46.37 3.19 -11.94
N SER A 2211 45.48 3.41 -10.98
CA SER A 2211 45.62 2.87 -9.64
C SER A 2211 44.28 2.31 -9.17
N ASN A 2212 44.35 1.34 -8.26
CA ASN A 2212 43.17 0.71 -7.68
C ASN A 2212 43.29 0.74 -6.17
N PRO A 2213 42.99 1.88 -5.54
CA PRO A 2213 43.01 1.94 -4.08
C PRO A 2213 41.99 1.02 -3.44
N TYR A 2214 40.88 0.73 -4.13
CA TYR A 2214 39.83 -0.16 -3.61
C TYR A 2214 40.21 -1.61 -3.91
N SER A 2215 41.23 -2.07 -3.19
CA SER A 2215 41.72 -3.43 -3.36
C SER A 2215 42.01 -4.03 -1.99
N ILE A 2216 42.06 -5.36 -1.95
CA ILE A 2216 42.26 -6.06 -0.69
C ILE A 2216 43.70 -5.90 -0.22
N ASP A 2217 44.66 -6.28 -1.06
CA ASP A 2217 46.07 -6.25 -0.69
C ASP A 2217 46.89 -5.29 -1.53
N TYR A 2218 46.85 -5.42 -2.85
CA TYR A 2218 47.69 -4.60 -3.73
C TYR A 2218 46.97 -3.29 -4.00
N SER A 2219 47.14 -2.33 -3.09
CA SER A 2219 46.55 -1.02 -3.24
C SER A 2219 47.55 0.09 -3.50
N ALA A 2220 48.83 -0.13 -3.22
CA ALA A 2220 49.88 0.86 -3.46
C ALA A 2220 50.53 0.68 -4.82
N ARG A 2221 50.04 -0.24 -5.64
CA ARG A 2221 50.59 -0.50 -6.96
C ARG A 2221 49.90 0.39 -8.00
N THR A 2222 50.71 0.99 -8.87
CA THR A 2222 50.21 1.83 -9.95
C THR A 2222 50.81 1.34 -11.26
N SER A 2223 50.00 1.36 -12.31
CA SER A 2223 50.41 0.93 -13.64
C SER A 2223 50.50 2.15 -14.56
N PHE A 2224 51.44 2.08 -15.49
CA PHE A 2224 51.75 3.19 -16.37
C PHE A 2224 51.79 2.74 -17.81
N LEU A 2225 51.22 3.56 -18.70
CA LEU A 2225 51.38 3.42 -20.14
C LEU A 2225 52.04 4.69 -20.66
N THR A 2226 53.19 4.54 -21.30
CA THR A 2226 54.05 5.68 -21.62
C THR A 2226 54.50 5.58 -23.07
N LEU A 2227 54.76 6.74 -23.67
CA LEU A 2227 55.29 6.81 -25.03
C LEU A 2227 56.63 7.54 -25.01
N ASP A 2228 57.56 7.07 -25.85
CA ASP A 2228 58.90 7.64 -25.93
C ASP A 2228 58.95 8.95 -26.70
N SER A 2229 57.80 9.53 -27.02
CA SER A 2229 57.75 10.81 -27.73
C SER A 2229 56.54 11.57 -27.21
N GLU A 2230 56.36 12.79 -27.74
CA GLU A 2230 55.23 13.61 -27.31
C GLU A 2230 53.93 13.07 -27.92
N ALA A 2231 53.06 12.56 -27.07
CA ALA A 2231 51.78 12.05 -27.52
C ALA A 2231 50.84 13.21 -27.83
N SER A 2232 50.20 13.17 -29.00
CA SER A 2232 49.32 14.27 -29.40
C SER A 2232 48.05 14.31 -28.56
N GLY A 2233 47.48 13.15 -28.25
CA GLY A 2233 46.25 13.12 -27.47
C GLY A 2233 46.16 11.89 -26.59
N PHE A 2234 45.29 11.99 -25.58
CA PHE A 2234 45.05 10.89 -24.66
C PHE A 2234 43.56 10.76 -24.40
N THR A 2235 43.11 9.53 -24.14
CA THR A 2235 41.71 9.28 -23.84
C THR A 2235 41.63 8.04 -22.96
N THR A 2236 41.31 8.25 -21.68
CA THR A 2236 41.19 7.16 -20.72
C THR A 2236 39.73 6.81 -20.47
N SER A 2237 39.06 6.32 -21.52
CA SER A 2237 37.66 5.94 -21.40
C SER A 2237 37.20 5.05 -22.55
N ARG A 2238 36.60 3.90 -22.22
CA ARG A 2238 36.07 3.02 -23.26
C ARG A 2238 34.81 3.58 -23.89
N ARG A 2239 34.03 4.36 -23.13
CA ARG A 2239 32.83 4.98 -23.70
C ARG A 2239 33.17 5.94 -24.83
N GLU A 2240 34.28 6.66 -24.70
CA GLU A 2240 34.69 7.59 -25.75
C GLU A 2240 35.57 6.92 -26.81
N PHE A 2241 36.34 5.90 -26.44
CA PHE A 2241 37.17 5.22 -27.42
C PHE A 2241 36.37 4.24 -28.26
N ILE A 2242 35.78 3.23 -27.63
CA ILE A 2242 34.97 2.25 -28.33
C ILE A 2242 33.52 2.69 -28.31
N GLY A 2243 32.95 2.78 -27.11
CA GLY A 2243 31.58 3.20 -26.96
C GLY A 2243 30.59 2.18 -27.49
N ARG A 2244 29.33 2.60 -27.54
CA ARG A 2244 28.28 1.75 -28.07
C ARG A 2244 28.40 1.64 -29.58
N PHE A 2245 27.75 0.61 -30.13
CA PHE A 2245 27.73 0.36 -31.57
C PHE A 2245 29.14 0.22 -32.14
N GLY A 2246 30.00 -0.50 -31.42
CA GLY A 2246 31.36 -0.67 -31.86
C GLY A 2246 31.99 -1.90 -31.23
N SER A 2247 33.21 -2.20 -31.68
CA SER A 2247 33.96 -3.34 -31.17
C SER A 2247 35.44 -3.06 -31.38
N ALA A 2248 36.27 -4.07 -31.16
CA ALA A 2248 37.70 -3.93 -31.39
C ALA A 2248 38.00 -3.66 -32.86
N GLN A 2249 37.32 -4.38 -33.76
CA GLN A 2249 37.54 -4.18 -35.19
C GLN A 2249 36.94 -2.87 -35.67
N ALA A 2250 35.89 -2.39 -35.00
CA ALA A 2250 35.22 -1.14 -35.37
C ALA A 2250 35.15 -0.26 -34.13
N PRO A 2251 36.23 0.48 -33.83
CA PRO A 2251 36.25 1.31 -32.62
C PRO A 2251 35.31 2.49 -32.67
N GLN A 2252 34.66 2.76 -33.80
CA GLN A 2252 33.73 3.88 -33.95
C GLN A 2252 34.41 5.22 -33.74
N GLY A 2253 34.94 5.45 -32.53
CA GLY A 2253 35.64 6.69 -32.26
C GLY A 2253 36.87 6.90 -33.12
N ILE A 2254 37.42 5.82 -33.68
CA ILE A 2254 38.55 5.97 -34.59
C ILE A 2254 38.14 6.64 -35.89
N VAL A 2255 36.91 6.41 -36.35
CA VAL A 2255 36.44 6.97 -37.61
C VAL A 2255 35.48 8.13 -37.42
N ALA A 2256 34.67 8.12 -36.34
CA ALA A 2256 33.74 9.22 -36.07
C ALA A 2256 34.54 10.40 -35.51
N GLY A 2257 35.25 11.07 -36.39
CA GLY A 2257 36.10 12.17 -36.00
C GLY A 2257 37.44 11.70 -35.45
N ALA A 2258 38.25 12.67 -35.06
CA ALA A 2258 39.57 12.36 -34.50
C ALA A 2258 39.91 13.21 -33.28
N ALA A 2259 38.95 13.97 -32.75
CA ALA A 2259 39.18 14.81 -31.58
C ALA A 2259 39.04 13.96 -30.33
N LEU A 2260 40.08 13.20 -30.02
CA LEU A 2260 40.10 12.33 -28.85
C LEU A 2260 40.21 13.20 -27.61
N SER A 2261 39.08 13.42 -26.94
CA SER A 2261 39.05 14.27 -25.76
C SER A 2261 39.83 13.63 -24.62
N GLY A 2262 40.52 14.47 -23.85
CA GLY A 2262 41.27 13.98 -22.70
C GLY A 2262 40.38 13.66 -21.53
N THR A 2263 40.23 12.38 -21.24
CA THR A 2263 39.34 11.93 -20.17
C THR A 2263 40.10 11.84 -18.86
N THR A 2264 39.59 12.52 -17.84
CA THR A 2264 40.17 12.49 -16.51
C THR A 2264 39.19 12.01 -15.45
N GLU A 2265 37.91 12.32 -15.60
CA GLU A 2265 36.91 11.89 -14.63
C GLU A 2265 36.78 10.37 -14.64
N VAL A 2266 36.51 9.81 -13.46
CA VAL A 2266 36.37 8.37 -13.31
C VAL A 2266 35.00 7.95 -13.86
N ASP A 2267 35.00 7.02 -14.79
CA ASP A 2267 33.79 6.52 -15.41
C ASP A 2267 33.64 5.03 -15.09
N GLY A 2268 32.63 4.41 -15.69
CA GLY A 2268 32.38 3.00 -15.48
C GLY A 2268 33.25 2.05 -16.27
N ASP A 2269 34.12 2.58 -17.13
CA ASP A 2269 35.00 1.73 -17.94
C ASP A 2269 36.37 2.37 -18.07
N PRO A 2270 37.39 1.86 -17.39
CA PRO A 2270 38.73 2.44 -17.47
C PRO A 2270 39.57 1.81 -18.58
N CYS A 2271 40.33 2.66 -19.26
CA CYS A 2271 41.23 2.22 -20.32
C CYS A 2271 42.29 3.30 -20.52
N ALA A 2272 43.08 3.16 -21.58
CA ALA A 2272 44.10 4.12 -21.93
C ALA A 2272 44.28 4.14 -23.44
N ALA A 2273 44.21 5.32 -24.04
CA ALA A 2273 44.39 5.47 -25.47
C ALA A 2273 45.33 6.65 -25.73
N LEU A 2274 46.33 6.42 -26.58
CA LEU A 2274 47.30 7.44 -26.95
C LEU A 2274 47.27 7.66 -28.45
N MET A 2275 47.29 8.93 -28.86
CA MET A 2275 47.17 9.32 -30.26
C MET A 2275 48.39 10.15 -30.66
N GLN A 2276 49.03 9.73 -31.74
CA GLN A 2276 50.20 10.40 -32.29
C GLN A 2276 50.00 10.62 -33.78
N GLU A 2277 50.30 11.83 -34.25
CA GLU A 2277 50.18 12.15 -35.67
C GLU A 2277 51.53 11.98 -36.35
N ILE A 2278 51.55 11.22 -37.44
CA ILE A 2278 52.76 10.96 -38.20
C ILE A 2278 52.48 11.21 -39.68
N HIS A 2279 53.43 11.84 -40.37
CA HIS A 2279 53.36 12.06 -41.81
C HIS A 2279 54.61 11.43 -42.43
N LEU A 2280 54.44 10.28 -43.07
CA LEU A 2280 55.55 9.49 -43.58
C LEU A 2280 55.59 9.57 -45.10
N LYS A 2281 56.76 9.94 -45.64
CA LYS A 2281 56.95 9.92 -47.08
C LYS A 2281 57.54 8.57 -47.51
N PRO A 2282 57.27 8.14 -48.75
CA PRO A 2282 57.78 6.84 -49.20
C PRO A 2282 59.29 6.81 -49.21
N GLY A 2283 59.85 5.74 -48.65
CA GLY A 2283 61.29 5.52 -48.62
C GLY A 2283 61.88 5.40 -47.24
N GLU A 2284 61.21 5.88 -46.20
CA GLU A 2284 61.73 5.82 -44.85
C GLU A 2284 60.73 5.11 -43.93
N GLU A 2285 61.28 4.54 -42.85
CA GLU A 2285 60.51 3.79 -41.87
C GLU A 2285 60.38 4.61 -40.60
N ARG A 2286 59.17 4.68 -40.06
CA ARG A 2286 58.92 5.39 -38.81
C ARG A 2286 58.94 4.40 -37.66
N HIS A 2287 59.72 4.72 -36.63
CA HIS A 2287 59.88 3.87 -35.46
C HIS A 2287 59.29 4.54 -34.24
N MET A 2288 58.58 3.76 -33.42
CA MET A 2288 57.97 4.27 -32.21
C MET A 2288 58.01 3.17 -31.16
N THR A 2289 57.99 3.56 -29.88
CA THR A 2289 58.05 2.61 -28.78
C THR A 2289 57.01 2.96 -27.74
N PHE A 2290 56.20 1.98 -27.36
CA PHE A 2290 55.23 2.11 -26.29
C PHE A 2290 55.67 1.26 -25.11
N ILE A 2291 55.39 1.75 -23.90
CA ILE A 2291 55.89 1.18 -22.66
C ILE A 2291 54.68 0.88 -21.78
N LEU A 2292 54.61 -0.33 -21.23
CA LEU A 2292 53.55 -0.63 -20.27
C LEU A 2292 54.17 -1.33 -19.07
N GLY A 2293 53.83 -0.87 -17.87
CA GLY A 2293 54.41 -1.49 -16.70
C GLY A 2293 53.58 -1.23 -15.47
N ASP A 2294 54.06 -1.78 -14.35
CA ASP A 2294 53.38 -1.60 -13.07
C ASP A 2294 54.43 -1.69 -11.95
N ALA A 2295 54.30 -0.80 -10.98
CA ALA A 2295 55.23 -0.78 -9.86
C ALA A 2295 54.55 -0.14 -8.67
N ASP A 2296 55.10 -0.40 -7.49
CA ASP A 2296 54.61 0.23 -6.27
C ASP A 2296 55.09 1.67 -6.18
N ASN A 2297 54.29 2.51 -5.52
CA ASN A 2297 54.65 3.87 -5.15
C ASN A 2297 54.64 4.82 -6.35
N ALA A 2298 54.04 5.99 -6.16
CA ALA A 2298 53.87 6.94 -7.26
C ALA A 2298 55.23 7.49 -7.73
N GLU A 2299 56.07 7.91 -6.80
CA GLU A 2299 57.37 8.45 -7.20
C GLU A 2299 58.28 7.36 -7.74
N GLU A 2300 58.15 6.13 -7.24
CA GLU A 2300 58.90 5.02 -7.82
C GLU A 2300 58.49 4.78 -9.27
N ALA A 2301 57.18 4.83 -9.54
CA ALA A 2301 56.71 4.70 -10.91
C ALA A 2301 57.20 5.85 -11.77
N GLU A 2302 57.21 7.06 -11.22
CA GLU A 2302 57.71 8.22 -11.96
C GLU A 2302 59.18 8.04 -12.33
N ALA A 2303 59.99 7.59 -11.38
CA ALA A 2303 61.40 7.33 -11.67
C ALA A 2303 61.56 6.25 -12.72
N LEU A 2304 60.75 5.19 -12.61
CA LEU A 2304 60.84 4.10 -13.58
C LEU A 2304 60.51 4.58 -14.99
N VAL A 2305 59.43 5.34 -15.14
CA VAL A 2305 59.05 5.82 -16.46
C VAL A 2305 60.07 6.81 -17.00
N LYS A 2306 60.63 7.65 -16.11
CA LYS A 2306 61.66 8.59 -16.54
C LYS A 2306 62.87 7.84 -17.08
N ASP A 2307 63.31 6.81 -16.36
CA ASP A 2307 64.45 6.02 -16.84
C ASP A 2307 64.14 5.33 -18.15
N VAL A 2308 62.94 4.74 -18.26
CA VAL A 2308 62.59 3.96 -19.44
C VAL A 2308 62.48 4.86 -20.67
N ARG A 2309 62.00 6.09 -20.50
CA ARG A 2309 61.76 6.95 -21.65
C ARG A 2309 63.03 7.22 -22.44
N GLN A 2310 64.16 7.47 -21.78
CA GLN A 2310 65.43 7.57 -22.47
C GLN A 2310 66.18 6.25 -22.54
N ALA A 2311 65.63 5.20 -21.94
CA ALA A 2311 66.23 3.88 -22.12
C ALA A 2311 66.00 3.40 -23.55
N ASP A 2312 66.91 2.55 -24.01
CA ASP A 2312 66.86 2.03 -25.37
C ASP A 2312 66.00 0.77 -25.43
N PHE A 2313 65.48 0.48 -26.62
CA PHE A 2313 64.61 -0.67 -26.84
C PHE A 2313 65.34 -1.89 -27.35
N LEU A 2314 66.31 -1.72 -28.25
CA LEU A 2314 66.98 -2.86 -28.84
C LEU A 2314 67.82 -3.61 -27.82
N SER A 2315 68.66 -2.88 -27.07
CA SER A 2315 69.69 -3.53 -26.26
C SER A 2315 69.09 -4.58 -25.33
N VAL A 2316 67.95 -4.29 -24.71
CA VAL A 2316 67.29 -5.29 -23.89
C VAL A 2316 66.81 -6.45 -24.75
N LEU A 2317 66.44 -6.19 -26.01
CA LEU A 2317 66.00 -7.29 -26.88
C LEU A 2317 67.14 -8.26 -27.17
N GLU A 2318 68.31 -7.74 -27.58
CA GLU A 2318 69.44 -8.66 -27.75
C GLU A 2318 69.88 -9.28 -26.42
N GLU A 2319 69.72 -8.57 -25.30
CA GLU A 2319 70.07 -9.17 -24.02
C GLU A 2319 69.19 -10.38 -23.71
N SER A 2320 67.88 -10.23 -23.91
CA SER A 2320 66.96 -11.35 -23.69
C SER A 2320 67.22 -12.48 -24.66
N LYS A 2321 67.49 -12.14 -25.94
CA LYS A 2321 67.80 -13.17 -26.92
C LYS A 2321 69.04 -13.94 -26.54
N LYS A 2322 70.09 -13.23 -26.11
CA LYS A 2322 71.33 -13.90 -25.70
C LYS A 2322 71.12 -14.76 -24.45
N PHE A 2323 70.34 -14.26 -23.49
CA PHE A 2323 70.06 -15.05 -22.30
C PHE A 2323 69.36 -16.35 -22.65
N TRP A 2324 68.31 -16.26 -23.47
CA TRP A 2324 67.56 -17.46 -23.83
C TRP A 2324 68.40 -18.41 -24.67
N THR A 2325 69.23 -17.86 -25.57
CA THR A 2325 70.10 -18.70 -26.38
C THR A 2325 71.11 -19.43 -25.52
N GLY A 2326 71.73 -18.72 -24.57
CA GLY A 2326 72.72 -19.34 -23.73
C GLY A 2326 72.13 -20.40 -22.80
N PHE A 2327 71.00 -20.09 -22.19
CA PHE A 2327 70.37 -21.06 -21.30
C PHE A 2327 69.91 -22.29 -22.06
N THR A 2328 69.28 -22.10 -23.22
CA THR A 2328 68.82 -23.22 -24.02
C THR A 2328 69.92 -23.82 -24.89
N GLY A 2329 71.06 -23.15 -25.02
CA GLY A 2329 72.15 -23.66 -25.81
C GLY A 2329 73.11 -24.57 -25.08
N GLN A 2330 72.87 -24.83 -23.80
CA GLN A 2330 73.75 -25.73 -23.05
C GLN A 2330 73.71 -27.13 -23.61
N LEU A 2331 72.51 -27.62 -23.93
CA LEU A 2331 72.31 -28.95 -24.46
C LEU A 2331 71.77 -28.84 -25.88
N GLN A 2332 72.48 -29.42 -26.84
CA GLN A 2332 72.08 -29.40 -28.24
C GLN A 2332 72.21 -30.80 -28.83
N VAL A 2333 71.28 -31.13 -29.73
CA VAL A 2333 71.23 -32.45 -30.36
C VAL A 2333 71.29 -32.28 -31.87
N SER A 2334 71.64 -33.36 -32.55
CA SER A 2334 71.69 -33.40 -34.01
C SER A 2334 71.06 -34.68 -34.53
N THR A 2335 69.94 -35.07 -33.92
CA THR A 2335 69.27 -36.29 -34.34
C THR A 2335 68.64 -36.11 -35.72
N PRO A 2336 68.49 -37.20 -36.48
CA PRO A 2336 67.89 -37.08 -37.83
C PRO A 2336 66.45 -36.59 -37.81
N ASP A 2337 65.73 -36.76 -36.70
CA ASP A 2337 64.34 -36.31 -36.63
C ASP A 2337 64.28 -34.79 -36.58
N ALA A 2338 63.58 -34.19 -37.54
CA ALA A 2338 63.46 -32.75 -37.59
C ALA A 2338 62.61 -32.21 -36.44
N GLY A 2339 61.47 -32.86 -36.19
CA GLY A 2339 60.60 -32.41 -35.11
C GLY A 2339 61.24 -32.58 -33.75
N PHE A 2340 61.94 -33.70 -33.54
CA PHE A 2340 62.60 -33.94 -32.26
C PHE A 2340 63.71 -32.91 -32.01
N ASN A 2341 64.36 -32.45 -33.07
CA ASN A 2341 65.46 -31.50 -32.93
C ASN A 2341 64.99 -30.10 -32.57
N HIS A 2342 63.69 -29.84 -32.53
CA HIS A 2342 63.16 -28.52 -32.21
C HIS A 2342 62.56 -28.42 -30.83
N MET A 2343 61.75 -29.40 -30.41
CA MET A 2343 61.18 -29.36 -29.07
C MET A 2343 62.27 -29.47 -28.01
N VAL A 2344 63.22 -30.38 -28.20
CA VAL A 2344 64.24 -30.63 -27.20
C VAL A 2344 65.22 -29.46 -27.12
N ASN A 2345 65.59 -28.90 -28.28
CA ASN A 2345 66.63 -27.87 -28.29
C ASN A 2345 66.21 -26.63 -27.52
N ASN A 2346 65.04 -26.08 -27.83
CA ASN A 2346 64.66 -24.83 -27.18
C ASN A 2346 63.27 -24.86 -26.57
N TRP A 2347 62.30 -25.50 -27.23
CA TRP A 2347 60.91 -25.27 -26.88
C TRP A 2347 60.55 -25.88 -25.54
N LEU A 2348 60.96 -27.12 -25.28
CA LEU A 2348 60.66 -27.74 -23.99
C LEU A 2348 61.28 -26.99 -22.82
N PRO A 2349 62.59 -26.67 -22.81
CA PRO A 2349 63.11 -25.89 -21.69
C PRO A 2349 62.48 -24.51 -21.58
N TYR A 2350 62.18 -23.86 -22.71
CA TYR A 2350 61.56 -22.55 -22.66
C TYR A 2350 60.18 -22.64 -22.01
N GLN A 2351 59.38 -23.63 -22.40
CA GLN A 2351 58.07 -23.80 -21.80
C GLN A 2351 58.18 -24.11 -20.31
N ALA A 2352 59.13 -24.98 -19.94
CA ALA A 2352 59.30 -25.29 -18.53
C ALA A 2352 59.62 -24.04 -17.72
N LEU A 2353 60.58 -23.24 -18.19
CA LEU A 2353 60.97 -22.04 -17.47
C LEU A 2353 59.84 -21.02 -17.41
N ALA A 2354 59.11 -20.85 -18.51
CA ALA A 2354 58.08 -19.82 -18.57
C ALA A 2354 56.76 -20.24 -17.95
N CYS A 2355 56.56 -21.53 -17.66
CA CYS A 2355 55.31 -22.00 -17.09
C CYS A 2355 55.47 -22.52 -15.66
N ARG A 2356 56.35 -23.48 -15.43
CA ARG A 2356 56.46 -24.11 -14.13
C ARG A 2356 57.62 -23.58 -13.31
N ILE A 2357 58.23 -22.48 -13.75
CA ILE A 2357 59.32 -21.87 -12.99
C ILE A 2357 58.98 -20.41 -12.69
N LEU A 2358 58.76 -19.62 -13.73
CA LEU A 2358 58.55 -18.19 -13.58
C LEU A 2358 57.07 -17.83 -13.48
N ALA A 2359 56.30 -18.14 -14.53
CA ALA A 2359 54.91 -17.70 -14.64
C ALA A 2359 54.00 -18.92 -14.66
N ARG A 2360 53.42 -19.24 -13.51
CA ARG A 2360 52.52 -20.39 -13.39
C ARG A 2360 51.11 -20.02 -13.85
N THR A 2361 51.01 -19.69 -15.14
CA THR A 2361 49.74 -19.24 -15.71
C THR A 2361 49.79 -19.37 -17.22
N ALA A 2362 48.70 -19.90 -17.79
CA ALA A 2362 48.53 -19.94 -19.24
C ALA A 2362 47.20 -19.31 -19.62
N PHE A 2363 46.82 -19.40 -20.90
CA PHE A 2363 45.54 -18.85 -21.32
C PHE A 2363 44.36 -19.63 -20.74
N TYR A 2364 44.56 -20.89 -20.38
CA TYR A 2364 43.49 -21.74 -19.88
C TYR A 2364 43.47 -21.83 -18.35
N GLN A 2365 44.59 -22.18 -17.74
CA GLN A 2365 44.69 -22.32 -16.30
C GLN A 2365 45.59 -21.24 -15.73
N SER A 2366 45.10 -20.54 -14.71
CA SER A 2366 45.82 -19.44 -14.06
C SER A 2366 45.92 -19.78 -12.57
N SER A 2367 46.97 -20.52 -12.21
CA SER A 2367 47.21 -20.93 -10.82
C SER A 2367 48.54 -20.32 -10.39
N GLY A 2368 48.49 -19.10 -9.88
CA GLY A 2368 49.71 -18.41 -9.50
C GLY A 2368 50.31 -18.82 -8.19
N ALA A 2369 49.62 -19.64 -7.40
CA ALA A 2369 50.15 -20.08 -6.11
C ALA A 2369 51.29 -21.07 -6.31
N PHE A 2370 52.23 -21.06 -5.38
CA PHE A 2370 53.37 -21.97 -5.41
C PHE A 2370 52.94 -23.33 -4.89
N GLY A 2371 52.54 -24.21 -5.79
CA GLY A 2371 52.22 -25.58 -5.38
C GLY A 2371 53.44 -26.28 -4.84
N PHE A 2372 53.26 -26.97 -3.71
CA PHE A 2372 54.37 -27.63 -3.05
C PHE A 2372 55.00 -28.69 -3.97
N ARG A 2373 54.21 -29.70 -4.33
CA ARG A 2373 54.72 -30.76 -5.21
C ARG A 2373 55.15 -30.17 -6.56
N ASP A 2374 54.45 -29.14 -7.03
CA ASP A 2374 54.83 -28.49 -8.27
C ASP A 2374 56.22 -27.89 -8.18
N GLN A 2375 56.49 -27.14 -7.11
CA GLN A 2375 57.81 -26.54 -6.95
C GLN A 2375 58.87 -27.59 -6.67
N LEU A 2376 58.47 -28.75 -6.14
CA LEU A 2376 59.42 -29.82 -5.91
C LEU A 2376 59.83 -30.49 -7.22
N GLN A 2377 58.86 -30.75 -8.11
CA GLN A 2377 59.12 -31.53 -9.30
C GLN A 2377 59.46 -30.69 -10.52
N ASP A 2378 59.29 -29.37 -10.47
CA ASP A 2378 59.58 -28.55 -11.63
C ASP A 2378 61.07 -28.53 -11.95
N THR A 2379 61.91 -28.47 -10.93
CA THR A 2379 63.36 -28.38 -11.10
C THR A 2379 63.95 -29.77 -10.92
N LEU A 2380 63.95 -30.56 -12.00
CA LEU A 2380 64.50 -31.90 -11.96
C LEU A 2380 65.40 -32.23 -13.15
N ALA A 2381 65.42 -31.39 -14.19
CA ALA A 2381 66.24 -31.63 -15.36
C ALA A 2381 67.54 -30.84 -15.37
N PHE A 2382 67.86 -30.15 -14.27
CA PHE A 2382 69.05 -29.31 -14.23
C PHE A 2382 69.92 -29.66 -13.03
N PRO A 2387 71.05 -26.09 -12.12
CA PRO A 2387 71.66 -26.74 -10.95
C PRO A 2387 71.25 -26.04 -9.65
N ASP A 2388 71.69 -24.80 -9.47
CA ASP A 2388 71.36 -24.05 -8.27
C ASP A 2388 69.86 -23.76 -8.15
N LEU A 2389 69.13 -23.80 -9.26
CA LEU A 2389 67.69 -23.55 -9.22
C LEU A 2389 66.99 -24.61 -8.38
N ALA A 2390 67.40 -25.88 -8.52
CA ALA A 2390 66.83 -26.93 -7.69
C ALA A 2390 67.13 -26.69 -6.22
N ARG A 2391 68.34 -26.22 -5.92
CA ARG A 2391 68.69 -25.91 -4.54
C ARG A 2391 67.80 -24.80 -3.98
N THR A 2392 67.59 -23.74 -4.76
CA THR A 2392 66.73 -22.66 -4.31
C THR A 2392 65.31 -23.15 -4.09
N GLN A 2393 64.78 -23.96 -5.02
CA GLN A 2393 63.41 -24.44 -4.88
C GLN A 2393 63.28 -25.36 -3.67
N ILE A 2394 64.26 -26.24 -3.44
CA ILE A 2394 64.15 -27.17 -2.33
C ILE A 2394 64.27 -26.44 -1.00
N LEU A 2395 65.13 -25.42 -0.91
CA LEU A 2395 65.20 -24.65 0.34
C LEU A 2395 63.92 -23.86 0.57
N ARG A 2396 63.34 -23.30 -0.49
CA ARG A 2396 62.06 -22.62 -0.35
C ARG A 2396 60.98 -23.57 0.13
N ALA A 2397 60.95 -24.79 -0.43
CA ALA A 2397 59.98 -25.78 -0.01
C ALA A 2397 60.18 -26.18 1.45
N ALA A 2398 61.43 -26.37 1.86
CA ALA A 2398 61.72 -26.69 3.25
C ALA A 2398 61.30 -25.57 4.18
N GLY A 2399 61.36 -24.32 3.71
CA GLY A 2399 60.93 -23.19 4.51
C GLY A 2399 59.47 -23.21 4.90
N ARG A 2400 58.66 -24.03 4.23
CA ARG A 2400 57.24 -24.19 4.55
C ARG A 2400 57.04 -25.61 5.07
N GLN A 2401 56.98 -25.75 6.39
CA GLN A 2401 56.83 -27.07 7.00
C GLN A 2401 56.31 -26.91 8.42
N PHE A 2402 55.41 -27.79 8.82
CA PHE A 2402 54.85 -27.72 10.17
C PHE A 2402 55.49 -28.77 11.07
N PRO A 2403 55.72 -28.43 12.34
CA PRO A 2403 56.37 -29.39 13.26
C PRO A 2403 55.58 -30.66 13.47
N GLU A 2404 54.27 -30.65 13.23
CA GLU A 2404 53.48 -31.87 13.36
C GLU A 2404 53.88 -32.92 12.33
N GLY A 2405 54.47 -32.51 11.21
CA GLY A 2405 54.88 -33.44 10.18
C GLY A 2405 54.38 -33.06 8.80
N ASP A 2406 53.19 -32.49 8.73
CA ASP A 2406 52.60 -32.13 7.45
C ASP A 2406 53.22 -30.84 6.92
N VAL A 2407 52.88 -30.53 5.66
CA VAL A 2407 53.45 -29.39 4.96
C VAL A 2407 52.32 -28.56 4.36
N GLN A 2408 52.64 -27.30 4.07
CA GLN A 2408 51.69 -26.41 3.42
C GLN A 2408 51.55 -26.80 1.95
N HIS A 2409 50.30 -26.98 1.49
CA HIS A 2409 50.09 -27.44 0.12
C HIS A 2409 50.53 -26.38 -0.89
N TRP A 2410 50.18 -25.12 -0.63
CA TRP A 2410 50.65 -24.01 -1.45
C TRP A 2410 50.66 -22.74 -0.60
N TRP A 2411 51.30 -21.71 -1.12
CA TRP A 2411 51.41 -20.44 -0.42
C TRP A 2411 51.62 -19.33 -1.44
N LEU A 2412 51.68 -18.10 -0.95
CA LEU A 2412 51.90 -16.94 -1.80
C LEU A 2412 53.36 -16.52 -1.75
N PRO A 2413 53.91 -16.01 -2.86
CA PRO A 2413 55.32 -15.58 -2.83
C PRO A 2413 55.60 -14.48 -1.83
N LEU A 2414 54.65 -13.57 -1.63
CA LEU A 2414 54.86 -12.44 -0.73
C LEU A 2414 54.34 -12.72 0.68
N THR A 2415 53.04 -12.96 0.80
CA THR A 2415 52.46 -13.17 2.13
C THR A 2415 52.81 -14.53 2.69
N GLY A 2416 52.68 -15.58 1.88
CA GLY A 2416 52.90 -16.94 2.32
C GLY A 2416 51.70 -17.61 2.93
N ALA A 2417 50.58 -16.90 3.06
CA ALA A 2417 49.36 -17.46 3.63
C ALA A 2417 48.74 -18.45 2.63
N GLY A 2418 48.84 -19.74 2.93
CA GLY A 2418 48.30 -20.75 2.05
C GLY A 2418 47.31 -21.67 2.72
N VAL A 2419 47.41 -22.97 2.46
CA VAL A 2419 46.49 -23.96 3.02
C VAL A 2419 47.27 -25.16 3.53
N ARG A 2420 46.69 -25.83 4.52
CA ARG A 2420 47.24 -27.05 5.09
C ARG A 2420 46.17 -28.13 4.94
N THR A 2421 46.32 -28.97 3.92
CA THR A 2421 45.32 -29.96 3.59
C THR A 2421 45.74 -31.34 4.08
N THR A 2422 44.97 -32.37 3.71
CA THR A 2422 45.23 -33.74 4.12
C THR A 2422 45.86 -34.57 3.00
N ILE A 2423 46.41 -33.92 1.98
CA ILE A 2423 47.08 -34.65 0.91
C ILE A 2423 48.30 -35.36 1.46
N SER A 2424 48.47 -36.62 1.08
CA SER A 2424 49.47 -37.49 1.69
C SER A 2424 50.83 -37.41 1.00
N ASP A 2425 50.85 -37.53 -0.33
CA ASP A 2425 52.11 -37.65 -1.06
C ASP A 2425 52.93 -36.37 -1.08
N ASP A 2426 52.38 -35.25 -0.63
CA ASP A 2426 53.10 -33.98 -0.69
C ASP A 2426 54.38 -34.03 0.16
N VAL A 2427 54.30 -34.62 1.35
CA VAL A 2427 55.44 -34.61 2.26
C VAL A 2427 56.58 -35.46 1.71
N VAL A 2428 56.26 -36.61 1.10
CA VAL A 2428 57.29 -37.50 0.57
C VAL A 2428 57.80 -37.03 -0.79
N TRP A 2429 57.10 -36.10 -1.44
CA TRP A 2429 57.64 -35.50 -2.65
C TRP A 2429 58.89 -34.69 -2.33
N LEU A 2430 58.91 -34.00 -1.20
CA LEU A 2430 60.13 -33.32 -0.75
C LEU A 2430 61.25 -34.33 -0.53
N ALA A 2431 60.90 -35.50 0.01
CA ALA A 2431 61.89 -36.56 0.21
C ALA A 2431 62.48 -37.01 -1.14
N TYR A 2432 61.61 -37.18 -2.13
CA TYR A 2432 62.09 -37.54 -3.46
C TYR A 2432 63.00 -36.45 -4.02
N ALA A 2433 62.61 -35.18 -3.87
CA ALA A 2433 63.41 -34.09 -4.40
C ALA A 2433 64.79 -34.06 -3.75
N ILE A 2434 64.85 -34.22 -2.42
CA ILE A 2434 66.13 -34.12 -1.75
C ILE A 2434 67.02 -35.31 -2.10
N ASN A 2435 66.46 -36.53 -2.17
CA ASN A 2435 67.30 -37.66 -2.50
C ASN A 2435 67.78 -37.59 -3.95
N GLN A 2436 66.93 -37.10 -4.87
CA GLN A 2436 67.36 -36.92 -6.25
C GLN A 2436 68.46 -35.88 -6.35
N TYR A 2437 68.34 -34.77 -5.60
CA TYR A 2437 69.38 -33.75 -5.62
C TYR A 2437 70.69 -34.30 -5.08
N VAL A 2438 70.63 -35.08 -4.00
CA VAL A 2438 71.85 -35.69 -3.46
C VAL A 2438 72.47 -36.64 -4.47
N SER A 2439 71.64 -37.45 -5.14
CA SER A 2439 72.16 -38.37 -6.12
C SER A 2439 72.81 -37.64 -7.28
N ALA A 2440 72.21 -36.54 -7.73
CA ALA A 2440 72.73 -35.83 -8.90
C ALA A 2440 74.01 -35.06 -8.54
N THR A 2441 73.91 -34.13 -7.60
CA THR A 2441 75.05 -33.28 -7.28
C THR A 2441 76.04 -34.00 -6.34
N GLY A 2442 75.55 -34.44 -5.19
CA GLY A 2442 76.39 -35.09 -4.20
C GLY A 2442 76.88 -34.19 -3.09
N ASP A 2443 76.49 -32.91 -3.09
CA ASP A 2443 76.94 -31.96 -2.07
C ASP A 2443 76.12 -32.19 -0.80
N ALA A 2444 76.80 -32.62 0.27
CA ALA A 2444 76.14 -32.82 1.55
C ALA A 2444 75.95 -31.52 2.34
N ALA A 2445 76.59 -30.44 1.92
CA ALA A 2445 76.47 -29.18 2.64
C ALA A 2445 75.04 -28.67 2.64
N ILE A 2446 74.30 -28.89 1.55
CA ILE A 2446 72.90 -28.49 1.50
C ILE A 2446 72.08 -29.25 2.54
N LEU A 2447 72.53 -30.44 2.95
CA LEU A 2447 71.81 -31.19 3.97
C LEU A 2447 71.85 -30.50 5.33
N ASP A 2448 72.81 -29.61 5.55
CA ASP A 2448 72.98 -28.91 6.82
C ASP A 2448 72.72 -27.42 6.59
N GLU A 2449 71.47 -27.02 6.73
CA GLU A 2449 71.07 -25.63 6.59
C GLU A 2449 70.07 -25.29 7.68
N SER A 2450 69.96 -24.01 8.00
CA SER A 2450 69.04 -23.54 9.03
C SER A 2450 67.69 -23.22 8.40
N ILE A 2451 66.65 -23.93 8.83
CA ILE A 2451 65.30 -23.73 8.33
C ILE A 2451 64.36 -23.61 9.52
N PRO A 2452 63.77 -22.44 9.78
CA PRO A 2452 62.84 -22.32 10.90
C PRO A 2452 61.53 -23.04 10.62
N PHE A 2453 60.85 -23.39 11.71
CA PHE A 2453 59.54 -24.03 11.62
C PHE A 2453 58.46 -22.96 11.54
N LEU A 2454 57.20 -23.41 11.58
CA LEU A 2454 56.04 -22.53 11.59
C LEU A 2454 55.08 -22.99 12.68
N LYS A 2455 53.94 -22.30 12.78
CA LYS A 2455 52.92 -22.65 13.75
C LYS A 2455 51.57 -22.16 13.24
N GLY A 2456 50.51 -22.86 13.64
CA GLY A 2456 49.18 -22.52 13.23
C GLY A 2456 48.12 -23.27 14.01
N PRO A 2457 46.86 -23.16 13.58
CA PRO A 2457 45.76 -23.83 14.27
C PRO A 2457 45.70 -25.34 14.05
N ALA A 2458 46.72 -25.93 13.44
CA ALA A 2458 46.80 -27.37 13.19
C ALA A 2458 45.61 -27.76 12.32
N LEU A 2459 44.92 -28.86 12.60
CA LEU A 2459 43.79 -29.31 11.80
C LEU A 2459 42.66 -29.75 12.72
N MET A 2460 41.43 -29.62 12.22
CA MET A 2460 40.25 -30.06 12.95
C MET A 2460 39.63 -31.24 12.22
N PRO A 2461 39.34 -32.35 12.93
CA PRO A 2461 38.89 -33.59 12.27
C PRO A 2461 37.44 -33.53 11.76
N GLY A 2462 37.11 -32.47 11.05
CA GLY A 2462 35.82 -32.35 10.41
C GLY A 2462 35.92 -31.70 9.05
N GLN A 2463 37.15 -31.43 8.61
CA GLN A 2463 37.42 -30.77 7.35
C GLN A 2463 38.67 -31.35 6.74
N HIS A 2464 38.92 -30.99 5.47
CA HIS A 2464 40.07 -31.49 4.75
C HIS A 2464 41.15 -30.45 4.53
N ASP A 2465 40.85 -29.17 4.71
CA ASP A 2465 41.84 -28.11 4.51
C ASP A 2465 41.43 -26.88 5.30
N ALA A 2466 42.39 -26.00 5.52
CA ALA A 2466 42.16 -24.74 6.22
C ALA A 2466 43.07 -23.68 5.64
N PHE A 2467 42.61 -22.42 5.69
CA PHE A 2467 43.37 -21.32 5.11
C PHE A 2467 44.26 -20.64 6.13
N PHE A 2468 43.66 -20.05 7.17
CA PHE A 2468 44.35 -19.33 8.25
C PHE A 2468 45.48 -18.45 7.73
N GLN A 2469 46.56 -18.35 8.50
CA GLN A 2469 47.77 -17.66 8.09
C GLN A 2469 48.95 -18.20 8.88
N PRO A 2470 49.90 -18.86 8.23
CA PRO A 2470 51.06 -19.41 8.96
C PRO A 2470 51.92 -18.31 9.55
N GLU A 2471 52.51 -18.61 10.70
CA GLU A 2471 53.40 -17.69 11.40
C GLU A 2471 54.72 -18.38 11.69
N THR A 2472 55.81 -17.66 11.47
CA THR A 2472 57.14 -18.22 11.69
C THR A 2472 57.40 -18.43 13.18
N SER A 2473 58.27 -19.40 13.47
CA SER A 2473 58.63 -19.72 14.85
C SER A 2473 60.13 -19.69 15.04
N GLU A 2474 60.61 -20.13 16.19
CA GLU A 2474 62.03 -20.10 16.53
C GLU A 2474 62.55 -21.49 16.87
N ARG A 2475 62.18 -22.49 16.06
CA ARG A 2475 62.65 -23.86 16.21
C ARG A 2475 63.35 -24.25 14.90
N SER A 2476 64.64 -23.97 14.84
CA SER A 2476 65.41 -24.23 13.64
C SER A 2476 65.86 -25.68 13.57
N ALA A 2477 66.04 -26.17 12.34
CA ALA A 2477 66.54 -27.51 12.08
C ALA A 2477 67.08 -27.53 10.65
N THR A 2478 67.48 -28.70 10.18
CA THR A 2478 67.95 -28.85 8.82
C THR A 2478 67.04 -29.81 8.06
N LEU A 2479 67.46 -30.12 6.82
CA LEU A 2479 66.66 -31.00 5.98
C LEU A 2479 66.48 -32.38 6.60
N TYR A 2480 67.43 -32.80 7.44
CA TYR A 2480 67.32 -34.11 8.08
C TYR A 2480 66.08 -34.19 8.95
N GLU A 2481 65.86 -33.18 9.80
CA GLU A 2481 64.69 -33.22 10.68
C GLU A 2481 63.39 -33.06 9.90
N HIS A 2482 63.38 -32.26 8.85
CA HIS A 2482 62.18 -32.13 8.03
C HIS A 2482 61.83 -33.46 7.36
N ALA A 2483 62.83 -34.13 6.80
CA ALA A 2483 62.59 -35.44 6.19
C ALA A 2483 62.14 -36.45 7.22
N ALA A 2484 62.75 -36.42 8.42
CA ALA A 2484 62.34 -37.34 9.47
C ALA A 2484 60.90 -37.10 9.90
N LEU A 2485 60.51 -35.83 10.04
CA LEU A 2485 59.14 -35.52 10.42
C LEU A 2485 58.14 -35.97 9.36
N ALA A 2486 58.45 -35.71 8.08
CA ALA A 2486 57.57 -36.13 7.02
C ALA A 2486 57.45 -37.65 6.97
N LEU A 2487 58.57 -38.35 7.11
CA LEU A 2487 58.55 -39.81 7.07
C LEU A 2487 57.79 -40.39 8.27
N ASP A 2488 57.95 -39.79 9.45
CA ASP A 2488 57.20 -40.25 10.61
C ASP A 2488 55.71 -40.01 10.44
N LEU A 2489 55.34 -38.87 9.86
CA LEU A 2489 53.93 -38.62 9.56
C LEU A 2489 53.38 -39.66 8.60
N ALA A 2490 54.16 -40.01 7.57
CA ALA A 2490 53.74 -41.04 6.64
C ALA A 2490 53.58 -42.39 7.34
N ILE A 2491 54.52 -42.71 8.24
CA ILE A 2491 54.46 -43.98 8.97
C ILE A 2491 53.21 -44.03 9.83
N HIS A 2492 52.93 -42.95 10.56
CA HIS A 2492 51.74 -42.91 11.40
C HIS A 2492 50.48 -42.96 10.57
N ARG A 2493 50.51 -42.43 9.35
CA ARG A 2493 49.35 -42.43 8.46
C ARG A 2493 49.44 -43.63 7.52
N THR A 2494 49.32 -44.81 8.12
CA THR A 2494 49.36 -46.07 7.40
C THR A 2494 48.13 -46.91 7.75
N GLY A 2495 47.70 -47.73 6.79
CA GLY A 2495 46.51 -48.52 6.96
C GLY A 2495 46.77 -49.83 7.68
N GLU A 2496 45.69 -50.58 7.90
CA GLU A 2496 45.79 -51.87 8.57
C GLU A 2496 46.47 -52.91 7.69
N ASN A 2497 46.38 -52.75 6.37
CA ASN A 2497 46.96 -53.70 5.44
C ASN A 2497 48.43 -53.42 5.16
N GLY A 2498 49.01 -52.39 5.77
CA GLY A 2498 50.38 -52.03 5.56
C GLY A 2498 50.60 -50.97 4.50
N LEU A 2499 49.76 -50.96 3.47
CA LEU A 2499 49.89 -49.96 2.43
C LEU A 2499 49.58 -48.56 2.97
N PRO A 2500 50.27 -47.53 2.47
CA PRO A 2500 50.02 -46.17 2.94
C PRO A 2500 48.58 -45.75 2.67
N LEU A 2501 48.02 -45.00 3.60
CA LEU A 2501 46.65 -44.53 3.47
C LEU A 2501 46.56 -43.40 2.46
N ILE A 2502 45.36 -43.23 1.91
CA ILE A 2502 45.10 -42.10 1.01
C ILE A 2502 44.58 -40.88 1.76
N LEU A 2503 44.06 -41.05 2.97
CA LEU A 2503 43.56 -39.95 3.79
C LEU A 2503 42.54 -39.12 3.03
N GLY A 2504 42.99 -38.00 2.47
CA GLY A 2504 42.11 -37.13 1.70
C GLY A 2504 42.30 -37.28 0.21
N GLY A 2505 43.50 -37.64 -0.22
CA GLY A 2505 43.77 -37.79 -1.63
C GLY A 2505 45.23 -38.06 -1.89
N ASP A 2506 45.61 -37.88 -3.16
CA ASP A 2506 46.98 -38.12 -3.62
C ASP A 2506 47.26 -37.16 -4.75
N TRP A 2507 48.28 -37.47 -5.57
CA TRP A 2507 48.63 -36.63 -6.71
C TRP A 2507 47.40 -36.31 -7.56
N ASN A 2508 46.62 -37.33 -7.90
CA ASN A 2508 45.37 -37.13 -8.62
C ASN A 2508 44.32 -36.72 -7.59
N ASP A 2509 44.15 -35.40 -7.42
CA ASP A 2509 43.19 -34.89 -6.45
C ASP A 2509 41.76 -35.27 -6.82
N GLY A 2510 41.52 -35.68 -8.06
CA GLY A 2510 40.20 -36.14 -8.44
C GLY A 2510 39.76 -37.37 -7.68
N MET A 2511 40.69 -38.27 -7.36
CA MET A 2511 40.40 -39.46 -6.57
C MET A 2511 40.46 -39.12 -5.07
N ASN A 2512 39.55 -38.25 -4.65
CA ASN A 2512 39.38 -37.90 -3.25
C ASN A 2512 38.14 -38.59 -2.70
N ARG A 2513 37.83 -38.31 -1.43
CA ARG A 2513 36.69 -38.91 -0.75
C ARG A 2513 36.76 -40.44 -0.76
N VAL A 2514 37.97 -40.99 -0.73
CA VAL A 2514 38.17 -42.43 -0.70
C VAL A 2514 38.54 -42.83 0.72
N GLY A 2515 39.16 -41.89 1.46
CA GLY A 2515 39.48 -42.11 2.85
C GLY A 2515 38.52 -41.40 3.76
N VAL A 2516 38.93 -40.23 4.27
CA VAL A 2516 38.11 -39.42 5.16
C VAL A 2516 37.70 -40.24 6.38
N GLY A 2517 38.67 -40.55 7.24
CA GLY A 2517 38.43 -41.33 8.42
C GLY A 2517 38.35 -42.83 8.18
N GLY A 2518 38.49 -43.29 6.94
CA GLY A 2518 38.43 -44.68 6.61
C GLY A 2518 39.80 -45.28 6.33
N LYS A 2519 39.79 -46.41 5.61
CA LYS A 2519 41.01 -47.12 5.24
C LYS A 2519 41.09 -47.14 3.73
N GLY A 2520 41.66 -46.09 3.15
CA GLY A 2520 41.91 -46.04 1.73
C GLY A 2520 43.38 -46.18 1.42
N THR A 2521 43.78 -47.34 0.94
CA THR A 2521 45.18 -47.64 0.68
C THR A 2521 45.50 -47.48 -0.81
N SER A 2522 46.80 -47.46 -1.09
CA SER A 2522 47.28 -47.35 -2.47
C SER A 2522 48.58 -48.12 -2.60
N VAL A 2523 48.90 -48.50 -3.83
CA VAL A 2523 50.12 -49.25 -4.12
C VAL A 2523 51.18 -48.31 -4.68
N TRP A 2524 50.73 -47.27 -5.40
CA TRP A 2524 51.66 -46.28 -5.93
C TRP A 2524 52.41 -45.58 -4.80
N LEU A 2525 51.70 -45.21 -3.73
CA LEU A 2525 52.35 -44.54 -2.61
C LEU A 2525 53.36 -45.46 -1.94
N GLY A 2526 53.03 -46.74 -1.81
CA GLY A 2526 53.99 -47.69 -1.27
C GLY A 2526 55.23 -47.82 -2.14
N TRP A 2527 55.03 -47.90 -3.46
CA TRP A 2527 56.17 -47.95 -4.38
C TRP A 2527 57.05 -46.72 -4.21
N PHE A 2528 56.44 -45.55 -4.14
CA PHE A 2528 57.18 -44.29 -4.07
C PHE A 2528 57.94 -44.18 -2.75
N LEU A 2529 57.30 -44.56 -1.64
CA LEU A 2529 57.97 -44.55 -0.36
C LEU A 2529 59.12 -45.54 -0.32
N ALA A 2530 58.93 -46.72 -0.92
CA ALA A 2530 60.02 -47.69 -0.99
C ALA A 2530 61.19 -47.14 -1.78
N GLY A 2531 60.91 -46.48 -2.91
CA GLY A 2531 61.97 -45.88 -3.70
C GLY A 2531 62.73 -44.82 -2.93
N ALA A 2532 62.02 -44.00 -2.15
CA ALA A 2532 62.68 -42.98 -1.36
C ALA A 2532 63.54 -43.60 -0.25
N LEU A 2533 63.00 -44.58 0.47
CA LEU A 2533 63.75 -45.16 1.57
C LEU A 2533 64.94 -45.98 1.06
N ARG A 2534 64.88 -46.46 -0.17
CA ARG A 2534 66.00 -47.23 -0.73
C ARG A 2534 67.30 -46.44 -0.70
N ASP A 2535 67.23 -45.11 -0.81
CA ASP A 2535 68.40 -44.25 -0.63
C ASP A 2535 68.44 -43.57 0.72
N PHE A 2536 67.29 -43.42 1.40
CA PHE A 2536 67.32 -42.85 2.75
C PHE A 2536 68.04 -43.76 3.73
N ILE A 2537 67.95 -45.07 3.55
CA ILE A 2537 68.72 -45.97 4.42
C ILE A 2537 70.21 -45.72 4.24
N GLU A 2538 70.66 -45.51 3.00
CA GLU A 2538 72.06 -45.24 2.75
C GLU A 2538 72.48 -43.90 3.36
N ILE A 2539 71.66 -42.86 3.18
CA ILE A 2539 72.05 -41.55 3.71
C ILE A 2539 72.04 -41.57 5.24
N ALA A 2540 71.11 -42.31 5.85
CA ALA A 2540 71.10 -42.43 7.30
C ALA A 2540 72.30 -43.21 7.81
N GLU A 2541 72.69 -44.27 7.09
CA GLU A 2541 73.88 -45.01 7.47
C GLU A 2541 75.13 -44.13 7.37
N LYS A 2542 75.21 -43.31 6.32
CA LYS A 2542 76.33 -42.38 6.20
C LYS A 2542 76.32 -41.38 7.36
N ARG A 2543 75.15 -40.83 7.68
CA ARG A 2543 75.04 -39.91 8.80
C ARG A 2543 75.19 -40.64 10.13
N GLY A 2544 74.47 -41.76 10.29
CA GLY A 2544 74.57 -42.58 11.47
C GLY A 2544 73.39 -42.48 12.41
N ASP A 2545 72.47 -43.42 12.29
CA ASP A 2545 71.31 -43.54 13.18
C ASP A 2545 70.77 -44.96 13.08
N THR A 2546 70.91 -45.73 14.15
CA THR A 2546 70.48 -47.12 14.12
C THR A 2546 69.03 -47.29 14.56
N ASP A 2547 68.60 -46.54 15.57
CA ASP A 2547 67.23 -46.66 16.08
C ASP A 2547 66.19 -46.33 15.03
N ARG A 2548 66.57 -45.59 13.99
CA ARG A 2548 65.67 -45.25 12.90
C ARG A 2548 65.90 -46.08 11.65
N VAL A 2549 67.14 -46.45 11.36
CA VAL A 2549 67.40 -47.30 10.20
C VAL A 2549 66.82 -48.69 10.41
N GLY A 2550 66.80 -49.18 11.65
CA GLY A 2550 66.12 -50.44 11.93
C GLY A 2550 64.63 -50.36 11.65
N LYS A 2551 64.00 -49.26 12.06
CA LYS A 2551 62.59 -49.06 11.76
C LYS A 2551 62.36 -48.99 10.26
N TRP A 2552 63.23 -48.31 9.53
CA TRP A 2552 63.06 -48.22 8.08
C TRP A 2552 63.24 -49.58 7.42
N ALA A 2553 64.20 -50.39 7.87
CA ALA A 2553 64.37 -51.71 7.30
C ALA A 2553 63.14 -52.58 7.56
N SER A 2554 62.62 -52.54 8.78
CA SER A 2554 61.42 -53.32 9.09
C SER A 2554 60.23 -52.85 8.26
N HIS A 2555 60.05 -51.54 8.13
CA HIS A 2555 58.94 -51.01 7.34
C HIS A 2555 59.08 -51.40 5.88
N ARG A 2556 60.30 -51.33 5.33
CA ARG A 2556 60.50 -51.72 3.94
C ARG A 2556 60.19 -53.19 3.73
N GLU A 2557 60.65 -54.05 4.64
CA GLU A 2557 60.36 -55.47 4.51
C GLU A 2557 58.85 -55.73 4.55
N LYS A 2558 58.16 -55.11 5.52
CA LYS A 2558 56.71 -55.30 5.63
C LYS A 2558 55.99 -54.79 4.39
N LEU A 2559 56.37 -53.60 3.92
CA LEU A 2559 55.69 -53.00 2.78
C LEU A 2559 55.90 -53.83 1.52
N ARG A 2560 57.14 -54.28 1.27
CA ARG A 2560 57.37 -55.08 0.07
C ARG A 2560 56.68 -56.43 0.17
N HIS A 2561 56.64 -57.02 1.37
CA HIS A 2561 55.89 -58.27 1.53
C HIS A 2561 54.41 -58.06 1.22
N VAL A 2562 53.86 -56.93 1.65
CA VAL A 2562 52.47 -56.60 1.31
C VAL A 2562 52.33 -56.46 -0.20
N LEU A 2563 53.29 -55.77 -0.84
CA LEU A 2563 53.21 -55.54 -2.28
C LEU A 2563 53.20 -56.84 -3.07
N GLU A 2564 54.12 -57.76 -2.78
CA GLU A 2564 54.10 -59.02 -3.52
C GLU A 2564 53.00 -59.95 -3.04
N THR A 2565 52.44 -59.74 -1.85
CA THR A 2565 51.33 -60.59 -1.41
C THR A 2565 49.98 -59.95 -1.73
N ALA A 2566 49.67 -58.83 -1.09
CA ALA A 2566 48.41 -58.11 -1.33
C ALA A 2566 48.62 -56.94 -2.29
N GLY A 2567 49.17 -57.21 -3.47
CA GLY A 2567 49.37 -56.14 -4.44
C GLY A 2567 49.26 -56.57 -5.88
N TRP A 2568 48.73 -57.77 -6.13
CA TRP A 2568 48.74 -58.33 -7.47
C TRP A 2568 47.33 -58.80 -7.84
N ASP A 2569 46.95 -58.55 -9.09
CA ASP A 2569 45.63 -58.93 -9.59
C ASP A 2569 45.65 -60.20 -10.43
N GLY A 2570 46.82 -60.65 -10.85
CA GLY A 2570 46.92 -61.82 -11.70
C GLY A 2570 47.69 -61.53 -12.97
N SER A 2571 47.51 -60.31 -13.50
CA SER A 2571 48.23 -59.87 -14.68
C SER A 2571 48.77 -58.46 -14.58
N TYR A 2572 48.37 -57.69 -13.58
CA TYR A 2572 48.84 -56.31 -13.43
C TYR A 2572 48.68 -55.88 -11.98
N TYR A 2573 49.37 -54.82 -11.63
CA TYR A 2573 49.22 -54.23 -10.30
C TYR A 2573 47.88 -53.51 -10.19
N ARG A 2574 47.35 -53.49 -8.97
CA ARG A 2574 46.11 -52.79 -8.70
C ARG A 2574 46.37 -51.29 -8.55
N ARG A 2575 45.36 -50.57 -8.08
CA ARG A 2575 45.51 -49.16 -7.76
C ARG A 2575 45.36 -48.88 -6.27
N GLY A 2576 44.37 -49.48 -5.63
CA GLY A 2576 44.18 -49.26 -4.21
C GLY A 2576 42.93 -49.97 -3.72
N TYR A 2577 42.48 -49.58 -2.55
CA TYR A 2577 41.28 -50.15 -1.94
C TYR A 2577 40.40 -49.04 -1.40
N PHE A 2578 39.10 -49.18 -1.57
CA PHE A 2578 38.13 -48.21 -1.07
C PHE A 2578 37.92 -48.40 0.43
N ASP A 2579 37.11 -47.53 1.01
CA ASP A 2579 36.75 -47.66 2.42
C ASP A 2579 35.93 -48.92 2.68
N ASP A 2580 35.23 -49.43 1.67
CA ASP A 2580 34.44 -50.64 1.80
C ASP A 2580 35.26 -51.90 1.58
N GLY A 2581 36.55 -51.78 1.30
CA GLY A 2581 37.40 -52.91 1.02
C GLY A 2581 37.39 -53.37 -0.42
N THR A 2582 36.59 -52.75 -1.28
CA THR A 2582 36.57 -53.11 -2.68
C THR A 2582 37.87 -52.69 -3.35
N PRO A 2583 38.59 -53.59 -4.00
CA PRO A 2583 39.86 -53.20 -4.63
C PRO A 2583 39.64 -52.26 -5.80
N LEU A 2584 40.61 -51.38 -6.00
CA LEU A 2584 40.61 -50.43 -7.11
C LEU A 2584 41.75 -50.79 -8.05
N GLY A 2585 41.47 -50.79 -9.34
CA GLY A 2585 42.42 -51.26 -10.32
C GLY A 2585 42.37 -52.74 -10.60
N SER A 2586 41.27 -53.41 -10.30
CA SER A 2586 41.11 -54.83 -10.54
C SER A 2586 40.07 -55.07 -11.62
N ALA A 2587 40.14 -56.26 -12.23
CA ALA A 2587 39.19 -56.62 -13.28
C ALA A 2587 37.79 -56.88 -12.72
N SER A 2588 37.64 -57.03 -11.41
CA SER A 2588 36.34 -57.32 -10.82
C SER A 2588 35.44 -56.10 -10.75
N SER A 2589 35.99 -54.90 -10.90
CA SER A 2589 35.21 -53.68 -10.85
C SER A 2589 34.67 -53.32 -12.23
N GLU A 2590 33.57 -52.57 -12.25
CA GLU A 2590 33.01 -52.11 -13.51
C GLU A 2590 33.72 -50.88 -14.07
N GLU A 2591 34.52 -50.21 -13.24
CA GLU A 2591 35.25 -49.01 -13.66
C GLU A 2591 36.61 -49.01 -13.02
N CYS A 2592 37.56 -48.34 -13.67
CA CYS A 2592 38.96 -48.31 -13.25
C CYS A 2592 39.49 -49.74 -13.08
N GLN A 2593 39.45 -50.48 -14.18
CA GLN A 2593 39.87 -51.88 -14.18
C GLN A 2593 41.38 -52.05 -14.32
N ILE A 2594 42.00 -51.30 -15.23
CA ILE A 2594 43.44 -51.37 -15.45
C ILE A 2594 44.00 -49.96 -15.35
N ASP A 2595 45.04 -49.79 -14.55
CA ASP A 2595 45.74 -48.53 -14.38
C ASP A 2595 47.14 -48.62 -14.98
N SER A 2596 47.87 -47.51 -14.91
CA SER A 2596 49.24 -47.45 -15.40
C SER A 2596 50.21 -46.80 -14.45
N LEU A 2597 49.75 -46.00 -13.49
CA LEU A 2597 50.66 -45.29 -12.59
C LEU A 2597 51.46 -46.27 -11.74
N GLY A 2598 50.77 -47.21 -11.08
CA GLY A 2598 51.46 -48.19 -10.26
C GLY A 2598 52.34 -49.11 -11.09
N GLN A 2599 51.86 -49.49 -12.28
CA GLN A 2599 52.67 -50.35 -13.14
C GLN A 2599 53.97 -49.67 -13.55
N SER A 2600 53.90 -48.38 -13.88
CA SER A 2600 55.12 -47.64 -14.22
C SER A 2600 56.02 -47.49 -13.01
N TRP A 2601 55.45 -47.09 -11.86
CA TRP A 2601 56.25 -46.84 -10.68
C TRP A 2601 56.80 -48.12 -10.05
N SER A 2602 56.32 -49.30 -10.47
CA SER A 2602 56.89 -50.54 -9.98
C SER A 2602 58.36 -50.65 -10.36
N VAL A 2603 58.71 -50.28 -11.59
CA VAL A 2603 60.10 -50.34 -12.04
C VAL A 2603 60.73 -48.96 -11.90
N LEU A 2604 59.91 -47.91 -11.95
CA LEU A 2604 60.45 -46.57 -11.79
C LEU A 2604 61.06 -46.39 -10.40
N SER A 2605 60.40 -46.91 -9.37
CA SER A 2605 60.98 -46.89 -8.03
C SER A 2605 62.24 -47.75 -7.98
N GLY A 2606 62.19 -48.93 -8.60
CA GLY A 2606 63.36 -49.78 -8.67
C GLY A 2606 63.15 -51.19 -8.15
N GLU A 2607 62.16 -51.37 -7.27
CA GLU A 2607 61.93 -52.66 -6.64
C GLU A 2607 61.04 -53.53 -7.54
N GLY A 2608 60.58 -54.66 -7.01
CA GLY A 2608 59.70 -55.54 -7.74
C GLY A 2608 60.42 -56.63 -8.51
N GLU A 2609 59.64 -57.58 -9.01
CA GLU A 2609 60.15 -58.69 -9.79
C GLU A 2609 60.17 -58.34 -11.27
N GLU A 2610 61.06 -59.01 -12.00
CA GLU A 2610 61.18 -58.75 -13.44
C GLU A 2610 59.99 -59.31 -14.21
N GLY A 2611 59.57 -60.54 -13.90
CA GLY A 2611 58.46 -61.13 -14.60
C GLY A 2611 57.14 -60.42 -14.34
N ARG A 2612 56.90 -60.05 -13.07
CA ARG A 2612 55.70 -59.29 -12.75
C ARG A 2612 55.73 -57.92 -13.43
N SER A 2613 56.91 -57.30 -13.50
CA SER A 2613 57.03 -56.03 -14.21
C SER A 2613 56.71 -56.18 -15.69
N ARG A 2614 57.20 -57.25 -16.31
CA ARG A 2614 56.93 -57.47 -17.72
C ARG A 2614 55.44 -57.72 -17.96
N GLN A 2615 54.81 -58.49 -17.07
CA GLN A 2615 53.36 -58.69 -17.18
C GLN A 2615 52.61 -57.38 -17.01
N ALA A 2616 53.07 -56.52 -16.09
CA ALA A 2616 52.45 -55.21 -15.90
C ALA A 2616 52.59 -54.37 -17.15
N MET A 2617 53.75 -54.40 -17.80
CA MET A 2617 53.92 -53.65 -19.04
C MET A 2617 53.02 -54.20 -20.15
N ASP A 2618 52.89 -55.53 -20.22
CA ASP A 2618 51.98 -56.12 -21.20
C ASP A 2618 50.55 -55.68 -20.96
N ALA A 2619 50.13 -55.60 -19.70
CA ALA A 2619 48.81 -55.08 -19.38
C ALA A 2619 48.69 -53.61 -19.73
N VAL A 2620 49.74 -52.83 -19.52
CA VAL A 2620 49.74 -51.42 -19.89
C VAL A 2620 49.56 -51.27 -21.40
N MET A 2621 50.06 -52.24 -22.17
CA MET A 2621 49.92 -52.19 -23.62
C MET A 2621 48.46 -52.19 -24.06
N GLU A 2622 47.53 -52.59 -23.18
CA GLU A 2622 46.12 -52.63 -23.56
C GLU A 2622 45.59 -51.23 -23.89
N HIS A 2623 45.80 -50.26 -23.00
CA HIS A 2623 45.32 -48.90 -23.20
C HIS A 2623 46.26 -48.08 -24.07
N LEU A 2624 47.29 -48.70 -24.64
CA LEU A 2624 48.23 -48.02 -25.52
C LEU A 2624 48.04 -48.36 -26.99
N VAL A 2625 47.37 -49.48 -27.29
CA VAL A 2625 47.18 -49.92 -28.67
C VAL A 2625 46.28 -48.98 -29.46
N ASP A 2626 45.59 -48.05 -28.79
CA ASP A 2626 44.68 -47.15 -29.48
C ASP A 2626 45.42 -46.09 -30.31
N GLU A 2627 46.12 -46.55 -31.34
CA GLU A 2627 46.88 -45.66 -32.19
C GLU A 2627 46.00 -44.82 -33.12
N LYS A 2628 44.78 -45.27 -33.40
CA LYS A 2628 43.90 -44.50 -34.27
C LYS A 2628 43.57 -43.14 -33.65
N THR A 2629 43.25 -43.12 -32.35
CA THR A 2629 43.09 -41.84 -31.66
C THR A 2629 44.44 -41.18 -31.42
N GLY A 2630 45.44 -41.96 -31.04
CA GLY A 2630 46.78 -41.44 -30.85
C GLY A 2630 47.04 -40.88 -29.46
N ILE A 2631 46.46 -41.49 -28.44
CA ILE A 2631 46.62 -41.06 -27.07
C ILE A 2631 47.04 -42.24 -26.21
N ILE A 2632 47.38 -41.96 -24.96
CA ILE A 2632 47.73 -42.99 -23.97
C ILE A 2632 46.75 -42.82 -22.82
N ARG A 2633 45.69 -43.61 -22.83
CA ARG A 2633 44.67 -43.51 -21.78
C ARG A 2633 45.24 -43.98 -20.43
N LEU A 2634 44.67 -43.43 -19.37
CA LEU A 2634 45.06 -43.80 -18.02
C LEU A 2634 44.26 -44.97 -17.49
N PHE A 2635 42.93 -44.88 -17.53
CA PHE A 2635 42.04 -45.95 -17.12
C PHE A 2635 41.19 -46.36 -18.31
N THR A 2636 41.18 -47.66 -18.62
CA THR A 2636 40.39 -48.12 -19.77
C THR A 2636 38.90 -47.88 -19.60
N PRO A 2637 38.24 -48.24 -18.49
CA PRO A 2637 36.83 -47.91 -18.35
C PRO A 2637 36.64 -46.54 -17.72
N PRO A 2638 36.02 -45.61 -18.43
CA PRO A 2638 35.75 -44.30 -17.85
C PRO A 2638 34.75 -44.40 -16.72
N PHE A 2639 34.84 -43.46 -15.77
CA PHE A 2639 33.95 -43.45 -14.63
C PHE A 2639 32.56 -42.95 -15.03
N SER A 2640 31.71 -43.87 -15.51
CA SER A 2640 30.38 -43.49 -15.96
C SER A 2640 29.43 -43.28 -14.77
N ARG A 2641 29.22 -44.33 -13.99
CA ARG A 2641 28.34 -44.28 -12.83
C ARG A 2641 29.16 -44.34 -11.55
N ALA A 2642 28.50 -44.02 -10.44
CA ALA A 2642 29.13 -43.97 -9.13
C ALA A 2642 28.70 -45.17 -8.30
N SER A 2643 29.67 -45.96 -7.85
CA SER A 2643 29.41 -47.10 -6.98
C SER A 2643 30.08 -46.98 -5.62
N HIS A 2644 31.23 -46.33 -5.53
CA HIS A 2644 31.91 -46.12 -4.26
C HIS A 2644 32.29 -44.66 -4.05
N ASP A 2645 31.82 -43.75 -4.91
CA ASP A 2645 32.10 -42.32 -4.84
C ASP A 2645 33.61 -42.07 -4.77
N PRO A 2646 34.34 -42.26 -5.86
CA PRO A 2646 35.78 -42.04 -5.83
C PRO A 2646 36.16 -40.57 -5.88
N GLY A 2647 35.18 -39.68 -5.71
CA GLY A 2647 35.42 -38.25 -5.69
C GLY A 2647 34.59 -37.54 -6.76
N TYR A 2648 35.14 -36.43 -7.24
CA TYR A 2648 34.49 -35.63 -8.27
C TYR A 2648 34.93 -36.00 -9.68
N ILE A 2649 35.72 -37.06 -9.83
CA ILE A 2649 36.06 -37.55 -11.15
C ILE A 2649 34.81 -37.97 -11.91
N LYS A 2650 33.84 -38.55 -11.19
CA LYS A 2650 32.56 -38.88 -11.80
C LYS A 2650 31.89 -37.65 -12.41
N GLY A 2651 32.20 -36.46 -11.88
CA GLY A 2651 31.71 -35.23 -12.47
C GLY A 2651 32.31 -34.91 -13.82
N TYR A 2652 33.52 -35.41 -14.09
CA TYR A 2652 34.13 -35.20 -15.39
C TYR A 2652 33.35 -35.95 -16.46
N PRO A 2653 33.24 -35.39 -17.68
CA PRO A 2653 32.71 -36.16 -18.78
C PRO A 2653 33.57 -37.38 -19.03
N PRO A 2654 32.96 -38.50 -19.44
CA PRO A 2654 33.73 -39.73 -19.61
C PRO A 2654 34.67 -39.66 -20.79
N GLY A 2655 35.98 -39.55 -20.52
CA GLY A 2655 36.97 -39.54 -21.58
C GLY A 2655 37.79 -38.26 -21.65
N VAL A 2656 37.69 -37.41 -20.62
CA VAL A 2656 38.44 -36.16 -20.60
C VAL A 2656 39.28 -36.12 -19.32
N ARG A 2657 40.43 -35.45 -19.42
CA ARG A 2657 41.36 -35.28 -18.31
C ARG A 2657 41.69 -36.62 -17.65
N GLU A 2658 41.40 -36.75 -16.35
CA GLU A 2658 41.69 -37.97 -15.62
C GLU A 2658 40.55 -38.99 -15.68
N ASN A 2659 39.42 -38.63 -16.29
CA ASN A 2659 38.28 -39.54 -16.39
C ASN A 2659 38.48 -40.51 -17.56
N GLY A 2660 39.53 -41.31 -17.46
CA GLY A 2660 39.86 -42.28 -18.49
C GLY A 2660 40.50 -41.69 -19.72
N GLY A 2661 40.85 -40.40 -19.70
CA GLY A 2661 41.47 -39.75 -20.84
C GLY A 2661 42.97 -39.90 -20.85
N GLN A 2662 43.61 -39.02 -21.61
CA GLN A 2662 45.06 -39.00 -21.72
C GLN A 2662 45.65 -37.97 -20.77
N TYR A 2663 46.85 -38.26 -20.27
CA TYR A 2663 47.54 -37.35 -19.37
C TYR A 2663 49.03 -37.53 -19.60
N THR A 2664 49.68 -36.49 -20.14
CA THR A 2664 51.06 -36.62 -20.57
C THR A 2664 51.99 -36.93 -19.40
N HIS A 2665 51.67 -36.42 -18.21
CA HIS A 2665 52.49 -36.70 -17.04
C HIS A 2665 52.49 -38.19 -16.73
N ALA A 2666 51.34 -38.84 -16.84
CA ALA A 2666 51.26 -40.27 -16.60
C ALA A 2666 52.06 -41.05 -17.64
N ALA A 2667 51.92 -40.68 -18.91
CA ALA A 2667 52.58 -41.43 -19.98
C ALA A 2667 54.09 -41.19 -20.01
N THR A 2668 54.55 -40.06 -19.48
CA THR A 2668 55.99 -39.79 -19.45
C THR A 2668 56.70 -40.82 -18.57
N TRP A 2669 56.13 -41.13 -17.40
CA TRP A 2669 56.71 -42.18 -16.58
C TRP A 2669 56.62 -43.53 -17.28
N VAL A 2670 55.59 -43.74 -18.08
CA VAL A 2670 55.46 -45.01 -18.82
C VAL A 2670 56.60 -45.15 -19.82
N VAL A 2671 56.88 -44.09 -20.59
CA VAL A 2671 57.96 -44.19 -21.56
C VAL A 2671 59.31 -44.25 -20.86
N LEU A 2672 59.45 -43.58 -19.71
CA LEU A 2672 60.68 -43.71 -18.94
C LEU A 2672 60.90 -45.15 -18.48
N ALA A 2673 59.82 -45.80 -18.03
CA ALA A 2673 59.92 -47.20 -17.62
C ALA A 2673 60.27 -48.08 -18.81
N LEU A 2674 59.66 -47.82 -19.96
CA LEU A 2674 59.96 -48.61 -21.16
C LEU A 2674 61.42 -48.47 -21.54
N ALA A 2675 61.97 -47.25 -21.49
CA ALA A 2675 63.38 -47.05 -21.81
C ALA A 2675 64.28 -47.71 -20.78
N LYS A 2676 63.92 -47.62 -19.50
CA LYS A 2676 64.78 -48.13 -18.44
C LYS A 2676 64.85 -49.65 -18.46
N GLN A 2677 63.72 -50.31 -18.70
CA GLN A 2677 63.70 -51.78 -18.63
C GLN A 2677 64.51 -52.41 -19.75
N GLY A 2678 64.64 -51.74 -20.89
CA GLY A 2678 65.41 -52.28 -21.99
C GLY A 2678 64.73 -52.14 -23.34
N ARG A 2679 63.40 -52.08 -23.33
CA ARG A 2679 62.63 -51.97 -24.57
C ARG A 2679 62.75 -50.53 -25.08
N ALA A 2680 63.74 -50.28 -25.92
CA ALA A 2680 64.00 -48.93 -26.42
C ALA A 2680 63.18 -48.60 -27.65
N GLN A 2681 63.01 -49.56 -28.56
CA GLN A 2681 62.24 -49.31 -29.78
C GLN A 2681 60.78 -48.97 -29.44
N GLU A 2682 60.17 -49.75 -28.55
CA GLU A 2682 58.81 -49.45 -28.12
C GLU A 2682 58.76 -48.13 -27.38
N ALA A 2683 59.79 -47.83 -26.58
CA ALA A 2683 59.82 -46.57 -25.85
C ALA A 2683 59.79 -45.38 -26.80
N TRP A 2684 60.66 -45.38 -27.82
CA TRP A 2684 60.67 -44.28 -28.77
C TRP A 2684 59.41 -44.25 -29.62
N ASN A 2685 58.86 -45.43 -29.95
CA ASN A 2685 57.61 -45.46 -30.72
C ASN A 2685 56.48 -44.81 -29.95
N CYS A 2686 56.39 -45.09 -28.65
CA CYS A 2686 55.38 -44.42 -27.82
C CYS A 2686 55.70 -42.94 -27.66
N PHE A 2687 56.98 -42.60 -27.55
CA PHE A 2687 57.38 -41.21 -27.40
C PHE A 2687 56.97 -40.38 -28.61
N LYS A 2688 57.17 -40.91 -29.81
CA LYS A 2688 56.76 -40.19 -31.01
C LYS A 2688 55.26 -39.90 -30.99
N LEU A 2689 54.47 -40.79 -30.41
CA LEU A 2689 53.05 -40.52 -30.22
C LEU A 2689 52.83 -39.38 -29.23
N LEU A 2690 53.69 -39.29 -28.21
CA LEU A 2690 53.55 -38.25 -27.20
C LEU A 2690 53.95 -36.87 -27.71
N ASN A 2691 54.87 -36.83 -28.66
CA ASN A 2691 55.40 -35.54 -29.14
C ASN A 2691 54.32 -34.77 -29.86
N PRO A 2692 54.02 -33.53 -29.45
CA PRO A 2692 53.00 -32.75 -30.17
C PRO A 2692 53.35 -32.50 -31.62
N VAL A 2693 54.64 -32.37 -31.95
CA VAL A 2693 55.05 -32.27 -33.34
C VAL A 2693 54.90 -33.64 -33.99
N ASN A 2694 54.50 -33.64 -35.26
CA ASN A 2694 54.19 -34.88 -35.98
C ASN A 2694 53.16 -35.71 -35.23
N HIS A 2695 52.17 -35.03 -34.68
CA HIS A 2695 51.06 -35.66 -33.95
C HIS A 2695 49.76 -35.26 -34.62
N ALA A 2696 49.19 -36.18 -35.40
CA ALA A 2696 47.92 -35.98 -36.08
C ALA A 2696 47.95 -34.73 -36.95
N LEU A 2697 47.78 -33.56 -36.34
CA LEU A 2697 47.81 -32.30 -37.07
C LEU A 2697 49.23 -32.04 -37.55
N ASP A 2698 49.46 -32.20 -38.84
CA ASP A 2698 50.76 -31.94 -39.44
C ASP A 2698 50.73 -30.72 -40.36
N ALA A 2699 49.86 -30.70 -41.36
CA ALA A 2699 49.60 -29.50 -42.12
C ALA A 2699 48.14 -29.06 -41.99
N ALA A 2700 47.20 -29.89 -42.43
CA ALA A 2700 45.78 -29.70 -42.14
C ALA A 2700 45.09 -31.03 -41.94
N SER A 2701 45.85 -32.11 -41.76
CA SER A 2701 45.33 -33.46 -41.78
C SER A 2701 44.47 -33.80 -40.59
N SER A 2702 44.58 -33.06 -39.48
CA SER A 2702 43.78 -33.34 -38.30
C SER A 2702 43.49 -32.02 -37.60
N GLU A 2703 42.34 -31.42 -37.92
CA GLU A 2703 41.89 -30.23 -37.22
C GLU A 2703 41.38 -30.54 -35.82
N THR A 2704 41.24 -31.82 -35.48
CA THR A 2704 40.71 -32.20 -34.17
C THR A 2704 41.67 -31.82 -33.04
N TYR A 2705 42.97 -31.77 -33.32
CA TYR A 2705 43.95 -31.48 -32.27
C TYR A 2705 43.73 -30.10 -31.67
N ARG A 2706 43.45 -29.10 -32.51
CA ARG A 2706 42.93 -27.80 -32.15
C ARG A 2706 43.86 -26.98 -31.26
N VAL A 2707 45.04 -27.47 -30.92
CA VAL A 2707 45.91 -26.81 -29.95
C VAL A 2707 47.30 -26.69 -30.53
N GLU A 2708 48.09 -25.78 -29.96
CA GLU A 2708 49.42 -25.49 -30.47
C GLU A 2708 50.28 -26.75 -30.49
N PRO A 2709 50.92 -27.08 -31.61
CA PRO A 2709 51.79 -28.26 -31.66
C PRO A 2709 53.23 -28.02 -31.26
N TYR A 2710 53.62 -26.77 -30.99
CA TYR A 2710 54.99 -26.46 -30.59
C TYR A 2710 55.18 -26.50 -29.08
N VAL A 2711 54.13 -26.76 -28.31
CA VAL A 2711 54.22 -26.92 -26.86
C VAL A 2711 53.49 -28.20 -26.48
N VAL A 2712 53.86 -28.75 -25.33
CA VAL A 2712 53.25 -29.97 -24.83
C VAL A 2712 52.01 -29.61 -24.02
N THR A 2713 50.99 -30.45 -24.12
CA THR A 2713 49.74 -30.23 -23.40
C THR A 2713 49.61 -31.22 -22.25
N ALA A 2714 48.60 -30.99 -21.42
CA ALA A 2714 48.34 -31.84 -20.26
C ALA A 2714 47.09 -32.71 -20.41
N ASP A 2715 46.08 -32.23 -21.14
CA ASP A 2715 44.83 -32.96 -21.31
C ASP A 2715 44.59 -33.22 -22.79
N VAL A 2716 44.38 -34.49 -23.14
CA VAL A 2716 44.02 -34.88 -24.50
C VAL A 2716 42.78 -35.75 -24.41
N TYR A 2717 41.78 -35.45 -25.24
CA TYR A 2717 40.52 -36.17 -25.22
C TYR A 2717 40.53 -37.25 -26.29
N GLY A 2718 40.07 -38.45 -25.92
CA GLY A 2718 40.08 -39.57 -26.84
C GLY A 2718 38.81 -40.38 -26.83
N GLU A 2719 37.73 -39.83 -26.26
CA GLU A 2719 36.43 -40.49 -26.23
C GLU A 2719 35.35 -39.50 -26.63
N GLY A 2720 34.24 -40.04 -27.13
CA GLY A 2720 33.14 -39.22 -27.57
C GLY A 2720 33.39 -38.60 -28.93
N ALA A 2721 32.59 -37.57 -29.23
CA ALA A 2721 32.70 -36.88 -30.50
C ALA A 2721 33.95 -36.01 -30.61
N TYR A 2722 34.67 -35.81 -29.51
CA TYR A 2722 35.86 -34.97 -29.47
C TYR A 2722 37.12 -35.80 -29.24
N ALA A 2723 37.13 -37.02 -29.78
CA ALA A 2723 38.30 -37.88 -29.64
C ALA A 2723 39.45 -37.33 -30.48
N GLY A 2724 40.62 -37.21 -29.86
CA GLY A 2724 41.77 -36.62 -30.51
C GLY A 2724 41.97 -35.14 -30.29
N ARG A 2725 41.22 -34.54 -29.37
CA ARG A 2725 41.33 -33.11 -29.08
C ARG A 2725 42.16 -32.91 -27.82
N GLY A 2726 43.13 -32.00 -27.90
CA GLY A 2726 43.95 -31.65 -26.75
C GLY A 2726 43.27 -30.61 -25.88
N GLY A 2727 43.98 -30.23 -24.82
CA GLY A 2727 43.47 -29.23 -23.90
C GLY A 2727 44.43 -28.90 -22.78
N TRP A 2728 44.44 -27.63 -22.37
CA TRP A 2728 45.24 -27.16 -21.24
C TRP A 2728 46.73 -27.42 -21.47
N SER A 2729 47.25 -26.76 -22.50
CA SER A 2729 48.65 -26.85 -22.87
C SER A 2729 49.45 -25.79 -22.09
N TRP A 2730 50.71 -25.61 -22.46
CA TRP A 2730 51.60 -24.63 -21.85
C TRP A 2730 51.80 -24.93 -20.37
N TYR A 2731 50.82 -24.56 -19.54
CA TYR A 2731 50.91 -24.72 -18.09
C TYR A 2731 50.68 -26.19 -17.74
N THR A 2732 51.72 -27.00 -17.96
CA THR A 2732 51.67 -28.42 -17.67
C THR A 2732 52.92 -28.83 -16.92
N GLY A 2733 52.77 -29.86 -16.09
CA GLY A 2733 53.89 -30.38 -15.33
C GLY A 2733 54.57 -31.52 -16.03
N SER A 2734 54.38 -31.61 -17.34
CA SER A 2734 54.94 -32.69 -18.14
C SER A 2734 56.12 -32.26 -18.99
N ALA A 2735 56.37 -30.97 -19.16
CA ALA A 2735 57.48 -30.51 -19.98
C ALA A 2735 58.81 -30.97 -19.41
N GLY A 2736 59.03 -30.73 -18.12
CA GLY A 2736 60.29 -31.13 -17.49
C GLY A 2736 60.48 -32.63 -17.46
N TRP A 2737 59.41 -33.37 -17.16
CA TRP A 2737 59.50 -34.82 -17.14
C TRP A 2737 59.79 -35.38 -18.53
N LEU A 2738 59.16 -34.81 -19.57
CA LEU A 2738 59.45 -35.23 -20.93
C LEU A 2738 60.89 -34.91 -21.31
N TYR A 2739 61.39 -33.74 -20.90
CA TYR A 2739 62.78 -33.40 -21.16
C TYR A 2739 63.72 -34.41 -20.48
N ARG A 2740 63.42 -34.78 -19.24
CA ARG A 2740 64.24 -35.78 -18.55
C ARG A 2740 64.16 -37.13 -19.25
N ALA A 2741 62.97 -37.51 -19.73
CA ALA A 2741 62.83 -38.77 -20.45
C ALA A 2741 63.65 -38.77 -21.72
N ALA A 2742 63.63 -37.66 -22.46
CA ALA A 2742 64.44 -37.56 -23.67
C ALA A 2742 65.93 -37.64 -23.35
N VAL A 2743 66.36 -36.91 -22.32
CA VAL A 2743 67.79 -36.83 -22.01
C VAL A 2743 68.31 -38.17 -21.51
N GLU A 2744 67.59 -38.81 -20.59
CA GLU A 2744 68.07 -40.02 -19.94
C GLU A 2744 67.61 -41.29 -20.65
N GLY A 2745 66.38 -41.32 -21.16
CA GLY A 2745 65.87 -42.52 -21.79
C GLY A 2745 66.26 -42.68 -23.23
N ILE A 2746 65.93 -41.69 -24.06
CA ILE A 2746 66.22 -41.78 -25.49
C ILE A 2746 67.69 -41.46 -25.76
N LEU A 2747 68.12 -40.25 -25.36
CA LEU A 2747 69.51 -39.88 -25.57
C LEU A 2747 70.46 -40.76 -24.76
N GLY A 2748 70.09 -41.08 -23.52
CA GLY A 2748 70.88 -41.96 -22.68
C GLY A 2748 71.93 -41.27 -21.82
N ILE A 2749 72.14 -39.98 -21.99
CA ILE A 2749 73.10 -39.24 -21.16
C ILE A 2749 72.48 -38.97 -19.80
N THR A 2750 73.30 -39.06 -18.76
CA THR A 2750 72.83 -38.83 -17.40
C THR A 2750 73.96 -38.27 -16.55
N ARG A 2751 73.58 -37.61 -15.46
CA ARG A 2751 74.53 -37.06 -14.50
C ARG A 2751 74.48 -37.90 -13.23
N THR A 2752 75.27 -38.96 -13.21
CA THR A 2752 75.28 -39.86 -12.05
C THR A 2752 76.06 -39.25 -10.89
N ASP A 2753 77.36 -39.01 -11.09
CA ASP A 2753 78.18 -38.39 -10.05
C ASP A 2753 79.31 -37.62 -10.76
N GLY A 2754 79.07 -36.34 -10.99
CA GLY A 2754 80.07 -35.48 -11.60
C GLY A 2754 80.26 -35.74 -13.08
N LYS A 2755 80.82 -36.90 -13.40
CA LYS A 2755 81.07 -37.26 -14.80
C LYS A 2755 79.78 -37.71 -15.48
N LEU A 2756 79.62 -37.31 -16.73
CA LEU A 2756 78.43 -37.65 -17.50
C LEU A 2756 78.53 -39.09 -17.96
N HIS A 2757 77.51 -39.89 -17.64
CA HIS A 2757 77.45 -41.30 -18.03
C HIS A 2757 76.60 -41.44 -19.28
N VAL A 2758 77.13 -42.17 -20.25
CA VAL A 2758 76.46 -42.38 -21.53
C VAL A 2758 75.96 -43.83 -21.59
N SER A 2759 74.65 -43.97 -21.74
CA SER A 2759 74.01 -45.28 -21.87
C SER A 2759 73.14 -45.25 -23.12
N PRO A 2760 73.73 -45.40 -24.30
CA PRO A 2760 72.99 -45.19 -25.54
C PRO A 2760 72.26 -46.44 -26.02
N SER A 2761 71.06 -46.20 -26.56
CA SER A 2761 70.27 -47.24 -27.20
C SER A 2761 69.49 -46.57 -28.33
N LEU A 2762 70.05 -46.59 -29.53
CA LEU A 2762 69.49 -45.86 -30.65
C LEU A 2762 68.45 -46.71 -31.38
N PRO A 2763 67.46 -46.06 -32.00
CA PRO A 2763 66.52 -46.80 -32.86
C PRO A 2763 67.17 -47.21 -34.18
N GLU A 2764 66.38 -47.80 -35.08
CA GLU A 2764 66.93 -48.29 -36.34
C GLU A 2764 66.88 -47.25 -37.45
N ASP A 2765 66.59 -45.98 -37.14
CA ASP A 2765 66.47 -44.95 -38.17
C ASP A 2765 67.29 -43.70 -37.85
N TRP A 2766 68.26 -43.81 -36.95
CA TRP A 2766 69.11 -42.67 -36.61
C TRP A 2766 70.59 -42.90 -36.87
N SER A 2767 71.06 -44.14 -36.94
CA SER A 2767 72.46 -44.47 -37.19
C SER A 2767 73.35 -43.90 -36.09
N GLY A 2768 73.52 -42.57 -36.09
CA GLY A 2768 74.32 -41.90 -35.09
C GLY A 2768 73.83 -40.48 -34.90
N PHE A 2769 74.42 -39.80 -33.92
CA PHE A 2769 74.07 -38.43 -33.61
C PHE A 2769 75.24 -37.79 -32.88
N SER A 2770 75.05 -36.53 -32.46
CA SER A 2770 76.05 -35.82 -31.68
C SER A 2770 75.36 -35.00 -30.61
N ILE A 2771 75.84 -35.11 -29.37
CA ILE A 2771 75.33 -34.33 -28.25
C ILE A 2771 76.36 -33.27 -27.89
N ARG A 2772 75.92 -32.02 -27.84
CA ARG A 2772 76.77 -30.89 -27.51
C ARG A 2772 76.35 -30.36 -26.14
N ILE A 2773 77.24 -30.46 -25.16
CA ILE A 2773 76.91 -30.12 -23.78
C ILE A 2773 78.01 -29.21 -23.23
N THR A 2774 77.64 -28.37 -22.27
CA THR A 2774 78.59 -27.57 -21.52
C THR A 2774 78.36 -27.74 -20.03
N LEU A 2775 79.45 -27.70 -19.28
CA LEU A 2775 79.39 -27.84 -17.82
C LEU A 2775 80.65 -27.22 -17.23
N ASP A 2776 80.46 -26.30 -16.28
CA ASP A 2776 81.57 -25.62 -15.61
C ASP A 2776 82.48 -24.88 -16.59
N GLY A 2777 81.92 -24.46 -17.73
CA GLY A 2777 82.68 -23.79 -18.76
C GLY A 2777 83.37 -24.71 -19.73
N LYS A 2778 83.31 -26.02 -19.52
CA LYS A 2778 83.94 -26.99 -20.42
C LYS A 2778 82.88 -27.56 -21.35
N ALA A 2779 83.19 -27.58 -22.64
CA ALA A 2779 82.24 -28.01 -23.67
C ALA A 2779 82.69 -29.34 -24.27
N ARG A 2780 81.75 -30.27 -24.39
CA ARG A 2780 82.01 -31.56 -25.01
C ARG A 2780 81.02 -31.79 -26.15
N ASP A 2781 81.54 -32.34 -27.25
CA ASP A 2781 80.75 -32.72 -28.42
C ASP A 2781 80.92 -34.23 -28.61
N ILE A 2782 80.07 -35.01 -27.94
CA ILE A 2782 80.16 -36.46 -27.96
C ILE A 2782 79.40 -36.97 -29.18
N ALA A 2783 80.12 -37.61 -30.10
CA ALA A 2783 79.50 -38.19 -31.30
C ALA A 2783 79.28 -39.68 -31.06
N VAL A 2784 78.03 -40.11 -31.12
CA VAL A 2784 77.64 -41.48 -30.84
C VAL A 2784 77.28 -42.16 -32.16
N SER A 2785 77.95 -43.27 -32.45
CA SER A 2785 77.68 -44.06 -33.63
C SER A 2785 76.65 -45.14 -33.30
N ARG A 2786 76.50 -46.13 -34.19
CA ARG A 2786 75.53 -47.20 -33.96
C ARG A 2786 75.86 -47.98 -32.69
N LYS A 2787 77.13 -48.33 -32.50
CA LYS A 2787 77.54 -49.10 -31.32
C LYS A 2787 78.06 -48.19 -30.21
N ALA A 2788 79.12 -47.45 -30.48
CA ALA A 2788 79.74 -46.57 -29.48
C ALA A 2788 80.65 -45.59 -30.20
N GLY A 2789 81.44 -44.85 -29.44
CA GLY A 2789 82.39 -43.91 -30.01
C GLY A 2789 82.27 -42.50 -29.48
N THR A 2790 83.30 -41.69 -29.69
CA THR A 2790 83.29 -40.29 -29.28
C THR A 2790 84.17 -39.51 -30.23
N ALA A 2791 83.77 -38.27 -30.52
CA ALA A 2791 84.47 -37.47 -31.52
C ALA A 2791 85.89 -37.15 -31.08
N ASP A 2792 86.08 -36.79 -29.81
CA ASP A 2792 87.41 -36.37 -29.35
C ASP A 2792 88.39 -37.54 -29.32
N VAL A 2793 87.96 -38.68 -28.78
CA VAL A 2793 88.81 -39.86 -28.67
C VAL A 2793 87.92 -41.06 -28.44
N SER A 2794 88.38 -42.23 -28.90
CA SER A 2794 87.60 -43.45 -28.74
C SER A 2794 87.51 -43.86 -27.27
N VAL A 2795 86.30 -44.15 -26.81
CA VAL A 2795 86.08 -44.57 -25.42
C VAL A 2795 84.78 -45.34 -25.38
N SER A 2796 84.68 -46.24 -24.41
CA SER A 2796 83.48 -47.06 -24.25
C SER A 2796 82.34 -46.24 -23.64
N VAL A 2797 81.20 -46.90 -23.40
CA VAL A 2797 80.06 -46.21 -22.83
C VAL A 2797 80.31 -45.88 -21.37
N ASP A 2798 79.53 -44.94 -20.85
CA ASP A 2798 79.67 -44.46 -19.47
C ASP A 2798 81.09 -43.97 -19.19
N GLY A 2799 81.67 -43.27 -20.16
CA GLY A 2799 83.01 -42.75 -20.02
C GLY A 2799 83.05 -41.36 -19.41
C2 BGC B . -24.01 24.73 14.63
C3 BGC B . -25.33 24.58 13.87
C4 BGC B . -25.23 23.53 12.77
C5 BGC B . -23.98 23.72 11.91
C6 BGC B . -24.02 24.94 11.02
C1 BGC B . -22.86 24.94 13.64
O2 BGC B . -23.76 23.58 15.42
O3 BGC B . -25.76 25.82 13.36
O4 BGC B . -25.21 22.23 13.34
O5 BGC B . -22.81 23.84 12.74
O6 BGC B . -23.61 24.64 9.70
C2 BGC B . -23.06 24.45 17.56
C3 BGC B . -22.77 23.53 18.72
C4 BGC B . -23.22 22.11 18.41
C5 BGC B . -22.40 21.56 17.24
C6 BGC B . -23.22 20.76 16.25
C1 BGC B . -22.59 23.84 16.24
O2 BGC B . -22.42 25.70 17.75
O3 BGC B . -23.43 24.00 19.89
O4 BGC B . -23.04 21.27 19.53
O5 BGC B . -21.77 22.63 16.50
O6 BGC B . -22.94 19.37 16.36
C2 BGC B . -22.91 27.79 18.84
C3 BGC B . -23.92 28.93 18.96
C4 BGC B . -24.34 29.44 17.59
C5 BGC B . -24.82 28.27 16.72
C6 BGC B . -25.13 28.69 15.31
C1 BGC B . -23.44 26.71 17.90
O2 BGC B . -22.66 27.23 20.12
O3 BGC B . -23.35 29.99 19.72
O4 BGC B . -25.40 30.38 17.73
O5 BGC B . -23.78 27.28 16.64
O6 BGC B . -24.02 28.46 14.44
C2 BGC B . -20.96 27.59 21.76
C3 BGC B . -19.48 27.42 22.10
C4 BGC B . -19.00 26.01 21.78
C5 BGC B . -19.36 25.67 20.34
C6 BGC B . -19.01 24.25 19.96
C1 BGC B . -21.24 27.15 20.33
O2 BGC B . -21.34 28.95 21.91
O3 BGC B . -19.27 27.69 23.49
O4 BGC B . -17.60 25.92 21.96
O5 BGC B . -20.77 25.81 20.13
O6 BGC B . -18.50 23.53 21.09
C2 BGC B . -22.84 30.49 22.97
C3 BGC B . -24.36 30.55 23.06
C4 BGC B . -24.90 29.51 24.03
C5 BGC B . -24.48 28.11 23.59
C6 BGC B . -25.63 27.31 23.02
C1 BGC B . -22.38 29.04 22.89
O2 BGC B . -22.26 31.11 24.10
O3 BGC B . -24.94 30.36 21.77
O4 BGC B . -24.40 29.76 25.34
O5 BGC B . -23.49 28.20 22.55
O6 BGC B . -25.79 27.54 21.63
C2 BGC B . -20.86 33.03 24.52
C3 BGC B . -19.56 33.74 24.16
C4 BGC B . -18.39 32.76 24.19
C5 BGC B . -18.69 31.55 23.33
C6 BGC B . -17.62 30.49 23.41
C1 BGC B . -21.05 31.79 23.67
O2 BGC B . -21.96 33.91 24.33
O3 BGC B . -19.33 34.81 25.07
O4 BGC B . -17.22 33.40 23.70
O5 BGC B . -19.92 30.93 23.78
O6 BGC B . -16.39 30.97 22.89
C2 BGC B . -23.58 35.27 25.47
C3 BGC B . -24.33 35.52 26.78
C4 BGC B . -24.89 34.22 27.33
C5 BGC B . -23.80 33.16 27.42
C6 BGC B . -24.32 31.81 27.85
C1 BGC B . -22.57 34.15 25.62
O2 BGC B . -22.92 36.46 25.06
O3 BGC B . -25.37 36.46 26.57
O4 BGC B . -25.43 34.44 28.63
O5 BGC B . -23.21 32.97 26.12
O6 BGC B . -25.61 31.91 28.42
C2 BGC B . -22.79 38.19 23.40
C3 BGC B . -23.41 38.75 22.13
C4 BGC B . -23.56 37.66 21.08
C5 BGC B . -24.29 36.46 21.66
C6 BGC B . -24.35 35.29 20.70
C1 BGC B . -23.56 36.98 23.88
O2 BGC B . -22.73 39.19 24.42
O3 BGC B . -22.62 39.82 21.63
O4 BGC B . -24.29 38.16 19.97
O5 BGC B . -23.62 36.00 22.83
O6 BGC B . -23.51 35.51 19.57
C2 BGC B . -24.15 39.57 26.35
C3 BGC B . -23.22 40.61 26.99
C4 BGC B . -23.01 41.80 26.06
C5 BGC B . -24.24 42.02 25.19
C6 BGC B . -24.15 43.26 24.34
C1 BGC B . -24.07 39.59 24.82
O2 BGC B . -25.49 39.74 26.79
O3 BGC B . -21.97 40.01 27.31
O4 BGC B . -22.77 42.97 26.83
O5 BGC B . -24.43 40.91 24.30
O6 BGC B . -23.76 44.39 25.10
N1 UPG C . -70.78 14.09 13.88
C2 UPG C . -71.39 13.55 12.76
N3 UPG C . -70.78 12.42 12.26
C4 UPG C . -69.66 11.80 12.76
C5 UPG C . -69.09 12.41 13.92
C6 UPG C . -69.66 13.52 14.43
O2 UPG C . -72.39 14.02 12.23
O4 UPG C . -69.23 10.79 12.20
C1C UPG C . -71.37 15.31 14.50
C2C UPG C . -71.24 16.56 13.63
O2C UPG C . -69.98 17.15 13.88
C3C UPG C . -72.40 17.41 14.19
C4C UPG C . -73.45 16.37 14.61
O4C UPG C . -72.74 15.11 14.74
O3C UPG C . -71.99 18.20 15.30
C5C UPG C . -74.64 16.21 13.71
O5C UPG C . -75.75 15.66 14.48
PA UPG C . -77.13 16.48 14.49
O1A UPG C . -77.86 16.23 13.21
O2A UPG C . -76.86 17.89 14.88
O3A UPG C . -77.91 15.74 15.68
PB UPG C . -77.52 15.36 17.18
O1B UPG C . -76.94 13.97 17.19
O2B UPG C . -78.68 15.62 18.07
O3B UPG C . -76.36 16.42 17.50
C1' UPG C . -75.24 16.15 18.28
C2' UPG C . -74.53 17.48 18.54
C3' UPG C . -73.21 17.27 19.29
C4' UPG C . -72.39 16.09 18.75
C5' UPG C . -73.23 14.88 18.37
C6' UPG C . -73.74 14.09 19.56
O2' UPG C . -74.32 18.18 17.31
O3' UPG C . -73.46 17.12 20.69
O4' UPG C . -71.61 16.50 17.63
O5' UPG C . -74.37 15.27 17.59
O6' UPG C . -73.72 12.69 19.30
N1 UPG D . -80.15 19.16 8.62
C2 UPG D . -79.10 18.40 8.13
N3 UPG D . -79.37 17.70 6.99
C4 UPG D . -80.56 17.69 6.28
C5 UPG D . -81.60 18.51 6.85
C6 UPG D . -81.36 19.20 7.97
O2 UPG D . -78.01 18.34 8.68
O4 UPG D . -80.66 17.01 5.27
C1C UPG D . -79.90 19.93 9.84
C2C UPG D . -79.43 21.36 9.55
O2C UPG D . -78.03 21.40 9.54
C3C UPG D . -80.03 22.13 10.73
C4C UPG D . -81.37 21.41 10.94
O4C UPG D . -81.12 20.03 10.56
O3C UPG D . -79.20 22.07 11.87
C5C UPG D . -82.55 21.96 10.16
O5C UPG D . -83.62 22.26 11.09
PA UPG D . -84.29 23.71 11.01
O1A UPG D . -85.78 23.57 10.99
O2A UPG D . -83.65 24.50 9.92
O3A UPG D . -83.86 24.33 12.43
PB UPG D . -82.55 25.10 12.95
O1B UPG D . -82.93 26.51 13.30
O2B UPG D . -81.44 24.91 11.97
O3B UPG D . -82.21 24.30 14.30
C1' UPG D . -81.99 22.91 14.33
C2' UPG D . -83.20 22.28 14.98
C3' UPG D . -83.05 20.77 15.03
C4' UPG D . -81.63 20.38 14.62
C5' UPG D . -80.63 21.23 15.38
C6' UPG D . -79.19 20.89 15.06
O2' UPG D . -83.41 22.82 16.29
O3' UPG D . -84.00 20.16 14.15
O4' UPG D . -81.41 19.01 14.91
O5' UPG D . -80.81 22.63 15.08
O6' UPG D . -79.09 20.06 13.89
N1 UPG E . -70.51 15.28 23.53
C2 UPG E . -71.54 15.10 24.43
N3 UPG E . -71.41 14.01 25.26
C4 UPG E . -70.37 13.10 25.27
C5 UPG E . -69.34 13.35 24.30
C6 UPG E . -69.45 14.41 23.48
O2 UPG E . -72.50 15.86 24.49
O4 UPG E . -70.38 12.17 26.07
C1C UPG E . -70.60 16.43 22.61
C2C UPG E . -69.71 17.60 23.05
O2C UPG E . -70.44 18.45 23.90
C3C UPG E . -69.37 18.25 21.70
C4C UPG E . -69.33 17.05 20.74
O4C UPG E . -70.13 16.01 21.34
O3C UPG E . -70.37 19.18 21.30
C5C UPG E . -67.96 16.50 20.38
O5C UPG E . -67.03 16.76 21.46
PA UPG E . -66.08 15.56 21.92
O1A UPG E . -64.66 15.90 21.59
O2A UPG E . -66.62 14.27 21.43
O3A UPG E . -66.26 15.61 23.52
PB UPG E . -65.28 15.24 24.73
O1B UPG E . -64.42 14.10 24.32
O2B UPG E . -64.60 16.49 25.20
O3B UPG E . -66.32 14.75 25.85
#